data_8D5C
#
_entry.id   8D5C
#
_cell.length_a   1.00
_cell.length_b   1.00
_cell.length_c   1.00
_cell.angle_alpha   90.00
_cell.angle_beta   90.00
_cell.angle_gamma   90.00
#
_symmetry.space_group_name_H-M   'P 1'
#
loop_
_entity.id
_entity.type
_entity.pdbx_description
1 polymer 'Envelope glycoprotein gp41'
2 polymer 'Envelope glycoprotein gp160'
3 polymer 'T-cell surface glycoprotein CD4'
4 polymer 'CG10 Fab heavy chain'
5 polymer 'CG10 Fab light chain'
#
loop_
_entity_poly.entity_id
_entity_poly.type
_entity_poly.pdbx_seq_one_letter_code
_entity_poly.pdbx_strand_id
1 'polypeptide(L)'
;AVGLGAFILGFLGAAGSTMGAASMALTVQARLLLSGIVQQQNNLLRAPEAQQHMLQLTVWGIKQLQARVLAVERYLRDQQ
LLGIWGCSGKIICCTNVPWNDSWSNKTINEIWDNMTWMQWEKEIDNYTQHIYTLLEVSQIQQEKNEQELLELD
;
X,Y,Z
2 'polypeptide(L)'
;MDAMKRGLCCVLLLCGAVFVSPSQEIHARFRRGARAAKKWVTVYYGVPVWKEATTTLFCASDAKAYDTEVHNVWATHACV
PTDPNPQEIVLGNVTENFNMWKNNMVEQMHEDIISLWDQSLKPCVKLTPLCVTLNCNNVNTNNTNNSTNATISDWEKMET
GEMKNCSFNVTTSIRDKIKKEYALFYKLDVVPLENKNNINNTNITNYRLINCNTSVITQACPKVSFEPIPIHYCAPAGFA
ILKCNSKTFNGSGPCTNVSTVQCTHGIRPVVSTQLLLNGSLAEEEIVIRSENITDNAKTIIVQLNEAVEINCTRPNNNTR
KSIHIGPGRAFYATGDIIGNIRQAHCNISKARWNETLGQIVAKLEEQFPNKTIIFNHSSGGDPEIVTHSFNCGGEFFYCN
TTPLFNSTWNNTRTDDYPTGGEQNITLQCRIKQIINMWQGVGKAMYAPPIRGQIRCSSNITGLLLTRDGGRDQNGTETFR
PGGGNMRDNWRSELYKYKVVKIEPLGIAPTACKRRV
;
A,B,C
3 'polypeptide(L)'
;KKVVLGKKGDTVELTCTASQKKSIQFHWKNSNQIKILGNQGSFLTKGPSKLNDRADSRRSLWDQGNFPLIIKNLKIEDSD
TYICEVEDQKEEVQLLVFGLTANSDTHLLQGQSLTLTLESPPGSSPSVQCRSPRGKNIQGGKTLSVSQLELQDSGTWTCT
VLQNQKKVEFKIDIVVLAFQKAS
;
D,E,F
4 'polypeptide(L)'
;QVQLKQSGTELVRPGTSVKMSCKAAGYTFTDYWIGWVKQRPGHGLEWIGDFYPGGDYTLYSENFMGKASLTADTSSNTAY
MQLSSLTSEDSAIYYCARGHYYGYSYAWFAYWGQGTLVTVSSASTKGPSVFPLAPSSKSTSGGTAALGCLVKDYFPEPVT
VSWNSGALTSGVHTFPAVLQSSGLYSLSSVVTVPSSSLGTQTYICNVNHKPSNTKVDKRVEPKSCDKT
;
H,I,P
5 'polypeptide(L)'
;DIVLTQSPASLAVSLGQRATISCKASQSVDYDGDSYMNWYQQKPGQPPKLLIYAASNLESGIPARFSGSGSGTDFTLNIH
PVGEEDAATYYCQQSHEDPWTFGGGTMLEIKRTVAAPSVFIFPPSDEQLKSGTASVVCLLNNFYPREAKVQWKVDNALQS
GNSQESVTEQDSKDSTYSLSSTLTLSKADYEKHKVYACEVTHQGLSSPVTKSFNRGEC
;
L,J,Q
#
# COMPACT_ATOMS: atom_id res chain seq x y z
N PHE A 11 -13.77 21.45 22.88
CA PHE A 11 -15.00 20.96 22.26
C PHE A 11 -16.20 21.19 23.17
N LEU A 12 -15.94 21.74 24.36
CA LEU A 12 -17.00 21.99 25.32
C LEU A 12 -17.97 23.07 24.85
N GLY A 13 -17.57 23.90 23.91
CA GLY A 13 -18.43 24.96 23.42
C GLY A 13 -17.76 25.74 22.32
N ALA A 14 -18.51 26.69 21.76
CA ALA A 14 -18.04 27.55 20.69
C ALA A 14 -17.65 28.90 21.26
N ALA A 15 -16.45 29.36 20.93
CA ALA A 15 -15.96 30.63 21.46
C ALA A 15 -16.93 31.76 21.13
N GLY A 16 -16.79 32.86 21.87
CA GLY A 16 -17.66 34.02 21.74
C GLY A 16 -18.82 34.03 22.70
N SER A 17 -19.45 32.89 22.91
CA SER A 17 -20.56 32.80 23.86
C SER A 17 -20.06 33.01 25.28
N THR A 18 -20.90 33.66 26.09
CA THR A 18 -20.52 33.99 27.46
C THR A 18 -20.33 32.72 28.29
N MET A 19 -19.78 32.90 29.49
CA MET A 19 -19.50 31.78 30.38
C MET A 19 -20.78 31.09 30.83
N GLY A 20 -21.73 31.87 31.34
CA GLY A 20 -22.95 31.29 31.84
C GLY A 20 -23.74 30.54 30.78
N ALA A 21 -23.78 31.09 29.56
CA ALA A 21 -24.51 30.43 28.49
C ALA A 21 -23.92 29.05 28.19
N ALA A 22 -22.59 28.98 28.08
CA ALA A 22 -21.95 27.69 27.83
C ALA A 22 -22.19 26.72 28.98
N SER A 23 -22.08 27.21 30.22
CA SER A 23 -22.31 26.34 31.37
C SER A 23 -23.73 25.78 31.34
N MET A 24 -24.72 26.63 31.03
CA MET A 24 -26.10 26.17 30.96
C MET A 24 -26.29 25.17 29.82
N ALA A 25 -25.71 25.44 28.66
CA ALA A 25 -25.94 24.61 27.49
C ALA A 25 -25.21 23.28 27.54
N LEU A 26 -24.14 23.17 28.32
CA LEU A 26 -23.39 21.92 28.35
C LEU A 26 -24.23 20.77 28.89
N THR A 27 -25.07 21.03 29.89
CA THR A 27 -25.91 19.97 30.44
C THR A 27 -26.89 19.45 29.39
N VAL A 28 -27.51 20.35 28.63
CA VAL A 28 -28.43 19.93 27.59
C VAL A 28 -27.68 19.16 26.51
N GLN A 29 -26.47 19.62 26.17
CA GLN A 29 -25.66 18.88 25.19
C GLN A 29 -25.36 17.48 25.66
N ALA A 30 -25.01 17.33 26.95
CA ALA A 30 -24.75 16.00 27.50
C ALA A 30 -26.00 15.12 27.45
N ARG A 31 -27.16 15.70 27.82
CA ARG A 31 -28.40 14.94 27.76
C ARG A 31 -28.68 14.46 26.33
N LEU A 32 -28.51 15.35 25.35
CA LEU A 32 -28.75 14.96 23.97
C LEU A 32 -27.78 13.88 23.51
N LEU A 33 -26.51 14.00 23.89
CA LEU A 33 -25.52 13.02 23.45
C LEU A 33 -25.73 11.66 24.12
N LEU A 34 -26.26 11.65 25.34
CA LEU A 34 -26.55 10.39 26.01
C LEU A 34 -27.85 9.75 25.54
N SER A 35 -28.84 10.57 25.16
CA SER A 35 -30.12 10.02 24.71
C SER A 35 -29.98 9.25 23.40
N GLY A 36 -28.90 9.46 22.66
CA GLY A 36 -28.74 8.76 21.39
C GLY A 36 -29.80 9.12 20.37
N ILE A 37 -30.24 10.37 20.36
CA ILE A 37 -31.28 10.81 19.43
C ILE A 37 -30.70 11.79 18.42
N GLN A 52 -14.15 9.15 -6.01
CA GLN A 52 -12.96 9.96 -6.26
C GLN A 52 -11.91 9.73 -5.19
N HIS A 53 -11.21 8.60 -5.30
CA HIS A 53 -10.17 8.21 -4.35
C HIS A 53 -8.86 7.96 -5.08
N MET A 54 -7.79 8.55 -4.58
CA MET A 54 -6.45 8.31 -5.06
C MET A 54 -5.76 7.33 -4.12
N LEU A 55 -5.22 6.24 -4.67
CA LEU A 55 -4.67 5.18 -3.83
C LEU A 55 -3.59 5.69 -2.88
N GLN A 56 -3.08 6.90 -3.11
CA GLN A 56 -2.24 7.54 -2.11
C GLN A 56 -3.07 8.28 -1.06
N LEU A 57 -4.39 8.33 -1.23
CA LEU A 57 -5.25 8.97 -0.23
C LEU A 57 -5.24 8.20 1.09
N THR A 58 -4.79 6.95 1.07
CA THR A 58 -4.73 6.16 2.29
C THR A 58 -3.94 6.87 3.38
N VAL A 59 -2.96 7.70 3.00
CA VAL A 59 -2.16 8.42 3.98
C VAL A 59 -3.05 9.31 4.85
N TRP A 60 -4.08 9.91 4.26
CA TRP A 60 -4.89 10.87 5.01
C TRP A 60 -5.70 10.17 6.10
N GLY A 61 -6.11 8.92 5.87
CA GLY A 61 -6.77 8.18 6.93
C GLY A 61 -5.89 8.05 8.16
N ILE A 62 -4.61 7.73 7.96
CA ILE A 62 -3.67 7.69 9.08
C ILE A 62 -3.50 9.08 9.67
N LYS A 63 -3.43 10.10 8.82
CA LYS A 63 -3.27 11.47 9.32
C LYS A 63 -4.41 11.88 10.23
N GLN A 64 -5.61 11.33 10.02
CA GLN A 64 -6.76 11.62 10.87
C GLN A 64 -6.78 10.73 12.11
N LEU A 65 -6.49 9.44 11.95
CA LEU A 65 -6.50 8.53 13.09
C LEU A 65 -5.43 8.92 14.11
N GLN A 66 -4.26 9.36 13.64
CA GLN A 66 -3.23 9.80 14.57
C GLN A 66 -3.70 10.99 15.39
N ALA A 67 -4.36 11.95 14.75
CA ALA A 67 -4.87 13.11 15.47
C ALA A 67 -5.87 12.69 16.53
N ARG A 68 -6.81 11.81 16.15
CA ARG A 68 -7.81 11.37 17.13
C ARG A 68 -7.16 10.64 18.31
N VAL A 69 -6.20 9.75 18.02
CA VAL A 69 -5.53 9.00 19.08
C VAL A 69 -4.77 9.95 19.99
N LEU A 70 -4.08 10.94 19.41
CA LEU A 70 -3.34 11.89 20.23
C LEU A 70 -4.27 12.71 21.10
N ALA A 71 -5.43 13.11 20.55
CA ALA A 71 -6.40 13.83 21.37
C ALA A 71 -6.85 13.01 22.56
N VAL A 72 -7.18 11.74 22.33
CA VAL A 72 -7.63 10.89 23.44
C VAL A 72 -6.49 10.72 24.46
N GLU A 73 -5.28 10.49 23.97
CA GLU A 73 -4.13 10.34 24.86
C GLU A 73 -3.95 11.57 25.75
N ARG A 74 -3.97 12.76 25.13
CA ARG A 74 -3.76 13.98 25.90
C ARG A 74 -4.88 14.19 26.91
N TYR A 75 -6.13 13.89 26.52
CA TYR A 75 -7.22 14.02 27.47
C TYR A 75 -7.01 13.13 28.68
N LEU A 76 -6.68 11.86 28.45
CA LEU A 76 -6.46 10.95 29.57
C LEU A 76 -5.31 11.41 30.45
N ARG A 77 -4.19 11.81 29.82
CA ARG A 77 -3.03 12.22 30.60
C ARG A 77 -3.33 13.44 31.46
N ASP A 78 -4.01 14.43 30.87
CA ASP A 78 -4.34 15.64 31.64
C ASP A 78 -5.31 15.32 32.77
N GLN A 79 -6.30 14.47 32.51
CA GLN A 79 -7.22 14.09 33.58
C GLN A 79 -6.48 13.41 34.71
N GLN A 80 -5.55 12.52 34.39
CA GLN A 80 -4.80 11.83 35.43
C GLN A 80 -3.92 12.79 36.21
N LEU A 81 -3.24 13.71 35.52
CA LEU A 81 -2.33 14.63 36.18
C LEU A 81 -3.03 15.76 36.92
N LEU A 82 -4.33 15.95 36.69
CA LEU A 82 -5.04 16.99 37.43
C LEU A 82 -5.26 16.63 38.92
N GLY A 83 -4.68 15.55 39.43
CA GLY A 83 -4.95 15.09 40.78
C GLY A 83 -4.15 15.72 41.88
N ILE A 84 -3.13 16.52 41.56
CA ILE A 84 -2.31 17.12 42.62
C ILE A 84 -3.15 18.01 43.52
N TRP A 85 -4.01 18.84 42.94
CA TRP A 85 -4.88 19.72 43.71
C TRP A 85 -6.06 19.01 44.33
N GLY A 86 -6.10 17.68 44.28
CA GLY A 86 -7.21 16.93 44.83
C GLY A 86 -8.46 16.92 43.97
N CYS A 87 -8.39 17.42 42.74
CA CYS A 87 -9.54 17.50 41.85
C CYS A 87 -9.46 16.47 40.74
N SER A 88 -8.92 15.29 41.05
CA SER A 88 -8.78 14.25 40.05
C SER A 88 -10.12 13.65 39.67
N GLY A 89 -10.21 13.15 38.44
CA GLY A 89 -11.40 12.46 37.98
C GLY A 89 -12.65 13.31 37.93
N LYS A 90 -12.53 14.59 37.59
CA LYS A 90 -13.70 15.46 37.46
C LYS A 90 -13.38 16.56 36.46
N ILE A 91 -14.43 17.18 35.94
CA ILE A 91 -14.30 18.30 35.01
C ILE A 91 -14.66 19.63 35.63
N ILE A 92 -15.31 19.64 36.79
CA ILE A 92 -15.59 20.87 37.52
C ILE A 92 -15.41 20.62 39.01
N CYS A 93 -14.29 21.09 39.56
CA CYS A 93 -13.96 20.86 40.96
C CYS A 93 -14.15 22.13 41.76
N CYS A 94 -13.75 22.08 43.04
CA CYS A 94 -13.78 23.23 43.92
C CYS A 94 -12.67 23.07 44.95
N THR A 95 -12.13 24.19 45.40
CA THR A 95 -10.98 24.17 46.31
C THR A 95 -11.31 24.98 47.56
N ASN A 96 -10.29 25.21 48.38
CA ASN A 96 -10.43 25.86 49.68
C ASN A 96 -9.43 27.01 49.82
N VAL A 97 -9.36 27.84 48.80
CA VAL A 97 -8.51 29.03 48.78
C VAL A 97 -9.42 30.25 48.67
N PRO A 98 -9.43 31.14 49.67
CA PRO A 98 -10.33 32.29 49.61
C PRO A 98 -9.98 33.21 48.45
N TRP A 99 -11.00 33.87 47.91
CA TRP A 99 -10.84 34.77 46.77
C TRP A 99 -10.58 36.18 47.26
N ASN A 100 -9.41 36.72 46.92
CA ASN A 100 -9.08 38.08 47.29
C ASN A 100 -9.90 39.08 46.47
N ASP A 101 -9.68 40.36 46.74
CA ASP A 101 -10.31 41.43 45.99
C ASP A 101 -9.33 42.18 45.11
N SER A 102 -8.03 42.11 45.39
CA SER A 102 -7.01 42.80 44.60
C SER A 102 -6.76 42.14 43.26
N TRP A 103 -7.32 40.95 43.01
CA TRP A 103 -7.08 40.25 41.75
C TRP A 103 -8.01 40.75 40.64
N SER A 104 -9.30 40.83 40.92
CA SER A 104 -10.27 41.25 39.91
C SER A 104 -11.15 42.40 40.35
N ASN A 105 -11.54 42.45 41.62
CA ASN A 105 -12.46 43.47 42.11
C ASN A 105 -13.75 43.49 41.28
N LYS A 106 -14.26 42.28 41.00
CA LYS A 106 -15.42 42.10 40.15
C LYS A 106 -16.42 41.18 40.81
N THR A 107 -17.69 41.31 40.42
CA THR A 107 -18.77 40.56 41.04
C THR A 107 -19.12 39.34 40.20
N ILE A 108 -20.12 38.58 40.66
CA ILE A 108 -20.50 37.33 40.01
C ILE A 108 -21.14 37.61 38.65
N ASN A 109 -22.25 38.36 38.64
CA ASN A 109 -23.08 38.45 37.45
C ASN A 109 -22.30 39.04 36.27
N GLU A 110 -21.51 40.09 36.51
CA GLU A 110 -20.75 40.69 35.43
C GLU A 110 -19.76 39.71 34.82
N ILE A 111 -19.11 38.88 35.65
CA ILE A 111 -18.16 37.91 35.12
C ILE A 111 -18.88 36.81 34.37
N TRP A 112 -20.00 36.32 34.90
CA TRP A 112 -20.67 35.14 34.35
C TRP A 112 -21.66 35.48 33.24
N ASP A 113 -21.86 36.76 32.94
CA ASP A 113 -22.71 37.17 31.83
C ASP A 113 -21.98 37.98 30.77
N ASN A 114 -20.75 38.39 31.02
CA ASN A 114 -19.96 39.17 30.06
C ASN A 114 -18.53 38.68 30.04
N MET A 115 -17.64 39.44 29.40
CA MET A 115 -16.20 39.18 29.47
C MET A 115 -15.87 37.77 28.97
N THR A 116 -16.03 37.61 27.65
CA THR A 116 -15.77 36.33 26.99
C THR A 116 -14.48 35.71 27.51
N TRP A 117 -14.43 34.37 27.47
CA TRP A 117 -13.40 33.63 28.18
C TRP A 117 -12.00 34.14 27.87
N MET A 118 -11.72 34.45 26.61
CA MET A 118 -10.38 34.93 26.26
C MET A 118 -10.07 36.24 26.97
N GLN A 119 -11.02 37.16 27.00
CA GLN A 119 -10.78 38.44 27.67
C GLN A 119 -10.52 38.24 29.16
N TRP A 120 -11.31 37.39 29.82
CA TRP A 120 -11.10 37.13 31.23
C TRP A 120 -9.74 36.49 31.48
N GLU A 121 -9.34 35.55 30.62
CA GLU A 121 -8.03 34.93 30.76
C GLU A 121 -6.92 35.97 30.63
N LYS A 122 -7.07 36.89 29.67
CA LYS A 122 -6.09 37.96 29.53
C LYS A 122 -6.07 38.88 30.75
N GLU A 123 -7.23 39.11 31.37
CA GLU A 123 -7.32 40.08 32.46
C GLU A 123 -6.41 39.70 33.62
N ILE A 124 -6.42 38.43 34.02
CA ILE A 124 -5.74 37.99 35.22
C ILE A 124 -4.49 37.18 34.87
N ASP A 125 -3.90 37.47 33.71
CA ASP A 125 -2.75 36.70 33.25
C ASP A 125 -1.50 36.95 34.09
N ASN A 126 -1.48 38.02 34.89
CA ASN A 126 -0.29 38.34 35.69
C ASN A 126 -0.14 37.39 36.88
N TYR A 127 -1.24 37.09 37.56
CA TYR A 127 -1.21 36.29 38.78
C TYR A 127 -1.39 34.80 38.52
N THR A 128 -1.35 34.37 37.26
CA THR A 128 -1.61 32.98 36.93
C THR A 128 -0.51 32.03 37.39
N GLN A 129 0.52 32.53 38.08
CA GLN A 129 1.59 31.68 38.58
C GLN A 129 1.58 31.53 40.09
N HIS A 130 1.09 32.53 40.82
CA HIS A 130 1.02 32.46 42.28
C HIS A 130 -0.11 31.53 42.73
N ILE A 131 -1.25 31.57 42.03
CA ILE A 131 -2.41 30.80 42.44
C ILE A 131 -2.11 29.30 42.42
N TYR A 132 -1.30 28.85 41.47
CA TYR A 132 -0.95 27.43 41.44
C TYR A 132 -0.24 27.01 42.72
N THR A 133 0.77 27.79 43.14
CA THR A 133 1.47 27.48 44.37
C THR A 133 0.55 27.54 45.58
N LEU A 134 -0.31 28.56 45.62
CA LEU A 134 -1.24 28.68 46.74
C LEU A 134 -2.15 27.46 46.83
N LEU A 135 -2.70 27.03 45.70
CA LEU A 135 -3.58 25.87 45.68
C LEU A 135 -2.84 24.60 46.08
N GLU A 136 -1.61 24.45 45.59
CA GLU A 136 -0.83 23.26 45.96
C GLU A 136 -0.56 23.22 47.46
N VAL A 137 -0.23 24.37 48.04
CA VAL A 137 0.01 24.43 49.48
C VAL A 137 -1.26 24.11 50.25
N SER A 138 -2.40 24.64 49.79
CA SER A 138 -3.67 24.34 50.45
C SER A 138 -3.98 22.85 50.40
N GLN A 139 -3.75 22.23 49.24
CA GLN A 139 -3.97 20.78 49.13
C GLN A 139 -3.07 20.00 50.06
N ILE A 140 -1.79 20.41 50.15
CA ILE A 140 -0.87 19.73 51.06
C ILE A 140 -1.35 19.85 52.50
N GLN A 141 -1.79 21.04 52.89
CA GLN A 141 -2.29 21.23 54.26
C GLN A 141 -3.51 20.37 54.52
N GLN A 142 -4.45 20.33 53.57
CA GLN A 142 -5.65 19.52 53.76
C GLN A 142 -5.29 18.05 53.88
N GLU A 143 -4.38 17.56 53.03
CA GLU A 143 -3.98 16.16 53.12
C GLU A 143 -3.31 15.86 54.45
N LYS A 144 -2.44 16.75 54.92
CA LYS A 144 -1.78 16.53 56.20
C LYS A 144 -2.80 16.47 57.34
N ASN A 145 -3.76 17.40 57.35
CA ASN A 145 -4.78 17.39 58.39
C ASN A 145 -5.62 16.13 58.33
N GLU A 146 -5.98 15.70 57.12
CA GLU A 146 -6.79 14.50 56.98
C GLU A 146 -6.03 13.26 57.46
N GLN A 147 -4.73 13.19 57.18
CA GLN A 147 -3.94 12.06 57.68
C GLN A 147 -3.79 12.12 59.19
N GLU A 148 -3.66 13.33 59.75
CA GLU A 148 -3.61 13.46 61.20
C GLU A 148 -4.90 12.94 61.84
N LEU A 149 -6.04 13.27 61.24
CA LEU A 149 -7.30 12.72 61.74
C LEU A 149 -7.35 11.21 61.53
N LEU A 150 -6.87 10.74 60.38
CA LEU A 150 -6.82 9.29 60.12
C LEU A 150 -6.07 8.57 61.23
N GLU A 151 -4.99 9.18 61.73
CA GLU A 151 -4.31 8.61 62.88
C GLU A 151 -5.30 8.38 64.02
N LEU A 152 -6.28 9.28 64.17
CA LEU A 152 -7.36 9.05 65.11
C LEU A 152 -8.37 8.04 64.55
N ASP A 153 -8.60 8.05 63.25
CA ASP A 153 -9.53 7.14 62.60
C ASP A 153 -9.39 7.18 61.09
N PHE B 11 4.32 4.85 33.60
CA PHE B 11 4.42 6.30 33.53
C PHE B 11 4.69 6.89 34.91
N LEU B 12 5.01 6.03 35.87
CA LEU B 12 5.38 6.47 37.20
C LEU B 12 6.88 6.72 37.34
N GLY B 13 7.67 6.35 36.34
CA GLY B 13 9.10 6.54 36.39
C GLY B 13 9.80 5.56 35.48
N ALA B 14 11.12 5.47 35.68
CA ALA B 14 11.96 4.55 34.92
C ALA B 14 12.74 3.67 35.89
N ALA B 15 12.85 2.38 35.55
CA ALA B 15 13.56 1.45 36.41
C ALA B 15 15.00 1.87 36.59
N GLY B 16 15.65 1.25 37.59
CA GLY B 16 17.03 1.56 37.92
C GLY B 16 17.21 2.66 38.93
N SER B 17 16.14 3.31 39.36
CA SER B 17 16.20 4.41 40.32
C SER B 17 15.51 4.01 41.62
N THR B 18 15.98 4.59 42.72
CA THR B 18 15.40 4.30 44.02
C THR B 18 13.95 4.73 44.07
N MET B 19 13.16 4.02 44.88
CA MET B 19 11.73 4.29 44.98
C MET B 19 11.46 5.73 45.38
N GLY B 20 12.10 6.18 46.47
CA GLY B 20 11.82 7.52 46.96
C GLY B 20 12.19 8.60 45.97
N ALA B 21 13.36 8.45 45.33
CA ALA B 21 13.80 9.47 44.37
C ALA B 21 12.83 9.58 43.20
N ALA B 22 12.42 8.45 42.64
CA ALA B 22 11.48 8.47 41.52
C ALA B 22 10.14 9.04 41.96
N SER B 23 9.65 8.64 43.13
CA SER B 23 8.38 9.16 43.61
C SER B 23 8.42 10.68 43.78
N MET B 24 9.52 11.19 44.34
CA MET B 24 9.64 12.64 44.51
C MET B 24 9.75 13.34 43.16
N ALA B 25 10.56 12.80 42.25
CA ALA B 25 10.71 13.42 40.94
C ALA B 25 9.40 13.43 40.17
N LEU B 26 8.51 12.48 40.43
CA LEU B 26 7.21 12.48 39.77
C LEU B 26 6.44 13.75 40.10
N THR B 27 6.47 14.18 41.37
CA THR B 27 5.76 15.39 41.76
C THR B 27 6.29 16.62 41.03
N VAL B 28 7.62 16.75 40.95
CA VAL B 28 8.20 17.90 40.27
C VAL B 28 7.88 17.88 38.79
N GLN B 29 7.94 16.69 38.17
CA GLN B 29 7.60 16.58 36.76
C GLN B 29 6.15 16.98 36.51
N ALA B 30 5.24 16.49 37.35
CA ALA B 30 3.82 16.85 37.20
C ALA B 30 3.62 18.34 37.38
N ARG B 31 4.27 18.94 38.38
CA ARG B 31 4.13 20.37 38.61
C ARG B 31 4.63 21.16 37.41
N LEU B 32 5.79 20.79 36.87
CA LEU B 32 6.33 21.51 35.72
C LEU B 32 5.42 21.36 34.50
N LEU B 33 4.93 20.15 34.24
CA LEU B 33 4.09 19.93 33.06
C LEU B 33 2.76 20.66 33.20
N LEU B 34 2.18 20.69 34.40
CA LEU B 34 0.89 21.33 34.59
C LEU B 34 1.02 22.85 34.62
N SER B 35 2.17 23.37 35.03
CA SER B 35 2.37 24.82 35.08
C SER B 35 2.44 25.46 33.70
N GLY B 36 2.52 24.65 32.65
CA GLY B 36 2.62 25.20 31.30
C GLY B 36 3.91 25.95 31.03
N ILE B 37 5.03 25.41 31.48
CA ILE B 37 6.33 26.06 31.27
C ILE B 37 7.18 25.22 30.32
N GLN B 52 13.11 11.91 3.40
CA GLN B 52 13.07 10.65 2.68
C GLN B 52 11.66 10.07 2.71
N HIS B 53 11.04 9.95 1.53
CA HIS B 53 9.66 9.52 1.40
C HIS B 53 9.59 8.27 0.54
N MET B 54 8.67 7.38 0.90
CA MET B 54 8.49 6.12 0.18
C MET B 54 7.07 5.63 0.40
N LEU B 55 6.63 4.72 -0.49
CA LEU B 55 5.26 4.22 -0.43
C LEU B 55 5.03 3.26 0.72
N GLN B 56 6.08 2.73 1.33
CA GLN B 56 5.96 1.69 2.35
C GLN B 56 5.98 2.25 3.77
N LEU B 57 5.47 3.46 3.98
CA LEU B 57 5.24 3.98 5.31
C LEU B 57 3.83 3.70 5.82
N THR B 58 3.01 3.01 5.03
CA THR B 58 1.64 2.73 5.43
C THR B 58 1.57 1.61 6.45
N VAL B 59 2.43 0.59 6.31
CA VAL B 59 2.34 -0.58 7.18
C VAL B 59 2.78 -0.23 8.60
N TRP B 60 3.99 0.31 8.74
CA TRP B 60 4.52 0.59 10.07
C TRP B 60 3.67 1.61 10.81
N GLY B 61 2.99 2.50 10.09
CA GLY B 61 2.07 3.41 10.76
C GLY B 61 0.92 2.67 11.42
N ILE B 62 0.34 1.70 10.71
CA ILE B 62 -0.72 0.88 11.30
C ILE B 62 -0.18 0.09 12.48
N LYS B 63 1.04 -0.45 12.34
CA LYS B 63 1.65 -1.17 13.46
C LYS B 63 1.77 -0.28 14.68
N GLN B 64 2.22 0.97 14.50
CA GLN B 64 2.33 1.89 15.61
C GLN B 64 0.97 2.20 16.23
N LEU B 65 -0.03 2.42 15.39
CA LEU B 65 -1.37 2.75 15.90
C LEU B 65 -1.92 1.61 16.75
N GLN B 66 -1.72 0.37 16.31
CA GLN B 66 -2.30 -0.77 17.02
C GLN B 66 -1.77 -0.86 18.45
N ALA B 67 -0.47 -0.63 18.64
CA ALA B 67 0.10 -0.72 19.98
C ALA B 67 -0.51 0.31 20.91
N ARG B 68 -0.67 1.54 20.45
CA ARG B 68 -1.28 2.57 21.29
C ARG B 68 -2.71 2.22 21.64
N VAL B 69 -3.47 1.73 20.65
CA VAL B 69 -4.86 1.36 20.93
C VAL B 69 -4.92 0.26 21.97
N LEU B 70 -4.07 -0.76 21.82
CA LEU B 70 -4.08 -1.87 22.77
C LEU B 70 -3.69 -1.41 24.16
N ALA B 71 -2.68 -0.52 24.26
CA ALA B 71 -2.28 -0.02 25.57
C ALA B 71 -3.42 0.75 26.23
N VAL B 72 -4.11 1.59 25.47
CA VAL B 72 -5.25 2.33 26.02
C VAL B 72 -6.31 1.36 26.54
N GLU B 73 -6.63 0.34 25.74
CA GLU B 73 -7.65 -0.61 26.14
C GLU B 73 -7.26 -1.34 27.42
N ARG B 74 -6.00 -1.79 27.51
CA ARG B 74 -5.55 -2.51 28.70
C ARG B 74 -5.59 -1.60 29.93
N TYR B 75 -5.15 -0.35 29.78
CA TYR B 75 -5.19 0.58 30.91
C TYR B 75 -6.62 0.77 31.40
N LEU B 76 -7.56 0.97 30.47
CA LEU B 76 -8.95 1.15 30.88
C LEU B 76 -9.48 -0.10 31.59
N ARG B 77 -9.18 -1.28 31.04
CA ARG B 77 -9.70 -2.51 31.63
C ARG B 77 -9.17 -2.70 33.05
N ASP B 78 -7.88 -2.48 33.25
CA ASP B 78 -7.32 -2.64 34.59
C ASP B 78 -7.87 -1.59 35.55
N GLN B 79 -8.01 -0.34 35.09
CA GLN B 79 -8.56 0.70 35.95
C GLN B 79 -9.96 0.32 36.41
N GLN B 80 -10.77 -0.23 35.51
CA GLN B 80 -12.11 -0.64 35.91
C GLN B 80 -12.07 -1.86 36.82
N LEU B 81 -11.20 -2.83 36.53
CA LEU B 81 -11.13 -4.05 37.33
C LEU B 81 -10.60 -3.82 38.73
N LEU B 82 -9.93 -2.69 38.97
CA LEU B 82 -9.50 -2.45 40.35
C LEU B 82 -10.66 -2.11 41.31
N GLY B 83 -11.92 -2.25 40.91
CA GLY B 83 -13.03 -1.85 41.76
C GLY B 83 -13.40 -2.81 42.86
N ILE B 84 -12.86 -4.03 42.86
CA ILE B 84 -13.22 -5.01 43.88
C ILE B 84 -12.80 -4.53 45.26
N TRP B 85 -11.61 -3.96 45.37
CA TRP B 85 -11.03 -3.58 46.65
C TRP B 85 -11.30 -2.13 47.03
N GLY B 86 -12.20 -1.45 46.32
CA GLY B 86 -12.53 -0.09 46.65
C GLY B 86 -11.49 0.95 46.26
N CYS B 87 -10.60 0.62 45.33
CA CYS B 87 -9.57 1.54 44.86
C CYS B 87 -9.79 1.87 43.39
N SER B 88 -11.05 2.05 43.00
CA SER B 88 -11.37 2.34 41.61
C SER B 88 -10.83 3.70 41.20
N GLY B 89 -10.24 3.74 40.00
CA GLY B 89 -9.77 5.01 39.43
C GLY B 89 -8.77 5.75 40.29
N LYS B 90 -7.78 5.05 40.82
CA LYS B 90 -6.75 5.68 41.64
C LYS B 90 -5.43 4.95 41.44
N ILE B 91 -4.39 5.69 41.09
CA ILE B 91 -3.07 5.08 40.92
C ILE B 91 -2.50 4.65 42.26
N ILE B 92 -2.66 5.49 43.28
CA ILE B 92 -2.19 5.19 44.63
C ILE B 92 -3.41 5.12 45.54
N CYS B 93 -3.52 4.02 46.29
CA CYS B 93 -4.65 3.77 47.17
C CYS B 93 -4.14 3.49 48.58
N CYS B 94 -5.10 3.32 49.50
CA CYS B 94 -4.80 3.03 50.90
C CYS B 94 -5.67 1.88 51.36
N THR B 95 -5.13 1.07 52.27
CA THR B 95 -5.82 -0.09 52.81
C THR B 95 -5.73 -0.08 54.33
N ASN B 96 -6.50 -0.98 54.97
CA ASN B 96 -6.53 -1.07 56.41
C ASN B 96 -6.24 -2.47 56.92
N VAL B 97 -5.40 -3.21 56.20
CA VAL B 97 -4.99 -4.55 56.60
C VAL B 97 -3.61 -4.45 57.24
N PRO B 98 -3.46 -4.75 58.52
CA PRO B 98 -2.15 -4.60 59.17
C PRO B 98 -1.09 -5.44 58.48
N TRP B 99 0.12 -4.89 58.43
CA TRP B 99 1.26 -5.56 57.78
C TRP B 99 1.88 -6.53 58.78
N ASN B 100 1.68 -7.83 58.56
CA ASN B 100 2.24 -8.83 59.46
C ASN B 100 3.76 -8.85 59.34
N ASP B 101 4.42 -8.93 60.49
CA ASP B 101 5.88 -8.90 60.55
C ASP B 101 6.53 -10.17 60.03
N SER B 102 5.75 -11.23 59.78
CA SER B 102 6.30 -12.50 59.31
C SER B 102 6.51 -12.51 57.80
N TRP B 103 6.20 -11.41 57.11
CA TRP B 103 6.30 -11.36 55.65
C TRP B 103 7.67 -10.86 55.19
N SER B 104 8.05 -9.67 55.62
CA SER B 104 9.35 -9.11 55.27
C SER B 104 10.15 -8.67 56.49
N ASN B 105 9.50 -8.10 57.49
CA ASN B 105 10.16 -7.66 58.72
C ASN B 105 11.26 -6.64 58.42
N LYS B 106 10.85 -5.53 57.82
CA LYS B 106 11.77 -4.46 57.44
C LYS B 106 11.18 -3.12 57.86
N THR B 107 12.06 -2.14 58.00
CA THR B 107 11.66 -0.79 58.39
C THR B 107 11.30 0.04 57.17
N ILE B 108 10.31 0.92 57.33
CA ILE B 108 9.80 1.72 56.23
C ILE B 108 10.85 2.63 55.62
N ASN B 109 11.98 2.83 56.29
CA ASN B 109 13.03 3.69 55.75
C ASN B 109 13.90 2.94 54.74
N GLU B 110 14.39 1.76 55.14
CA GLU B 110 15.20 0.95 54.24
C GLU B 110 14.41 0.52 53.01
N ILE B 111 13.09 0.44 53.12
CA ILE B 111 12.27 0.05 51.98
C ILE B 111 12.35 1.10 50.88
N TRP B 112 12.23 2.37 51.25
CA TRP B 112 12.17 3.45 50.27
C TRP B 112 13.50 4.14 50.00
N ASP B 113 14.55 3.84 50.77
CA ASP B 113 15.86 4.44 50.49
C ASP B 113 16.71 3.59 49.55
N ASN B 114 16.45 2.29 49.49
CA ASN B 114 17.19 1.36 48.64
C ASN B 114 16.18 0.42 48.00
N MET B 115 16.68 -0.66 47.40
CA MET B 115 15.83 -1.74 46.92
C MET B 115 14.84 -1.25 45.87
N THR B 116 15.40 -0.88 44.72
CA THR B 116 14.59 -0.46 43.58
C THR B 116 13.47 -1.45 43.30
N TRP B 117 12.45 -1.03 42.56
CA TRP B 117 11.17 -1.73 42.55
C TRP B 117 11.33 -3.23 42.30
N MET B 118 12.21 -3.61 41.37
CA MET B 118 12.30 -5.02 40.98
C MET B 118 12.75 -5.89 42.15
N GLN B 119 13.75 -5.45 42.91
CA GLN B 119 14.22 -6.25 44.03
C GLN B 119 13.12 -6.45 45.07
N TRP B 120 12.40 -5.39 45.41
CA TRP B 120 11.33 -5.51 46.38
C TRP B 120 10.23 -6.43 45.87
N GLU B 121 9.88 -6.31 44.59
CA GLU B 121 8.86 -7.20 44.03
C GLU B 121 9.31 -8.65 44.09
N LYS B 122 10.59 -8.91 43.81
CA LYS B 122 11.11 -10.26 43.92
C LYS B 122 11.04 -10.77 45.36
N GLU B 123 11.34 -9.90 46.33
CA GLU B 123 11.40 -10.32 47.72
C GLU B 123 10.04 -10.79 48.23
N ILE B 124 8.94 -10.22 47.72
CA ILE B 124 7.62 -10.45 48.29
C ILE B 124 6.70 -11.17 47.31
N ASP B 125 7.27 -12.02 46.47
CA ASP B 125 6.46 -12.71 45.47
C ASP B 125 5.77 -13.96 46.01
N ASN B 126 6.17 -14.45 47.19
CA ASN B 126 5.60 -15.68 47.71
C ASN B 126 4.21 -15.48 48.29
N TYR B 127 3.98 -14.36 48.99
CA TYR B 127 2.73 -14.11 49.69
C TYR B 127 1.74 -13.29 48.88
N THR B 128 2.03 -13.03 47.60
CA THR B 128 1.22 -12.07 46.84
C THR B 128 -0.23 -12.53 46.72
N GLN B 129 -0.45 -13.82 46.43
CA GLN B 129 -1.81 -14.28 46.19
C GLN B 129 -2.68 -14.15 47.44
N HIS B 130 -2.15 -14.49 48.60
CA HIS B 130 -2.93 -14.42 49.84
C HIS B 130 -3.42 -12.99 50.09
N ILE B 131 -2.60 -12.00 49.73
CA ILE B 131 -2.96 -10.61 50.00
C ILE B 131 -4.27 -10.25 49.31
N TYR B 132 -4.47 -10.73 48.08
CA TYR B 132 -5.69 -10.40 47.36
C TYR B 132 -6.91 -10.97 48.06
N THR B 133 -6.83 -12.21 48.53
CA THR B 133 -7.95 -12.79 49.27
C THR B 133 -8.23 -12.01 50.55
N LEU B 134 -7.17 -11.64 51.28
CA LEU B 134 -7.37 -10.85 52.49
C LEU B 134 -8.05 -9.52 52.18
N LEU B 135 -7.59 -8.85 51.12
CA LEU B 135 -8.18 -7.56 50.76
C LEU B 135 -9.63 -7.72 50.34
N GLU B 136 -9.94 -8.78 49.59
CA GLU B 136 -11.32 -9.00 49.18
C GLU B 136 -12.23 -9.24 50.37
N VAL B 137 -11.78 -10.06 51.32
CA VAL B 137 -12.60 -10.32 52.50
C VAL B 137 -12.78 -9.05 53.32
N SER B 138 -11.71 -8.27 53.47
CA SER B 138 -11.82 -7.01 54.20
C SER B 138 -12.80 -6.06 53.53
N GLN B 139 -12.75 -5.96 52.20
CA GLN B 139 -13.66 -5.09 51.48
C GLN B 139 -15.10 -5.54 51.63
N ILE B 140 -15.35 -6.85 51.54
CA ILE B 140 -16.71 -7.34 51.70
C ILE B 140 -17.22 -7.06 53.11
N GLN B 141 -16.37 -7.25 54.12
CA GLN B 141 -16.77 -6.95 55.49
C GLN B 141 -17.08 -5.47 55.67
N GLN B 142 -16.24 -4.60 55.10
CA GLN B 142 -16.49 -3.16 55.19
C GLN B 142 -17.80 -2.79 54.52
N GLU B 143 -18.07 -3.36 53.35
CA GLU B 143 -19.33 -3.08 52.66
C GLU B 143 -20.51 -3.55 53.48
N LYS B 144 -20.41 -4.73 54.08
CA LYS B 144 -21.50 -5.23 54.91
C LYS B 144 -21.75 -4.33 56.12
N ASN B 145 -20.67 -3.88 56.77
CA ASN B 145 -20.83 -2.96 57.89
C ASN B 145 -21.48 -1.66 57.45
N GLU B 146 -21.06 -1.13 56.29
CA GLU B 146 -21.66 0.09 55.78
C GLU B 146 -23.14 -0.11 55.50
N GLN B 147 -23.52 -1.28 54.96
CA GLN B 147 -24.93 -1.56 54.72
C GLN B 147 -25.70 -1.69 56.02
N GLU B 148 -25.08 -2.26 57.05
CA GLU B 148 -25.73 -2.33 58.35
C GLU B 148 -25.99 -0.93 58.90
N LEU B 149 -25.01 -0.04 58.79
CA LEU B 149 -25.22 1.34 59.21
C LEU B 149 -26.31 2.00 58.37
N LEU B 150 -26.31 1.74 57.06
CA LEU B 150 -27.37 2.23 56.18
C LEU B 150 -28.74 1.81 56.71
N GLU B 151 -28.89 0.53 57.05
CA GLU B 151 -30.13 0.09 57.69
C GLU B 151 -30.39 0.90 58.96
N LEU B 152 -29.34 1.18 59.72
CA LEU B 152 -29.47 2.11 60.84
C LEU B 152 -29.78 3.52 60.36
N ASP B 153 -29.16 3.95 59.26
CA ASP B 153 -29.39 5.28 58.70
C ASP B 153 -28.82 5.38 57.28
N PHE C 11 -19.18 -7.14 27.62
CA PHE C 11 -18.31 -8.00 28.43
C PHE C 11 -18.91 -8.22 29.82
N LEU C 12 -19.91 -7.40 30.16
CA LEU C 12 -20.52 -7.50 31.48
C LEU C 12 -21.15 -8.87 31.71
N GLY C 13 -21.62 -9.52 30.66
CA GLY C 13 -22.22 -10.84 30.81
C GLY C 13 -22.51 -11.44 29.45
N ALA C 14 -22.37 -12.76 29.39
CA ALA C 14 -22.67 -13.52 28.19
C ALA C 14 -24.18 -13.65 28.03
N ALA C 15 -24.69 -13.27 26.86
CA ALA C 15 -26.13 -13.26 26.65
C ALA C 15 -26.72 -14.65 26.86
N GLY C 16 -27.89 -14.71 27.48
CA GLY C 16 -28.57 -15.97 27.72
C GLY C 16 -28.71 -16.31 29.19
N SER C 17 -27.65 -16.08 29.97
CA SER C 17 -27.67 -16.42 31.38
C SER C 17 -28.58 -15.46 32.14
N THR C 18 -28.97 -15.89 33.35
CA THR C 18 -29.80 -15.08 34.21
C THR C 18 -28.96 -14.01 34.92
N MET C 19 -29.65 -13.00 35.44
CA MET C 19 -28.96 -11.90 36.10
C MET C 19 -28.13 -12.39 37.27
N GLY C 20 -28.71 -13.24 38.12
CA GLY C 20 -27.97 -13.76 39.26
C GLY C 20 -26.75 -14.56 38.84
N ALA C 21 -26.91 -15.46 37.87
CA ALA C 21 -25.79 -16.25 37.41
C ALA C 21 -24.71 -15.38 36.77
N ALA C 22 -25.11 -14.39 35.97
CA ALA C 22 -24.14 -13.51 35.35
C ALA C 22 -23.37 -12.72 36.40
N SER C 23 -24.07 -12.18 37.41
CA SER C 23 -23.40 -11.44 38.46
C SER C 23 -22.44 -12.34 39.23
N MET C 24 -22.86 -13.57 39.54
CA MET C 24 -21.99 -14.49 40.26
C MET C 24 -20.74 -14.82 39.45
N ALA C 25 -20.90 -15.05 38.14
CA ALA C 25 -19.75 -15.38 37.30
C ALA C 25 -18.84 -14.18 37.08
N LEU C 26 -19.39 -12.97 37.13
CA LEU C 26 -18.57 -11.79 36.90
C LEU C 26 -17.50 -11.65 37.97
N THR C 27 -17.85 -11.91 39.23
CA THR C 27 -16.87 -11.79 40.31
C THR C 27 -15.71 -12.76 40.12
N VAL C 28 -16.03 -14.02 39.80
CA VAL C 28 -14.99 -15.01 39.61
C VAL C 28 -14.13 -14.67 38.40
N GLN C 29 -14.76 -14.23 37.31
CA GLN C 29 -14.00 -13.85 36.13
C GLN C 29 -13.05 -12.70 36.43
N ALA C 30 -13.54 -11.67 37.12
CA ALA C 30 -12.68 -10.53 37.46
C ALA C 30 -11.53 -10.96 38.37
N ARG C 31 -11.83 -11.77 39.39
CA ARG C 31 -10.77 -12.21 40.29
C ARG C 31 -9.71 -13.01 39.55
N LEU C 32 -10.13 -13.93 38.69
CA LEU C 32 -9.17 -14.74 37.94
C LEU C 32 -8.35 -13.87 36.98
N LEU C 33 -9.00 -12.92 36.30
CA LEU C 33 -8.29 -12.11 35.32
C LEU C 33 -7.29 -11.17 35.98
N LEU C 34 -7.66 -10.59 37.14
CA LEU C 34 -6.80 -9.64 37.80
C LEU C 34 -5.90 -10.28 38.86
N SER C 35 -5.96 -11.60 39.02
CA SER C 35 -5.07 -12.29 39.94
C SER C 35 -3.75 -12.70 39.30
N GLY C 36 -3.53 -12.34 38.04
CA GLY C 36 -2.30 -12.71 37.36
C GLY C 36 -2.15 -14.20 37.14
N ILE C 37 -3.23 -14.86 36.72
CA ILE C 37 -3.20 -16.28 36.45
C ILE C 37 -3.81 -16.58 35.09
N GLN C 52 0.26 -16.99 5.80
CA GLN C 52 -0.27 -16.35 4.60
C GLN C 52 -0.41 -14.85 4.78
N HIS C 53 -0.40 -14.12 3.67
CA HIS C 53 -0.51 -12.67 3.71
C HIS C 53 -0.59 -12.15 2.28
N MET C 54 -1.11 -10.92 2.16
CA MET C 54 -1.19 -10.26 0.87
C MET C 54 -1.10 -8.75 1.08
N LEU C 55 -0.74 -8.04 0.01
CA LEU C 55 -0.52 -6.60 0.11
C LEU C 55 -1.78 -5.86 0.53
N GLN C 56 -2.96 -6.38 0.19
CA GLN C 56 -4.21 -5.65 0.38
C GLN C 56 -4.80 -5.83 1.78
N LEU C 57 -4.01 -6.22 2.77
CA LEU C 57 -4.48 -6.20 4.14
C LEU C 57 -4.56 -4.79 4.72
N THR C 58 -3.99 -3.80 4.02
CA THR C 58 -3.93 -2.45 4.55
C THR C 58 -5.33 -1.89 4.84
N VAL C 59 -6.25 -2.06 3.90
CA VAL C 59 -7.58 -1.47 4.07
C VAL C 59 -8.30 -2.07 5.27
N TRP C 60 -8.24 -3.39 5.40
CA TRP C 60 -8.94 -4.04 6.50
C TRP C 60 -8.39 -3.60 7.85
N GLY C 61 -7.09 -3.29 7.92
CA GLY C 61 -6.53 -2.79 9.16
C GLY C 61 -7.21 -1.50 9.61
N ILE C 62 -7.40 -0.55 8.69
CA ILE C 62 -8.10 0.68 9.02
C ILE C 62 -9.56 0.40 9.35
N LYS C 63 -10.22 -0.44 8.55
CA LYS C 63 -11.62 -0.76 8.82
C LYS C 63 -11.80 -1.37 10.19
N GLN C 64 -10.76 -2.05 10.71
CA GLN C 64 -10.82 -2.62 12.04
C GLN C 64 -10.51 -1.59 13.12
N LEU C 65 -9.42 -0.84 12.95
CA LEU C 65 -9.02 0.15 13.95
C LEU C 65 -10.10 1.20 14.19
N GLN C 66 -10.85 1.56 13.14
CA GLN C 66 -11.87 2.59 13.30
C GLN C 66 -12.91 2.19 14.34
N ALA C 67 -13.36 0.94 14.29
CA ALA C 67 -14.38 0.49 15.23
C ALA C 67 -13.88 0.54 16.66
N ARG C 68 -12.65 0.08 16.90
CA ARG C 68 -12.10 0.09 18.25
C ARG C 68 -11.97 1.53 18.77
N VAL C 69 -11.48 2.43 17.93
CA VAL C 69 -11.34 3.82 18.36
C VAL C 69 -12.70 4.41 18.70
N LEU C 70 -13.70 4.15 17.85
CA LEU C 70 -15.04 4.66 18.11
C LEU C 70 -15.61 4.11 19.40
N ALA C 71 -15.42 2.82 19.66
CA ALA C 71 -15.95 2.23 20.88
C ALA C 71 -15.29 2.83 22.12
N VAL C 72 -13.96 3.03 22.08
CA VAL C 72 -13.28 3.65 23.20
C VAL C 72 -13.80 5.06 23.44
N GLU C 73 -13.95 5.83 22.36
CA GLU C 73 -14.46 7.19 22.48
C GLU C 73 -15.84 7.20 23.12
N ARG C 74 -16.74 6.33 22.64
CA ARG C 74 -18.10 6.32 23.17
C ARG C 74 -18.12 5.91 24.64
N TYR C 75 -17.32 4.91 25.01
CA TYR C 75 -17.29 4.49 26.40
C TYR C 75 -16.81 5.62 27.30
N LEU C 76 -15.73 6.29 26.92
CA LEU C 76 -15.23 7.39 27.73
C LEU C 76 -16.25 8.52 27.81
N ARG C 77 -16.90 8.84 26.69
CA ARG C 77 -17.90 9.89 26.70
C ARG C 77 -19.04 9.58 27.67
N ASP C 78 -19.55 8.36 27.62
CA ASP C 78 -20.64 7.98 28.54
C ASP C 78 -20.17 8.00 29.99
N GLN C 79 -18.95 7.49 30.24
CA GLN C 79 -18.45 7.50 31.60
C GLN C 79 -18.36 8.90 32.16
N GLN C 80 -17.89 9.85 31.35
CA GLN C 80 -17.81 11.24 31.81
C GLN C 80 -19.20 11.86 31.94
N LEU C 81 -20.12 11.53 31.03
CA LEU C 81 -21.46 12.08 31.09
C LEU C 81 -22.25 11.57 32.29
N LEU C 82 -21.86 10.43 32.85
CA LEU C 82 -22.60 9.96 34.03
C LEU C 82 -22.42 10.85 35.26
N GLY C 83 -21.75 12.00 35.16
CA GLY C 83 -21.58 12.87 36.31
C GLY C 83 -22.86 13.53 36.78
N ILE C 84 -23.86 13.64 35.91
CA ILE C 84 -25.10 14.30 36.30
C ILE C 84 -25.81 13.51 37.40
N TRP C 85 -25.82 12.18 37.29
CA TRP C 85 -26.52 11.34 38.24
C TRP C 85 -25.72 11.09 39.52
N GLY C 86 -24.49 11.58 39.60
CA GLY C 86 -23.66 11.38 40.77
C GLY C 86 -22.92 10.06 40.81
N CYS C 87 -23.16 9.17 39.86
CA CYS C 87 -22.46 7.90 39.76
C CYS C 87 -21.20 8.00 38.90
N SER C 88 -20.83 9.19 38.47
CA SER C 88 -19.66 9.35 37.60
C SER C 88 -18.43 8.75 38.27
N GLY C 89 -17.63 8.05 37.47
CA GLY C 89 -16.50 7.33 38.00
C GLY C 89 -16.80 5.96 38.55
N LYS C 90 -18.01 5.45 38.30
CA LYS C 90 -18.44 4.16 38.83
C LYS C 90 -19.39 3.50 37.83
N ILE C 91 -19.54 2.20 37.96
CA ILE C 91 -20.45 1.42 37.12
C ILE C 91 -21.59 0.82 37.91
N ILE C 92 -21.30 0.33 39.12
CA ILE C 92 -22.32 -0.28 39.98
C ILE C 92 -22.77 0.82 40.94
N CYS C 93 -23.93 1.40 40.64
CA CYS C 93 -24.46 2.52 41.41
C CYS C 93 -25.92 2.26 41.76
N CYS C 94 -26.34 2.72 42.94
CA CYS C 94 -27.74 2.69 43.34
C CYS C 94 -28.08 4.06 43.89
N THR C 95 -29.24 4.59 43.49
CA THR C 95 -29.69 5.89 43.92
C THR C 95 -30.58 5.73 45.15
N ASN C 96 -30.96 6.86 45.74
CA ASN C 96 -31.83 6.89 46.90
C ASN C 96 -33.28 7.18 46.50
N VAL C 97 -33.69 6.68 45.34
CA VAL C 97 -35.05 6.86 44.83
C VAL C 97 -35.87 5.63 45.21
N PRO C 98 -36.88 5.76 46.06
CA PRO C 98 -37.69 4.59 46.42
C PRO C 98 -38.35 3.99 45.19
N TRP C 99 -38.42 2.65 45.17
CA TRP C 99 -39.02 1.93 44.06
C TRP C 99 -40.54 1.89 44.24
N ASN C 100 -41.25 2.62 43.38
CA ASN C 100 -42.70 2.64 43.47
C ASN C 100 -43.28 1.26 43.17
N ASP C 101 -44.53 1.08 43.58
CA ASP C 101 -45.21 -0.21 43.44
C ASP C 101 -46.15 -0.25 42.24
N SER C 102 -46.03 0.69 41.31
CA SER C 102 -46.86 0.72 40.12
C SER C 102 -46.08 0.41 38.84
N TRP C 103 -44.84 -0.06 38.96
CA TRP C 103 -44.01 -0.34 37.79
C TRP C 103 -43.97 -1.83 37.46
N SER C 104 -43.52 -2.66 38.40
CA SER C 104 -43.37 -4.09 38.15
C SER C 104 -44.23 -4.95 39.05
N ASN C 105 -44.22 -4.69 40.36
CA ASN C 105 -44.98 -5.49 41.32
C ASN C 105 -44.58 -6.95 41.28
N LYS C 106 -43.31 -7.21 41.60
CA LYS C 106 -42.78 -8.56 41.63
C LYS C 106 -41.71 -8.65 42.71
N THR C 107 -41.49 -9.87 43.20
CA THR C 107 -40.48 -10.09 44.22
C THR C 107 -39.09 -10.01 43.61
N ILE C 108 -38.13 -9.55 44.42
CA ILE C 108 -36.76 -9.36 43.92
C ILE C 108 -36.13 -10.69 43.56
N ASN C 109 -36.35 -11.72 44.38
CA ASN C 109 -35.66 -13.00 44.17
C ASN C 109 -36.03 -13.60 42.83
N GLU C 110 -37.32 -13.58 42.48
CA GLU C 110 -37.75 -14.16 41.22
C GLU C 110 -37.12 -13.43 40.04
N ILE C 111 -37.07 -12.09 40.10
CA ILE C 111 -36.47 -11.32 39.01
C ILE C 111 -34.99 -11.63 38.88
N TRP C 112 -34.27 -11.68 40.01
CA TRP C 112 -32.84 -11.92 40.00
C TRP C 112 -32.48 -13.38 39.80
N ASP C 113 -33.45 -14.29 39.76
CA ASP C 113 -33.18 -15.70 39.50
C ASP C 113 -33.78 -16.19 38.18
N ASN C 114 -34.44 -15.33 37.42
CA ASN C 114 -35.05 -15.71 36.15
C ASN C 114 -35.26 -14.45 35.32
N MET C 115 -35.88 -14.62 34.15
CA MET C 115 -36.25 -13.50 33.29
C MET C 115 -35.03 -12.66 32.92
N THR C 116 -34.17 -13.28 32.11
CA THR C 116 -32.87 -12.69 31.77
C THR C 116 -33.02 -11.26 31.26
N TRP C 117 -31.89 -10.53 31.25
CA TRP C 117 -31.87 -9.08 31.09
C TRP C 117 -32.81 -8.56 30.01
N MET C 118 -32.89 -9.25 28.87
CA MET C 118 -33.72 -8.76 27.77
C MET C 118 -35.18 -8.67 28.18
N GLN C 119 -35.71 -9.73 28.78
CA GLN C 119 -37.11 -9.73 29.20
C GLN C 119 -37.35 -8.69 30.28
N TRP C 120 -36.44 -8.58 31.24
CA TRP C 120 -36.60 -7.58 32.31
C TRP C 120 -36.63 -6.18 31.73
N GLU C 121 -35.73 -5.88 30.78
CA GLU C 121 -35.73 -4.57 30.15
C GLU C 121 -37.02 -4.32 29.39
N LYS C 122 -37.49 -5.31 28.63
CA LYS C 122 -38.74 -5.13 27.90
C LYS C 122 -39.95 -4.99 28.83
N GLU C 123 -39.85 -5.49 30.06
CA GLU C 123 -40.96 -5.37 31.01
C GLU C 123 -41.16 -3.93 31.44
N ILE C 124 -40.07 -3.24 31.79
CA ILE C 124 -40.14 -1.90 32.37
C ILE C 124 -40.02 -0.82 31.28
N ASP C 125 -40.22 -1.19 30.02
CA ASP C 125 -40.06 -0.22 28.93
C ASP C 125 -41.03 0.95 29.07
N ASN C 126 -42.28 0.66 29.46
CA ASN C 126 -43.32 1.69 29.42
C ASN C 126 -43.01 2.85 30.36
N TYR C 127 -42.59 2.56 31.59
CA TYR C 127 -42.47 3.59 32.62
C TYR C 127 -41.05 4.14 32.77
N THR C 128 -40.06 3.55 32.11
CA THR C 128 -38.67 3.92 32.35
C THR C 128 -38.38 5.40 32.09
N GLN C 129 -39.20 6.08 31.29
CA GLN C 129 -38.95 7.48 30.98
C GLN C 129 -39.04 8.36 32.23
N HIS C 130 -40.04 8.12 33.08
CA HIS C 130 -40.24 8.97 34.25
C HIS C 130 -39.14 8.77 35.28
N ILE C 131 -38.59 7.56 35.38
CA ILE C 131 -37.57 7.29 36.39
C ILE C 131 -36.33 8.15 36.15
N TYR C 132 -36.03 8.46 34.88
CA TYR C 132 -34.89 9.32 34.60
C TYR C 132 -35.08 10.71 35.19
N THR C 133 -36.28 11.28 35.01
CA THR C 133 -36.57 12.59 35.61
C THR C 133 -36.54 12.51 37.12
N LEU C 134 -37.07 11.44 37.69
CA LEU C 134 -37.02 11.27 39.15
C LEU C 134 -35.58 11.23 39.64
N LEU C 135 -34.71 10.49 38.93
CA LEU C 135 -33.31 10.42 39.32
C LEU C 135 -32.64 11.80 39.24
N GLU C 136 -32.91 12.53 38.16
CA GLU C 136 -32.31 13.86 38.03
C GLU C 136 -32.77 14.78 39.15
N VAL C 137 -34.06 14.76 39.46
CA VAL C 137 -34.59 15.64 40.51
C VAL C 137 -34.02 15.26 41.86
N SER C 138 -33.90 13.96 42.14
CA SER C 138 -33.33 13.54 43.41
C SER C 138 -31.86 13.93 43.52
N GLN C 139 -31.11 13.81 42.43
CA GLN C 139 -29.71 14.23 42.45
C GLN C 139 -29.59 15.72 42.72
N ILE C 140 -30.44 16.53 42.07
CA ILE C 140 -30.41 17.97 42.34
C ILE C 140 -30.81 18.25 43.79
N GLN C 141 -31.75 17.46 44.32
CA GLN C 141 -32.15 17.61 45.71
C GLN C 141 -30.96 17.41 46.64
N GLN C 142 -30.25 16.30 46.46
CA GLN C 142 -29.08 16.01 47.30
C GLN C 142 -28.02 17.09 47.13
N GLU C 143 -27.78 17.53 45.90
CA GLU C 143 -26.78 18.57 45.65
C GLU C 143 -27.14 19.85 46.41
N LYS C 144 -28.38 20.31 46.29
CA LYS C 144 -28.76 21.53 46.97
C LYS C 144 -28.64 21.38 48.47
N ASN C 145 -29.10 20.24 49.00
CA ASN C 145 -28.96 19.98 50.43
C ASN C 145 -27.50 20.09 50.85
N GLU C 146 -26.60 19.57 50.02
CA GLU C 146 -25.18 19.71 50.32
C GLU C 146 -24.74 21.17 50.35
N GLN C 147 -25.22 21.98 49.40
CA GLN C 147 -24.86 23.40 49.43
C GLN C 147 -25.34 24.08 50.70
N GLU C 148 -26.60 23.84 51.11
CA GLU C 148 -27.04 24.45 52.37
C GLU C 148 -26.23 23.94 53.55
N LEU C 149 -25.91 22.64 53.57
CA LEU C 149 -25.05 22.13 54.63
C LEU C 149 -23.70 22.86 54.64
N LEU C 150 -23.22 23.27 53.47
CA LEU C 150 -21.95 23.99 53.39
C LEU C 150 -21.94 25.22 54.29
N GLU C 151 -23.09 25.90 54.43
CA GLU C 151 -23.12 27.15 55.18
C GLU C 151 -22.68 26.95 56.63
N LEU C 152 -23.21 25.91 57.29
CA LEU C 152 -22.83 25.65 58.67
C LEU C 152 -21.39 25.15 58.77
N ASP C 153 -20.95 24.36 57.79
CA ASP C 153 -19.60 23.82 57.80
C ASP C 153 -19.04 23.71 56.39
N ALA D 37 -21.94 36.78 49.07
CA ALA D 37 -21.53 35.57 49.77
C ALA D 37 -20.02 35.59 50.04
N LYS D 38 -19.30 34.66 49.42
CA LYS D 38 -17.85 34.58 49.59
C LYS D 38 -17.26 33.89 48.37
N LYS D 39 -16.43 34.61 47.63
CA LYS D 39 -15.81 34.06 46.43
C LYS D 39 -14.75 33.03 46.79
N TRP D 40 -14.68 31.95 46.02
CA TRP D 40 -13.69 30.91 46.20
C TRP D 40 -13.13 30.50 44.86
N VAL D 41 -11.80 30.39 44.77
CA VAL D 41 -11.19 29.98 43.51
C VAL D 41 -11.65 28.58 43.13
N THR D 42 -11.59 28.28 41.83
CA THR D 42 -11.90 26.95 41.35
C THR D 42 -11.27 26.76 39.97
N VAL D 43 -11.09 25.49 39.60
CA VAL D 43 -10.45 25.12 38.35
C VAL D 43 -11.48 24.43 37.47
N TYR D 44 -11.66 24.93 36.25
CA TYR D 44 -12.63 24.39 35.31
C TYR D 44 -11.91 23.52 34.28
N TYR D 45 -12.67 23.09 33.27
CA TYR D 45 -12.10 22.30 32.19
C TYR D 45 -12.95 22.46 30.94
N GLY D 46 -12.31 22.31 29.79
CA GLY D 46 -13.00 22.41 28.52
C GLY D 46 -13.24 23.81 28.03
N VAL D 47 -12.59 24.82 28.60
CA VAL D 47 -12.81 26.19 28.14
C VAL D 47 -12.17 26.37 26.77
N PRO D 48 -12.77 27.14 25.86
CA PRO D 48 -12.12 27.42 24.57
C PRO D 48 -11.09 28.52 24.72
N VAL D 49 -9.90 28.31 24.15
CA VAL D 49 -8.81 29.28 24.23
C VAL D 49 -7.85 28.99 23.08
N TRP D 50 -7.20 30.05 22.60
CA TRP D 50 -6.23 29.94 21.52
C TRP D 50 -4.89 30.49 21.96
N LYS D 51 -3.86 30.13 21.19
CA LYS D 51 -2.51 30.63 21.42
C LYS D 51 -1.79 30.69 20.08
N GLU D 52 -0.47 30.88 20.12
CA GLU D 52 0.36 30.92 18.93
C GLU D 52 1.50 29.92 19.07
N ALA D 53 1.70 29.11 18.05
CA ALA D 53 2.73 28.08 18.05
C ALA D 53 3.75 28.37 16.96
N THR D 54 4.82 27.58 16.95
CA THR D 54 5.90 27.73 15.98
C THR D 54 6.32 26.36 15.46
N THR D 55 5.34 25.53 15.12
CA THR D 55 5.59 24.17 14.68
C THR D 55 6.09 24.18 13.24
N THR D 56 6.22 22.99 12.65
CA THR D 56 6.66 22.82 11.28
C THR D 56 5.52 22.26 10.44
N LEU D 57 5.19 22.94 9.35
CA LEU D 57 4.12 22.53 8.46
C LEU D 57 4.70 21.83 7.24
N PHE D 58 3.95 20.89 6.69
CA PHE D 58 4.40 20.10 5.55
C PHE D 58 3.74 20.58 4.27
N CYS D 59 4.41 20.32 3.14
CA CYS D 59 3.90 20.67 1.83
C CYS D 59 2.76 19.73 1.43
N ALA D 60 2.03 20.16 0.40
CA ALA D 60 0.93 19.35 -0.15
C ALA D 60 0.68 19.82 -1.57
N SER D 61 1.01 18.98 -2.55
CA SER D 61 0.89 19.36 -3.95
C SER D 61 0.31 18.20 -4.75
N ASP D 62 -0.56 18.51 -5.70
CA ASP D 62 -1.14 17.51 -6.60
C ASP D 62 -0.15 17.26 -7.74
N ALA D 63 0.99 16.68 -7.37
CA ALA D 63 2.07 16.47 -8.33
C ALA D 63 1.67 15.41 -9.35
N LYS D 64 2.57 15.17 -10.30
CA LYS D 64 2.38 14.20 -11.37
C LYS D 64 3.33 13.02 -11.30
N ALA D 65 4.61 13.27 -11.05
CA ALA D 65 5.62 12.24 -10.84
C ALA D 65 5.91 11.42 -12.10
N TYR D 66 5.67 11.98 -13.29
CA TYR D 66 5.96 11.24 -14.51
C TYR D 66 6.71 12.12 -15.52
N ASP D 67 6.65 13.43 -15.36
CA ASP D 67 7.26 14.35 -16.30
C ASP D 67 8.67 14.74 -15.85
N THR D 68 9.32 15.57 -16.65
CA THR D 68 10.68 16.02 -16.37
C THR D 68 10.73 17.30 -15.55
N GLU D 69 9.58 17.90 -15.24
CA GLU D 69 9.56 19.15 -14.49
C GLU D 69 10.25 18.97 -13.14
N VAL D 70 11.12 19.90 -12.79
CA VAL D 70 11.81 19.84 -11.50
C VAL D 70 10.81 20.05 -10.36
N HIS D 71 9.84 20.93 -10.55
CA HIS D 71 8.81 21.12 -9.53
C HIS D 71 8.04 19.82 -9.30
N ASN D 72 7.70 19.11 -10.40
CA ASN D 72 7.05 17.82 -10.26
C ASN D 72 7.94 16.84 -9.51
N VAL D 73 9.25 16.85 -9.81
CA VAL D 73 10.17 15.95 -9.13
C VAL D 73 10.19 16.22 -7.63
N TRP D 74 10.31 17.49 -7.26
CA TRP D 74 10.35 17.85 -5.84
C TRP D 74 9.04 17.49 -5.15
N ALA D 75 7.91 17.76 -5.80
CA ALA D 75 6.63 17.43 -5.21
C ALA D 75 6.50 15.92 -5.00
N THR D 76 6.92 15.13 -5.99
CA THR D 76 6.85 13.68 -5.87
C THR D 76 7.74 13.17 -4.75
N HIS D 77 8.96 13.70 -4.65
CA HIS D 77 9.88 13.23 -3.61
C HIS D 77 9.35 13.56 -2.22
N ALA D 78 8.95 14.80 -1.99
CA ALA D 78 8.46 15.19 -0.67
C ALA D 78 7.26 16.12 -0.84
N CYS D 79 6.08 15.51 -0.95
CA CYS D 79 4.73 16.07 -0.83
C CYS D 79 3.74 14.91 -1.00
N VAL D 80 2.51 15.15 -0.55
CA VAL D 80 1.47 14.12 -0.58
C VAL D 80 0.23 14.71 -1.24
N PRO D 81 -0.64 13.85 -1.77
CA PRO D 81 -1.83 14.34 -2.47
C PRO D 81 -2.70 15.19 -1.56
N THR D 82 -3.61 15.93 -2.19
CA THR D 82 -4.48 16.85 -1.49
C THR D 82 -5.61 16.11 -0.79
N ASP D 83 -6.29 16.84 0.10
CA ASP D 83 -7.43 16.27 0.81
C ASP D 83 -8.56 15.97 -0.17
N PRO D 84 -9.12 14.75 -0.14
CA PRO D 84 -10.22 14.46 -1.07
C PRO D 84 -11.43 15.35 -0.88
N ASN D 85 -11.73 15.71 0.37
CA ASN D 85 -12.90 16.54 0.69
C ASN D 85 -12.57 17.45 1.87
N PRO D 86 -12.34 18.74 1.62
CA PRO D 86 -12.04 19.65 2.73
C PRO D 86 -13.26 19.90 3.59
N GLN D 87 -12.99 20.22 4.86
CA GLN D 87 -14.04 20.53 5.82
C GLN D 87 -13.69 21.86 6.50
N GLU D 88 -14.60 22.83 6.39
CA GLU D 88 -14.41 24.15 6.96
C GLU D 88 -15.51 24.44 7.97
N ILE D 89 -15.11 24.85 9.17
CA ILE D 89 -16.04 25.23 10.23
C ILE D 89 -16.14 26.74 10.28
N VAL D 90 -17.36 27.26 10.23
CA VAL D 90 -17.61 28.70 10.24
C VAL D 90 -17.90 29.12 11.67
N LEU D 91 -16.90 29.67 12.34
CA LEU D 91 -17.07 30.14 13.70
C LEU D 91 -17.95 31.38 13.74
N GLY D 92 -18.47 31.67 14.93
CA GLY D 92 -19.45 32.73 15.07
C GLY D 92 -18.89 34.09 15.42
N ASN D 93 -19.35 34.66 16.55
CA ASN D 93 -19.02 36.03 16.92
C ASN D 93 -17.69 36.04 17.69
N VAL D 94 -16.60 36.02 16.93
CA VAL D 94 -15.26 36.10 17.49
C VAL D 94 -14.55 37.31 16.89
N THR D 95 -13.50 37.75 17.58
CA THR D 95 -12.69 38.88 17.14
C THR D 95 -11.26 38.65 17.57
N GLU D 96 -10.37 38.47 16.59
CA GLU D 96 -8.96 38.23 16.85
C GLU D 96 -8.12 39.23 16.06
N ASN D 97 -7.05 39.71 16.69
CA ASN D 97 -6.19 40.74 16.11
C ASN D 97 -5.20 40.09 15.15
N PHE D 98 -5.45 40.25 13.85
CA PHE D 98 -4.56 39.72 12.83
C PHE D 98 -3.42 40.70 12.57
N ASN D 99 -2.22 40.17 12.35
CA ASN D 99 -1.07 40.95 11.93
C ASN D 99 -0.34 40.19 10.83
N MET D 100 0.02 40.88 9.75
CA MET D 100 0.64 40.23 8.61
C MET D 100 2.13 40.55 8.45
N TRP D 101 2.55 41.75 8.82
CA TRP D 101 3.96 42.12 8.72
C TRP D 101 4.84 41.33 9.70
N LYS D 102 4.26 40.74 10.75
CA LYS D 102 5.04 40.03 11.75
C LYS D 102 4.74 38.53 11.76
N ASN D 103 4.11 38.03 10.71
CA ASN D 103 3.79 36.60 10.64
C ASN D 103 5.07 35.77 10.62
N ASN D 104 4.92 34.48 10.94
CA ASN D 104 6.05 33.56 10.97
C ASN D 104 6.00 32.50 9.88
N MET D 105 4.85 32.33 9.20
CA MET D 105 4.75 31.33 8.16
C MET D 105 5.68 31.66 6.99
N VAL D 106 5.77 32.93 6.61
CA VAL D 106 6.57 33.30 5.45
C VAL D 106 8.03 32.91 5.65
N GLU D 107 8.55 33.09 6.87
CA GLU D 107 9.93 32.75 7.15
C GLU D 107 10.25 31.28 6.89
N GLN D 108 9.22 30.44 6.66
CA GLN D 108 9.41 29.03 6.37
C GLN D 108 9.22 28.70 4.90
N MET D 109 8.20 29.27 4.27
CA MET D 109 8.04 29.07 2.82
C MET D 109 9.19 29.70 2.05
N HIS D 110 9.75 30.80 2.56
CA HIS D 110 10.89 31.42 1.87
C HIS D 110 12.14 30.57 1.99
N GLU D 111 12.24 29.74 3.03
CA GLU D 111 13.36 28.81 3.14
C GLU D 111 13.08 27.50 2.43
N ASP D 112 11.81 27.21 2.14
CA ASP D 112 11.48 26.03 1.35
C ASP D 112 11.68 26.28 -0.14
N ILE D 113 11.34 27.48 -0.61
CA ILE D 113 11.52 27.81 -2.03
C ILE D 113 13.00 27.73 -2.41
N ILE D 114 13.87 28.29 -1.57
CA ILE D 114 15.30 28.27 -1.85
C ILE D 114 15.80 26.83 -1.97
N SER D 115 15.30 25.94 -1.11
CA SER D 115 15.65 24.53 -1.23
C SER D 115 15.12 23.97 -2.54
N LEU D 116 13.93 24.41 -2.95
CA LEU D 116 13.37 23.93 -4.22
C LEU D 116 14.27 24.31 -5.40
N TRP D 117 14.78 25.54 -5.41
CA TRP D 117 15.64 25.97 -6.50
C TRP D 117 16.95 25.21 -6.59
N ASP D 118 17.33 24.47 -5.55
CA ASP D 118 18.57 23.69 -5.59
C ASP D 118 18.38 22.33 -6.26
N GLN D 119 17.28 22.14 -6.99
CA GLN D 119 17.04 20.91 -7.72
C GLN D 119 16.63 21.15 -9.17
N SER D 120 16.47 22.39 -9.59
CA SER D 120 16.01 22.71 -10.94
C SER D 120 17.07 23.41 -11.77
N LEU D 121 17.59 24.54 -11.31
CA LEU D 121 18.54 25.35 -12.06
C LEU D 121 19.87 25.33 -11.32
N LYS D 122 20.69 24.33 -11.59
CA LYS D 122 22.01 24.27 -11.00
C LYS D 122 22.94 25.25 -11.72
N PRO D 123 23.88 25.87 -11.02
CA PRO D 123 24.73 26.87 -11.67
C PRO D 123 26.00 26.25 -12.24
N CYS D 124 26.36 26.71 -13.44
CA CYS D 124 27.65 26.33 -14.01
C CYS D 124 28.78 26.86 -13.16
N VAL D 125 28.68 28.11 -12.71
CA VAL D 125 29.62 28.71 -11.77
C VAL D 125 28.82 29.43 -10.70
N LYS D 126 29.08 29.09 -9.43
CA LYS D 126 28.41 29.71 -8.30
C LYS D 126 29.48 30.42 -7.48
N LEU D 127 29.68 31.71 -7.79
CA LEU D 127 30.73 32.49 -7.18
C LEU D 127 30.16 33.28 -6.01
N THR D 128 30.56 32.92 -4.80
CA THR D 128 30.11 33.58 -3.58
C THR D 128 31.31 33.82 -2.66
N PRO D 129 31.26 34.87 -1.85
CA PRO D 129 32.38 35.19 -0.97
C PRO D 129 32.21 34.56 0.41
N LEU D 130 33.29 34.65 1.19
CA LEU D 130 33.28 34.17 2.57
C LEU D 130 34.46 34.80 3.29
N CYS D 131 34.21 35.42 4.44
CA CYS D 131 35.23 36.14 5.18
C CYS D 131 35.71 35.33 6.38
N VAL D 132 36.86 35.76 6.91
CA VAL D 132 37.46 35.13 8.09
C VAL D 132 37.38 36.10 9.25
N THR D 133 37.01 35.57 10.41
CA THR D 133 36.77 36.40 11.60
C THR D 133 38.07 37.06 12.03
N LEU D 134 38.16 38.37 11.84
CA LEU D 134 39.30 39.17 12.30
C LEU D 134 38.80 40.54 12.72
N ASN D 135 39.12 40.94 13.94
CA ASN D 135 38.71 42.25 14.43
C ASN D 135 39.43 43.35 13.67
N CYS D 136 38.70 44.45 13.43
CA CYS D 136 39.25 45.59 12.71
C CYS D 136 38.22 46.71 12.60
N LEU D 209 42.41 44.67 8.24
CA LEU D 209 42.01 43.95 7.03
C LEU D 209 41.42 42.59 7.38
N ILE D 210 40.10 42.49 7.35
CA ILE D 210 39.41 41.24 7.62
C ILE D 210 39.53 40.33 6.40
N ASN D 211 39.94 39.09 6.63
CA ASN D 211 40.10 38.14 5.53
C ASN D 211 38.78 37.96 4.79
N CYS D 212 38.82 38.14 3.47
CA CYS D 212 37.63 37.99 2.63
C CYS D 212 38.09 37.59 1.24
N ASN D 213 37.79 36.36 0.84
CA ASN D 213 38.21 35.84 -0.45
C ASN D 213 37.02 35.20 -1.16
N THR D 214 37.06 35.24 -2.49
CA THR D 214 36.01 34.65 -3.30
C THR D 214 36.18 33.14 -3.38
N SER D 215 35.06 32.42 -3.35
CA SER D 215 35.04 30.97 -3.45
C SER D 215 34.34 30.56 -4.73
N VAL D 216 34.86 29.54 -5.40
CA VAL D 216 34.37 29.10 -6.70
C VAL D 216 33.68 27.74 -6.54
N ILE D 217 32.63 27.53 -7.32
CA ILE D 217 31.87 26.28 -7.33
C ILE D 217 31.36 26.04 -8.74
N THR D 218 31.28 24.77 -9.14
CA THR D 218 30.85 24.43 -10.48
C THR D 218 30.32 22.99 -10.51
N GLN D 219 29.30 22.77 -11.32
CA GLN D 219 28.74 21.43 -11.52
C GLN D 219 28.24 21.33 -12.96
N ALA D 220 27.57 20.23 -13.24
CA ALA D 220 27.00 20.02 -14.57
C ALA D 220 25.82 20.95 -14.80
N CYS D 221 25.57 21.27 -16.07
CA CYS D 221 24.50 22.19 -16.47
C CYS D 221 23.66 21.55 -17.57
N PRO D 222 22.83 20.56 -17.23
CA PRO D 222 21.90 20.00 -18.21
C PRO D 222 20.62 20.80 -18.30
N LYS D 223 20.30 21.30 -19.49
CA LYS D 223 19.10 22.11 -19.67
C LYS D 223 17.86 21.29 -19.36
N VAL D 224 16.95 21.86 -18.58
CA VAL D 224 15.72 21.20 -18.17
C VAL D 224 14.56 22.19 -18.28
N SER D 225 13.36 21.65 -18.45
CA SER D 225 12.17 22.49 -18.46
C SER D 225 11.88 23.02 -17.07
N PHE D 226 11.03 24.05 -17.02
CA PHE D 226 10.74 24.71 -15.75
C PHE D 226 9.39 25.41 -15.85
N GLU D 227 8.44 25.00 -15.00
CA GLU D 227 7.12 25.62 -14.93
C GLU D 227 6.60 25.45 -13.50
N PRO D 228 6.19 26.54 -12.85
CA PRO D 228 5.74 26.43 -11.46
C PRO D 228 4.47 25.58 -11.35
N ILE D 229 4.30 24.96 -10.20
CA ILE D 229 3.14 24.11 -9.93
C ILE D 229 2.48 24.58 -8.63
N PRO D 230 1.15 24.51 -8.52
CA PRO D 230 0.50 24.90 -7.27
C PRO D 230 0.94 24.03 -6.11
N ILE D 231 1.05 24.64 -4.94
CA ILE D 231 1.47 23.96 -3.72
C ILE D 231 0.53 24.34 -2.59
N HIS D 232 0.18 23.37 -1.76
CA HIS D 232 -0.69 23.58 -0.62
C HIS D 232 0.10 23.44 0.68
N TYR D 233 -0.22 24.27 1.66
CA TYR D 233 0.40 24.23 2.97
C TYR D 233 -0.64 23.81 4.01
N CYS D 234 -0.28 22.83 4.82
CA CYS D 234 -1.20 22.26 5.81
C CYS D 234 -0.52 22.20 7.17
N ALA D 235 -1.34 22.15 8.22
CA ALA D 235 -0.85 22.07 9.58
C ALA D 235 -0.96 20.64 10.10
N PRO D 236 -0.04 20.22 10.97
CA PRO D 236 -0.07 18.85 11.48
C PRO D 236 -1.20 18.63 12.48
N ALA D 237 -1.24 17.45 13.08
CA ALA D 237 -2.33 17.11 14.01
C ALA D 237 -2.07 17.79 15.36
N GLY D 238 -2.97 18.69 15.74
CA GLY D 238 -2.85 19.38 17.01
C GLY D 238 -2.98 20.88 16.92
N PHE D 239 -3.06 21.40 15.68
CA PHE D 239 -3.11 22.82 15.43
C PHE D 239 -4.20 23.11 14.40
N ALA D 240 -4.57 24.39 14.30
CA ALA D 240 -5.58 24.82 13.34
C ALA D 240 -5.10 26.10 12.67
N ILE D 241 -5.79 26.49 11.60
CA ILE D 241 -5.45 27.71 10.87
C ILE D 241 -6.70 28.57 10.74
N LEU D 242 -6.67 29.75 11.34
CA LEU D 242 -7.75 30.72 11.17
C LEU D 242 -7.53 31.52 9.90
N LYS D 243 -8.62 31.84 9.21
CA LYS D 243 -8.59 32.65 8.02
C LYS D 243 -9.70 33.68 8.10
N CYS D 244 -9.40 34.90 7.67
CA CYS D 244 -10.37 35.99 7.72
C CYS D 244 -11.22 36.00 6.46
N ASN D 245 -12.31 36.78 6.50
CA ASN D 245 -13.23 36.86 5.38
C ASN D 245 -13.64 38.29 5.03
N SER D 246 -13.19 39.30 5.78
CA SER D 246 -13.58 40.67 5.50
C SER D 246 -13.12 41.08 4.09
N LYS D 247 -13.92 41.94 3.46
CA LYS D 247 -13.66 42.33 2.09
C LYS D 247 -12.49 43.30 1.97
N THR D 248 -12.13 43.99 3.06
CA THR D 248 -11.04 44.96 3.04
C THR D 248 -9.85 44.51 3.88
N PHE D 249 -10.08 44.17 5.14
CA PHE D 249 -9.10 43.70 6.11
C PHE D 249 -8.22 44.84 6.64
N ASN D 250 -8.29 46.04 6.07
CA ASN D 250 -7.64 47.22 6.63
C ASN D 250 -6.12 47.06 6.69
N GLY D 251 -5.59 45.96 6.15
CA GLY D 251 -4.18 45.71 6.27
C GLY D 251 -3.84 44.84 7.48
N SER D 252 -3.51 45.48 8.59
CA SER D 252 -3.19 44.79 9.84
C SER D 252 -4.22 45.11 10.92
N GLY D 253 -5.50 45.12 10.56
CA GLY D 253 -6.56 45.46 11.48
C GLY D 253 -7.45 44.27 11.79
N PRO D 254 -8.09 44.31 12.96
CA PRO D 254 -8.93 43.17 13.38
C PRO D 254 -10.15 43.02 12.48
N CYS D 255 -10.50 41.77 12.19
CA CYS D 255 -11.72 41.42 11.46
C CYS D 255 -12.51 40.38 12.23
N THR D 256 -13.77 40.24 11.86
CA THR D 256 -14.71 39.42 12.63
C THR D 256 -15.09 38.11 11.95
N ASN D 257 -15.44 38.15 10.66
CA ASN D 257 -15.94 36.96 9.97
C ASN D 257 -14.78 36.00 9.73
N VAL D 258 -14.46 35.23 10.76
CA VAL D 258 -13.33 34.31 10.76
C VAL D 258 -13.83 32.90 10.53
N SER D 259 -12.96 32.04 10.00
CA SER D 259 -13.25 30.63 9.82
C SER D 259 -12.01 29.82 10.17
N THR D 260 -12.21 28.53 10.41
CA THR D 260 -11.14 27.63 10.82
C THR D 260 -10.96 26.52 9.80
N VAL D 261 -9.71 26.22 9.45
CA VAL D 261 -9.40 25.22 8.45
C VAL D 261 -8.09 24.52 8.82
N GLN D 262 -7.67 23.57 7.97
CA GLN D 262 -6.42 22.85 8.16
C GLN D 262 -5.42 23.06 7.03
N CYS D 263 -5.82 23.65 5.90
CA CYS D 263 -4.94 23.82 4.76
C CYS D 263 -5.29 25.11 4.02
N THR D 264 -4.31 25.59 3.26
CA THR D 264 -4.48 26.79 2.45
C THR D 264 -4.90 26.45 1.03
N HIS D 265 -5.14 27.48 0.23
CA HIS D 265 -5.52 27.30 -1.16
C HIS D 265 -4.27 27.08 -2.00
N GLY D 266 -4.42 27.11 -3.33
CA GLY D 266 -3.28 26.88 -4.20
C GLY D 266 -2.39 28.11 -4.30
N ILE D 267 -1.08 27.89 -4.23
CA ILE D 267 -0.09 28.96 -4.26
C ILE D 267 0.93 28.64 -5.33
N ARG D 268 1.24 29.62 -6.18
CA ARG D 268 2.27 29.48 -7.19
C ARG D 268 3.51 30.27 -6.79
N PRO D 269 4.67 29.64 -6.73
CA PRO D 269 5.87 30.31 -6.23
C PRO D 269 6.54 31.22 -7.25
N VAL D 270 5.81 31.61 -8.29
CA VAL D 270 6.39 32.41 -9.37
C VAL D 270 7.21 33.55 -8.78
N VAL D 271 8.38 33.80 -9.37
CA VAL D 271 9.33 34.79 -8.90
C VAL D 271 9.43 35.90 -9.93
N SER D 272 9.47 37.15 -9.45
CA SER D 272 9.57 38.30 -10.33
C SER D 272 9.78 39.53 -9.46
N THR D 273 9.98 40.68 -10.10
CA THR D 273 10.19 41.94 -9.41
C THR D 273 9.59 43.07 -10.21
N GLN D 274 9.11 44.09 -9.51
CA GLN D 274 8.56 45.29 -10.13
C GLN D 274 7.19 45.02 -10.73
N LEU D 275 6.76 43.76 -10.74
CA LEU D 275 5.46 43.37 -11.26
C LEU D 275 5.09 41.99 -10.76
N LEU D 276 3.88 41.82 -10.25
CA LEU D 276 3.41 40.54 -9.74
C LEU D 276 2.76 39.75 -10.88
N LEU D 277 3.31 38.57 -11.16
CA LEU D 277 2.80 37.71 -12.22
C LEU D 277 1.61 36.90 -11.73
N ASN D 278 1.23 35.88 -12.50
CA ASN D 278 0.04 35.06 -12.24
C ASN D 278 -0.17 34.83 -10.74
N GLY D 279 -1.35 35.19 -10.26
CA GLY D 279 -1.67 35.06 -8.85
C GLY D 279 -3.13 35.36 -8.61
N SER D 280 -3.57 35.09 -7.39
CA SER D 280 -4.96 35.28 -7.03
C SER D 280 -5.33 36.76 -7.05
N LEU D 281 -6.60 37.03 -7.37
CA LEU D 281 -7.12 38.39 -7.46
C LEU D 281 -7.78 38.79 -6.14
N ALA D 282 -8.20 40.05 -6.08
CA ALA D 282 -8.88 40.58 -4.92
C ALA D 282 -10.35 40.14 -4.92
N GLU D 283 -11.11 40.63 -3.94
CA GLU D 283 -12.51 40.24 -3.82
C GLU D 283 -13.40 41.07 -4.75
N GLU D 284 -13.47 42.38 -4.50
CA GLU D 284 -14.34 43.24 -5.31
C GLU D 284 -13.70 44.55 -5.73
N GLU D 285 -12.57 44.96 -5.14
CA GLU D 285 -11.97 46.24 -5.47
C GLU D 285 -10.47 46.17 -5.21
N ILE D 286 -9.72 46.96 -5.97
CA ILE D 286 -8.27 47.03 -5.78
C ILE D 286 -7.97 47.72 -4.46
N VAL D 287 -7.00 47.17 -3.72
CA VAL D 287 -6.68 47.65 -2.39
C VAL D 287 -5.18 47.93 -2.29
N ILE D 288 -4.84 48.81 -1.36
CA ILE D 288 -3.45 49.21 -1.12
C ILE D 288 -3.08 48.81 0.30
N ARG D 289 -1.86 48.29 0.46
CA ARG D 289 -1.38 47.82 1.74
C ARG D 289 0.03 48.36 2.00
N SER D 290 0.30 48.73 3.24
CA SER D 290 1.60 49.23 3.64
C SER D 290 1.72 49.09 5.15
N GLU D 291 2.97 48.90 5.61
CA GLU D 291 3.18 48.75 7.05
C GLU D 291 3.00 50.07 7.78
N ASN D 292 3.58 51.15 7.26
CA ASN D 292 3.42 52.46 7.88
C ASN D 292 3.66 53.52 6.82
N ILE D 293 2.59 54.14 6.33
CA ILE D 293 2.70 55.23 5.37
C ILE D 293 3.34 56.43 6.06
N THR D 294 3.78 57.41 5.27
CA THR D 294 4.38 58.64 5.78
C THR D 294 5.78 58.45 6.33
N ASP D 295 6.49 57.43 5.86
CA ASP D 295 7.87 57.20 6.29
C ASP D 295 8.83 56.92 5.14
N ASN D 296 8.35 56.87 3.91
CA ASN D 296 9.17 56.66 2.71
C ASN D 296 10.29 55.66 2.97
N ALA D 297 9.94 54.56 3.61
CA ALA D 297 10.89 53.51 3.93
C ALA D 297 10.38 52.10 3.64
N LYS D 298 9.07 51.89 3.55
CA LYS D 298 8.50 50.56 3.38
C LYS D 298 7.77 50.47 2.05
N THR D 299 7.90 49.32 1.39
CA THR D 299 7.29 49.14 0.08
C THR D 299 5.78 49.11 0.18
N ILE D 300 5.12 49.73 -0.80
CA ILE D 300 3.67 49.76 -0.90
C ILE D 300 3.22 48.66 -1.85
N ILE D 301 2.27 47.84 -1.42
CA ILE D 301 1.73 46.77 -2.26
C ILE D 301 0.33 47.18 -2.70
N VAL D 302 -0.05 46.76 -3.91
CA VAL D 302 -1.38 47.01 -4.43
C VAL D 302 -1.89 45.73 -5.06
N GLN D 303 -3.14 45.38 -4.76
CA GLN D 303 -3.78 44.20 -5.31
C GLN D 303 -4.97 44.62 -6.15
N LEU D 304 -5.03 44.11 -7.38
CA LEU D 304 -6.10 44.42 -8.30
C LEU D 304 -7.23 43.41 -8.17
N ASN D 305 -8.31 43.65 -8.93
CA ASN D 305 -9.46 42.76 -8.95
C ASN D 305 -9.76 42.24 -10.35
N GLU D 306 -8.85 42.45 -11.30
CA GLU D 306 -9.03 41.93 -12.65
C GLU D 306 -7.68 41.90 -13.34
N ALA D 307 -7.20 40.71 -13.69
CA ALA D 307 -5.87 40.56 -14.24
C ALA D 307 -5.77 41.23 -15.62
N VAL D 308 -4.54 41.59 -15.98
CA VAL D 308 -4.24 42.19 -17.28
C VAL D 308 -3.29 41.27 -18.02
N GLU D 309 -3.63 40.96 -19.27
CA GLU D 309 -2.83 40.01 -20.03
C GLU D 309 -1.48 40.60 -20.41
N ILE D 310 -0.47 39.73 -20.47
CA ILE D 310 0.87 40.08 -20.93
C ILE D 310 1.39 38.92 -21.77
N ASN D 311 2.05 39.25 -22.88
CA ASN D 311 2.54 38.22 -23.79
C ASN D 311 3.93 38.58 -24.27
N CYS D 312 4.91 37.72 -23.99
CA CYS D 312 6.30 37.95 -24.37
C CYS D 312 6.74 36.88 -25.36
N THR D 313 7.39 37.32 -26.44
CA THR D 313 7.81 36.39 -27.49
C THR D 313 9.05 36.94 -28.17
N ARG D 314 9.80 36.03 -28.80
CA ARG D 314 10.99 36.41 -29.55
C ARG D 314 10.96 35.82 -30.96
N ILE D 341 18.65 36.66 -32.02
CA ILE D 341 18.68 35.61 -31.01
C ILE D 341 18.69 36.21 -29.61
N ARG D 342 19.30 37.39 -29.48
CA ARG D 342 19.37 38.10 -28.21
C ARG D 342 18.39 39.27 -28.15
N GLN D 343 17.24 39.14 -28.80
CA GLN D 343 16.22 40.18 -28.80
C GLN D 343 14.84 39.54 -28.66
N ALA D 344 13.94 40.25 -28.00
CA ALA D 344 12.57 39.79 -27.83
C ALA D 344 11.69 40.99 -27.50
N HIS D 345 10.38 40.79 -27.62
CA HIS D 345 9.41 41.85 -27.36
C HIS D 345 8.33 41.34 -26.42
N CYS D 346 7.69 42.27 -25.73
CA CYS D 346 6.59 42.00 -24.84
C CYS D 346 5.46 42.98 -25.11
N ASN D 347 4.23 42.48 -25.07
CA ASN D 347 3.03 43.25 -25.40
C ASN D 347 2.04 43.16 -24.25
N ILE D 348 1.40 44.29 -23.96
CA ILE D 348 0.36 44.40 -22.94
C ILE D 348 -0.78 45.24 -23.49
N SER D 349 -2.01 44.84 -23.19
CA SER D 349 -3.19 45.54 -23.69
C SER D 349 -3.29 46.90 -23.02
N LYS D 350 -3.14 47.98 -23.82
CA LYS D 350 -3.21 49.32 -23.26
C LYS D 350 -4.63 49.68 -22.83
N ALA D 351 -5.63 49.19 -23.58
CA ALA D 351 -7.01 49.54 -23.29
C ALA D 351 -7.40 49.16 -21.86
N ARG D 352 -6.79 48.11 -21.31
CA ARG D 352 -7.04 47.73 -19.93
C ARG D 352 -6.05 48.37 -18.96
N TRP D 353 -4.81 48.55 -19.39
CA TRP D 353 -3.78 49.12 -18.53
C TRP D 353 -4.06 50.57 -18.16
N ASN D 354 -4.59 51.37 -19.11
CA ASN D 354 -4.95 52.74 -18.78
C ASN D 354 -6.05 52.77 -17.72
N GLU D 355 -7.06 51.92 -17.85
CA GLU D 355 -8.12 51.87 -16.85
C GLU D 355 -7.59 51.40 -15.50
N THR D 356 -6.66 50.44 -15.51
CA THR D 356 -6.08 49.96 -14.27
C THR D 356 -5.34 51.10 -13.55
N LEU D 357 -4.53 51.86 -14.29
CA LEU D 357 -3.85 52.99 -13.67
C LEU D 357 -4.83 54.03 -13.17
N GLY D 358 -5.89 54.29 -13.94
CA GLY D 358 -6.89 55.24 -13.49
C GLY D 358 -7.51 54.83 -12.17
N GLN D 359 -7.90 53.56 -12.06
CA GLN D 359 -8.47 53.06 -10.81
C GLN D 359 -7.48 53.14 -9.66
N ILE D 360 -6.22 52.76 -9.92
CA ILE D 360 -5.21 52.79 -8.87
C ILE D 360 -5.02 54.21 -8.35
N VAL D 361 -4.86 55.17 -9.27
CA VAL D 361 -4.66 56.55 -8.86
C VAL D 361 -5.88 57.08 -8.12
N ALA D 362 -7.08 56.75 -8.62
CA ALA D 362 -8.30 57.22 -7.98
C ALA D 362 -8.38 56.72 -6.54
N LYS D 363 -8.06 55.45 -6.32
CA LYS D 363 -8.02 54.95 -4.96
C LYS D 363 -6.91 55.62 -4.15
N LEU D 364 -5.81 55.99 -4.81
CA LEU D 364 -4.64 56.47 -4.10
C LEU D 364 -4.83 57.89 -3.60
N GLU D 365 -5.56 58.74 -4.32
CA GLU D 365 -5.60 60.15 -3.92
C GLU D 365 -6.11 60.32 -2.50
N GLU D 366 -6.88 59.37 -1.99
CA GLU D 366 -7.53 59.54 -0.69
C GLU D 366 -6.53 59.88 0.40
N GLN D 367 -5.41 59.16 0.45
CA GLN D 367 -4.40 59.41 1.48
C GLN D 367 -3.73 60.77 1.31
N PHE D 368 -3.51 61.21 0.08
CA PHE D 368 -2.82 62.47 -0.21
C PHE D 368 -3.71 63.29 -1.15
N PRO D 369 -4.71 63.99 -0.61
CA PRO D 369 -5.68 64.65 -1.48
C PRO D 369 -5.14 65.87 -2.21
N ASN D 370 -4.41 66.74 -1.51
CA ASN D 370 -4.04 68.02 -2.12
C ASN D 370 -2.94 67.89 -3.16
N LYS D 371 -1.92 67.08 -2.90
CA LYS D 371 -0.78 67.01 -3.78
C LYS D 371 -1.15 66.36 -5.11
N THR D 372 -0.20 66.35 -6.04
CA THR D 372 -0.37 65.76 -7.35
C THR D 372 0.54 64.54 -7.50
N ILE D 373 -0.03 63.43 -7.92
CA ILE D 373 0.69 62.16 -8.01
C ILE D 373 1.30 62.03 -9.40
N ILE D 374 2.60 61.73 -9.45
CA ILE D 374 3.33 61.59 -10.70
C ILE D 374 4.22 60.37 -10.61
N PHE D 375 4.29 59.61 -11.71
CA PHE D 375 5.15 58.45 -11.81
C PHE D 375 6.50 58.83 -12.43
N ASN D 376 7.45 57.92 -12.32
CA ASN D 376 8.79 58.14 -12.86
C ASN D 376 9.52 56.81 -12.90
N HIS D 377 10.43 56.68 -13.88
CA HIS D 377 11.18 55.45 -14.04
C HIS D 377 12.12 55.25 -12.85
N SER D 378 12.72 54.06 -12.80
CA SER D 378 13.59 53.70 -11.69
C SER D 378 14.69 54.73 -11.51
N SER D 379 15.23 54.80 -10.30
CA SER D 379 16.25 55.76 -9.94
C SER D 379 17.66 55.22 -10.10
N GLY D 380 17.82 53.95 -10.49
CA GLY D 380 19.12 53.36 -10.68
C GLY D 380 19.43 52.29 -9.64
N GLY D 381 20.48 51.53 -9.93
CA GLY D 381 20.89 50.45 -9.06
C GLY D 381 21.34 49.23 -9.85
N ASP D 382 21.12 48.04 -9.29
CA ASP D 382 21.45 46.83 -10.01
C ASP D 382 20.49 46.62 -11.17
N PRO D 383 20.93 45.97 -12.24
CA PRO D 383 20.04 45.74 -13.39
C PRO D 383 18.83 44.90 -13.05
N GLU D 384 18.88 44.09 -12.00
CA GLU D 384 17.77 43.23 -11.63
C GLU D 384 16.61 43.99 -10.99
N ILE D 385 16.80 45.26 -10.66
CA ILE D 385 15.74 46.05 -10.04
C ILE D 385 15.39 47.30 -10.84
N VAL D 386 16.30 47.84 -11.64
CA VAL D 386 15.97 49.03 -12.43
C VAL D 386 14.92 48.69 -13.49
N THR D 387 14.95 47.47 -14.01
CA THR D 387 14.04 47.04 -15.06
C THR D 387 13.43 45.70 -14.70
N HIS D 388 12.22 45.46 -15.20
CA HIS D 388 11.53 44.20 -14.96
C HIS D 388 12.44 43.02 -15.25
N SER D 389 12.37 41.99 -14.40
CA SER D 389 13.15 40.79 -14.60
C SER D 389 12.32 39.59 -14.15
N PHE D 390 12.35 38.52 -14.93
CA PHE D 390 11.57 37.33 -14.61
C PHE D 390 12.18 36.12 -15.30
N ASN D 391 11.55 34.97 -15.10
CA ASN D 391 12.02 33.70 -15.65
C ASN D 391 10.93 33.07 -16.49
N CYS D 392 11.33 32.44 -17.59
CA CYS D 392 10.38 31.77 -18.48
C CYS D 392 11.14 30.78 -19.36
N GLY D 393 10.76 29.50 -19.28
CA GLY D 393 11.36 28.49 -20.14
C GLY D 393 12.87 28.40 -20.02
N GLY D 394 13.39 28.46 -18.79
CA GLY D 394 14.82 28.43 -18.60
C GLY D 394 15.56 29.65 -19.11
N GLU D 395 14.85 30.74 -19.38
CA GLU D 395 15.45 31.98 -19.85
C GLU D 395 15.15 33.08 -18.84
N PHE D 396 16.18 33.86 -18.51
CA PHE D 396 16.06 34.95 -17.53
C PHE D 396 15.85 36.25 -18.32
N PHE D 397 14.60 36.65 -18.46
CA PHE D 397 14.25 37.81 -19.26
C PHE D 397 14.43 39.09 -18.45
N TYR D 398 15.13 40.05 -19.04
CA TYR D 398 15.24 41.41 -18.54
C TYR D 398 14.55 42.33 -19.53
N CYS D 399 13.71 43.23 -19.04
CA CYS D 399 12.92 44.11 -19.89
C CYS D 399 12.89 45.50 -19.27
N ASN D 400 13.18 46.52 -20.06
CA ASN D 400 12.99 47.90 -19.62
C ASN D 400 11.51 48.18 -19.48
N THR D 401 11.18 49.09 -18.56
CA THR D 401 9.79 49.48 -18.32
C THR D 401 9.67 51.00 -18.23
N THR D 402 10.32 51.71 -19.14
CA THR D 402 10.25 53.17 -19.13
C THR D 402 8.95 53.68 -19.76
N PRO D 403 8.44 53.06 -20.84
CA PRO D 403 7.23 53.62 -21.47
C PRO D 403 5.95 53.19 -20.74
N LEU D 404 5.99 53.23 -19.41
CA LEU D 404 4.80 52.98 -18.60
C LEU D 404 4.66 53.91 -17.40
N PHE D 405 5.70 54.66 -17.04
CA PHE D 405 5.66 55.49 -15.84
C PHE D 405 6.06 56.93 -16.11
N ASN D 406 6.13 57.34 -17.38
CA ASN D 406 6.50 58.71 -17.70
C ASN D 406 5.30 59.65 -17.64
N SER D 407 4.09 59.10 -17.57
CA SER D 407 2.88 59.93 -17.61
C SER D 407 2.59 60.53 -16.24
N THR D 408 2.61 61.85 -16.16
CA THR D 408 2.16 62.54 -14.96
C THR D 408 0.64 62.55 -14.93
N TRP D 409 0.07 62.16 -13.79
CA TRP D 409 -1.35 61.88 -13.69
C TRP D 409 -2.06 62.95 -12.88
N ASN D 410 -3.28 63.26 -13.32
CA ASN D 410 -4.20 64.14 -12.60
C ASN D 410 -5.58 63.50 -12.66
N ASN D 411 -6.60 64.24 -12.25
CA ASN D 411 -7.96 63.73 -12.34
C ASN D 411 -8.37 63.44 -13.77
N THR D 412 -7.68 64.02 -14.75
CA THR D 412 -7.94 63.79 -16.16
C THR D 412 -6.86 62.91 -16.77
N ARG D 413 -6.97 62.69 -18.07
CA ARG D 413 -6.05 61.83 -18.80
C ARG D 413 -4.99 62.66 -19.51
N THR D 414 -3.74 62.18 -19.44
CA THR D 414 -2.63 62.83 -20.15
C THR D 414 -1.69 61.80 -20.75
N ASP D 415 -2.13 60.56 -20.95
CA ASP D 415 -1.25 59.51 -21.43
C ASP D 415 -1.07 59.56 -22.94
N ASP D 416 -2.16 59.39 -23.69
CA ASP D 416 -2.08 59.36 -25.14
C ASP D 416 -3.45 59.71 -25.71
N TYR D 417 -3.46 60.09 -26.99
CA TYR D 417 -4.69 60.46 -27.67
C TYR D 417 -5.47 61.51 -26.90
N GLN D 423 -3.30 50.12 -28.92
CA GLN D 423 -3.11 48.96 -29.77
C GLN D 423 -2.22 47.92 -29.10
N ASN D 424 -0.96 47.88 -29.50
CA ASN D 424 0.02 46.97 -28.93
C ASN D 424 1.18 47.80 -28.37
N ILE D 425 1.45 47.62 -27.09
CA ILE D 425 2.55 48.32 -26.42
C ILE D 425 3.79 47.44 -26.55
N THR D 426 4.70 47.81 -27.44
CA THR D 426 5.93 47.06 -27.63
C THR D 426 6.83 47.27 -26.42
N LEU D 427 7.62 46.26 -26.08
CA LEU D 427 8.50 46.31 -24.92
C LEU D 427 9.77 45.51 -25.22
N GLN D 428 10.90 46.20 -25.34
CA GLN D 428 12.15 45.55 -25.69
C GLN D 428 12.64 44.66 -24.54
N CYS D 429 13.29 43.56 -24.90
CA CYS D 429 13.83 42.63 -23.92
C CYS D 429 15.05 41.93 -24.51
N ARG D 430 16.02 41.63 -23.64
CA ARG D 430 17.24 40.94 -24.03
C ARG D 430 17.65 39.98 -22.92
N ILE D 431 17.88 38.72 -23.30
CA ILE D 431 18.21 37.68 -22.32
C ILE D 431 19.63 37.88 -21.81
N LYS D 432 19.97 37.17 -20.73
CA LYS D 432 21.27 37.30 -20.08
C LYS D 432 21.81 35.92 -19.72
N GLN D 433 23.08 35.89 -19.33
CA GLN D 433 23.72 34.69 -18.82
C GLN D 433 24.47 34.89 -17.50
N ILE D 434 24.81 36.13 -17.14
CA ILE D 434 25.47 36.45 -15.89
C ILE D 434 24.51 37.30 -15.08
N ILE D 435 23.92 36.69 -14.04
CA ILE D 435 22.87 37.35 -13.26
C ILE D 435 23.33 37.48 -11.82
N ASN D 436 22.66 38.36 -11.10
CA ASN D 436 22.88 38.58 -9.67
C ASN D 436 21.86 37.77 -8.88
N MET D 437 22.34 36.88 -8.01
CA MET D 437 21.46 36.00 -7.27
C MET D 437 20.60 36.80 -6.29
N TRP D 438 19.45 36.23 -5.95
CA TRP D 438 18.54 36.81 -4.98
C TRP D 438 18.55 36.07 -3.64
N GLN D 439 19.38 35.03 -3.52
CA GLN D 439 19.45 34.23 -2.30
C GLN D 439 20.68 34.57 -1.46
N GLY D 440 21.34 35.67 -1.75
CA GLY D 440 22.53 36.07 -1.05
C GLY D 440 23.28 37.11 -1.88
N VAL D 441 24.58 36.88 -2.04
CA VAL D 441 25.44 37.76 -2.81
C VAL D 441 26.38 36.92 -3.66
N GLY D 442 26.58 37.36 -4.90
CA GLY D 442 27.42 36.63 -5.84
C GLY D 442 26.76 36.41 -7.18
N LYS D 443 27.55 36.42 -8.25
CA LYS D 443 27.03 36.24 -9.59
C LYS D 443 26.77 34.76 -9.88
N ALA D 444 26.00 34.52 -10.95
CA ALA D 444 25.69 33.16 -11.38
C ALA D 444 25.60 33.14 -12.90
N MET D 445 26.14 32.07 -13.50
CA MET D 445 26.15 31.91 -14.94
C MET D 445 25.55 30.56 -15.32
N TYR D 446 24.83 30.54 -16.43
CA TYR D 446 24.17 29.34 -16.92
C TYR D 446 24.58 29.06 -18.36
N ALA D 447 24.10 27.93 -18.88
CA ALA D 447 24.45 27.50 -20.22
C ALA D 447 23.79 28.39 -21.27
N PRO D 448 24.28 28.35 -22.50
CA PRO D 448 23.72 29.21 -23.56
C PRO D 448 22.22 29.00 -23.70
N PRO D 449 21.54 29.90 -24.40
CA PRO D 449 20.08 29.82 -24.51
C PRO D 449 19.65 28.75 -25.50
N ILE D 450 18.34 28.48 -25.49
CA ILE D 450 17.74 27.50 -26.38
C ILE D 450 17.75 28.03 -27.80
N ARG D 451 17.45 27.15 -28.77
CA ARG D 451 17.53 27.54 -30.18
C ARG D 451 16.63 28.75 -30.47
N GLY D 452 15.37 28.67 -30.08
CA GLY D 452 14.47 29.78 -30.30
C GLY D 452 13.02 29.36 -30.17
N GLN D 453 12.14 30.29 -30.55
CA GLN D 453 10.69 30.09 -30.54
C GLN D 453 10.20 29.77 -29.12
N ILE D 454 10.38 30.76 -28.25
CA ILE D 454 9.93 30.70 -26.86
C ILE D 454 8.84 31.75 -26.66
N ARG D 455 7.72 31.33 -26.07
CA ARG D 455 6.58 32.21 -25.83
C ARG D 455 6.19 32.14 -24.37
N CYS D 456 5.58 33.23 -23.89
CA CYS D 456 5.09 33.29 -22.50
C CYS D 456 3.83 34.13 -22.49
N SER D 457 2.76 33.61 -21.89
CA SER D 457 1.52 34.35 -21.68
C SER D 457 1.19 34.30 -20.20
N SER D 458 0.93 35.47 -19.61
CA SER D 458 0.71 35.54 -18.17
C SER D 458 -0.30 36.64 -17.85
N ASN D 459 -0.74 36.63 -16.60
CA ASN D 459 -1.68 37.63 -16.08
C ASN D 459 -0.99 38.48 -15.02
N ILE D 460 -1.34 39.76 -14.98
CA ILE D 460 -0.85 40.69 -13.98
C ILE D 460 -1.99 41.00 -13.03
N THR D 461 -1.75 40.79 -11.74
CA THR D 461 -2.75 41.00 -10.69
C THR D 461 -2.32 42.01 -9.64
N GLY D 462 -1.06 41.99 -9.21
CA GLY D 462 -0.57 42.87 -8.18
C GLY D 462 0.46 43.85 -8.71
N LEU D 463 0.90 44.74 -7.81
CA LEU D 463 1.86 45.77 -8.17
C LEU D 463 2.62 46.21 -6.93
N LEU D 464 3.88 46.58 -7.11
CA LEU D 464 4.74 47.08 -6.05
C LEU D 464 5.18 48.49 -6.39
N LEU D 465 4.96 49.43 -5.47
CA LEU D 465 5.30 50.82 -5.70
C LEU D 465 5.94 51.40 -4.45
N THR D 466 6.97 52.22 -4.66
CA THR D 466 7.66 52.92 -3.60
C THR D 466 7.31 54.41 -3.66
N ARG D 467 7.76 55.15 -2.65
CA ARG D 467 7.45 56.57 -2.52
C ARG D 467 8.72 57.36 -2.24
N ASP D 468 8.68 58.64 -2.60
CA ASP D 468 9.81 59.55 -2.44
C ASP D 468 9.32 60.78 -1.69
N GLY D 469 9.70 60.90 -0.42
CA GLY D 469 9.28 61.99 0.43
C GLY D 469 10.43 62.85 0.90
N GLY D 470 10.07 64.03 1.39
CA GLY D 470 11.04 64.97 1.89
C GLY D 470 10.42 66.33 2.10
N ARG D 471 11.20 67.22 2.70
CA ARG D 471 10.72 68.57 2.97
C ARG D 471 10.84 69.49 1.75
N ASP D 472 11.60 69.10 0.74
CA ASP D 472 11.69 69.88 -0.49
C ASP D 472 10.49 69.68 -1.39
N GLN D 473 9.60 68.74 -1.06
CA GLN D 473 8.42 68.46 -1.85
C GLN D 473 7.51 69.69 -1.87
N ASN D 474 7.05 70.07 -3.06
CA ASN D 474 6.18 71.24 -3.21
C ASN D 474 4.90 70.80 -3.94
N GLY D 475 3.93 70.34 -3.15
CA GLY D 475 2.65 69.94 -3.70
C GLY D 475 2.76 68.85 -4.76
N THR D 476 3.64 67.88 -4.55
CA THR D 476 3.84 66.80 -5.50
C THR D 476 4.10 65.51 -4.74
N GLU D 477 4.01 64.39 -5.46
CA GLU D 477 4.30 63.07 -4.87
C GLU D 477 4.71 62.15 -6.01
N THR D 478 6.00 61.80 -6.04
CA THR D 478 6.55 60.92 -7.07
C THR D 478 6.55 59.48 -6.58
N PHE D 479 5.92 58.60 -7.34
CA PHE D 479 5.86 57.18 -7.02
C PHE D 479 6.65 56.41 -8.07
N ARG D 480 7.79 55.82 -7.65
CA ARG D 480 8.66 55.04 -8.50
C ARG D 480 8.45 53.55 -8.27
N PRO D 481 8.71 52.72 -9.28
CA PRO D 481 8.59 51.27 -9.10
C PRO D 481 9.82 50.69 -8.43
N GLY D 482 9.59 49.74 -7.53
CA GLY D 482 10.67 49.11 -6.79
C GLY D 482 10.49 47.62 -6.61
N GLY D 483 10.75 47.14 -5.39
CA GLY D 483 10.63 45.72 -5.10
C GLY D 483 11.96 45.00 -5.16
N GLY D 484 11.89 43.70 -4.87
CA GLY D 484 13.08 42.88 -4.89
C GLY D 484 13.22 42.01 -3.65
N ASN D 485 12.55 42.39 -2.57
CA ASN D 485 12.56 41.62 -1.33
C ASN D 485 11.52 40.51 -1.47
N MET D 486 12.00 39.29 -1.74
CA MET D 486 11.09 38.18 -2.01
C MET D 486 10.07 38.00 -0.90
N ARG D 487 10.47 38.25 0.35
CA ARG D 487 9.50 38.23 1.44
C ARG D 487 8.35 39.19 1.16
N ASP D 488 8.65 40.38 0.64
CA ASP D 488 7.61 41.31 0.28
C ASP D 488 6.71 40.76 -0.82
N ASN D 489 7.30 40.10 -1.82
CA ASN D 489 6.51 39.55 -2.91
C ASN D 489 5.62 38.41 -2.43
N TRP D 490 6.01 37.72 -1.36
CA TRP D 490 5.27 36.56 -0.89
C TRP D 490 4.31 36.87 0.25
N ARG D 491 4.47 37.98 0.95
CA ARG D 491 3.48 38.38 1.95
C ARG D 491 2.14 38.71 1.34
N SER D 492 2.08 38.94 0.02
CA SER D 492 0.82 39.25 -0.64
C SER D 492 -0.04 38.02 -0.90
N GLU D 493 0.37 36.86 -0.38
CA GLU D 493 -0.39 35.62 -0.54
C GLU D 493 -0.73 34.92 0.77
N LEU D 494 -0.01 35.21 1.85
CA LEU D 494 -0.24 34.59 3.14
C LEU D 494 -0.57 35.64 4.20
N TYR D 495 -1.32 36.67 3.80
CA TYR D 495 -1.72 37.73 4.71
C TYR D 495 -3.01 37.42 5.47
N LYS D 496 -3.62 36.26 5.21
CA LYS D 496 -4.85 35.87 5.91
C LYS D 496 -4.59 34.84 7.00
N TYR D 497 -3.96 33.72 6.65
CA TYR D 497 -3.90 32.57 7.53
C TYR D 497 -3.07 32.83 8.78
N LYS D 498 -3.52 32.25 9.89
CA LYS D 498 -2.81 32.35 11.17
C LYS D 498 -2.88 30.99 11.86
N VAL D 499 -1.74 30.52 12.36
CA VAL D 499 -1.66 29.19 12.96
C VAL D 499 -1.89 29.31 14.47
N VAL D 500 -2.81 28.49 14.99
CA VAL D 500 -3.21 28.58 16.38
C VAL D 500 -3.25 27.19 17.01
N LYS D 501 -3.11 27.17 18.34
CA LYS D 501 -3.25 25.99 19.17
C LYS D 501 -4.31 26.23 20.23
N ILE D 502 -4.94 25.15 20.68
CA ILE D 502 -6.10 25.22 21.56
C ILE D 502 -5.67 24.90 22.99
N GLU D 503 -6.14 25.71 23.94
CA GLU D 503 -5.82 25.56 25.36
C GLU D 503 -7.09 25.37 26.17
N PRO D 504 -7.27 24.24 26.85
CA PRO D 504 -8.55 23.96 27.52
C PRO D 504 -8.67 24.51 28.94
N LEU D 505 -7.55 24.66 29.64
CA LEU D 505 -7.60 24.90 31.08
C LEU D 505 -8.17 26.29 31.39
N GLY D 506 -8.55 26.47 32.65
CA GLY D 506 -9.11 27.73 33.11
C GLY D 506 -9.34 27.80 34.61
N ILE D 507 -9.16 28.99 35.18
CA ILE D 507 -9.35 29.23 36.61
C ILE D 507 -10.37 30.35 36.76
N ALA D 508 -11.31 30.17 37.70
CA ALA D 508 -12.35 31.18 37.89
C ALA D 508 -12.83 31.22 39.33
N PRO D 509 -13.27 32.38 39.82
CA PRO D 509 -13.88 32.43 41.15
C PRO D 509 -15.37 32.11 41.10
N THR D 510 -15.77 31.13 41.91
CA THR D 510 -17.15 30.70 41.98
C THR D 510 -17.68 30.91 43.39
N ALA D 511 -18.98 30.73 43.55
CA ALA D 511 -19.67 31.01 44.81
C ALA D 511 -19.76 29.81 45.73
N CYS D 512 -19.31 28.63 45.29
CA CYS D 512 -19.42 27.43 46.10
C CYS D 512 -18.23 27.32 47.07
N LYS D 513 -18.25 26.27 47.89
CA LYS D 513 -17.20 26.04 48.87
C LYS D 513 -16.99 24.54 49.03
N ARG D 514 -15.74 24.13 49.13
CA ARG D 514 -15.41 22.71 49.25
C ARG D 514 -15.94 22.14 50.56
N ARG D 515 -16.28 20.85 50.53
CA ARG D 515 -16.68 20.11 51.71
C ARG D 515 -15.47 19.41 52.32
N VAL D 516 -15.11 19.83 53.53
CA VAL D 516 -13.97 19.24 54.22
C VAL D 516 -14.40 18.69 55.57
N LYS E 1 27.68 61.72 19.26
CA LYS E 1 27.56 61.99 17.83
C LYS E 1 28.94 62.10 17.18
N LYS E 2 29.42 60.99 16.61
CA LYS E 2 30.72 61.00 15.95
C LYS E 2 30.72 62.01 14.80
N VAL E 3 31.82 62.75 14.70
CA VAL E 3 31.99 63.78 13.68
C VAL E 3 33.30 63.53 12.95
N VAL E 4 33.25 63.63 11.61
CA VAL E 4 34.41 63.38 10.76
C VAL E 4 34.63 64.57 9.86
N LEU E 5 35.85 64.68 9.33
CA LEU E 5 36.25 65.78 8.47
C LEU E 5 36.74 65.24 7.14
N GLY E 6 36.41 65.96 6.06
CA GLY E 6 36.76 65.54 4.72
C GLY E 6 38.03 66.19 4.21
N LYS E 7 38.31 65.94 2.93
CA LYS E 7 39.52 66.45 2.30
C LYS E 7 39.29 67.06 0.92
N LYS E 8 38.08 66.99 0.37
CA LYS E 8 37.79 67.47 -0.99
C LYS E 8 38.64 66.73 -2.03
N GLY E 9 38.39 65.43 -2.13
CA GLY E 9 39.06 64.61 -3.11
C GLY E 9 39.27 63.16 -2.69
N ASP E 10 39.10 62.87 -1.41
CA ASP E 10 39.25 61.51 -0.92
C ASP E 10 37.90 60.97 -0.46
N THR E 11 37.84 59.65 -0.31
CA THR E 11 36.64 58.97 0.16
C THR E 11 36.67 58.86 1.69
N VAL E 12 35.51 58.53 2.25
CA VAL E 12 35.37 58.42 3.69
C VAL E 12 34.31 57.36 3.99
N GLU E 13 34.51 56.65 5.10
CA GLU E 13 33.61 55.60 5.52
C GLU E 13 32.82 56.06 6.74
N LEU E 14 31.54 55.69 6.80
CA LEU E 14 30.67 55.99 7.93
C LEU E 14 29.87 54.72 8.22
N THR E 15 30.36 53.91 9.16
CA THR E 15 29.85 52.56 9.38
C THR E 15 28.76 52.57 10.44
N CYS E 16 27.63 51.94 10.11
CA CYS E 16 26.66 51.56 11.12
C CYS E 16 27.12 50.24 11.74
N THR E 17 26.27 49.58 12.52
CA THR E 17 26.65 48.29 13.09
C THR E 17 25.43 47.65 13.73
N ALA E 18 25.38 46.32 13.66
CA ALA E 18 24.33 45.53 14.26
C ALA E 18 24.94 44.31 14.92
N SER E 19 24.08 43.41 15.40
CA SER E 19 24.54 42.18 16.07
C SER E 19 23.80 40.93 15.63
N GLN E 20 22.78 41.04 14.78
CA GLN E 20 22.03 39.86 14.37
C GLN E 20 22.78 39.01 13.35
N LYS E 21 23.53 39.64 12.44
CA LYS E 21 24.27 38.92 11.41
C LYS E 21 23.32 38.17 10.47
N LYS E 22 22.31 38.90 9.97
CA LYS E 22 21.34 38.30 9.06
C LYS E 22 20.98 39.23 7.90
N SER E 23 21.79 40.25 7.65
CA SER E 23 21.54 41.18 6.54
C SER E 23 20.17 41.83 6.66
N ILE E 24 20.01 42.60 7.73
CA ILE E 24 18.76 43.31 7.99
C ILE E 24 18.77 44.63 7.22
N GLN E 25 17.59 45.05 6.79
CA GLN E 25 17.48 46.26 5.99
C GLN E 25 18.03 47.47 6.75
N PHE E 26 18.26 48.55 6.02
CA PHE E 26 18.78 49.79 6.59
C PHE E 26 18.68 50.87 5.52
N HIS E 27 19.18 52.05 5.85
CA HIS E 27 19.17 53.19 4.94
C HIS E 27 20.30 54.13 5.31
N TRP E 28 20.38 55.24 4.57
CA TRP E 28 21.33 56.32 4.88
C TRP E 28 20.65 57.63 4.43
N LYS E 29 20.02 58.30 5.38
CA LYS E 29 19.21 59.47 5.11
C LYS E 29 19.94 60.73 5.52
N ASN E 30 19.85 61.76 4.68
CA ASN E 30 20.47 63.05 4.98
C ASN E 30 19.59 63.83 5.95
N SER E 31 19.94 65.09 6.20
CA SER E 31 19.17 65.93 7.10
C SER E 31 17.87 66.43 6.47
N ASN E 32 17.69 66.25 5.17
CA ASN E 32 16.51 66.72 4.47
C ASN E 32 15.51 65.60 4.16
N GLN E 33 15.70 64.43 4.77
CA GLN E 33 14.79 63.30 4.57
C GLN E 33 14.79 62.86 3.09
N ILE E 34 15.97 62.49 2.61
CA ILE E 34 16.14 62.01 1.24
C ILE E 34 16.96 60.74 1.27
N LYS E 35 16.50 59.71 0.55
CA LYS E 35 17.22 58.46 0.50
C LYS E 35 18.48 58.60 -0.34
N ILE E 36 19.51 57.82 0.01
CA ILE E 36 20.76 57.82 -0.73
C ILE E 36 21.09 56.39 -1.15
N LEU E 37 21.08 55.47 -0.18
CA LEU E 37 21.32 54.07 -0.45
C LEU E 37 20.31 53.25 0.35
N GLY E 38 20.53 51.94 0.40
CA GLY E 38 19.67 51.06 1.18
C GLY E 38 19.46 49.69 0.56
N ASN E 39 19.64 48.66 1.38
CA ASN E 39 19.45 47.30 0.92
C ASN E 39 17.97 47.04 0.67
N GLN E 40 17.69 46.23 -0.36
CA GLN E 40 16.33 45.76 -0.67
C GLN E 40 16.46 44.30 -1.05
N GLY E 41 16.41 43.41 -0.06
CA GLY E 41 16.62 42.01 -0.29
C GLY E 41 18.09 41.66 -0.29
N SER E 42 18.67 41.56 -1.49
CA SER E 42 20.12 41.43 -1.64
C SER E 42 20.66 42.32 -2.74
N PHE E 43 19.83 43.17 -3.33
CA PHE E 43 20.24 44.09 -4.38
C PHE E 43 20.64 45.42 -3.76
N LEU E 44 20.83 46.43 -4.60
CA LEU E 44 21.16 47.78 -4.15
C LEU E 44 20.32 48.79 -4.92
N THR E 45 19.89 49.85 -4.24
CA THR E 45 19.09 50.90 -4.85
C THR E 45 19.55 52.25 -4.33
N LYS E 46 20.11 53.05 -5.23
CA LYS E 46 20.58 54.38 -4.88
C LYS E 46 19.41 55.35 -4.82
N GLY E 47 19.49 56.31 -3.91
CA GLY E 47 18.43 57.27 -3.73
C GLY E 47 18.40 58.31 -4.82
N PRO E 48 17.21 58.79 -5.16
CA PRO E 48 17.09 59.84 -6.17
C PRO E 48 17.50 61.20 -5.62
N SER E 49 18.81 61.41 -5.48
CA SER E 49 19.34 62.63 -4.88
C SER E 49 20.51 63.11 -5.74
N LYS E 50 21.26 64.07 -5.20
CA LYS E 50 22.37 64.69 -5.93
C LYS E 50 23.66 63.88 -5.84
N LEU E 51 23.68 62.77 -5.10
CA LEU E 51 24.88 61.97 -4.92
C LEU E 51 24.64 60.52 -5.35
N ASN E 52 23.80 60.34 -6.37
CA ASN E 52 23.49 58.99 -6.82
C ASN E 52 24.71 58.28 -7.40
N ASP E 53 25.50 58.99 -8.22
CA ASP E 53 26.60 58.34 -8.92
C ASP E 53 27.77 58.04 -8.00
N ARG E 54 28.10 58.96 -7.10
CA ARG E 54 29.31 58.80 -6.30
C ARG E 54 29.13 57.75 -5.21
N ALA E 55 27.92 57.59 -4.70
CA ALA E 55 27.70 56.68 -3.58
C ALA E 55 28.06 55.25 -3.97
N ASP E 56 28.25 54.41 -2.95
CA ASP E 56 28.58 53.01 -3.13
C ASP E 56 28.43 52.31 -1.78
N SER E 57 28.77 51.03 -1.74
CA SER E 57 28.68 50.26 -0.50
C SER E 57 29.46 48.96 -0.68
N ARG E 58 30.10 48.51 0.39
CA ARG E 58 30.79 47.23 0.37
C ARG E 58 29.76 46.11 0.47
N ARG E 59 29.83 45.17 -0.47
CA ARG E 59 28.81 44.13 -0.60
C ARG E 59 29.26 42.80 -0.02
N SER E 60 30.36 42.77 0.72
CA SER E 60 30.81 41.57 1.41
C SER E 60 30.65 41.65 2.92
N LEU E 61 30.60 42.85 3.49
CA LEU E 61 30.38 43.02 4.92
C LEU E 61 28.93 42.97 5.32
N TRP E 62 27.99 43.01 4.37
CA TRP E 62 26.57 42.94 4.69
C TRP E 62 26.24 41.67 5.47
N ASP E 63 27.01 40.61 5.30
CA ASP E 63 26.80 39.39 6.07
C ASP E 63 27.32 39.50 7.50
N GLN E 64 28.06 40.57 7.81
CA GLN E 64 28.63 40.76 9.14
C GLN E 64 28.17 42.07 9.78
N GLY E 65 27.01 42.57 9.36
CA GLY E 65 26.40 43.71 10.00
C GLY E 65 26.90 45.07 9.53
N ASN E 66 28.20 45.20 9.30
CA ASN E 66 28.78 46.50 8.97
C ASN E 66 28.28 46.94 7.60
N PHE E 67 27.44 47.98 7.57
CA PHE E 67 26.93 48.54 6.32
C PHE E 67 27.53 49.92 6.07
N PRO E 68 28.76 49.99 5.57
CA PRO E 68 29.39 51.32 5.38
C PRO E 68 28.73 52.11 4.26
N LEU E 69 29.21 53.34 4.05
CA LEU E 69 28.73 54.20 2.96
C LEU E 69 29.95 54.94 2.40
N ILE E 70 30.54 54.37 1.37
CA ILE E 70 31.74 54.92 0.76
C ILE E 70 31.32 55.99 -0.25
N ILE E 71 31.86 57.20 -0.08
CA ILE E 71 31.56 58.33 -0.96
C ILE E 71 32.84 58.73 -1.65
N LYS E 72 32.78 58.86 -2.98
CA LYS E 72 33.95 59.15 -3.80
C LYS E 72 33.91 60.57 -4.31
N ASN E 73 35.09 61.16 -4.48
CA ASN E 73 35.24 62.53 -4.97
C ASN E 73 34.43 63.50 -4.10
N LEU E 74 34.82 63.56 -2.83
CA LEU E 74 34.07 64.34 -1.85
C LEU E 74 34.22 65.84 -2.12
N LYS E 75 33.15 66.58 -1.80
CA LYS E 75 33.09 68.02 -1.97
C LYS E 75 32.62 68.68 -0.69
N ILE E 76 32.91 69.98 -0.58
CA ILE E 76 32.63 70.71 0.65
C ILE E 76 31.14 70.74 0.96
N GLU E 77 30.31 71.00 -0.05
CA GLU E 77 28.87 71.18 0.17
C GLU E 77 28.21 69.93 0.73
N ASP E 78 28.92 68.81 0.86
CA ASP E 78 28.34 67.56 1.30
C ASP E 78 28.36 67.38 2.81
N SER E 79 28.71 68.42 3.56
CA SER E 79 28.76 68.34 5.02
C SER E 79 27.35 68.41 5.56
N ASP E 80 26.93 67.38 6.29
CA ASP E 80 25.60 67.32 6.87
C ASP E 80 25.50 66.05 7.69
N THR E 81 24.41 65.93 8.44
CA THR E 81 24.20 64.75 9.27
C THR E 81 23.60 63.61 8.46
N TYR E 82 23.97 62.38 8.84
CA TYR E 82 23.47 61.18 8.20
C TYR E 82 23.02 60.20 9.29
N ILE E 83 22.06 59.34 8.95
CA ILE E 83 21.40 58.49 9.93
C ILE E 83 21.26 57.08 9.40
N CYS E 84 21.54 56.10 10.25
CA CYS E 84 21.24 54.70 9.96
C CYS E 84 19.84 54.35 10.47
N GLU E 85 19.30 53.25 9.95
CA GLU E 85 18.00 52.74 10.36
C GLU E 85 18.05 51.21 10.49
N VAL E 86 19.08 50.71 11.17
CA VAL E 86 19.42 49.29 11.12
C VAL E 86 18.22 48.42 11.44
N GLU E 87 17.72 48.48 12.68
CA GLU E 87 16.48 47.79 13.01
C GLU E 87 15.38 48.76 13.44
N ASP E 88 15.59 49.51 14.52
CA ASP E 88 14.68 50.59 14.90
C ASP E 88 15.43 51.75 15.52
N GLN E 89 16.76 51.69 15.61
CA GLN E 89 17.55 52.75 16.23
C GLN E 89 17.71 53.90 15.25
N LYS E 90 18.47 54.92 15.64
CA LYS E 90 18.70 56.09 14.80
C LYS E 90 20.17 56.48 14.84
N GLU E 91 21.06 55.49 14.79
CA GLU E 91 22.49 55.76 14.73
C GLU E 91 22.79 56.81 13.67
N GLU E 92 23.42 57.90 14.08
CA GLU E 92 23.69 59.01 13.19
C GLU E 92 25.10 59.54 13.42
N VAL E 93 25.64 60.14 12.37
CA VAL E 93 26.99 60.70 12.36
C VAL E 93 26.95 62.03 11.64
N GLN E 94 28.01 62.82 11.81
CA GLN E 94 28.13 64.12 11.16
C GLN E 94 29.45 64.20 10.42
N LEU E 95 29.43 64.91 9.30
CA LEU E 95 30.63 65.12 8.48
C LEU E 95 30.71 66.58 8.07
N LEU E 96 31.92 67.13 8.17
CA LEU E 96 32.20 68.51 7.77
C LEU E 96 33.35 68.48 6.77
N VAL E 97 33.23 69.28 5.71
CA VAL E 97 34.20 69.29 4.63
C VAL E 97 34.67 70.71 4.39
N PHE E 98 35.99 70.89 4.32
CA PHE E 98 36.59 72.17 3.99
C PHE E 98 37.86 71.93 3.20
N GLY E 99 38.00 72.65 2.09
CA GLY E 99 39.17 72.49 1.24
C GLY E 99 40.21 73.56 1.47
N LEU E 100 41.40 73.15 1.92
CA LEU E 100 42.49 74.07 2.20
C LEU E 100 43.59 73.85 1.18
N THR E 101 43.99 74.91 0.49
CA THR E 101 45.01 74.82 -0.54
C THR E 101 45.69 76.18 -0.66
N ALA E 102 46.50 76.36 -1.70
CA ALA E 102 47.18 77.61 -1.97
C ALA E 102 46.72 78.17 -3.30
N ASN E 103 46.37 79.46 -3.30
CA ASN E 103 45.90 80.13 -4.50
C ASN E 103 47.00 80.32 -5.52
N SER E 104 48.22 80.63 -5.08
CA SER E 104 49.35 80.80 -5.98
C SER E 104 49.74 79.43 -6.52
N ASP E 105 49.32 79.12 -7.75
CA ASP E 105 49.50 77.79 -8.31
C ASP E 105 50.97 77.43 -8.43
N THR E 106 51.71 78.14 -9.28
CA THR E 106 53.11 77.82 -9.50
C THR E 106 53.99 79.07 -9.47
N HIS E 107 53.41 80.22 -9.77
CA HIS E 107 54.17 81.47 -9.82
C HIS E 107 54.50 81.92 -8.40
N LEU E 108 55.68 81.52 -7.93
CA LEU E 108 56.14 81.88 -6.60
C LEU E 108 57.59 82.34 -6.67
N LEU E 109 57.97 83.19 -5.72
CA LEU E 109 59.34 83.70 -5.65
C LEU E 109 59.86 83.67 -4.22
N GLN E 110 61.03 84.25 -3.99
CA GLN E 110 61.65 84.30 -2.68
C GLN E 110 61.58 85.72 -2.14
N GLY E 111 61.13 85.86 -0.89
CA GLY E 111 60.96 87.16 -0.28
C GLY E 111 59.56 87.71 -0.32
N GLN E 112 58.57 86.92 -0.71
CA GLN E 112 57.18 87.34 -0.78
C GLN E 112 56.36 86.60 0.26
N SER E 113 55.11 87.02 0.40
CA SER E 113 54.19 86.42 1.37
C SER E 113 53.34 85.35 0.70
N LEU E 114 52.99 84.33 1.48
CA LEU E 114 52.15 83.23 1.02
C LEU E 114 50.85 83.21 1.81
N THR E 115 49.74 83.13 1.08
CA THR E 115 48.41 83.09 1.68
C THR E 115 47.69 81.82 1.22
N LEU E 116 46.99 81.18 2.14
CA LEU E 116 46.25 79.96 1.85
C LEU E 116 44.76 80.25 1.77
N THR E 117 44.07 79.43 0.99
CA THR E 117 42.63 79.56 0.78
C THR E 117 41.94 78.35 1.40
N LEU E 118 41.01 78.62 2.33
CA LEU E 118 40.22 77.59 2.98
C LEU E 118 38.75 77.82 2.64
N GLU E 119 38.12 76.79 2.08
CA GLU E 119 36.70 76.81 1.75
C GLU E 119 35.99 75.86 2.72
N SER E 120 35.49 76.42 3.82
CA SER E 120 34.78 75.66 4.82
C SER E 120 33.27 75.83 4.66
N PRO E 121 32.48 74.89 5.16
CA PRO E 121 31.03 74.99 5.03
C PRO E 121 30.50 76.24 5.70
N PRO E 122 29.50 76.90 5.11
CA PRO E 122 28.92 78.09 5.74
C PRO E 122 28.20 77.72 7.02
N GLY E 123 28.75 78.16 8.15
CA GLY E 123 28.20 77.86 9.45
C GLY E 123 29.05 76.99 10.34
N SER E 124 30.37 76.96 10.13
CA SER E 124 31.27 76.17 10.96
C SER E 124 32.56 76.95 11.15
N SER E 125 33.25 76.66 12.26
CA SER E 125 34.45 77.40 12.65
C SER E 125 35.57 76.43 12.99
N PRO E 126 36.11 75.72 12.01
CA PRO E 126 37.31 74.91 12.25
C PRO E 126 38.53 75.79 12.47
N SER E 127 39.52 75.22 13.16
CA SER E 127 40.75 75.93 13.50
C SER E 127 41.91 75.30 12.76
N VAL E 128 42.62 76.09 11.97
CA VAL E 128 43.73 75.61 11.16
C VAL E 128 45.00 75.62 12.01
N GLN E 129 45.55 74.44 12.26
CA GLN E 129 46.80 74.27 13.01
C GLN E 129 47.87 73.90 11.98
N CYS E 130 48.57 74.91 11.49
CA CYS E 130 49.57 74.69 10.46
C CYS E 130 50.86 74.13 11.05
N ARG E 131 51.66 73.50 10.18
CA ARG E 131 52.93 72.93 10.56
C ARG E 131 53.86 73.03 9.36
N SER E 132 55.11 73.40 9.61
CA SER E 132 56.07 73.63 8.54
C SER E 132 57.37 72.89 8.81
N PRO E 133 58.08 72.48 7.76
CA PRO E 133 59.35 71.76 7.99
C PRO E 133 60.34 72.54 8.82
N ARG E 134 60.38 73.86 8.69
CA ARG E 134 61.27 74.69 9.48
C ARG E 134 60.73 75.00 10.86
N GLY E 135 59.68 74.32 11.30
CA GLY E 135 59.10 74.56 12.60
C GLY E 135 58.12 75.70 12.68
N LYS E 136 57.67 76.23 11.54
CA LYS E 136 56.73 77.35 11.52
C LYS E 136 55.34 76.84 11.89
N ASN E 137 55.10 76.75 13.20
CA ASN E 137 53.82 76.28 13.72
C ASN E 137 52.87 77.46 13.90
N ILE E 138 52.40 77.97 12.77
CA ILE E 138 51.45 79.08 12.76
C ILE E 138 50.09 78.56 13.20
N GLN E 139 49.57 79.11 14.29
CA GLN E 139 48.30 78.68 14.86
C GLN E 139 47.24 79.74 14.62
N GLY E 140 46.08 79.30 14.14
CA GLY E 140 44.99 80.22 13.86
C GLY E 140 43.71 79.47 13.61
N GLY E 141 42.65 80.23 13.32
CA GLY E 141 41.35 79.65 13.05
C GLY E 141 41.19 79.18 11.62
N LYS E 142 40.03 79.48 11.03
CA LYS E 142 39.78 79.05 9.65
C LYS E 142 40.76 79.71 8.68
N THR E 143 41.07 80.99 8.90
CA THR E 143 41.91 81.75 7.98
C THR E 143 43.32 81.86 8.54
N LEU E 144 44.31 81.56 7.70
CA LEU E 144 45.71 81.68 8.06
C LEU E 144 46.48 82.29 6.91
N SER E 145 47.58 82.95 7.23
CA SER E 145 48.42 83.61 6.23
C SER E 145 49.87 83.55 6.66
N VAL E 146 50.76 83.68 5.68
CA VAL E 146 52.20 83.70 5.91
C VAL E 146 52.80 84.86 5.12
N SER E 147 53.66 85.63 5.78
CA SER E 147 54.28 86.80 5.17
C SER E 147 55.63 86.51 4.53
N GLN E 148 56.16 85.30 4.70
CA GLN E 148 57.47 84.95 4.15
C GLN E 148 57.35 83.66 3.36
N LEU E 149 58.07 83.59 2.24
CA LEU E 149 58.09 82.40 1.39
C LEU E 149 59.42 82.39 0.64
N GLU E 150 60.31 81.49 1.03
CA GLU E 150 61.64 81.44 0.43
C GLU E 150 62.07 80.01 0.15
N LEU E 151 63.33 79.84 -0.26
CA LEU E 151 63.83 78.51 -0.59
C LEU E 151 63.83 77.59 0.63
N GLN E 152 64.22 78.13 1.79
CA GLN E 152 64.31 77.31 2.99
C GLN E 152 62.95 76.73 3.40
N ASP E 153 61.85 77.31 2.92
CA ASP E 153 60.51 76.83 3.25
C ASP E 153 59.94 75.91 2.17
N SER E 154 60.79 75.14 1.50
CA SER E 154 60.31 74.25 0.46
C SER E 154 59.55 73.07 1.06
N GLY E 155 58.77 72.41 0.23
CA GLY E 155 57.97 71.28 0.66
C GLY E 155 56.57 71.69 1.06
N THR E 156 55.62 70.78 0.85
CA THR E 156 54.23 71.04 1.18
C THR E 156 54.06 71.11 2.69
N TRP E 157 53.85 72.31 3.22
CA TRP E 157 53.66 72.47 4.65
C TRP E 157 52.48 71.63 5.14
N THR E 158 52.71 70.89 6.23
CA THR E 158 51.68 70.01 6.78
C THR E 158 50.84 70.78 7.79
N CYS E 159 50.14 71.79 7.27
CA CYS E 159 49.26 72.62 8.09
C CYS E 159 47.90 71.94 8.17
N THR E 160 47.71 71.13 9.22
CA THR E 160 46.45 70.43 9.40
C THR E 160 45.36 71.39 9.84
N VAL E 161 44.13 70.87 9.93
CA VAL E 161 43.00 71.64 10.44
C VAL E 161 42.23 70.77 11.41
N LEU E 162 42.05 71.24 12.64
CA LEU E 162 41.35 70.53 13.67
C LEU E 162 40.14 71.34 14.14
N GLN E 163 39.07 70.62 14.47
CA GLN E 163 37.88 71.22 15.05
C GLN E 163 37.19 70.15 15.88
N ASN E 164 36.64 70.56 17.03
CA ASN E 164 35.92 69.64 17.92
C ASN E 164 36.75 68.41 18.24
N GLN E 165 38.05 68.62 18.43
CA GLN E 165 39.01 67.59 18.84
C GLN E 165 39.42 66.65 17.71
N LYS E 166 38.88 66.84 16.50
CA LYS E 166 39.20 65.97 15.38
C LYS E 166 39.94 66.77 14.32
N LYS E 167 41.09 66.25 13.88
CA LYS E 167 41.95 66.97 12.95
C LYS E 167 42.18 66.16 11.69
N VAL E 168 42.28 66.87 10.56
CA VAL E 168 42.58 66.28 9.26
C VAL E 168 43.81 66.97 8.70
N GLU E 169 44.76 66.18 8.19
CA GLU E 169 46.01 66.71 7.66
C GLU E 169 45.85 67.12 6.20
N PHE E 170 46.30 68.32 5.89
CA PHE E 170 46.33 68.84 4.53
C PHE E 170 47.77 69.21 4.16
N LYS E 171 47.97 69.52 2.88
CA LYS E 171 49.27 69.93 2.37
C LYS E 171 49.10 71.14 1.47
N ILE E 172 50.15 71.94 1.37
CA ILE E 172 50.16 73.17 0.58
C ILE E 172 51.23 73.05 -0.48
N ASP E 173 50.85 73.32 -1.73
CA ASP E 173 51.79 73.25 -2.85
C ASP E 173 52.74 74.45 -2.78
N ILE E 174 54.04 74.17 -2.68
CA ILE E 174 55.07 75.20 -2.62
C ILE E 174 56.09 74.92 -3.71
N VAL E 175 56.22 75.84 -4.66
CA VAL E 175 57.16 75.74 -5.75
C VAL E 175 57.89 77.07 -5.89
N VAL E 176 59.22 77.02 -5.86
CA VAL E 176 60.03 78.22 -6.01
C VAL E 176 61.28 77.92 -6.82
N ALA F 37 6.16 2.91 63.69
CA ALA F 37 4.80 3.21 64.10
C ALA F 37 3.88 2.03 63.85
N LYS F 38 3.14 2.08 62.75
CA LYS F 38 2.21 1.01 62.39
C LYS F 38 2.13 0.95 60.87
N LYS F 39 2.73 -0.09 60.28
CA LYS F 39 2.76 -0.25 58.84
C LYS F 39 1.42 -0.76 58.32
N TRP F 40 1.13 -0.46 57.07
CA TRP F 40 -0.07 -0.96 56.41
C TRP F 40 0.23 -1.19 54.93
N VAL F 41 -0.45 -2.17 54.35
CA VAL F 41 -0.23 -2.52 52.94
C VAL F 41 -0.90 -1.50 52.05
N THR F 42 -0.29 -1.22 50.90
CA THR F 42 -0.84 -0.27 49.95
C THR F 42 -0.44 -0.71 48.53
N VAL F 43 -1.36 -0.53 47.59
CA VAL F 43 -1.18 -0.97 46.22
C VAL F 43 -0.88 0.25 45.36
N TYR F 44 0.17 0.15 44.54
CA TYR F 44 0.53 1.19 43.58
C TYR F 44 0.21 0.71 42.16
N TYR F 45 0.38 1.62 41.21
CA TYR F 45 0.11 1.31 39.81
C TYR F 45 1.22 1.88 38.94
N GLY F 46 1.52 1.20 37.84
CA GLY F 46 2.55 1.64 36.93
C GLY F 46 3.97 1.26 37.30
N VAL F 47 4.15 0.45 38.33
CA VAL F 47 5.52 0.10 38.75
C VAL F 47 6.21 -0.65 37.60
N PRO F 48 7.49 -0.37 37.32
CA PRO F 48 8.18 -1.05 36.23
C PRO F 48 8.67 -2.42 36.65
N VAL F 49 8.19 -3.46 35.98
CA VAL F 49 8.64 -4.83 36.21
C VAL F 49 8.58 -5.57 34.88
N TRP F 50 9.41 -6.62 34.76
CA TRP F 50 9.48 -7.40 33.53
C TRP F 50 9.26 -8.87 33.83
N LYS F 51 9.07 -9.63 32.75
CA LYS F 51 8.90 -11.07 32.81
C LYS F 51 9.32 -11.63 31.45
N GLU F 52 9.00 -12.90 31.20
CA GLU F 52 9.28 -13.53 29.92
C GLU F 52 8.02 -14.24 29.43
N ALA F 53 7.83 -14.23 28.11
CA ALA F 53 6.66 -14.84 27.47
C ALA F 53 7.12 -15.76 26.36
N THR F 54 6.15 -16.34 25.66
CA THR F 54 6.42 -17.27 24.57
C THR F 54 5.55 -16.93 23.36
N THR F 55 5.54 -15.65 22.99
CA THR F 55 4.68 -15.17 21.92
C THR F 55 5.26 -15.59 20.57
N THR F 56 4.64 -15.13 19.48
CA THR F 56 5.07 -15.41 18.13
C THR F 56 5.77 -14.20 17.54
N LEU F 57 6.38 -14.40 16.37
CA LEU F 57 7.11 -13.34 15.69
C LEU F 57 6.93 -13.48 14.18
N PHE F 58 6.86 -12.35 13.49
CA PHE F 58 6.64 -12.33 12.05
C PHE F 58 7.91 -11.91 11.33
N CYS F 59 8.12 -12.47 10.15
CA CYS F 59 9.30 -12.16 9.36
C CYS F 59 9.25 -10.72 8.87
N ALA F 60 10.43 -10.11 8.74
CA ALA F 60 10.55 -8.74 8.25
C ALA F 60 11.83 -8.67 7.41
N SER F 61 11.68 -8.72 6.09
CA SER F 61 12.81 -8.72 5.18
C SER F 61 12.54 -7.77 4.03
N ASP F 62 13.62 -7.27 3.43
CA ASP F 62 13.53 -6.37 2.28
C ASP F 62 13.53 -7.22 1.01
N ALA F 63 12.34 -7.53 0.51
CA ALA F 63 12.20 -8.37 -0.67
C ALA F 63 12.44 -7.55 -1.93
N LYS F 64 12.23 -8.17 -3.09
CA LYS F 64 12.40 -7.51 -4.38
C LYS F 64 11.16 -7.56 -5.24
N ALA F 65 10.45 -8.69 -5.24
CA ALA F 65 9.18 -8.88 -5.94
C ALA F 65 9.32 -8.94 -7.45
N TYR F 66 10.56 -8.98 -7.97
CA TYR F 66 10.74 -9.05 -9.42
C TYR F 66 11.69 -10.18 -9.81
N ASP F 67 12.63 -10.52 -8.93
CA ASP F 67 13.63 -11.51 -9.25
C ASP F 67 13.08 -12.93 -9.07
N THR F 68 13.84 -13.90 -9.57
CA THR F 68 13.46 -15.31 -9.50
C THR F 68 13.85 -15.96 -8.18
N GLU F 69 14.53 -15.24 -7.29
CA GLU F 69 14.95 -15.81 -6.02
C GLU F 69 13.76 -16.34 -5.25
N VAL F 70 13.88 -17.57 -4.75
CA VAL F 70 12.80 -18.17 -3.98
C VAL F 70 12.61 -17.44 -2.66
N HIS F 71 13.69 -16.98 -2.04
CA HIS F 71 13.57 -16.25 -0.79
C HIS F 71 12.75 -14.98 -0.98
N ASN F 72 13.02 -14.23 -2.05
CA ASN F 72 12.27 -13.01 -2.31
C ASN F 72 10.80 -13.30 -2.56
N VAL F 73 10.52 -14.37 -3.31
CA VAL F 73 9.12 -14.74 -3.59
C VAL F 73 8.40 -15.09 -2.30
N TRP F 74 9.04 -15.89 -1.44
CA TRP F 74 8.42 -16.26 -0.17
C TRP F 74 8.20 -15.04 0.72
N ALA F 75 9.18 -14.14 0.77
CA ALA F 75 9.02 -12.93 1.58
C ALA F 75 7.87 -12.07 1.07
N THR F 76 7.78 -11.91 -0.26
CA THR F 76 6.68 -11.14 -0.82
C THR F 76 5.34 -11.78 -0.52
N HIS F 77 5.26 -13.11 -0.64
CA HIS F 77 4.01 -13.80 -0.32
C HIS F 77 3.69 -13.68 1.18
N ALA F 78 4.70 -13.82 2.04
CA ALA F 78 4.49 -13.69 3.48
C ALA F 78 5.77 -13.10 4.09
N CYS F 79 5.76 -11.78 4.25
CA CYS F 79 6.79 -10.98 4.94
C CYS F 79 6.39 -9.52 4.79
N VAL F 80 7.14 -8.66 5.46
CA VAL F 80 6.83 -7.22 5.46
C VAL F 80 8.09 -6.42 5.12
N PRO F 81 7.96 -5.27 4.47
CA PRO F 81 9.13 -4.43 4.21
C PRO F 81 9.80 -3.98 5.49
N THR F 82 11.11 -3.79 5.41
CA THR F 82 11.90 -3.42 6.58
C THR F 82 11.44 -2.09 7.15
N ASP F 83 11.76 -1.88 8.42
CA ASP F 83 11.38 -0.64 9.09
C ASP F 83 12.15 0.52 8.48
N PRO F 84 11.51 1.68 8.26
CA PRO F 84 12.21 2.82 7.68
C PRO F 84 13.12 3.52 8.67
N ASN F 85 12.78 3.47 9.96
CA ASN F 85 13.58 4.15 10.97
C ASN F 85 13.42 3.47 12.33
N PRO F 86 14.51 2.96 12.92
CA PRO F 86 14.43 2.36 14.25
C PRO F 86 14.77 3.35 15.35
N GLN F 87 14.36 3.00 16.56
CA GLN F 87 14.64 3.80 17.75
C GLN F 87 15.12 2.90 18.87
N GLU F 88 16.03 3.42 19.69
CA GLU F 88 16.61 2.67 20.80
C GLU F 88 16.71 3.57 22.01
N ILE F 89 16.05 3.20 23.10
CA ILE F 89 16.16 3.94 24.36
C ILE F 89 17.23 3.29 25.21
N VAL F 90 18.19 4.08 25.67
CA VAL F 90 19.28 3.59 26.51
C VAL F 90 18.87 3.74 27.96
N LEU F 91 18.70 2.61 28.64
CA LEU F 91 18.26 2.60 30.03
C LEU F 91 19.43 2.92 30.96
N GLY F 92 19.13 3.10 32.24
CA GLY F 92 20.12 3.41 33.24
C GLY F 92 20.89 2.20 33.69
N ASN F 93 21.52 2.32 34.86
CA ASN F 93 22.33 1.24 35.42
C ASN F 93 21.45 0.12 35.98
N VAL F 94 20.75 -0.55 35.06
CA VAL F 94 19.92 -1.69 35.40
C VAL F 94 20.68 -2.97 35.07
N THR F 95 20.22 -4.08 35.63
CA THR F 95 20.88 -5.36 35.47
C THR F 95 19.86 -6.43 35.11
N GLU F 96 20.29 -7.42 34.34
CA GLU F 96 19.44 -8.54 33.95
C GLU F 96 20.32 -9.78 33.76
N ASN F 97 19.68 -10.93 33.83
CA ASN F 97 20.35 -12.22 33.67
C ASN F 97 19.93 -12.83 32.34
N PHE F 98 20.78 -12.67 31.32
CA PHE F 98 20.51 -13.22 30.00
C PHE F 98 21.10 -14.63 29.92
N ASN F 99 20.23 -15.64 29.99
CA ASN F 99 20.65 -17.00 29.73
C ASN F 99 20.48 -17.31 28.25
N MET F 100 21.51 -17.93 27.67
CA MET F 100 21.57 -18.13 26.22
C MET F 100 21.14 -19.52 25.79
N TRP F 101 21.56 -20.55 26.51
CA TRP F 101 21.30 -21.93 26.08
C TRP F 101 19.90 -22.41 26.41
N LYS F 102 19.09 -21.61 27.11
CA LYS F 102 17.71 -21.96 27.42
C LYS F 102 16.72 -21.01 26.76
N ASN F 103 17.16 -20.17 25.83
CA ASN F 103 16.27 -19.23 25.18
C ASN F 103 15.23 -19.98 24.34
N ASN F 104 14.08 -19.34 24.15
CA ASN F 104 12.99 -19.92 23.39
C ASN F 104 12.88 -19.37 21.98
N MET F 105 13.63 -18.33 21.64
CA MET F 105 13.54 -17.74 20.31
C MET F 105 14.11 -18.67 19.24
N VAL F 106 15.08 -19.52 19.58
CA VAL F 106 15.75 -20.32 18.57
C VAL F 106 14.77 -21.24 17.87
N GLU F 107 13.90 -21.91 18.64
CA GLU F 107 12.99 -22.87 18.04
C GLU F 107 12.09 -22.23 16.99
N GLN F 108 11.69 -20.98 17.19
CA GLN F 108 10.84 -20.32 16.20
C GLN F 108 11.55 -20.23 14.85
N MET F 109 12.80 -19.76 14.85
CA MET F 109 13.54 -19.67 13.59
C MET F 109 13.83 -21.05 13.02
N HIS F 110 14.11 -22.03 13.89
CA HIS F 110 14.42 -23.37 13.41
C HIS F 110 13.21 -23.99 12.70
N GLU F 111 12.01 -23.75 13.23
CA GLU F 111 10.81 -24.30 12.61
C GLU F 111 10.22 -23.39 11.55
N ASP F 112 10.78 -22.18 11.37
CA ASP F 112 10.40 -21.35 10.24
C ASP F 112 11.28 -21.56 9.03
N ILE F 113 12.56 -21.89 9.24
CA ILE F 113 13.46 -22.16 8.12
C ILE F 113 13.07 -23.44 7.41
N ILE F 114 12.58 -24.42 8.16
CA ILE F 114 12.22 -25.72 7.58
C ILE F 114 11.16 -25.53 6.49
N SER F 115 10.20 -24.66 6.72
CA SER F 115 9.17 -24.41 5.71
C SER F 115 9.76 -23.73 4.48
N LEU F 116 10.69 -22.79 4.69
CA LEU F 116 11.31 -22.10 3.56
C LEU F 116 12.09 -23.09 2.69
N TRP F 117 12.84 -24.00 3.30
CA TRP F 117 13.54 -25.02 2.53
C TRP F 117 12.58 -25.95 1.81
N ASP F 118 11.31 -25.99 2.21
CA ASP F 118 10.33 -26.85 1.58
C ASP F 118 9.64 -26.18 0.40
N GLN F 119 10.02 -24.96 0.04
CA GLN F 119 9.44 -24.25 -1.09
C GLN F 119 10.46 -23.73 -2.08
N SER F 120 11.75 -23.98 -1.85
CA SER F 120 12.81 -23.47 -2.73
C SER F 120 13.53 -24.60 -3.46
N LEU F 121 14.08 -25.56 -2.73
CA LEU F 121 14.83 -26.67 -3.32
C LEU F 121 14.03 -27.95 -3.07
N LYS F 122 13.10 -28.24 -3.96
CA LYS F 122 12.26 -29.42 -3.82
C LYS F 122 13.03 -30.67 -4.21
N PRO F 123 12.95 -31.75 -3.44
CA PRO F 123 13.63 -32.99 -3.82
C PRO F 123 12.82 -33.79 -4.83
N CYS F 124 13.54 -34.51 -5.69
CA CYS F 124 12.87 -35.34 -6.69
C CYS F 124 12.21 -36.55 -6.06
N VAL F 125 12.90 -37.22 -5.14
CA VAL F 125 12.37 -38.38 -4.43
C VAL F 125 12.63 -38.16 -2.94
N LYS F 126 11.56 -38.14 -2.15
CA LYS F 126 11.64 -37.92 -0.71
C LYS F 126 11.29 -39.23 -0.02
N LEU F 127 12.28 -39.83 0.64
CA LEU F 127 12.11 -41.11 1.30
C LEU F 127 12.26 -40.92 2.81
N THR F 128 11.25 -41.32 3.57
CA THR F 128 11.27 -41.22 5.01
C THR F 128 10.72 -42.49 5.63
N PRO F 129 11.18 -42.85 6.83
CA PRO F 129 10.63 -44.02 7.52
C PRO F 129 9.21 -43.78 7.98
N LEU F 130 8.47 -44.88 8.15
CA LEU F 130 7.10 -44.82 8.65
C LEU F 130 6.80 -46.12 9.39
N CYS F 131 6.46 -46.00 10.67
CA CYS F 131 6.19 -47.15 11.50
C CYS F 131 4.71 -47.19 11.90
N VAL F 132 4.29 -48.30 12.49
CA VAL F 132 2.93 -48.49 12.97
C VAL F 132 2.98 -48.83 14.46
N THR F 133 2.02 -48.32 15.21
CA THR F 133 1.99 -48.48 16.66
C THR F 133 1.83 -49.95 17.01
N LEU F 134 2.91 -50.57 17.50
CA LEU F 134 2.90 -51.96 17.92
C LEU F 134 3.94 -52.15 19.00
N ASN F 135 3.51 -52.60 20.18
CA ASN F 135 4.43 -52.84 21.28
C ASN F 135 5.25 -54.11 21.03
N CYS F 136 6.51 -54.08 21.44
CA CYS F 136 7.39 -55.22 21.27
C CYS F 136 8.38 -55.34 22.43
N LEU F 209 10.56 -55.41 17.12
CA LEU F 209 10.25 -55.50 15.70
C LEU F 209 8.86 -54.94 15.41
N ILE F 210 8.71 -53.62 15.62
CA ILE F 210 7.43 -52.97 15.35
C ILE F 210 7.26 -52.76 13.85
N ASN F 211 6.01 -52.64 13.42
CA ASN F 211 5.72 -52.37 12.02
C ASN F 211 6.42 -51.09 11.58
N CYS F 212 7.34 -51.20 10.63
CA CYS F 212 8.11 -50.06 10.17
C CYS F 212 8.37 -50.23 8.68
N ASN F 213 7.93 -49.26 7.88
CA ASN F 213 8.09 -49.30 6.44
C ASN F 213 8.53 -47.93 5.94
N THR F 214 8.90 -47.87 4.67
CA THR F 214 9.39 -46.64 4.06
C THR F 214 8.38 -46.15 3.02
N SER F 215 7.98 -44.89 3.14
CA SER F 215 7.03 -44.27 2.24
C SER F 215 7.75 -43.28 1.35
N VAL F 216 7.50 -43.36 0.04
CA VAL F 216 8.20 -42.57 -0.96
C VAL F 216 7.20 -41.77 -1.77
N ILE F 217 7.51 -40.49 -2.00
CA ILE F 217 6.71 -39.63 -2.86
C ILE F 217 7.66 -38.96 -3.86
N THR F 218 7.08 -38.11 -4.70
CA THR F 218 7.85 -37.39 -5.70
C THR F 218 7.29 -35.99 -5.88
N GLN F 219 8.06 -35.15 -6.57
CA GLN F 219 7.66 -33.78 -6.85
C GLN F 219 8.44 -33.28 -8.05
N ALA F 220 7.93 -32.21 -8.66
CA ALA F 220 8.61 -31.61 -9.80
C ALA F 220 9.97 -31.06 -9.38
N CYS F 221 10.91 -31.11 -10.32
CA CYS F 221 12.29 -30.69 -10.07
C CYS F 221 12.71 -29.69 -11.15
N PRO F 222 12.09 -28.51 -11.18
CA PRO F 222 12.54 -27.45 -12.10
C PRO F 222 13.71 -26.69 -11.48
N LYS F 223 14.85 -26.71 -12.16
CA LYS F 223 16.04 -26.07 -11.62
C LYS F 223 15.77 -24.59 -11.36
N VAL F 224 16.19 -24.12 -10.19
CA VAL F 224 15.96 -22.75 -9.76
C VAL F 224 17.17 -22.27 -8.96
N SER F 225 17.43 -20.96 -9.03
CA SER F 225 18.54 -20.36 -8.31
C SER F 225 18.24 -20.32 -6.82
N PHE F 226 19.27 -19.98 -6.04
CA PHE F 226 19.15 -19.94 -4.59
C PHE F 226 20.22 -19.03 -4.02
N GLU F 227 19.80 -18.00 -3.29
CA GLU F 227 20.72 -17.08 -2.65
C GLU F 227 20.14 -16.59 -1.32
N PRO F 228 20.84 -16.80 -0.21
CA PRO F 228 20.32 -16.36 1.09
C PRO F 228 20.12 -14.86 1.13
N ILE F 229 19.10 -14.43 1.86
CA ILE F 229 18.77 -13.02 1.99
C ILE F 229 18.67 -12.65 3.46
N PRO F 230 19.01 -11.42 3.84
CA PRO F 230 18.86 -11.01 5.24
C PRO F 230 17.39 -10.97 5.65
N ILE F 231 17.15 -11.27 6.92
CA ILE F 231 15.80 -11.31 7.47
C ILE F 231 15.82 -10.69 8.86
N HIS F 232 14.76 -9.94 9.18
CA HIS F 232 14.62 -9.31 10.48
C HIS F 232 13.43 -9.93 11.22
N TYR F 233 13.60 -10.14 12.52
CA TYR F 233 12.55 -10.65 13.39
C TYR F 233 12.02 -9.51 14.27
N CYS F 234 10.69 -9.37 14.31
CA CYS F 234 10.04 -8.32 15.07
C CYS F 234 8.96 -8.92 15.95
N ALA F 235 8.78 -8.34 17.14
CA ALA F 235 7.77 -8.81 18.06
C ALA F 235 6.43 -8.14 17.78
N PRO F 236 5.32 -8.78 18.18
CA PRO F 236 4.00 -8.19 17.92
C PRO F 236 3.71 -7.03 18.85
N ALA F 237 2.50 -6.48 18.77
CA ALA F 237 2.13 -5.32 19.59
C ALA F 237 1.77 -5.77 20.99
N GLY F 238 2.63 -5.48 21.95
CA GLY F 238 2.36 -5.80 23.34
C GLY F 238 3.56 -6.33 24.10
N PHE F 239 4.67 -6.55 23.39
CA PHE F 239 5.86 -7.14 23.97
C PHE F 239 7.09 -6.33 23.54
N ALA F 240 8.19 -6.52 24.25
CA ALA F 240 9.40 -5.75 23.99
C ALA F 240 10.60 -6.68 23.98
N ILE F 241 11.68 -6.20 23.37
CA ILE F 241 12.92 -6.94 23.25
C ILE F 241 14.04 -6.15 23.91
N LEU F 242 14.79 -6.82 24.78
CA LEU F 242 15.94 -6.20 25.44
C LEU F 242 17.21 -6.46 24.63
N LYS F 243 18.33 -5.91 25.09
CA LYS F 243 19.61 -6.18 24.47
C LYS F 243 20.76 -5.69 25.34
N CYS F 244 21.80 -6.51 25.50
CA CYS F 244 22.98 -6.08 26.23
C CYS F 244 23.99 -5.45 25.28
N ASN F 245 25.00 -4.79 25.87
CA ASN F 245 26.02 -4.13 25.07
C ASN F 245 27.43 -4.36 25.62
N SER F 246 27.60 -5.21 26.63
CA SER F 246 28.93 -5.48 27.16
C SER F 246 29.79 -6.14 26.10
N LYS F 247 31.11 -5.93 26.22
CA LYS F 247 32.03 -6.42 25.20
C LYS F 247 32.38 -7.89 25.36
N THR F 248 32.09 -8.49 26.53
CA THR F 248 32.38 -9.91 26.75
C THR F 248 31.11 -10.72 26.94
N PHE F 249 30.27 -10.36 27.91
CA PHE F 249 28.99 -11.03 28.14
C PHE F 249 29.18 -12.40 28.80
N ASN F 250 30.42 -12.85 28.91
CA ASN F 250 30.77 -14.03 29.69
C ASN F 250 30.01 -15.28 29.22
N GLY F 251 29.23 -15.16 28.15
CA GLY F 251 28.35 -16.24 27.77
C GLY F 251 26.95 -16.07 28.32
N SER F 252 26.68 -16.68 29.47
CA SER F 252 25.37 -16.60 30.13
C SER F 252 25.47 -15.82 31.45
N GLY F 253 26.20 -14.72 31.45
CA GLY F 253 26.36 -13.91 32.62
C GLY F 253 25.69 -12.56 32.49
N PRO F 254 25.32 -11.95 33.62
CA PRO F 254 24.62 -10.68 33.57
C PRO F 254 25.49 -9.57 33.00
N CYS F 255 24.84 -8.62 32.33
CA CYS F 255 25.49 -7.43 31.80
C CYS F 255 25.04 -6.22 32.63
N THR F 256 25.50 -5.03 32.23
CA THR F 256 25.18 -3.83 32.98
C THR F 256 24.60 -2.72 32.10
N ASN F 257 25.01 -2.69 30.83
CA ASN F 257 24.57 -1.66 29.89
C ASN F 257 23.55 -2.29 28.94
N VAL F 258 22.28 -2.25 29.35
CA VAL F 258 21.20 -2.85 28.57
C VAL F 258 20.35 -1.73 27.98
N SER F 259 19.74 -2.03 26.84
CA SER F 259 18.86 -1.09 26.16
C SER F 259 17.75 -1.86 25.46
N THR F 260 16.63 -1.18 25.23
CA THR F 260 15.47 -1.78 24.57
C THR F 260 15.53 -1.55 23.07
N VAL F 261 14.97 -2.49 22.32
CA VAL F 261 14.87 -2.42 20.87
C VAL F 261 13.49 -2.87 20.45
N GLN F 262 13.25 -2.91 19.14
CA GLN F 262 11.99 -3.37 18.60
C GLN F 262 12.13 -4.39 17.48
N CYS F 263 13.27 -4.43 16.78
CA CYS F 263 13.49 -5.42 15.73
C CYS F 263 14.97 -5.74 15.68
N THR F 264 15.30 -7.03 15.61
CA THR F 264 16.68 -7.45 15.60
C THR F 264 17.35 -7.05 14.28
N HIS F 265 18.68 -7.06 14.30
CA HIS F 265 19.46 -6.68 13.13
C HIS F 265 19.38 -7.76 12.06
N GLY F 266 20.07 -7.53 10.95
CA GLY F 266 20.06 -8.45 9.84
C GLY F 266 20.62 -9.83 10.18
N ILE F 267 19.94 -10.87 9.71
CA ILE F 267 20.36 -12.25 9.96
C ILE F 267 20.40 -13.00 8.64
N ARG F 268 21.42 -13.83 8.46
CA ARG F 268 21.54 -14.63 7.25
C ARG F 268 21.30 -16.10 7.58
N PRO F 269 20.36 -16.75 6.90
CA PRO F 269 20.02 -18.13 7.25
C PRO F 269 20.99 -19.15 6.67
N VAL F 270 22.19 -18.69 6.27
CA VAL F 270 23.17 -19.59 5.68
C VAL F 270 23.39 -20.78 6.60
N VAL F 271 23.39 -21.98 6.02
CA VAL F 271 23.52 -23.22 6.76
C VAL F 271 24.80 -23.93 6.29
N SER F 272 25.63 -24.32 7.24
CA SER F 272 26.87 -25.04 6.95
C SER F 272 27.29 -25.78 8.21
N THR F 273 28.49 -26.37 8.16
CA THR F 273 29.01 -27.14 9.28
C THR F 273 30.52 -27.00 9.33
N GLN F 274 31.05 -26.91 10.56
CA GLN F 274 32.48 -26.88 10.80
C GLN F 274 33.09 -25.53 10.43
N LEU F 275 32.30 -24.66 9.81
CA LEU F 275 32.76 -23.31 9.47
C LEU F 275 31.53 -22.44 9.25
N LEU F 276 31.26 -21.54 10.19
CA LEU F 276 30.12 -20.65 10.06
C LEU F 276 30.37 -19.65 8.95
N LEU F 277 29.46 -19.57 7.99
CA LEU F 277 29.61 -18.72 6.82
C LEU F 277 29.27 -17.27 7.14
N ASN F 278 29.10 -16.45 6.10
CA ASN F 278 28.93 -15.00 6.24
C ASN F 278 28.10 -14.66 7.47
N GLY F 279 28.67 -13.83 8.34
CA GLY F 279 28.01 -13.44 9.57
C GLY F 279 28.71 -12.24 10.19
N SER F 280 28.03 -11.63 11.15
CA SER F 280 28.56 -10.44 11.79
C SER F 280 29.82 -10.75 12.59
N LEU F 281 30.73 -9.79 12.62
CA LEU F 281 31.99 -9.94 13.34
C LEU F 281 31.85 -9.50 14.80
N ALA F 282 32.82 -9.91 15.61
CA ALA F 282 32.81 -9.56 17.02
C ALA F 282 33.15 -8.08 17.20
N GLU F 283 33.21 -7.65 18.46
CA GLU F 283 33.46 -6.24 18.76
C GLU F 283 34.95 -5.91 18.72
N GLU F 284 35.73 -6.53 19.61
CA GLU F 284 37.14 -6.17 19.74
C GLU F 284 38.05 -7.39 19.66
N GLU F 285 37.60 -8.53 20.19
CA GLU F 285 38.45 -9.71 20.23
C GLU F 285 37.59 -10.96 20.10
N ILE F 286 38.23 -12.05 19.71
CA ILE F 286 37.53 -13.33 19.60
C ILE F 286 37.05 -13.76 20.97
N VAL F 287 35.84 -14.30 21.03
CA VAL F 287 35.21 -14.69 22.28
C VAL F 287 34.80 -16.15 22.20
N ILE F 288 34.94 -16.85 23.32
CA ILE F 288 34.64 -18.28 23.43
C ILE F 288 33.40 -18.45 24.30
N ARG F 289 32.42 -19.19 23.79
CA ARG F 289 31.20 -19.51 24.52
C ARG F 289 31.10 -21.01 24.72
N SER F 290 30.67 -21.40 25.92
CA SER F 290 30.57 -22.81 26.29
C SER F 290 29.63 -22.92 27.48
N GLU F 291 28.63 -23.80 27.37
CA GLU F 291 27.63 -23.92 28.43
C GLU F 291 28.28 -24.32 29.74
N ASN F 292 29.06 -25.40 29.74
CA ASN F 292 29.73 -25.88 30.95
C ASN F 292 30.97 -26.64 30.51
N ILE F 293 32.13 -26.00 30.61
CA ILE F 293 33.38 -26.65 30.22
C ILE F 293 33.68 -27.80 31.18
N THR F 294 34.61 -28.67 30.76
CA THR F 294 35.08 -29.81 31.54
C THR F 294 34.11 -30.97 31.53
N ASP F 295 33.19 -31.04 30.57
CA ASP F 295 32.28 -32.16 30.43
C ASP F 295 32.36 -32.83 29.06
N ASN F 296 33.22 -32.34 28.17
CA ASN F 296 33.45 -32.90 26.84
C ASN F 296 32.15 -33.38 26.20
N ALA F 297 31.08 -32.62 26.35
CA ALA F 297 29.80 -32.97 25.76
C ALA F 297 29.18 -31.82 24.96
N LYS F 298 29.38 -30.58 25.39
CA LYS F 298 28.75 -29.44 24.75
C LYS F 298 29.70 -28.79 23.76
N THR F 299 29.16 -28.46 22.58
CA THR F 299 29.96 -27.81 21.55
C THR F 299 30.40 -26.42 22.02
N ILE F 300 31.64 -26.07 21.68
CA ILE F 300 32.23 -24.79 22.07
C ILE F 300 32.22 -23.87 20.86
N ILE F 301 31.66 -22.68 21.02
CA ILE F 301 31.57 -21.70 19.95
C ILE F 301 32.70 -20.70 20.10
N VAL F 302 33.26 -20.25 18.98
CA VAL F 302 34.30 -19.22 18.97
C VAL F 302 33.93 -18.20 17.92
N GLN F 303 33.99 -16.92 18.28
CA GLN F 303 33.69 -15.83 17.37
C GLN F 303 34.94 -14.99 17.17
N LEU F 304 35.25 -14.68 15.92
CA LEU F 304 36.46 -13.97 15.56
C LEU F 304 36.19 -12.46 15.46
N ASN F 305 37.23 -11.70 15.13
CA ASN F 305 37.13 -10.26 14.98
C ASN F 305 37.47 -9.77 13.58
N GLU F 306 38.21 -10.57 12.80
CA GLU F 306 38.59 -10.20 11.44
C GLU F 306 38.11 -11.28 10.48
N ALA F 307 37.17 -10.91 9.61
CA ALA F 307 36.62 -11.87 8.66
C ALA F 307 37.71 -12.36 7.71
N VAL F 308 37.73 -13.66 7.46
CA VAL F 308 38.71 -14.26 6.56
C VAL F 308 38.04 -14.52 5.23
N GLU F 309 38.83 -14.55 4.16
CA GLU F 309 38.33 -14.75 2.81
C GLU F 309 38.51 -16.21 2.39
N ILE F 310 37.63 -16.67 1.51
CA ILE F 310 37.72 -18.02 0.96
C ILE F 310 37.09 -18.02 -0.43
N ASN F 311 37.68 -18.79 -1.34
CA ASN F 311 37.19 -18.84 -2.72
C ASN F 311 37.11 -20.28 -3.18
N CYS F 312 35.90 -20.76 -3.44
CA CYS F 312 35.68 -22.14 -3.88
C CYS F 312 35.00 -22.12 -5.24
N THR F 313 35.62 -22.78 -6.22
CA THR F 313 35.09 -22.73 -7.57
C THR F 313 35.35 -24.05 -8.29
N ARG F 314 34.51 -24.32 -9.28
CA ARG F 314 34.63 -25.53 -10.09
C ARG F 314 35.02 -25.20 -11.52
N ILE F 341 33.87 -32.15 -14.39
CA ILE F 341 32.47 -31.88 -14.11
C ILE F 341 32.17 -32.13 -12.64
N ARG F 342 32.86 -33.10 -12.04
CA ARG F 342 32.67 -33.46 -10.64
C ARG F 342 33.91 -33.13 -9.79
N GLN F 343 34.57 -32.02 -10.07
CA GLN F 343 35.74 -31.60 -9.33
C GLN F 343 35.70 -30.09 -9.13
N ALA F 344 36.26 -29.64 -8.01
CA ALA F 344 36.35 -28.21 -7.72
C ALA F 344 37.47 -28.00 -6.71
N HIS F 345 37.92 -26.75 -6.61
CA HIS F 345 39.02 -26.40 -5.74
C HIS F 345 38.66 -25.21 -4.87
N CYS F 346 39.17 -25.24 -3.64
CA CYS F 346 38.99 -24.18 -2.66
C CYS F 346 40.34 -23.58 -2.29
N ASN F 347 40.37 -22.25 -2.14
CA ASN F 347 41.58 -21.51 -1.84
C ASN F 347 41.35 -20.58 -0.67
N ILE F 348 42.39 -20.45 0.17
CA ILE F 348 42.36 -19.68 1.40
C ILE F 348 43.60 -18.81 1.46
N SER F 349 43.59 -17.84 2.38
CA SER F 349 44.69 -16.92 2.58
C SER F 349 45.44 -17.31 3.85
N LYS F 350 46.60 -17.94 3.68
CA LYS F 350 47.37 -18.40 4.83
C LYS F 350 47.88 -17.24 5.68
N ALA F 351 48.29 -16.15 5.05
CA ALA F 351 48.92 -15.06 5.78
C ALA F 351 48.01 -14.47 6.85
N ARG F 352 46.70 -14.64 6.72
CA ARG F 352 45.74 -14.21 7.73
C ARG F 352 45.28 -15.35 8.63
N TRP F 353 45.13 -16.54 8.06
CA TRP F 353 44.69 -17.69 8.84
C TRP F 353 45.69 -18.06 9.93
N ASN F 354 46.99 -17.95 9.65
CA ASN F 354 47.99 -18.24 10.67
C ASN F 354 47.80 -17.33 11.88
N GLU F 355 47.66 -16.03 11.64
CA GLU F 355 47.45 -15.09 12.74
C GLU F 355 46.14 -15.38 13.46
N THR F 356 45.08 -15.70 12.71
CA THR F 356 43.80 -15.99 13.35
C THR F 356 43.91 -17.19 14.28
N LEU F 357 44.56 -18.27 13.81
CA LEU F 357 44.72 -19.45 14.64
C LEU F 357 45.60 -19.16 15.84
N GLY F 358 46.66 -18.38 15.66
CA GLY F 358 47.49 -17.99 16.79
C GLY F 358 46.70 -17.24 17.84
N GLN F 359 45.87 -16.29 17.41
CA GLN F 359 45.04 -15.55 18.36
C GLN F 359 44.06 -16.46 19.07
N ILE F 360 43.45 -17.40 18.33
CA ILE F 360 42.50 -18.32 18.94
C ILE F 360 43.18 -19.17 20.00
N VAL F 361 44.38 -19.69 19.69
CA VAL F 361 45.09 -20.51 20.66
C VAL F 361 45.53 -19.68 21.86
N ALA F 362 45.89 -18.42 21.63
CA ALA F 362 46.23 -17.54 22.74
C ALA F 362 45.04 -17.34 23.66
N LYS F 363 43.86 -17.15 23.08
CA LYS F 363 42.65 -17.04 23.89
C LYS F 363 42.40 -18.33 24.66
N LEU F 364 42.59 -19.48 24.00
CA LEU F 364 42.32 -20.77 24.64
C LEU F 364 43.26 -21.01 25.81
N GLU F 365 44.54 -20.65 25.67
CA GLU F 365 45.54 -21.05 26.67
C GLU F 365 45.23 -20.52 28.06
N GLU F 366 44.43 -19.45 28.17
CA GLU F 366 44.10 -18.93 29.49
C GLU F 366 43.36 -19.97 30.32
N GLN F 367 42.38 -20.64 29.72
CA GLN F 367 41.64 -21.68 30.44
C GLN F 367 42.54 -22.87 30.75
N PHE F 368 43.45 -23.22 29.84
CA PHE F 368 44.29 -24.40 29.95
C PHE F 368 45.75 -23.96 29.86
N PRO F 369 46.33 -23.50 30.96
CA PRO F 369 47.72 -23.04 30.93
C PRO F 369 48.73 -24.17 30.99
N ASN F 370 48.39 -25.25 31.69
CA ASN F 370 49.34 -26.33 31.93
C ASN F 370 49.47 -27.26 30.74
N LYS F 371 48.34 -27.67 30.15
CA LYS F 371 48.37 -28.69 29.12
C LYS F 371 48.74 -28.08 27.76
N THR F 372 48.76 -28.92 26.74
CA THR F 372 49.18 -28.55 25.40
C THR F 372 47.99 -28.65 24.44
N ILE F 373 47.79 -27.60 23.65
CA ILE F 373 46.70 -27.57 22.69
C ILE F 373 47.08 -28.39 21.46
N ILE F 374 46.10 -29.07 20.87
CA ILE F 374 46.33 -29.87 19.67
C ILE F 374 45.05 -29.88 18.85
N PHE F 375 45.21 -29.95 17.53
CA PHE F 375 44.10 -30.09 16.61
C PHE F 375 44.26 -31.37 15.80
N ASN F 376 43.14 -31.84 15.25
CA ASN F 376 43.15 -33.09 14.49
C ASN F 376 41.94 -33.10 13.56
N HIS F 377 42.02 -33.95 12.54
CA HIS F 377 40.92 -34.08 11.59
C HIS F 377 39.72 -34.75 12.25
N SER F 378 38.55 -34.57 11.65
CA SER F 378 37.32 -35.13 12.18
C SER F 378 37.48 -36.63 12.42
N SER F 379 36.65 -37.17 13.31
CA SER F 379 36.77 -38.55 13.75
C SER F 379 35.81 -39.49 13.05
N GLY F 380 35.06 -39.01 12.07
CA GLY F 380 34.16 -39.86 11.30
C GLY F 380 32.70 -39.54 11.58
N GLY F 381 31.84 -40.36 11.00
CA GLY F 381 30.40 -40.20 11.11
C GLY F 381 29.72 -40.15 9.77
N ASP F 382 28.73 -39.28 9.62
CA ASP F 382 28.09 -39.08 8.33
C ASP F 382 28.98 -38.25 7.42
N PRO F 383 28.78 -38.33 6.11
CA PRO F 383 29.58 -37.50 5.20
C PRO F 383 29.28 -36.01 5.29
N GLU F 384 28.31 -35.61 6.11
CA GLU F 384 27.95 -34.22 6.27
C GLU F 384 28.50 -33.61 7.56
N ILE F 385 29.20 -34.40 8.37
CA ILE F 385 29.84 -33.89 9.58
C ILE F 385 31.33 -34.11 9.60
N VAL F 386 31.86 -35.05 8.81
CA VAL F 386 33.30 -35.28 8.77
C VAL F 386 33.99 -34.28 7.85
N THR F 387 33.23 -33.56 7.03
CA THR F 387 33.79 -32.63 6.07
C THR F 387 32.88 -31.42 5.93
N HIS F 388 33.48 -30.31 5.52
CA HIS F 388 32.72 -29.09 5.29
C HIS F 388 31.67 -29.31 4.22
N SER F 389 30.52 -28.67 4.37
CA SER F 389 29.43 -28.82 3.42
C SER F 389 28.63 -27.54 3.34
N PHE F 390 28.29 -27.14 2.13
CA PHE F 390 27.49 -25.93 1.93
C PHE F 390 26.87 -25.97 0.54
N ASN F 391 26.26 -24.86 0.12
CA ASN F 391 25.58 -24.79 -1.16
C ASN F 391 25.88 -23.49 -1.88
N CYS F 392 25.80 -23.55 -3.21
CA CYS F 392 25.89 -22.37 -4.08
C CYS F 392 24.89 -22.57 -5.20
N GLY F 393 23.75 -21.88 -5.11
CA GLY F 393 22.75 -21.89 -6.17
C GLY F 393 22.49 -23.26 -6.78
N GLY F 394 21.95 -24.17 -5.99
CA GLY F 394 21.71 -25.52 -6.48
C GLY F 394 22.96 -26.35 -6.68
N GLU F 395 24.04 -26.03 -5.98
CA GLU F 395 25.31 -26.74 -6.10
C GLU F 395 25.77 -27.11 -4.70
N PHE F 396 25.55 -28.36 -4.31
CA PHE F 396 25.84 -28.81 -2.95
C PHE F 396 27.27 -29.32 -2.89
N PHE F 397 28.15 -28.55 -2.25
CA PHE F 397 29.55 -28.90 -2.12
C PHE F 397 29.80 -29.62 -0.81
N TYR F 398 30.52 -30.74 -0.90
CA TYR F 398 31.05 -31.48 0.25
C TYR F 398 32.57 -31.41 0.14
N CYS F 399 33.16 -30.38 0.73
CA CYS F 399 34.58 -30.09 0.62
C CYS F 399 35.32 -30.64 1.83
N ASN F 400 36.38 -31.40 1.58
CA ASN F 400 37.23 -31.89 2.65
C ASN F 400 38.02 -30.73 3.25
N THR F 401 38.25 -30.79 4.56
CA THR F 401 38.98 -29.75 5.28
C THR F 401 40.01 -30.38 6.20
N THR F 402 40.75 -31.35 5.69
CA THR F 402 41.80 -31.99 6.47
C THR F 402 43.07 -31.15 6.55
N PRO F 403 43.46 -30.44 5.47
CA PRO F 403 44.72 -29.67 5.55
C PRO F 403 44.54 -28.33 6.23
N LEU F 404 43.83 -28.32 7.36
CA LEU F 404 43.69 -27.10 8.16
C LEU F 404 43.76 -27.34 9.66
N PHE F 405 43.66 -28.58 10.14
CA PHE F 405 43.65 -28.86 11.57
C PHE F 405 44.65 -29.94 11.95
N ASN F 406 45.75 -30.06 11.20
CA ASN F 406 46.74 -31.10 11.49
C ASN F 406 47.89 -30.60 12.35
N SER F 407 48.09 -29.29 12.41
CA SER F 407 49.27 -28.73 13.06
C SER F 407 49.13 -28.80 14.58
N THR F 408 50.02 -29.55 15.22
CA THR F 408 50.15 -29.47 16.67
C THR F 408 50.65 -28.08 17.05
N TRP F 409 50.16 -27.57 18.17
CA TRP F 409 50.39 -26.18 18.54
C TRP F 409 50.95 -26.06 19.94
N ASN F 410 51.76 -25.03 20.13
CA ASN F 410 52.35 -24.68 21.42
C ASN F 410 52.52 -23.16 21.43
N ASN F 411 53.34 -22.65 22.35
CA ASN F 411 53.58 -21.22 22.41
C ASN F 411 54.07 -20.67 21.08
N THR F 412 54.77 -21.48 20.29
CA THR F 412 55.31 -21.08 19.00
C THR F 412 54.59 -21.81 17.87
N ARG F 413 54.72 -21.25 16.67
CA ARG F 413 54.08 -21.81 15.49
C ARG F 413 54.87 -23.00 14.95
N THR F 414 54.13 -23.97 14.41
CA THR F 414 54.74 -25.15 13.78
C THR F 414 53.98 -25.56 12.53
N ASP F 415 53.35 -24.60 11.84
CA ASP F 415 52.48 -24.91 10.71
C ASP F 415 53.26 -24.99 9.40
N ASP F 416 53.93 -23.89 9.02
CA ASP F 416 54.60 -23.84 7.73
C ASP F 416 55.84 -22.97 7.84
N TYR F 417 56.75 -23.16 6.90
CA TYR F 417 58.01 -22.42 6.85
C TYR F 417 58.72 -22.45 8.20
N GLN F 423 51.04 -19.44 0.36
CA GLN F 423 50.36 -18.44 -0.45
C GLN F 423 48.96 -18.88 -0.83
N ASN F 424 48.78 -20.20 -0.94
CA ASN F 424 47.49 -20.77 -1.33
C ASN F 424 47.38 -22.17 -0.74
N ILE F 425 46.25 -22.44 -0.07
CA ILE F 425 45.92 -23.77 0.42
C ILE F 425 44.77 -24.30 -0.42
N THR F 426 44.95 -25.48 -1.00
CA THR F 426 44.00 -26.06 -1.94
C THR F 426 43.16 -27.11 -1.25
N LEU F 427 41.86 -27.09 -1.52
CA LEU F 427 40.91 -28.05 -0.95
C LEU F 427 40.15 -28.70 -2.10
N GLN F 428 40.28 -30.02 -2.23
CA GLN F 428 39.51 -30.75 -3.23
C GLN F 428 38.04 -30.77 -2.86
N CYS F 429 37.18 -30.72 -3.88
CA CYS F 429 35.74 -30.69 -3.65
C CYS F 429 35.03 -31.51 -4.71
N ARG F 430 34.04 -32.29 -4.26
CA ARG F 430 33.26 -33.16 -5.14
C ARG F 430 31.78 -32.96 -4.87
N ILE F 431 31.04 -32.53 -5.90
CA ILE F 431 29.60 -32.35 -5.74
C ILE F 431 28.93 -33.70 -5.48
N LYS F 432 27.71 -33.64 -4.95
CA LYS F 432 26.93 -34.81 -4.63
C LYS F 432 25.52 -34.64 -5.19
N GLN F 433 24.82 -35.77 -5.33
CA GLN F 433 23.45 -35.77 -5.82
C GLN F 433 22.48 -36.55 -4.95
N ILE F 434 22.97 -37.38 -4.03
CA ILE F 434 22.13 -38.07 -3.06
C ILE F 434 22.61 -37.66 -1.68
N ILE F 435 21.71 -37.05 -0.91
CA ILE F 435 22.06 -36.42 0.36
C ILE F 435 21.18 -36.99 1.47
N ASN F 436 21.50 -36.60 2.70
CA ASN F 436 20.71 -36.94 3.87
C ASN F 436 20.09 -35.65 4.41
N MET F 437 18.77 -35.65 4.58
CA MET F 437 18.11 -34.44 5.06
C MET F 437 18.57 -34.08 6.47
N TRP F 438 18.50 -32.78 6.78
CA TRP F 438 18.87 -32.24 8.07
C TRP F 438 17.67 -31.93 8.96
N GLN F 439 16.45 -32.02 8.43
CA GLN F 439 15.23 -31.77 9.20
C GLN F 439 14.52 -33.07 9.54
N GLY F 440 15.27 -34.13 9.81
CA GLY F 440 14.68 -35.41 10.13
C GLY F 440 15.63 -36.52 9.74
N VAL F 441 15.04 -37.67 9.40
CA VAL F 441 15.78 -38.86 9.03
C VAL F 441 15.27 -39.35 7.68
N GLY F 442 16.20 -39.71 6.79
CA GLY F 442 15.83 -40.15 5.46
C GLY F 442 16.69 -39.56 4.36
N LYS F 443 17.02 -40.37 3.36
CA LYS F 443 17.80 -39.91 2.22
C LYS F 443 16.93 -39.11 1.26
N ALA F 444 17.59 -38.43 0.32
CA ALA F 444 16.89 -37.64 -0.68
C ALA F 444 17.79 -37.51 -1.91
N MET F 445 17.17 -37.20 -3.04
CA MET F 445 17.87 -37.08 -4.32
C MET F 445 17.45 -35.79 -5.00
N TYR F 446 18.33 -35.28 -5.86
CA TYR F 446 18.13 -34.01 -6.54
C TYR F 446 18.45 -34.16 -8.03
N ALA F 447 18.23 -33.08 -8.77
CA ALA F 447 18.40 -33.09 -10.22
C ALA F 447 19.88 -33.10 -10.57
N PRO F 448 20.20 -33.42 -11.83
CA PRO F 448 21.60 -33.47 -12.25
C PRO F 448 22.26 -32.11 -12.12
N PRO F 449 23.59 -32.07 -12.00
CA PRO F 449 24.27 -30.79 -11.78
C PRO F 449 24.22 -29.90 -13.01
N ILE F 450 24.60 -28.64 -12.79
CA ILE F 450 24.59 -27.63 -13.85
C ILE F 450 25.83 -27.79 -14.72
N ARG F 451 25.85 -27.09 -15.86
CA ARG F 451 26.91 -27.25 -16.84
C ARG F 451 28.29 -26.91 -16.28
N GLY F 452 28.51 -25.64 -15.93
CA GLY F 452 29.83 -25.23 -15.49
C GLY F 452 29.87 -23.77 -15.13
N GLN F 453 31.09 -23.31 -14.83
CA GLN F 453 31.34 -21.93 -14.41
C GLN F 453 30.58 -21.60 -13.11
N ILE F 454 30.95 -22.33 -12.07
CA ILE F 454 30.40 -22.16 -10.73
C ILE F 454 31.48 -21.61 -9.83
N ARG F 455 31.18 -20.51 -9.14
CA ARG F 455 32.13 -19.83 -8.27
C ARG F 455 31.42 -19.39 -7.00
N CYS F 456 32.19 -19.30 -5.91
CA CYS F 456 31.67 -18.82 -4.63
C CYS F 456 32.80 -18.12 -3.90
N SER F 457 32.55 -16.90 -3.45
CA SER F 457 33.47 -16.16 -2.60
C SER F 457 32.77 -15.92 -1.26
N SER F 458 33.41 -16.31 -0.18
CA SER F 458 32.77 -16.31 1.13
C SER F 458 33.69 -15.75 2.19
N ASN F 459 33.08 -15.31 3.29
CA ASN F 459 33.78 -14.78 4.45
C ASN F 459 33.51 -15.65 5.66
N ILE F 460 34.59 -16.05 6.32
CA ILE F 460 34.53 -16.86 7.54
C ILE F 460 34.62 -15.93 8.74
N THR F 461 33.75 -16.15 9.72
CA THR F 461 33.69 -15.26 10.89
C THR F 461 33.81 -16.04 12.20
N GLY F 462 33.22 -17.24 12.26
CA GLY F 462 33.17 -18.01 13.49
C GLY F 462 33.69 -19.42 13.28
N LEU F 463 33.62 -20.20 14.37
CA LEU F 463 34.13 -21.57 14.33
C LEU F 463 33.53 -22.37 15.48
N LEU F 464 32.97 -23.53 15.15
CA LEU F 464 32.40 -24.44 16.15
C LEU F 464 33.36 -25.60 16.37
N LEU F 465 33.53 -26.00 17.63
CA LEU F 465 34.45 -27.07 17.98
C LEU F 465 33.77 -28.06 18.91
N THR F 466 34.26 -29.30 18.86
CA THR F 466 33.94 -30.30 19.85
C THR F 466 35.13 -30.42 20.82
N ARG F 467 35.06 -31.39 21.73
CA ARG F 467 36.15 -31.58 22.67
C ARG F 467 36.18 -33.04 23.11
N ASP F 468 37.32 -33.46 23.64
CA ASP F 468 37.52 -34.81 24.11
C ASP F 468 38.12 -34.76 25.52
N GLY F 469 37.52 -35.50 26.44
CA GLY F 469 38.01 -35.63 27.79
C GLY F 469 38.70 -36.95 28.03
N GLY F 470 38.47 -37.53 29.21
CA GLY F 470 39.01 -38.83 29.54
C GLY F 470 40.03 -38.80 30.65
N ARG F 471 40.03 -39.84 31.49
CA ARG F 471 41.00 -39.95 32.57
C ARG F 471 42.39 -40.33 32.08
N ASP F 472 42.52 -40.75 30.82
CA ASP F 472 43.81 -41.11 30.26
C ASP F 472 44.54 -39.93 29.64
N GLN F 473 43.94 -38.74 29.65
CA GLN F 473 44.55 -37.57 29.03
C GLN F 473 45.84 -37.21 29.78
N ASN F 474 46.96 -37.16 29.05
CA ASN F 474 48.25 -36.84 29.65
C ASN F 474 48.59 -35.37 29.39
N GLY F 475 47.91 -34.50 30.12
CA GLY F 475 48.19 -33.08 30.07
C GLY F 475 48.08 -32.48 28.67
N THR F 476 47.00 -32.79 27.97
CA THR F 476 46.81 -32.30 26.61
C THR F 476 45.32 -32.03 26.38
N GLU F 477 45.04 -31.25 25.34
CA GLU F 477 43.67 -30.91 24.98
C GLU F 477 43.56 -30.94 23.45
N THR F 478 42.82 -31.91 22.93
CA THR F 478 42.58 -32.02 21.49
C THR F 478 41.25 -31.39 21.14
N PHE F 479 41.24 -30.59 20.09
CA PHE F 479 40.04 -29.88 19.64
C PHE F 479 39.78 -30.24 18.19
N ARG F 480 38.54 -30.56 17.88
CA ARG F 480 38.13 -31.03 16.56
C ARG F 480 36.97 -30.19 16.03
N PRO F 481 36.78 -30.17 14.72
CA PRO F 481 35.64 -29.43 14.16
C PRO F 481 34.33 -30.09 14.53
N GLY F 482 33.27 -29.29 14.55
CA GLY F 482 31.97 -29.79 14.94
C GLY F 482 30.83 -29.24 14.11
N GLY F 483 29.69 -28.99 14.75
CA GLY F 483 28.50 -28.51 14.07
C GLY F 483 27.61 -29.64 13.61
N GLY F 484 26.45 -29.25 13.07
CA GLY F 484 25.49 -30.22 12.58
C GLY F 484 24.10 -29.97 13.12
N ASN F 485 24.01 -29.55 14.39
CA ASN F 485 22.73 -29.22 15.01
C ASN F 485 22.44 -27.75 14.71
N MET F 486 21.46 -27.52 13.84
CA MET F 486 21.17 -26.14 13.41
C MET F 486 20.85 -25.24 14.58
N ARG F 487 20.30 -25.81 15.66
CA ARG F 487 20.07 -25.01 16.86
C ARG F 487 21.37 -24.37 17.34
N ASP F 488 22.45 -25.14 17.38
CA ASP F 488 23.75 -24.58 17.73
C ASP F 488 24.17 -23.54 16.70
N ASN F 489 23.96 -23.82 15.41
CA ASN F 489 24.36 -22.89 14.37
C ASN F 489 23.63 -21.56 14.46
N TRP F 490 22.48 -21.52 15.13
CA TRP F 490 21.76 -20.26 15.31
C TRP F 490 21.79 -19.75 16.73
N ARG F 491 22.42 -20.47 17.67
CA ARG F 491 22.60 -19.94 19.02
C ARG F 491 23.78 -19.00 19.12
N SER F 492 24.56 -18.82 18.05
CA SER F 492 25.69 -17.91 18.03
C SER F 492 25.36 -16.59 17.35
N GLU F 493 24.08 -16.29 17.15
CA GLU F 493 23.65 -15.04 16.52
C GLU F 493 22.52 -14.34 17.25
N LEU F 494 21.88 -14.99 18.23
CA LEU F 494 20.79 -14.38 19.00
C LEU F 494 21.10 -14.39 20.49
N TYR F 495 22.38 -14.37 20.85
CA TYR F 495 22.79 -14.36 22.25
C TYR F 495 22.52 -13.03 22.93
N LYS F 496 22.15 -11.99 22.18
CA LYS F 496 21.99 -10.65 22.71
C LYS F 496 20.56 -10.16 22.59
N TYR F 497 19.58 -11.01 22.91
CA TYR F 497 18.19 -10.65 22.78
C TYR F 497 17.35 -11.41 23.81
N LYS F 498 16.17 -10.89 24.11
CA LYS F 498 15.26 -11.50 25.07
C LYS F 498 13.92 -10.79 24.98
N VAL F 499 12.84 -11.56 25.09
CA VAL F 499 11.48 -11.04 24.99
C VAL F 499 10.92 -10.85 26.39
N VAL F 500 10.12 -9.79 26.57
CA VAL F 500 9.57 -9.45 27.88
C VAL F 500 8.22 -8.75 27.70
N LYS F 501 7.39 -8.87 28.73
CA LYS F 501 6.15 -8.11 28.84
C LYS F 501 6.10 -7.46 30.21
N ILE F 502 5.44 -6.31 30.29
CA ILE F 502 5.49 -5.45 31.46
C ILE F 502 4.30 -5.77 32.37
N GLU F 503 4.59 -6.01 33.64
CA GLU F 503 3.57 -6.25 34.67
C GLU F 503 3.48 -5.03 35.57
N PRO F 504 2.40 -4.24 35.52
CA PRO F 504 2.41 -2.94 36.18
C PRO F 504 2.03 -2.95 37.66
N LEU F 505 1.22 -3.92 38.08
CA LEU F 505 0.67 -3.89 39.43
C LEU F 505 1.73 -4.22 40.47
N GLY F 506 1.64 -3.54 41.62
CA GLY F 506 2.62 -3.74 42.68
C GLY F 506 2.04 -3.37 44.03
N ILE F 507 2.64 -3.93 45.08
CA ILE F 507 2.21 -3.71 46.46
C ILE F 507 3.44 -3.36 47.29
N ALA F 508 3.21 -2.66 48.39
CA ALA F 508 4.31 -2.31 49.29
C ALA F 508 3.71 -1.75 50.58
N PRO F 509 4.48 -1.76 51.67
CA PRO F 509 4.00 -1.21 52.94
C PRO F 509 4.37 0.26 53.11
N THR F 510 3.47 0.98 53.76
CA THR F 510 3.65 2.40 54.02
C THR F 510 3.03 2.73 55.38
N ALA F 511 2.91 4.03 55.67
CA ALA F 511 2.42 4.49 56.96
C ALA F 511 1.06 5.18 56.87
N CYS F 512 0.42 5.16 55.70
CA CYS F 512 -0.89 5.76 55.55
C CYS F 512 -1.98 4.76 55.89
N LYS F 513 -3.13 5.28 56.32
CA LYS F 513 -4.25 4.45 56.73
C LYS F 513 -5.54 5.06 56.20
N ARG F 514 -6.51 4.19 55.90
CA ARG F 514 -7.77 4.63 55.33
C ARG F 514 -8.69 5.22 56.41
N ARG F 515 -9.67 6.00 55.96
CA ARG F 515 -10.71 6.53 56.83
C ARG F 515 -11.98 5.72 56.66
N VAL F 516 -12.56 5.31 57.78
CA VAL F 516 -13.79 4.51 57.74
C VAL F 516 -14.59 4.71 59.02
N LYS G 1 20.19 -50.80 37.53
CA LYS G 1 21.49 -51.31 37.14
C LYS G 1 21.38 -52.64 36.40
N LYS G 2 20.65 -52.64 35.29
CA LYS G 2 20.48 -53.85 34.50
C LYS G 2 21.83 -54.31 33.95
N VAL G 3 22.01 -55.63 33.87
CA VAL G 3 23.23 -56.24 33.38
C VAL G 3 22.87 -57.20 32.26
N VAL G 4 23.69 -57.21 31.20
CA VAL G 4 23.45 -58.03 30.02
C VAL G 4 24.69 -58.87 29.75
N LEU G 5 24.48 -60.00 29.08
CA LEU G 5 25.53 -60.96 28.78
C LEU G 5 25.72 -61.08 27.28
N GLY G 6 26.96 -61.34 26.87
CA GLY G 6 27.32 -61.49 25.48
C GLY G 6 27.80 -62.89 25.13
N LYS G 7 28.15 -63.06 23.86
CA LYS G 7 28.59 -64.34 23.34
C LYS G 7 29.88 -64.27 22.53
N LYS G 8 30.55 -63.12 22.48
CA LYS G 8 31.82 -62.96 21.78
C LYS G 8 31.66 -63.32 20.30
N GLY G 9 30.83 -62.53 19.62
CA GLY G 9 30.65 -62.72 18.19
C GLY G 9 29.27 -62.40 17.67
N ASP G 10 28.32 -62.17 18.57
CA ASP G 10 26.96 -61.85 18.19
C ASP G 10 26.63 -60.40 18.55
N THR G 11 25.41 -59.98 18.22
CA THR G 11 24.97 -58.62 18.44
C THR G 11 24.33 -58.48 19.81
N VAL G 12 23.98 -57.24 20.17
CA VAL G 12 23.34 -56.94 21.45
C VAL G 12 22.70 -55.57 21.33
N GLU G 13 21.70 -55.31 22.17
CA GLU G 13 20.99 -54.04 22.15
C GLU G 13 20.90 -53.51 23.59
N LEU G 14 21.69 -52.49 23.89
CA LEU G 14 21.65 -51.80 25.17
C LEU G 14 20.85 -50.52 24.96
N THR G 15 19.54 -50.61 25.19
CA THR G 15 18.62 -49.54 24.82
C THR G 15 18.39 -48.58 25.98
N CYS G 16 18.44 -47.29 25.68
CA CYS G 16 17.98 -46.25 26.60
C CYS G 16 16.46 -46.14 26.45
N THR G 17 15.87 -45.09 27.02
CA THR G 17 14.44 -44.86 26.84
C THR G 17 14.08 -43.50 27.41
N ALA G 18 13.11 -42.85 26.78
CA ALA G 18 12.65 -41.53 27.20
C ALA G 18 11.14 -41.47 27.01
N SER G 19 10.58 -40.27 27.14
CA SER G 19 9.14 -40.06 27.02
C SER G 19 8.75 -38.89 26.14
N GLN G 20 9.65 -37.94 25.85
CA GLN G 20 9.28 -36.77 25.08
C GLN G 20 8.85 -37.14 23.67
N LYS G 21 9.57 -38.05 23.02
CA LYS G 21 9.30 -38.42 21.63
C LYS G 21 9.49 -37.22 20.70
N LYS G 22 10.69 -36.63 20.79
CA LYS G 22 11.00 -35.46 19.97
C LYS G 22 12.42 -35.48 19.42
N SER G 23 13.09 -36.63 19.41
CA SER G 23 14.44 -36.74 18.88
C SER G 23 15.40 -35.81 19.62
N ILE G 24 15.59 -36.10 20.90
CA ILE G 24 16.34 -35.24 21.78
C ILE G 24 17.77 -35.75 21.91
N GLN G 25 18.65 -34.91 22.45
CA GLN G 25 20.06 -35.25 22.55
C GLN G 25 20.26 -36.49 23.42
N PHE G 26 21.44 -37.08 23.30
CA PHE G 26 21.84 -38.21 24.14
C PHE G 26 23.28 -38.58 23.84
N HIS G 27 23.83 -39.55 24.58
CA HIS G 27 25.20 -39.97 24.37
C HIS G 27 25.41 -41.31 25.06
N TRP G 28 26.56 -41.93 24.78
CA TRP G 28 26.92 -43.24 25.33
C TRP G 28 28.41 -43.21 25.69
N LYS G 29 28.70 -42.88 26.94
CA LYS G 29 30.06 -42.82 27.43
C LYS G 29 30.41 -44.07 28.22
N ASN G 30 31.62 -44.57 28.05
CA ASN G 30 32.08 -45.76 28.75
C ASN G 30 32.48 -45.38 30.19
N SER G 31 33.13 -46.31 30.89
CA SER G 31 33.53 -46.06 32.27
C SER G 31 34.72 -45.12 32.37
N ASN G 32 35.19 -44.55 31.27
CA ASN G 32 36.31 -43.62 31.28
C ASN G 32 35.92 -42.25 30.76
N GLN G 33 34.62 -41.93 30.76
CA GLN G 33 34.14 -40.64 30.29
C GLN G 33 34.63 -40.34 28.88
N ILE G 34 34.51 -41.33 28.01
CA ILE G 34 34.90 -41.21 26.61
C ILE G 34 33.67 -41.44 25.74
N LYS G 35 33.43 -40.53 24.80
CA LYS G 35 32.26 -40.62 23.94
C LYS G 35 32.41 -41.78 22.96
N ILE G 36 31.27 -42.36 22.59
CA ILE G 36 31.22 -43.45 21.62
C ILE G 36 30.25 -43.08 20.51
N LEU G 37 29.01 -42.78 20.87
CA LEU G 37 28.00 -42.34 19.91
C LEU G 37 27.34 -41.06 20.37
N GLY G 38 26.25 -40.66 19.72
CA GLY G 38 25.51 -39.50 20.13
C GLY G 38 24.87 -38.74 19.00
N ASN G 39 23.59 -38.40 19.17
CA ASN G 39 22.87 -37.65 18.15
C ASN G 39 23.44 -36.24 18.05
N GLN G 40 23.51 -35.73 16.83
CA GLN G 40 23.89 -34.34 16.54
C GLN G 40 22.87 -33.82 15.53
N GLY G 41 21.75 -33.31 16.03
CA GLY G 41 20.67 -32.93 15.13
C GLY G 41 19.92 -34.16 14.65
N SER G 42 20.16 -34.54 13.40
CA SER G 42 19.64 -35.78 12.85
C SER G 42 20.74 -36.68 12.30
N PHE G 43 22.00 -36.28 12.42
CA PHE G 43 23.12 -37.05 11.89
C PHE G 43 23.67 -37.97 12.99
N LEU G 44 24.83 -38.57 12.73
CA LEU G 44 25.51 -39.42 13.68
C LEU G 44 26.98 -39.04 13.73
N THR G 45 27.61 -39.20 14.90
CA THR G 45 29.00 -38.82 15.09
C THR G 45 29.64 -39.81 16.06
N LYS G 46 30.32 -40.82 15.52
CA LYS G 46 31.04 -41.76 16.35
C LYS G 46 32.14 -41.05 17.12
N GLY G 47 32.32 -41.44 18.38
CA GLY G 47 33.32 -40.84 19.23
C GLY G 47 34.70 -41.39 18.96
N PRO G 48 35.74 -40.63 19.33
CA PRO G 48 37.13 -41.08 19.11
C PRO G 48 37.57 -42.12 20.13
N SER G 49 36.99 -43.32 20.01
CA SER G 49 37.32 -44.41 20.93
C SER G 49 37.73 -45.65 20.15
N LYS G 50 37.87 -46.78 20.85
CA LYS G 50 38.30 -48.03 20.23
C LYS G 50 37.14 -48.84 19.65
N LEU G 51 36.01 -48.19 19.38
CA LEU G 51 34.84 -48.84 18.80
C LEU G 51 34.36 -48.05 17.58
N ASN G 52 35.29 -47.68 16.72
CA ASN G 52 34.97 -46.85 15.57
C ASN G 52 34.04 -47.58 14.60
N ASP G 53 34.49 -48.71 14.07
CA ASP G 53 33.82 -49.37 12.95
C ASP G 53 32.75 -50.37 13.37
N ARG G 54 32.58 -50.63 14.67
CA ARG G 54 31.56 -51.56 15.12
C ARG G 54 30.28 -50.87 15.58
N ALA G 55 30.38 -49.69 16.17
CA ALA G 55 29.20 -49.02 16.69
C ALA G 55 28.24 -48.66 15.56
N ASP G 56 26.98 -48.47 15.94
CA ASP G 56 25.92 -48.09 15.00
C ASP G 56 24.69 -47.71 15.83
N SER G 57 23.60 -47.38 15.15
CA SER G 57 22.35 -47.06 15.81
C SER G 57 21.20 -47.30 14.84
N ARG G 58 20.01 -47.45 15.41
CA ARG G 58 18.79 -47.64 14.61
C ARG G 58 18.22 -46.26 14.33
N ARG G 59 18.59 -45.70 13.18
CA ARG G 59 18.28 -44.32 12.83
C ARG G 59 16.81 -44.11 12.47
N SER G 60 15.96 -45.12 12.67
CA SER G 60 14.54 -45.00 12.43
C SER G 60 13.71 -44.99 13.71
N LEU G 61 14.30 -45.35 14.85
CA LEU G 61 13.61 -45.33 16.12
C LEU G 61 13.90 -44.08 16.94
N TRP G 62 14.74 -43.18 16.44
CA TRP G 62 15.05 -41.95 17.17
C TRP G 62 13.81 -41.08 17.36
N ASP G 63 12.78 -41.27 16.53
CA ASP G 63 11.57 -40.47 16.63
C ASP G 63 10.53 -41.08 17.57
N GLN G 64 10.57 -42.40 17.76
CA GLN G 64 9.61 -43.05 18.63
C GLN G 64 9.91 -42.83 20.10
N GLY G 65 11.19 -42.70 20.47
CA GLY G 65 11.57 -42.48 21.85
C GLY G 65 12.56 -43.50 22.37
N ASN G 66 13.20 -44.23 21.46
CA ASN G 66 14.18 -45.23 21.81
C ASN G 66 15.48 -44.94 21.07
N PHE G 67 16.59 -45.06 21.79
CA PHE G 67 17.92 -44.75 21.25
C PHE G 67 18.85 -45.93 21.50
N PRO G 68 18.61 -47.06 20.84
CA PRO G 68 19.43 -48.25 21.09
C PRO G 68 20.87 -48.03 20.65
N LEU G 69 21.69 -49.06 20.88
CA LEU G 69 23.10 -49.04 20.51
C LEU G 69 23.49 -50.47 20.13
N ILE G 70 23.60 -50.73 18.83
CA ILE G 70 23.92 -52.06 18.31
C ILE G 70 25.42 -52.13 18.06
N ILE G 71 26.09 -53.05 18.74
CA ILE G 71 27.52 -53.27 18.58
C ILE G 71 27.73 -54.67 18.03
N LYS G 72 28.26 -54.75 16.82
CA LYS G 72 28.46 -56.01 16.12
C LYS G 72 29.88 -56.53 16.35
N ASN G 73 30.01 -57.85 16.35
CA ASN G 73 31.30 -58.51 16.52
C ASN G 73 31.93 -58.14 17.87
N LEU G 74 31.23 -58.52 18.94
CA LEU G 74 31.68 -58.19 20.28
C LEU G 74 33.03 -58.84 20.57
N LYS G 75 33.83 -58.16 21.37
CA LYS G 75 35.15 -58.63 21.76
C LYS G 75 35.29 -58.59 23.28
N ILE G 76 36.23 -59.39 23.79
CA ILE G 76 36.42 -59.50 25.22
C ILE G 76 36.78 -58.15 25.84
N GLU G 77 37.42 -57.27 25.07
CA GLU G 77 37.89 -55.99 25.58
C GLU G 77 36.79 -54.93 25.65
N ASP G 78 35.51 -55.33 25.56
CA ASP G 78 34.42 -54.37 25.60
C ASP G 78 33.56 -54.49 26.86
N SER G 79 33.81 -55.49 27.70
CA SER G 79 33.02 -55.66 28.91
C SER G 79 33.25 -54.48 29.85
N ASP G 80 32.22 -53.65 30.02
CA ASP G 80 32.31 -52.47 30.87
C ASP G 80 30.91 -51.89 31.01
N THR G 81 30.81 -50.81 31.78
CA THR G 81 29.53 -50.16 32.02
C THR G 81 29.28 -49.05 31.00
N TYR G 82 28.01 -48.71 30.82
CA TYR G 82 27.60 -47.68 29.87
C TYR G 82 26.52 -46.81 30.51
N ILE G 83 26.44 -45.56 30.06
CA ILE G 83 25.59 -44.56 30.67
C ILE G 83 24.79 -43.84 29.59
N CYS G 84 23.48 -43.75 29.77
CA CYS G 84 22.69 -42.85 28.94
C CYS G 84 22.71 -41.44 29.52
N GLU G 85 22.40 -40.47 28.67
CA GLU G 85 22.22 -39.08 29.06
C GLU G 85 21.02 -38.50 28.33
N VAL G 86 19.92 -39.26 28.30
CA VAL G 86 18.81 -38.95 27.39
C VAL G 86 18.40 -37.49 27.53
N GLU G 87 17.90 -37.10 28.69
CA GLU G 87 17.63 -35.69 28.96
C GLU G 87 18.45 -35.15 30.12
N ASP G 88 18.28 -35.70 31.33
CA ASP G 88 19.06 -35.31 32.49
C ASP G 88 19.45 -36.49 33.37
N GLN G 89 18.99 -37.69 33.06
CA GLN G 89 19.18 -38.83 33.96
C GLN G 89 20.58 -39.42 33.79
N LYS G 90 20.80 -40.54 34.46
CA LYS G 90 22.04 -41.31 34.37
C LYS G 90 21.74 -42.78 34.22
N GLU G 91 20.72 -43.11 33.41
CA GLU G 91 20.37 -44.50 33.16
C GLU G 91 21.62 -45.29 32.78
N GLU G 92 21.97 -46.27 33.61
CA GLU G 92 23.21 -47.01 33.48
C GLU G 92 22.92 -48.48 33.24
N VAL G 93 23.78 -49.12 32.44
CA VAL G 93 23.70 -50.54 32.17
C VAL G 93 25.09 -51.12 32.25
N GLN G 94 25.15 -52.44 32.47
CA GLN G 94 26.42 -53.15 32.53
C GLN G 94 26.42 -54.25 31.48
N LEU G 95 27.57 -54.48 30.86
CA LEU G 95 27.72 -55.50 29.83
C LEU G 95 28.87 -56.42 30.21
N LEU G 96 28.64 -57.73 30.08
CA LEU G 96 29.64 -58.74 30.38
C LEU G 96 29.71 -59.70 29.21
N VAL G 97 30.85 -59.72 28.51
CA VAL G 97 31.02 -60.51 27.29
C VAL G 97 32.18 -61.47 27.51
N PHE G 98 31.94 -62.74 27.20
CA PHE G 98 32.97 -63.77 27.31
C PHE G 98 32.67 -64.86 26.29
N GLY G 99 33.58 -65.82 26.17
CA GLY G 99 33.41 -66.92 25.25
C GLY G 99 33.84 -68.25 25.83
N LEU G 100 32.97 -69.25 25.75
CA LEU G 100 33.28 -70.60 26.21
C LEU G 100 33.25 -71.53 25.00
N THR G 101 34.35 -72.23 24.76
CA THR G 101 34.47 -73.09 23.59
C THR G 101 35.39 -74.25 23.94
N ALA G 102 35.87 -74.97 22.93
CA ALA G 102 36.79 -76.08 23.10
C ALA G 102 38.13 -75.75 22.45
N ASN G 103 39.10 -76.64 22.66
CA ASN G 103 40.44 -76.48 22.13
C ASN G 103 40.76 -77.46 21.02
N SER G 104 40.28 -78.70 21.11
CA SER G 104 40.50 -79.70 20.07
C SER G 104 39.56 -79.42 18.90
N ASP G 105 40.13 -79.02 17.76
CA ASP G 105 39.32 -78.61 16.61
C ASP G 105 38.46 -79.75 16.10
N THR G 106 39.08 -80.79 15.57
CA THR G 106 38.34 -81.93 15.03
C THR G 106 38.85 -83.27 15.52
N HIS G 107 40.15 -83.42 15.73
CA HIS G 107 40.74 -84.72 16.03
C HIS G 107 40.34 -85.14 17.44
N LEU G 108 39.36 -86.03 17.54
CA LEU G 108 38.93 -86.59 18.81
C LEU G 108 38.58 -88.05 18.61
N LEU G 109 38.80 -88.84 19.66
CA LEU G 109 38.53 -90.28 19.62
C LEU G 109 37.51 -90.63 20.70
N GLN G 110 36.92 -91.82 20.57
CA GLN G 110 35.96 -92.34 21.52
C GLN G 110 36.70 -92.96 22.70
N GLY G 111 36.29 -92.58 23.91
CA GLY G 111 36.96 -93.04 25.11
C GLY G 111 37.91 -92.03 25.74
N GLN G 112 37.99 -90.83 25.20
CA GLN G 112 38.86 -89.79 25.73
C GLN G 112 38.02 -88.75 26.48
N SER G 113 38.71 -87.76 27.04
CA SER G 113 38.06 -86.70 27.82
C SER G 113 37.84 -85.46 26.97
N LEU G 114 36.95 -84.60 27.45
CA LEU G 114 36.66 -83.32 26.80
C LEU G 114 36.92 -82.19 27.78
N THR G 115 37.56 -81.13 27.28
CA THR G 115 37.92 -79.98 28.09
C THR G 115 37.39 -78.71 27.44
N LEU G 116 36.89 -77.80 28.27
CA LEU G 116 36.34 -76.53 27.80
C LEU G 116 37.20 -75.38 28.32
N THR G 117 37.29 -74.32 27.51
CA THR G 117 38.01 -73.11 27.85
C THR G 117 37.03 -71.95 27.81
N LEU G 118 36.92 -71.22 28.92
CA LEU G 118 36.05 -70.06 29.03
C LEU G 118 36.90 -68.85 29.35
N GLU G 119 36.79 -67.81 28.53
CA GLU G 119 37.57 -66.58 28.68
C GLU G 119 36.64 -65.48 29.16
N SER G 120 36.47 -65.38 30.48
CA SER G 120 35.67 -64.33 31.07
C SER G 120 36.57 -63.13 31.41
N PRO G 121 36.01 -61.92 31.45
CA PRO G 121 36.82 -60.77 31.79
C PRO G 121 37.37 -60.89 33.19
N PRO G 122 38.56 -60.36 33.43
CA PRO G 122 39.15 -60.46 34.78
C PRO G 122 38.24 -59.85 35.82
N GLY G 123 38.19 -60.47 36.99
CA GLY G 123 37.31 -60.04 38.06
C GLY G 123 35.89 -60.53 37.94
N SER G 124 35.66 -61.62 37.21
CA SER G 124 34.33 -62.18 37.04
C SER G 124 34.34 -63.64 37.47
N SER G 125 33.21 -64.10 37.99
CA SER G 125 33.06 -65.46 38.51
C SER G 125 31.80 -66.10 37.94
N PRO G 126 31.77 -66.35 36.64
CA PRO G 126 30.63 -67.05 36.04
C PRO G 126 30.58 -68.51 36.48
N SER G 127 29.38 -69.08 36.44
CA SER G 127 29.15 -70.47 36.81
C SER G 127 28.80 -71.27 35.57
N VAL G 128 29.51 -72.38 35.37
CA VAL G 128 29.33 -73.21 34.18
C VAL G 128 28.44 -74.39 34.53
N GLN G 129 27.26 -74.45 33.91
CA GLN G 129 26.27 -75.50 34.12
C GLN G 129 26.05 -76.20 32.77
N CYS G 130 26.81 -77.25 32.50
CA CYS G 130 26.60 -78.03 31.28
C CYS G 130 25.27 -78.77 31.30
N ARG G 131 24.59 -78.70 30.17
CA ARG G 131 23.37 -79.48 29.93
C ARG G 131 23.55 -80.21 28.61
N SER G 132 23.29 -81.52 28.64
CA SER G 132 23.55 -82.36 27.48
C SER G 132 22.34 -83.23 27.17
N PRO G 133 22.17 -83.63 25.92
CA PRO G 133 21.04 -84.50 25.57
C PRO G 133 21.09 -85.84 26.30
N ARG G 134 22.27 -86.27 26.76
CA ARG G 134 22.40 -87.54 27.46
C ARG G 134 22.10 -87.42 28.95
N GLY G 135 21.80 -86.21 29.44
CA GLY G 135 21.48 -86.00 30.84
C GLY G 135 22.65 -85.71 31.75
N LYS G 136 23.86 -85.62 31.20
CA LYS G 136 25.05 -85.35 32.01
C LYS G 136 25.07 -83.86 32.37
N ASN G 137 24.27 -83.50 33.37
CA ASN G 137 24.16 -82.13 33.83
C ASN G 137 25.37 -81.79 34.71
N ILE G 138 26.52 -81.72 34.06
CA ILE G 138 27.77 -81.42 34.76
C ILE G 138 27.73 -79.99 35.29
N GLN G 139 28.07 -79.82 36.57
CA GLN G 139 28.06 -78.53 37.23
C GLN G 139 29.44 -78.24 37.79
N GLY G 140 29.86 -76.97 37.69
CA GLY G 140 31.16 -76.58 38.19
C GLY G 140 31.38 -75.10 38.01
N GLY G 141 32.58 -74.67 38.37
CA GLY G 141 32.95 -73.27 38.28
C GLY G 141 33.19 -72.80 36.86
N LYS G 142 34.05 -71.80 36.70
CA LYS G 142 34.32 -71.26 35.36
C LYS G 142 34.93 -72.33 34.45
N THR G 143 35.85 -73.13 34.97
CA THR G 143 36.53 -74.16 34.19
C THR G 143 35.91 -75.53 34.52
N LEU G 144 35.44 -76.22 33.48
CA LEU G 144 34.87 -77.54 33.62
C LEU G 144 35.46 -78.47 32.58
N SER G 145 35.65 -79.73 32.97
CA SER G 145 36.21 -80.75 32.09
C SER G 145 35.36 -82.01 32.17
N VAL G 146 35.32 -82.74 31.05
CA VAL G 146 34.57 -83.98 30.94
C VAL G 146 35.57 -85.11 30.73
N SER G 147 35.53 -86.11 31.61
CA SER G 147 36.48 -87.21 31.55
C SER G 147 36.09 -88.27 30.52
N GLN G 148 34.85 -88.25 30.03
CA GLN G 148 34.37 -89.21 29.05
C GLN G 148 33.87 -88.49 27.81
N LEU G 149 34.38 -88.88 26.65
CA LEU G 149 33.94 -88.34 25.36
C LEU G 149 33.76 -89.54 24.43
N GLU G 150 32.56 -90.11 24.43
CA GLU G 150 32.25 -91.32 23.69
C GLU G 150 31.38 -90.99 22.48
N LEU G 151 31.07 -92.03 21.70
CA LEU G 151 30.20 -91.84 20.55
C LEU G 151 28.80 -91.41 20.98
N GLN G 152 28.28 -92.00 22.05
CA GLN G 152 26.97 -91.61 22.56
C GLN G 152 26.93 -90.16 23.01
N ASP G 153 28.10 -89.57 23.30
CA ASP G 153 28.20 -88.17 23.68
C ASP G 153 28.24 -87.23 22.49
N SER G 154 27.82 -87.69 21.31
CA SER G 154 27.84 -86.86 20.12
C SER G 154 26.86 -85.70 20.26
N GLY G 155 27.05 -84.68 19.44
CA GLY G 155 26.24 -83.49 19.49
C GLY G 155 26.88 -82.40 20.34
N THR G 156 26.40 -81.17 20.14
CA THR G 156 26.94 -80.01 20.85
C THR G 156 26.33 -79.96 22.25
N TRP G 157 27.16 -80.18 23.26
CA TRP G 157 26.69 -80.09 24.64
C TRP G 157 26.37 -78.64 25.02
N THR G 158 25.30 -78.46 25.77
CA THR G 158 24.83 -77.14 26.16
C THR G 158 25.28 -76.81 27.58
N CYS G 159 26.54 -76.37 27.68
CA CYS G 159 27.06 -75.81 28.92
C CYS G 159 26.65 -74.35 29.02
N THR G 160 25.49 -74.09 29.62
CA THR G 160 25.09 -72.73 29.85
C THR G 160 26.01 -72.08 30.88
N VAL G 161 26.03 -70.76 30.88
CA VAL G 161 26.81 -69.99 31.84
C VAL G 161 25.85 -69.05 32.56
N LEU G 162 25.87 -69.10 33.88
CA LEU G 162 24.98 -68.30 34.71
C LEU G 162 25.80 -67.33 35.55
N GLN G 163 25.36 -66.08 35.56
CA GLN G 163 25.99 -65.03 36.36
C GLN G 163 24.91 -64.04 36.77
N ASN G 164 24.84 -63.74 38.06
CA ASN G 164 23.84 -62.82 38.59
C ASN G 164 22.43 -63.26 38.19
N GLN G 165 22.20 -64.58 38.19
CA GLN G 165 20.91 -65.20 37.90
C GLN G 165 20.57 -65.17 36.41
N LYS G 166 21.45 -64.63 35.56
CA LYS G 166 21.22 -64.57 34.13
C LYS G 166 21.98 -65.68 33.44
N LYS G 167 21.29 -66.42 32.57
CA LYS G 167 21.85 -67.61 31.93
C LYS G 167 21.97 -67.37 30.43
N VAL G 168 23.13 -67.77 29.88
CA VAL G 168 23.40 -67.66 28.46
C VAL G 168 23.81 -69.04 27.95
N GLU G 169 23.21 -69.47 26.84
CA GLU G 169 23.45 -70.79 26.30
C GLU G 169 24.61 -70.78 25.31
N PHE G 170 25.36 -71.88 25.29
CA PHE G 170 26.50 -72.07 24.40
C PHE G 170 26.34 -73.39 23.65
N LYS G 171 27.30 -73.67 22.77
CA LYS G 171 27.37 -74.94 22.06
C LYS G 171 28.81 -75.38 21.98
N ILE G 172 29.02 -76.70 21.91
CA ILE G 172 30.35 -77.29 21.89
C ILE G 172 30.48 -78.13 20.62
N ASP G 173 31.54 -77.90 19.86
CA ASP G 173 31.79 -78.66 18.63
C ASP G 173 32.49 -79.96 18.98
N ILE G 174 31.86 -81.08 18.63
CA ILE G 174 32.39 -82.40 18.89
C ILE G 174 32.61 -83.11 17.55
N VAL G 175 33.83 -83.62 17.36
CA VAL G 175 34.18 -84.35 16.15
C VAL G 175 34.77 -85.69 16.57
N VAL G 176 34.17 -86.78 16.09
CA VAL G 176 34.62 -88.12 16.44
C VAL G 176 34.52 -89.05 15.22
N ALA H 37 -38.75 -6.75 51.62
CA ALA H 37 -38.50 -5.55 52.39
C ALA H 37 -38.91 -4.30 51.61
N LYS H 38 -37.95 -3.42 51.35
CA LYS H 38 -38.18 -2.17 50.63
C LYS H 38 -37.40 -2.23 49.33
N LYS H 39 -38.05 -1.85 48.23
CA LYS H 39 -37.42 -1.90 46.92
C LYS H 39 -36.90 -0.52 46.52
N TRP H 40 -35.76 -0.51 45.84
CA TRP H 40 -35.10 0.70 45.38
C TRP H 40 -34.69 0.50 43.93
N VAL H 41 -34.42 1.60 43.25
CA VAL H 41 -33.99 1.57 41.85
C VAL H 41 -32.47 1.61 41.80
N THR H 42 -31.90 1.01 40.76
CA THR H 42 -30.46 1.07 40.56
C THR H 42 -30.16 0.88 39.08
N VAL H 43 -28.96 1.29 38.67
CA VAL H 43 -28.56 1.32 37.28
C VAL H 43 -27.31 0.48 37.11
N TYR H 44 -27.34 -0.44 36.16
CA TYR H 44 -26.20 -1.27 35.80
C TYR H 44 -25.72 -0.94 34.40
N TYR H 45 -24.40 -0.98 34.21
CA TYR H 45 -23.76 -0.59 32.97
C TYR H 45 -23.11 -1.80 32.32
N GLY H 46 -23.31 -1.96 31.02
CA GLY H 46 -22.70 -3.03 30.26
C GLY H 46 -23.61 -4.19 29.93
N VAL H 47 -24.91 -4.07 30.15
CA VAL H 47 -25.82 -5.20 29.91
C VAL H 47 -26.00 -5.38 28.40
N PRO H 48 -25.77 -6.58 27.87
CA PRO H 48 -26.02 -6.80 26.43
C PRO H 48 -27.49 -6.60 26.09
N VAL H 49 -27.72 -6.13 24.87
CA VAL H 49 -29.08 -5.86 24.40
C VAL H 49 -29.08 -5.94 22.87
N TRP H 50 -30.19 -6.40 22.32
CA TRP H 50 -30.38 -6.49 20.88
C TRP H 50 -31.30 -5.38 20.40
N LYS H 51 -30.96 -4.79 19.26
CA LYS H 51 -31.75 -3.71 18.67
C LYS H 51 -31.57 -3.76 17.15
N GLU H 52 -32.30 -2.89 16.45
CA GLU H 52 -32.31 -2.88 15.00
C GLU H 52 -31.93 -1.49 14.50
N ALA H 53 -31.03 -1.43 13.53
CA ALA H 53 -30.54 -0.18 12.96
C ALA H 53 -30.78 -0.19 11.45
N THR H 54 -30.34 0.88 10.79
CA THR H 54 -30.51 1.07 9.35
C THR H 54 -29.20 1.53 8.72
N THR H 55 -28.12 0.84 9.04
CA THR H 55 -26.79 1.23 8.57
C THR H 55 -26.61 0.85 7.10
N THR H 56 -25.39 1.03 6.60
CA THR H 56 -25.05 0.70 5.23
C THR H 56 -23.75 -0.10 5.22
N LEU H 57 -23.60 -0.93 4.19
CA LEU H 57 -22.48 -1.85 4.08
C LEU H 57 -21.69 -1.56 2.82
N PHE H 58 -20.50 -2.15 2.74
CA PHE H 58 -19.58 -1.93 1.63
C PHE H 58 -19.24 -3.28 0.99
N CYS H 59 -19.28 -3.33 -0.34
CA CYS H 59 -18.92 -4.54 -1.07
C CYS H 59 -17.44 -4.88 -0.89
N ALA H 60 -17.16 -6.17 -0.78
CA ALA H 60 -15.77 -6.65 -0.71
C ALA H 60 -15.74 -8.04 -1.36
N SER H 61 -15.39 -8.09 -2.64
CA SER H 61 -15.37 -9.33 -3.39
C SER H 61 -13.97 -9.59 -3.94
N ASP H 62 -13.57 -10.86 -3.91
CA ASP H 62 -12.27 -11.26 -4.41
C ASP H 62 -12.06 -10.71 -5.82
N ALA H 63 -11.07 -9.84 -5.97
CA ALA H 63 -10.78 -9.18 -7.24
C ALA H 63 -9.42 -9.60 -7.76
N LYS H 64 -9.19 -9.31 -9.03
CA LYS H 64 -7.93 -9.61 -9.70
C LYS H 64 -7.23 -8.36 -10.24
N ALA H 65 -8.00 -7.39 -10.74
CA ALA H 65 -7.50 -6.09 -11.16
C ALA H 65 -6.49 -6.15 -12.30
N TYR H 66 -6.36 -7.29 -12.97
CA TYR H 66 -5.44 -7.41 -14.09
C TYR H 66 -6.15 -7.99 -15.31
N ASP H 67 -7.21 -8.76 -15.08
CA ASP H 67 -7.92 -9.41 -16.15
C ASP H 67 -8.96 -8.46 -16.77
N THR H 68 -9.61 -8.96 -17.83
CA THR H 68 -10.66 -8.21 -18.51
C THR H 68 -12.05 -8.52 -17.97
N GLU H 69 -12.16 -9.40 -16.99
CA GLU H 69 -13.47 -9.76 -16.45
C GLU H 69 -14.16 -8.52 -15.88
N VAL H 70 -15.44 -8.36 -16.21
CA VAL H 70 -16.16 -7.16 -15.80
C VAL H 70 -16.43 -7.16 -14.31
N HIS H 71 -16.75 -8.33 -13.74
CA HIS H 71 -16.97 -8.39 -12.29
C HIS H 71 -15.69 -8.05 -11.52
N ASN H 72 -14.56 -8.58 -11.96
CA ASN H 72 -13.30 -8.23 -11.30
C ASN H 72 -12.99 -6.75 -11.47
N VAL H 73 -13.29 -6.18 -12.63
CA VAL H 73 -13.07 -4.75 -12.85
C VAL H 73 -13.92 -3.92 -11.90
N TRP H 74 -15.19 -4.31 -11.75
CA TRP H 74 -16.08 -3.60 -10.84
C TRP H 74 -15.60 -3.73 -9.40
N ALA H 75 -15.15 -4.92 -9.01
CA ALA H 75 -14.66 -5.12 -7.65
C ALA H 75 -13.42 -4.27 -7.38
N THR H 76 -12.48 -4.23 -8.33
CA THR H 76 -11.27 -3.44 -8.14
C THR H 76 -11.58 -1.95 -8.14
N HIS H 77 -12.54 -1.52 -8.97
CA HIS H 77 -12.91 -0.11 -8.98
C HIS H 77 -13.59 0.31 -7.69
N ALA H 78 -14.73 -0.30 -7.35
CA ALA H 78 -15.44 0.02 -6.12
C ALA H 78 -15.76 -1.28 -5.38
N CYS H 79 -14.78 -1.78 -4.62
CA CYS H 79 -14.87 -2.84 -3.62
C CYS H 79 -13.52 -3.04 -2.95
N VAL H 80 -13.46 -3.95 -1.98
CA VAL H 80 -12.24 -4.16 -1.21
C VAL H 80 -11.92 -5.65 -1.19
N PRO H 81 -10.65 -6.04 -1.06
CA PRO H 81 -10.33 -7.47 -0.97
C PRO H 81 -11.04 -8.11 0.20
N THR H 82 -11.51 -9.35 0.00
CA THR H 82 -12.32 -10.02 1.00
C THR H 82 -11.56 -10.16 2.31
N ASP H 83 -12.32 -10.36 3.38
CA ASP H 83 -11.74 -10.52 4.70
C ASP H 83 -10.83 -11.75 4.72
N PRO H 84 -9.56 -11.61 5.14
CA PRO H 84 -8.67 -12.78 5.14
C PRO H 84 -8.96 -13.77 6.26
N ASN H 85 -9.30 -13.28 7.46
CA ASN H 85 -9.55 -14.14 8.61
C ASN H 85 -10.85 -13.71 9.29
N PRO H 86 -12.00 -14.03 8.69
CA PRO H 86 -13.27 -13.78 9.38
C PRO H 86 -13.46 -14.74 10.54
N GLN H 87 -14.22 -14.28 11.54
CA GLN H 87 -14.48 -15.07 12.74
C GLN H 87 -15.98 -15.21 12.95
N GLU H 88 -16.40 -16.42 13.34
CA GLU H 88 -17.78 -16.70 13.71
C GLU H 88 -17.79 -17.20 15.16
N ILE H 89 -18.67 -16.63 15.97
CA ILE H 89 -18.75 -16.93 17.40
C ILE H 89 -20.13 -17.50 17.70
N VAL H 90 -20.20 -18.32 18.74
CA VAL H 90 -21.43 -18.99 19.13
C VAL H 90 -21.92 -18.39 20.44
N LEU H 91 -23.19 -18.00 20.48
CA LEU H 91 -23.80 -17.47 21.69
C LEU H 91 -24.16 -18.62 22.63
N GLY H 92 -24.91 -18.31 23.68
CA GLY H 92 -25.39 -19.31 24.62
C GLY H 92 -26.75 -19.83 24.25
N ASN H 93 -27.56 -20.10 25.28
CA ASN H 93 -28.94 -20.55 25.08
C ASN H 93 -29.84 -19.36 24.73
N VAL H 94 -29.46 -18.66 23.68
CA VAL H 94 -30.15 -17.45 23.24
C VAL H 94 -31.35 -17.83 22.41
N THR H 95 -32.31 -16.91 22.32
CA THR H 95 -33.52 -17.11 21.54
C THR H 95 -34.01 -15.76 21.05
N GLU H 96 -33.88 -15.51 19.75
CA GLU H 96 -34.39 -14.30 19.12
C GLU H 96 -35.32 -14.70 17.98
N ASN H 97 -35.80 -13.71 17.24
CA ASN H 97 -36.78 -13.94 16.17
C ASN H 97 -36.19 -13.42 14.85
N PHE H 98 -35.45 -14.29 14.17
CA PHE H 98 -34.99 -13.97 12.83
C PHE H 98 -36.17 -13.87 11.88
N ASN H 99 -36.16 -12.86 11.02
CA ASN H 99 -37.25 -12.67 10.08
C ASN H 99 -36.71 -12.69 8.65
N MET H 100 -37.62 -12.91 7.70
CA MET H 100 -37.26 -13.03 6.30
C MET H 100 -37.97 -12.05 5.39
N TRP H 101 -39.21 -11.69 5.71
CA TRP H 101 -39.98 -10.74 4.90
C TRP H 101 -39.89 -9.31 5.39
N LYS H 102 -39.11 -9.05 6.44
CA LYS H 102 -38.97 -7.70 6.99
C LYS H 102 -37.52 -7.27 7.13
N ASN H 103 -36.60 -7.95 6.45
CA ASN H 103 -35.19 -7.56 6.52
C ASN H 103 -34.88 -6.50 5.48
N ASN H 104 -33.92 -5.64 5.78
CA ASN H 104 -33.55 -4.54 4.91
C ASN H 104 -32.23 -4.76 4.18
N MET H 105 -31.47 -5.80 4.54
CA MET H 105 -30.17 -6.01 3.92
C MET H 105 -30.27 -6.40 2.46
N VAL H 106 -31.45 -6.85 2.01
CA VAL H 106 -31.63 -7.17 0.59
C VAL H 106 -31.69 -5.89 -0.23
N GLU H 107 -32.26 -4.82 0.34
CA GLU H 107 -32.42 -3.57 -0.36
C GLU H 107 -31.10 -2.88 -0.64
N GLN H 108 -30.00 -3.35 -0.05
CA GLN H 108 -28.69 -2.81 -0.33
C GLN H 108 -28.01 -3.57 -1.48
N MET H 109 -28.04 -4.89 -1.42
CA MET H 109 -27.44 -5.68 -2.50
C MET H 109 -28.20 -5.51 -3.81
N HIS H 110 -29.53 -5.35 -3.73
CA HIS H 110 -30.31 -5.02 -4.93
C HIS H 110 -29.78 -3.77 -5.60
N GLU H 111 -29.66 -2.68 -4.84
CA GLU H 111 -29.24 -1.41 -5.43
C GLU H 111 -27.75 -1.37 -5.73
N ASP H 112 -26.98 -2.31 -5.19
CA ASP H 112 -25.56 -2.41 -5.56
C ASP H 112 -25.41 -3.14 -6.89
N ILE H 113 -26.09 -4.28 -7.05
CA ILE H 113 -26.03 -5.00 -8.31
C ILE H 113 -26.68 -4.17 -9.43
N ILE H 114 -27.73 -3.42 -9.11
CA ILE H 114 -28.35 -2.58 -10.13
C ILE H 114 -27.36 -1.54 -10.65
N SER H 115 -26.58 -0.95 -9.74
CA SER H 115 -25.53 -0.03 -10.17
C SER H 115 -24.45 -0.77 -10.96
N LEU H 116 -24.09 -1.98 -10.54
CA LEU H 116 -23.05 -2.73 -11.23
C LEU H 116 -23.44 -3.00 -12.68
N TRP H 117 -24.69 -3.39 -12.92
CA TRP H 117 -25.10 -3.70 -14.28
C TRP H 117 -25.03 -2.47 -15.18
N ASP H 118 -25.45 -1.30 -14.66
CA ASP H 118 -25.39 -0.08 -15.45
C ASP H 118 -23.97 0.29 -15.87
N GLN H 119 -22.95 -0.25 -15.20
CA GLN H 119 -21.56 -0.01 -15.56
C GLN H 119 -20.88 -1.22 -16.18
N SER H 120 -21.48 -2.41 -16.09
CA SER H 120 -20.88 -3.64 -16.60
C SER H 120 -21.41 -4.00 -17.98
N LEU H 121 -22.73 -4.17 -18.10
CA LEU H 121 -23.37 -4.52 -19.37
C LEU H 121 -23.94 -3.24 -19.98
N LYS H 122 -23.06 -2.45 -20.57
CA LYS H 122 -23.48 -1.20 -21.18
C LYS H 122 -24.30 -1.49 -22.43
N PRO H 123 -25.56 -1.08 -22.49
CA PRO H 123 -26.38 -1.33 -23.67
C PRO H 123 -26.10 -0.33 -24.78
N CYS H 124 -26.46 -0.74 -26.01
CA CYS H 124 -26.45 0.21 -27.12
C CYS H 124 -27.41 1.36 -26.86
N VAL H 125 -28.59 1.04 -26.35
CA VAL H 125 -29.56 2.04 -25.92
C VAL H 125 -30.42 1.43 -24.83
N LYS H 126 -30.53 2.14 -23.71
CA LYS H 126 -31.28 1.66 -22.55
C LYS H 126 -32.57 2.47 -22.48
N LEU H 127 -33.60 1.99 -23.17
CA LEU H 127 -34.88 2.67 -23.24
C LEU H 127 -35.63 2.50 -21.93
N THR H 128 -36.02 3.62 -21.33
CA THR H 128 -36.82 3.62 -20.10
C THR H 128 -37.80 4.78 -20.12
N PRO H 129 -39.10 4.51 -20.15
CA PRO H 129 -40.09 5.60 -20.21
C PRO H 129 -39.99 6.51 -18.99
N LEU H 130 -40.69 7.64 -19.09
CA LEU H 130 -40.74 8.60 -18.00
C LEU H 130 -41.97 9.47 -18.20
N CYS H 131 -42.85 9.49 -17.20
CA CYS H 131 -44.14 10.14 -17.32
C CYS H 131 -44.07 11.58 -16.82
N VAL H 132 -45.18 12.30 -16.94
CA VAL H 132 -45.31 13.67 -16.50
C VAL H 132 -46.50 13.77 -15.57
N THR H 133 -46.32 14.48 -14.45
CA THR H 133 -47.36 14.57 -13.43
C THR H 133 -48.53 15.43 -13.90
N LEU H 134 -49.55 14.79 -14.46
CA LEU H 134 -50.75 15.49 -14.90
C LEU H 134 -51.97 14.77 -14.34
N ASN H 135 -52.86 15.53 -13.72
CA ASN H 135 -54.07 14.94 -13.15
C ASN H 135 -55.04 14.52 -14.25
N CYS H 136 -55.90 13.57 -13.93
CA CYS H 136 -56.90 13.07 -14.87
C CYS H 136 -57.96 12.23 -14.17
N LEU H 209 -56.09 11.61 -19.44
CA LEU H 209 -54.90 11.31 -20.22
C LEU H 209 -53.67 12.02 -19.66
N ILE H 210 -52.89 11.29 -18.88
CA ILE H 210 -51.67 11.85 -18.28
C ILE H 210 -50.56 11.84 -19.32
N ASN H 211 -49.60 12.76 -19.16
CA ASN H 211 -48.48 12.85 -20.08
C ASN H 211 -47.46 11.78 -19.76
N CYS H 212 -47.06 11.01 -20.78
CA CYS H 212 -46.08 9.93 -20.64
C CYS H 212 -45.34 9.79 -21.96
N ASN H 213 -44.15 10.36 -22.02
CA ASN H 213 -43.32 10.35 -23.23
C ASN H 213 -42.13 9.43 -23.04
N THR H 214 -41.72 8.79 -24.14
CA THR H 214 -40.58 7.89 -24.10
C THR H 214 -39.29 8.64 -23.81
N SER H 215 -38.38 7.98 -23.11
CA SER H 215 -37.09 8.55 -22.76
C SER H 215 -35.99 7.64 -23.28
N VAL H 216 -34.93 8.25 -23.82
CA VAL H 216 -33.82 7.53 -24.40
C VAL H 216 -32.52 8.08 -23.84
N ILE H 217 -31.47 7.24 -23.88
CA ILE H 217 -30.14 7.59 -23.42
C ILE H 217 -29.13 7.10 -24.45
N THR H 218 -27.94 7.71 -24.41
CA THR H 218 -26.88 7.42 -25.36
C THR H 218 -25.73 6.73 -24.64
N GLN H 219 -25.18 5.69 -25.28
CA GLN H 219 -24.06 4.95 -24.71
C GLN H 219 -23.49 4.01 -25.75
N ALA H 220 -22.18 3.80 -25.67
CA ALA H 220 -21.48 2.89 -26.58
C ALA H 220 -21.56 1.46 -26.05
N CYS H 221 -21.71 0.52 -26.97
CA CYS H 221 -21.95 -0.89 -26.65
C CYS H 221 -20.94 -1.77 -27.35
N PRO H 222 -19.70 -1.81 -26.87
CA PRO H 222 -18.74 -2.79 -27.38
C PRO H 222 -18.87 -4.13 -26.65
N LYS H 223 -18.59 -5.21 -27.38
CA LYS H 223 -18.72 -6.54 -26.81
C LYS H 223 -17.83 -6.68 -25.57
N VAL H 224 -18.41 -7.21 -24.50
CA VAL H 224 -17.71 -7.37 -23.23
C VAL H 224 -18.08 -8.73 -22.64
N SER H 225 -17.11 -9.34 -21.97
CA SER H 225 -17.34 -10.60 -21.28
C SER H 225 -18.12 -10.35 -19.98
N PHE H 226 -18.70 -11.42 -19.44
CA PHE H 226 -19.49 -11.30 -18.22
C PHE H 226 -19.56 -12.67 -17.56
N GLU H 227 -18.90 -12.81 -16.41
CA GLU H 227 -18.92 -14.06 -15.64
C GLU H 227 -19.09 -13.73 -14.17
N PRO H 228 -20.24 -14.02 -13.58
CA PRO H 228 -20.52 -13.54 -12.22
C PRO H 228 -19.52 -14.07 -11.20
N ILE H 229 -19.20 -13.22 -10.23
CA ILE H 229 -18.30 -13.57 -9.14
C ILE H 229 -18.96 -13.19 -7.82
N PRO H 230 -18.71 -13.92 -6.74
CA PRO H 230 -19.38 -13.61 -5.47
C PRO H 230 -18.95 -12.26 -4.91
N ILE H 231 -19.80 -11.71 -4.05
CA ILE H 231 -19.52 -10.45 -3.37
C ILE H 231 -19.80 -10.65 -1.87
N HIS H 232 -18.86 -10.22 -1.05
CA HIS H 232 -18.91 -10.41 0.40
C HIS H 232 -19.32 -9.10 1.06
N TYR H 233 -20.61 -8.94 1.33
CA TYR H 233 -21.07 -7.77 2.05
C TYR H 233 -20.60 -7.82 3.50
N CYS H 234 -20.34 -6.64 4.08
CA CYS H 234 -19.90 -6.53 5.45
C CYS H 234 -20.43 -5.23 6.05
N ALA H 235 -20.90 -5.31 7.29
CA ALA H 235 -21.44 -4.14 7.96
C ALA H 235 -20.32 -3.22 8.43
N PRO H 236 -20.60 -1.92 8.58
CA PRO H 236 -19.55 -0.98 9.00
C PRO H 236 -19.15 -1.17 10.45
N ALA H 237 -18.24 -0.34 10.94
CA ALA H 237 -17.77 -0.46 12.32
C ALA H 237 -18.87 -0.05 13.29
N GLY H 238 -19.10 -0.89 14.30
CA GLY H 238 -20.04 -0.60 15.36
C GLY H 238 -21.27 -1.50 15.39
N PHE H 239 -21.54 -2.27 14.34
CA PHE H 239 -22.71 -3.13 14.31
C PHE H 239 -22.29 -4.58 14.04
N ALA H 240 -23.25 -5.48 13.89
CA ALA H 240 -22.92 -6.87 13.60
C ALA H 240 -24.07 -7.51 12.84
N ILE H 241 -23.83 -8.71 12.33
CA ILE H 241 -24.86 -9.53 11.70
C ILE H 241 -25.00 -10.81 12.51
N LEU H 242 -26.20 -11.38 12.49
CA LEU H 242 -26.48 -12.60 13.24
C LEU H 242 -27.10 -13.63 12.32
N LYS H 243 -26.71 -14.89 12.50
CA LYS H 243 -27.18 -16.00 11.69
C LYS H 243 -27.37 -17.22 12.57
N CYS H 244 -28.45 -17.96 12.34
CA CYS H 244 -28.69 -19.19 13.08
C CYS H 244 -28.04 -20.37 12.34
N ASN H 245 -28.26 -21.57 12.86
CA ASN H 245 -27.71 -22.78 12.26
C ASN H 245 -28.71 -23.93 12.20
N SER H 246 -29.98 -23.68 12.54
CA SER H 246 -30.98 -24.74 12.47
C SER H 246 -31.11 -25.25 11.04
N LYS H 247 -31.12 -26.58 10.90
CA LYS H 247 -31.17 -27.18 9.57
C LYS H 247 -32.50 -26.95 8.88
N THR H 248 -33.55 -26.60 9.63
CA THR H 248 -34.84 -26.27 9.06
C THR H 248 -35.19 -24.80 9.27
N PHE H 249 -35.13 -24.32 10.51
CA PHE H 249 -35.29 -22.91 10.84
C PHE H 249 -36.74 -22.45 10.72
N ASN H 250 -37.59 -23.28 10.11
CA ASN H 250 -39.03 -23.03 10.10
C ASN H 250 -39.39 -21.73 9.38
N GLY H 251 -38.39 -21.05 8.82
CA GLY H 251 -38.66 -19.78 8.16
C GLY H 251 -38.49 -18.58 9.06
N SER H 252 -39.58 -18.13 9.67
CA SER H 252 -39.55 -16.93 10.51
C SER H 252 -39.73 -17.29 11.98
N GLY H 253 -39.12 -18.39 12.41
CA GLY H 253 -39.23 -18.83 13.79
C GLY H 253 -37.94 -18.67 14.56
N PRO H 254 -38.05 -18.58 15.88
CA PRO H 254 -36.86 -18.40 16.72
C PRO H 254 -36.03 -19.68 16.79
N CYS H 255 -34.75 -19.56 16.46
CA CYS H 255 -33.85 -20.70 16.49
C CYS H 255 -33.33 -20.89 17.91
N THR H 256 -32.32 -21.76 18.06
CA THR H 256 -31.67 -21.97 19.34
C THR H 256 -30.16 -21.84 19.29
N ASN H 257 -29.53 -21.99 18.12
CA ASN H 257 -28.09 -21.79 17.94
C ASN H 257 -27.91 -20.53 17.11
N VAL H 258 -27.19 -19.56 17.67
CA VAL H 258 -27.01 -18.25 17.04
C VAL H 258 -25.53 -17.91 17.02
N SER H 259 -25.09 -17.26 15.94
CA SER H 259 -23.72 -16.82 15.78
C SER H 259 -23.71 -15.39 15.27
N THR H 260 -22.65 -14.66 15.61
CA THR H 260 -22.50 -13.26 15.23
C THR H 260 -21.27 -13.14 14.32
N VAL H 261 -21.44 -12.42 13.22
CA VAL H 261 -20.40 -12.28 12.21
C VAL H 261 -20.44 -10.89 11.61
N GLN H 262 -19.55 -10.64 10.65
CA GLN H 262 -19.46 -9.35 9.96
C GLN H 262 -19.64 -9.46 8.45
N CYS H 263 -19.11 -10.51 7.83
CA CYS H 263 -19.15 -10.68 6.39
C CYS H 263 -19.87 -11.97 6.04
N THR H 264 -20.82 -11.90 5.11
CA THR H 264 -21.60 -13.06 4.72
C THR H 264 -20.76 -13.99 3.86
N HIS H 265 -21.39 -15.07 3.40
CA HIS H 265 -20.74 -16.06 2.56
C HIS H 265 -20.79 -15.65 1.09
N GLY H 266 -19.93 -16.26 0.29
CA GLY H 266 -19.88 -15.96 -1.13
C GLY H 266 -21.23 -16.15 -1.81
N ILE H 267 -21.72 -15.10 -2.45
CA ILE H 267 -23.02 -15.11 -3.11
C ILE H 267 -22.85 -14.68 -4.56
N ARG H 268 -23.34 -15.50 -5.48
CA ARG H 268 -23.34 -15.14 -6.90
C ARG H 268 -24.62 -14.41 -7.24
N PRO H 269 -24.56 -13.16 -7.73
CA PRO H 269 -25.77 -12.39 -7.96
C PRO H 269 -26.47 -12.74 -9.26
N VAL H 270 -26.14 -13.90 -9.84
CA VAL H 270 -26.71 -14.35 -11.09
C VAL H 270 -28.23 -14.20 -11.06
N VAL H 271 -28.82 -13.83 -12.19
CA VAL H 271 -30.26 -13.65 -12.32
C VAL H 271 -30.81 -14.77 -13.20
N SER H 272 -32.01 -15.24 -12.85
CA SER H 272 -32.67 -16.30 -13.60
C SER H 272 -34.05 -16.51 -13.01
N THR H 273 -34.85 -17.35 -13.68
CA THR H 273 -36.21 -17.63 -13.24
C THR H 273 -36.55 -19.09 -13.50
N GLN H 274 -37.34 -19.66 -12.59
CA GLN H 274 -37.83 -21.04 -12.72
C GLN H 274 -36.74 -22.06 -12.42
N LEU H 275 -35.50 -21.58 -12.25
CA LEU H 275 -34.37 -22.44 -11.93
C LEU H 275 -33.23 -21.56 -11.45
N LEU H 276 -32.69 -21.87 -10.27
CA LEU H 276 -31.59 -21.10 -9.71
C LEU H 276 -30.26 -21.62 -10.25
N LEU H 277 -29.32 -20.71 -10.50
CA LEU H 277 -27.99 -21.08 -10.93
C LEU H 277 -27.18 -21.53 -9.72
N ASN H 278 -25.87 -21.65 -9.87
CA ASN H 278 -24.98 -22.06 -8.80
C ASN H 278 -25.37 -21.41 -7.48
N GLY H 279 -25.54 -22.23 -6.45
CA GLY H 279 -25.96 -21.73 -5.16
C GLY H 279 -25.79 -22.80 -4.11
N SER H 280 -25.75 -22.35 -2.85
CA SER H 280 -25.55 -23.26 -1.74
C SER H 280 -26.72 -24.23 -1.62
N LEU H 281 -26.42 -25.44 -1.13
CA LEU H 281 -27.39 -26.50 -0.96
C LEU H 281 -27.73 -26.68 0.52
N ALA H 282 -28.80 -27.43 0.77
CA ALA H 282 -29.20 -27.73 2.13
C ALA H 282 -28.16 -28.63 2.80
N GLU H 283 -28.41 -28.97 4.06
CA GLU H 283 -27.48 -29.75 4.85
C GLU H 283 -27.84 -31.23 4.91
N GLU H 284 -29.11 -31.55 5.19
CA GLU H 284 -29.49 -32.95 5.40
C GLU H 284 -30.70 -33.34 4.56
N GLU H 285 -31.56 -32.38 4.23
CA GLU H 285 -32.80 -32.70 3.54
C GLU H 285 -33.21 -31.52 2.66
N ILE H 286 -34.10 -31.82 1.72
CA ILE H 286 -34.68 -30.78 0.86
C ILE H 286 -35.75 -30.05 1.65
N VAL H 287 -35.59 -28.73 1.79
CA VAL H 287 -36.43 -27.94 2.67
C VAL H 287 -37.39 -27.10 1.85
N ILE H 288 -38.51 -26.73 2.48
CA ILE H 288 -39.54 -25.90 1.88
C ILE H 288 -39.83 -24.74 2.82
N ARG H 289 -39.84 -23.52 2.29
CA ARG H 289 -40.04 -22.33 3.08
C ARG H 289 -41.08 -21.43 2.43
N SER H 290 -41.85 -20.74 3.28
CA SER H 290 -42.88 -19.82 2.85
C SER H 290 -43.13 -18.82 3.98
N GLU H 291 -43.83 -17.73 3.65
CA GLU H 291 -44.10 -16.71 4.65
C GLU H 291 -45.44 -16.92 5.33
N ASN H 292 -46.52 -16.94 4.55
CA ASN H 292 -47.86 -17.12 5.12
C ASN H 292 -48.62 -18.06 4.18
N ILE H 293 -48.63 -19.34 4.51
CA ILE H 293 -49.29 -20.38 3.71
C ILE H 293 -50.79 -20.17 3.73
N THR H 294 -51.50 -20.88 2.86
CA THR H 294 -52.96 -20.85 2.80
C THR H 294 -53.47 -19.57 2.15
N ASP H 295 -52.69 -19.01 1.22
CA ASP H 295 -53.17 -17.87 0.44
C ASP H 295 -52.79 -17.94 -1.03
N ASN H 296 -52.10 -19.00 -1.47
CA ASN H 296 -51.70 -19.20 -2.86
C ASN H 296 -51.21 -17.91 -3.51
N ALA H 297 -50.51 -17.08 -2.74
CA ALA H 297 -50.00 -15.80 -3.23
C ALA H 297 -48.56 -15.52 -2.86
N LYS H 298 -47.95 -16.31 -1.96
CA LYS H 298 -46.56 -16.12 -1.56
C LYS H 298 -45.75 -17.31 -2.08
N THR H 299 -44.70 -17.01 -2.85
CA THR H 299 -43.94 -18.05 -3.50
C THR H 299 -43.29 -18.97 -2.47
N ILE H 300 -43.23 -20.26 -2.79
CA ILE H 300 -42.63 -21.27 -1.93
C ILE H 300 -41.23 -21.55 -2.44
N ILE H 301 -40.24 -21.41 -1.57
CA ILE H 301 -38.85 -21.67 -1.93
C ILE H 301 -38.51 -23.11 -1.53
N VAL H 302 -38.05 -23.90 -2.49
CA VAL H 302 -37.66 -25.28 -2.24
C VAL H 302 -36.16 -25.37 -2.46
N GLN H 303 -35.43 -25.70 -1.40
CA GLN H 303 -33.98 -25.80 -1.44
C GLN H 303 -33.58 -27.27 -1.43
N LEU H 304 -32.69 -27.64 -2.36
CA LEU H 304 -32.27 -29.02 -2.52
C LEU H 304 -30.90 -29.25 -1.89
N ASN H 305 -30.71 -30.45 -1.36
CA ASN H 305 -29.42 -30.86 -0.82
C ASN H 305 -28.58 -31.64 -1.82
N GLU H 306 -29.06 -31.78 -3.05
CA GLU H 306 -28.31 -32.42 -4.13
C GLU H 306 -28.38 -31.53 -5.37
N ALA H 307 -27.30 -31.49 -6.13
CA ALA H 307 -27.20 -30.61 -7.28
C ALA H 307 -27.65 -31.34 -8.54
N VAL H 308 -28.62 -30.76 -9.23
CA VAL H 308 -29.07 -31.28 -10.51
C VAL H 308 -28.29 -30.59 -11.62
N GLU H 309 -27.51 -31.35 -12.37
CA GLU H 309 -26.65 -30.72 -13.36
C GLU H 309 -27.45 -30.36 -14.62
N ILE H 310 -26.88 -29.47 -15.42
CA ILE H 310 -27.46 -29.09 -16.70
C ILE H 310 -26.34 -28.56 -17.58
N ASN H 311 -26.46 -28.79 -18.88
CA ASN H 311 -25.48 -28.32 -19.84
C ASN H 311 -26.22 -27.94 -21.12
N CYS H 312 -26.18 -26.66 -21.47
CA CYS H 312 -26.92 -26.16 -22.63
C CYS H 312 -25.95 -25.42 -23.53
N THR H 313 -25.97 -25.73 -24.82
CA THR H 313 -24.92 -25.29 -25.72
C THR H 313 -25.46 -25.07 -27.12
N ARG H 314 -24.68 -24.33 -27.90
CA ARG H 314 -24.88 -24.18 -29.34
C ARG H 314 -23.62 -23.63 -29.99
N ILE H 341 -28.25 -18.48 -35.70
CA ILE H 341 -27.75 -18.91 -34.40
C ILE H 341 -28.84 -18.75 -33.34
N ARG H 342 -30.10 -18.84 -33.77
CA ARG H 342 -31.25 -18.76 -32.88
C ARG H 342 -31.74 -20.13 -32.43
N GLN H 343 -30.87 -21.13 -32.42
CA GLN H 343 -31.21 -22.47 -31.98
C GLN H 343 -30.09 -23.02 -31.11
N ALA H 344 -30.48 -23.70 -30.03
CA ALA H 344 -29.51 -24.30 -29.11
C ALA H 344 -30.21 -25.42 -28.36
N HIS H 345 -29.40 -26.32 -27.77
CA HIS H 345 -29.96 -27.47 -27.09
C HIS H 345 -29.41 -27.55 -25.68
N CYS H 346 -30.32 -27.76 -24.72
CA CYS H 346 -29.99 -27.95 -23.32
C CYS H 346 -30.21 -29.41 -22.96
N ASN H 347 -29.47 -29.90 -21.97
CA ASN H 347 -29.52 -31.30 -21.59
C ASN H 347 -30.06 -31.45 -20.17
N ILE H 348 -30.95 -32.42 -19.99
CA ILE H 348 -31.47 -32.78 -18.68
C ILE H 348 -31.41 -34.29 -18.54
N SER H 349 -30.74 -34.76 -17.50
CA SER H 349 -30.61 -36.20 -17.24
C SER H 349 -31.76 -36.64 -16.35
N LYS H 350 -32.77 -37.26 -16.96
CA LYS H 350 -33.95 -37.69 -16.20
C LYS H 350 -33.56 -38.63 -15.07
N ALA H 351 -32.53 -39.46 -15.28
CA ALA H 351 -32.13 -40.43 -14.26
C ALA H 351 -31.75 -39.76 -12.95
N ARG H 352 -31.23 -38.55 -12.98
CA ARG H 352 -30.88 -37.82 -11.76
C ARG H 352 -31.94 -36.82 -11.34
N TRP H 353 -32.79 -36.36 -12.25
CA TRP H 353 -33.86 -35.46 -11.92
C TRP H 353 -35.02 -36.16 -11.23
N ASN H 354 -35.25 -37.44 -11.56
CA ASN H 354 -36.37 -38.17 -10.99
C ASN H 354 -36.23 -38.29 -9.47
N GLU H 355 -35.02 -38.55 -8.98
CA GLU H 355 -34.81 -38.68 -7.54
C GLU H 355 -35.19 -37.39 -6.80
N THR H 356 -34.68 -36.25 -7.29
CA THR H 356 -35.01 -34.98 -6.66
C THR H 356 -36.50 -34.69 -6.74
N LEU H 357 -37.12 -34.95 -7.90
CA LEU H 357 -38.55 -34.72 -8.03
C LEU H 357 -39.34 -35.57 -7.06
N GLY H 358 -38.96 -36.84 -6.90
CA GLY H 358 -39.64 -37.71 -5.97
C GLY H 358 -39.50 -37.24 -4.53
N GLN H 359 -38.29 -36.84 -4.13
CA GLN H 359 -38.12 -36.32 -2.77
C GLN H 359 -38.98 -35.08 -2.56
N ILE H 360 -38.98 -34.16 -3.52
CA ILE H 360 -39.74 -32.92 -3.35
C ILE H 360 -41.23 -33.22 -3.25
N VAL H 361 -41.74 -34.12 -4.11
CA VAL H 361 -43.16 -34.44 -4.09
C VAL H 361 -43.52 -35.14 -2.79
N ALA H 362 -42.67 -36.05 -2.31
CA ALA H 362 -42.94 -36.72 -1.05
C ALA H 362 -43.01 -35.73 0.10
N LYS H 363 -42.07 -34.78 0.13
CA LYS H 363 -42.10 -33.77 1.18
C LYS H 363 -43.35 -32.90 1.08
N LEU H 364 -43.74 -32.53 -0.14
CA LEU H 364 -44.95 -31.73 -0.31
C LEU H 364 -46.18 -32.49 0.17
N GLU H 365 -46.19 -33.82 -0.01
CA GLU H 365 -47.33 -34.62 0.42
C GLU H 365 -47.64 -34.43 1.90
N GLU H 366 -46.63 -34.17 2.73
CA GLU H 366 -46.87 -34.00 4.15
C GLU H 366 -47.79 -32.81 4.43
N GLN H 367 -47.56 -31.69 3.75
CA GLN H 367 -48.35 -30.50 4.02
C GLN H 367 -49.82 -30.73 3.70
N PHE H 368 -50.12 -31.35 2.57
CA PHE H 368 -51.49 -31.60 2.14
C PHE H 368 -51.61 -33.06 1.71
N PRO H 369 -51.55 -34.00 2.67
CA PRO H 369 -51.65 -35.42 2.31
C PRO H 369 -52.97 -35.78 1.64
N ASN H 370 -54.07 -35.12 2.00
CA ASN H 370 -55.38 -35.43 1.46
C ASN H 370 -55.53 -35.00 0.00
N LYS H 371 -54.57 -34.25 -0.54
CA LYS H 371 -54.67 -33.73 -1.89
C LYS H 371 -53.84 -34.58 -2.85
N THR H 372 -54.18 -34.50 -4.13
CA THR H 372 -53.46 -35.21 -5.19
C THR H 372 -52.62 -34.19 -5.95
N ILE H 373 -51.31 -34.37 -5.93
CA ILE H 373 -50.39 -33.38 -6.51
C ILE H 373 -50.31 -33.59 -8.01
N ILE H 374 -50.54 -32.52 -8.76
CA ILE H 374 -50.45 -32.54 -10.22
C ILE H 374 -49.63 -31.34 -10.68
N PHE H 375 -48.65 -31.59 -11.52
CA PHE H 375 -47.84 -30.54 -12.10
C PHE H 375 -48.40 -30.12 -13.46
N ASN H 376 -47.93 -28.98 -13.96
CA ASN H 376 -48.39 -28.43 -15.22
C ASN H 376 -47.39 -27.36 -15.64
N HIS H 377 -47.71 -26.62 -16.71
CA HIS H 377 -46.85 -25.56 -17.22
C HIS H 377 -47.39 -24.20 -16.77
N SER H 378 -46.68 -23.15 -17.16
CA SER H 378 -47.03 -21.80 -16.72
C SER H 378 -48.36 -21.36 -17.31
N SER H 379 -48.96 -20.36 -16.68
CA SER H 379 -50.26 -19.84 -17.06
C SER H 379 -50.18 -18.66 -18.02
N GLY H 380 -48.98 -18.28 -18.46
CA GLY H 380 -48.83 -17.18 -19.38
C GLY H 380 -48.39 -15.89 -18.69
N GLY H 381 -47.85 -14.98 -19.49
CA GLY H 381 -47.33 -13.73 -18.98
C GLY H 381 -46.18 -13.19 -19.80
N ASP H 382 -45.25 -12.50 -19.15
CA ASP H 382 -44.10 -11.96 -19.86
C ASP H 382 -43.22 -13.10 -20.40
N PRO H 383 -42.58 -12.88 -21.55
CA PRO H 383 -41.71 -13.92 -22.10
C PRO H 383 -40.51 -14.24 -21.22
N GLU H 384 -40.16 -13.35 -20.29
CA GLU H 384 -39.02 -13.55 -19.40
C GLU H 384 -39.39 -14.36 -18.16
N ILE H 385 -40.66 -14.68 -17.95
CA ILE H 385 -41.12 -15.39 -16.76
C ILE H 385 -41.77 -16.72 -17.12
N VAL H 386 -42.60 -16.75 -18.15
CA VAL H 386 -43.30 -17.98 -18.52
C VAL H 386 -42.29 -19.04 -18.95
N THR H 387 -41.31 -18.66 -19.76
CA THR H 387 -40.30 -19.56 -20.28
C THR H 387 -38.97 -19.27 -19.62
N HIS H 388 -38.17 -20.32 -19.41
CA HIS H 388 -36.94 -20.14 -18.64
C HIS H 388 -36.00 -19.19 -19.37
N SER H 389 -35.26 -18.40 -18.60
CA SER H 389 -34.35 -17.42 -19.17
C SER H 389 -33.03 -17.43 -18.42
N PHE H 390 -31.97 -17.02 -19.10
CA PHE H 390 -30.64 -16.99 -18.50
C PHE H 390 -29.76 -16.05 -19.31
N ASN H 391 -28.66 -15.61 -18.69
CA ASN H 391 -27.68 -14.76 -19.34
C ASN H 391 -26.34 -15.49 -19.35
N CYS H 392 -25.88 -15.89 -20.53
CA CYS H 392 -24.67 -16.69 -20.67
C CYS H 392 -23.81 -16.14 -21.79
N GLY H 393 -22.59 -15.75 -21.47
CA GLY H 393 -21.65 -15.32 -22.49
C GLY H 393 -22.15 -14.16 -23.34
N GLY H 394 -22.78 -13.17 -22.73
CA GLY H 394 -23.33 -12.08 -23.47
C GLY H 394 -24.56 -12.41 -24.28
N GLU H 395 -25.21 -13.54 -24.01
CA GLU H 395 -26.38 -13.98 -24.77
C GLU H 395 -27.55 -14.16 -23.81
N PHE H 396 -28.74 -13.73 -24.26
CA PHE H 396 -29.95 -13.81 -23.45
C PHE H 396 -30.76 -15.04 -23.88
N PHE H 397 -30.39 -16.17 -23.30
CA PHE H 397 -31.01 -17.43 -23.66
C PHE H 397 -32.43 -17.52 -23.10
N TYR H 398 -33.36 -17.93 -23.96
CA TYR H 398 -34.74 -18.24 -23.56
C TYR H 398 -35.03 -19.67 -23.96
N CYS H 399 -35.10 -20.56 -22.98
CA CYS H 399 -35.32 -21.98 -23.20
C CYS H 399 -36.70 -22.37 -22.67
N ASN H 400 -37.45 -23.10 -23.49
CA ASN H 400 -38.83 -23.48 -23.18
C ASN H 400 -38.82 -24.83 -22.46
N THR H 401 -39.03 -24.80 -21.14
CA THR H 401 -38.96 -25.99 -20.30
C THR H 401 -40.34 -26.57 -19.98
N THR H 402 -41.29 -26.45 -20.91
CA THR H 402 -42.61 -27.03 -20.68
C THR H 402 -42.58 -28.53 -20.43
N PRO H 403 -41.81 -29.36 -21.18
CA PRO H 403 -41.85 -30.81 -20.98
C PRO H 403 -41.04 -31.28 -19.77
N LEU H 404 -41.20 -30.58 -18.65
CA LEU H 404 -40.64 -31.02 -17.37
C LEU H 404 -41.57 -30.83 -16.19
N PHE H 405 -42.62 -30.02 -16.29
CA PHE H 405 -43.52 -29.76 -15.18
C PHE H 405 -44.98 -30.04 -15.52
N ASN H 406 -45.27 -30.57 -16.71
CA ASN H 406 -46.65 -30.88 -17.07
C ASN H 406 -47.08 -32.24 -16.54
N SER H 407 -46.16 -33.20 -16.50
CA SER H 407 -46.49 -34.56 -16.09
C SER H 407 -47.05 -34.58 -14.67
N THR H 408 -48.12 -35.36 -14.47
CA THR H 408 -48.69 -35.55 -13.15
C THR H 408 -47.83 -36.51 -12.33
N TRP H 409 -48.02 -36.47 -11.01
CA TRP H 409 -47.22 -37.29 -10.11
C TRP H 409 -48.13 -37.95 -9.08
N ASN H 410 -47.70 -39.11 -8.61
CA ASN H 410 -48.41 -39.86 -7.57
C ASN H 410 -47.38 -40.59 -6.73
N ASN H 411 -47.86 -41.44 -5.81
CA ASN H 411 -46.94 -42.19 -4.97
C ASN H 411 -45.99 -43.08 -5.77
N THR H 412 -46.37 -43.42 -7.00
CA THR H 412 -45.53 -44.21 -7.89
C THR H 412 -45.21 -43.39 -9.13
N ARG H 413 -44.09 -43.74 -9.77
CA ARG H 413 -43.64 -43.01 -10.95
C ARG H 413 -44.60 -43.22 -12.11
N THR H 414 -44.80 -42.16 -12.90
CA THR H 414 -45.65 -42.25 -14.09
C THR H 414 -45.05 -41.50 -15.27
N ASP H 415 -43.74 -41.30 -15.30
CA ASP H 415 -43.09 -40.58 -16.39
C ASP H 415 -42.73 -41.52 -17.55
N ASP H 416 -41.88 -42.51 -17.28
CA ASP H 416 -41.47 -43.48 -18.29
C ASP H 416 -40.58 -44.51 -17.62
N TYR H 417 -40.55 -45.70 -18.21
CA TYR H 417 -39.71 -46.78 -17.70
C TYR H 417 -40.14 -47.20 -16.29
N GLN H 423 -34.08 -40.07 -20.66
CA GLN H 423 -32.69 -40.01 -20.22
C GLN H 423 -32.11 -38.62 -20.46
N ASN H 424 -31.77 -38.34 -21.70
CA ASN H 424 -31.20 -37.05 -22.11
C ASN H 424 -32.31 -36.24 -22.78
N ILE H 425 -33.12 -35.57 -21.96
CA ILE H 425 -34.21 -34.75 -22.47
C ILE H 425 -33.61 -33.51 -23.14
N THR H 426 -34.04 -33.25 -24.37
CA THR H 426 -33.52 -32.14 -25.17
C THR H 426 -34.40 -30.91 -24.95
N LEU H 427 -33.82 -29.88 -24.34
CA LEU H 427 -34.51 -28.61 -24.12
C LEU H 427 -34.17 -27.68 -25.29
N GLN H 428 -35.13 -27.45 -26.16
CA GLN H 428 -34.91 -26.53 -27.27
C GLN H 428 -34.84 -25.10 -26.75
N CYS H 429 -33.91 -24.31 -27.30
CA CYS H 429 -33.71 -22.96 -26.82
C CYS H 429 -33.44 -22.06 -28.01
N ARG H 430 -33.82 -20.79 -27.85
CA ARG H 430 -33.70 -19.80 -28.93
C ARG H 430 -33.06 -18.55 -28.36
N ILE H 431 -31.93 -18.14 -28.94
CA ILE H 431 -31.27 -16.91 -28.52
C ILE H 431 -32.16 -15.73 -28.86
N LYS H 432 -32.11 -14.70 -28.01
CA LYS H 432 -32.98 -13.54 -28.16
C LYS H 432 -32.19 -12.28 -27.85
N GLN H 433 -32.81 -11.13 -28.13
CA GLN H 433 -32.25 -9.82 -27.81
C GLN H 433 -33.27 -8.91 -27.12
N ILE H 434 -34.33 -9.48 -26.56
CA ILE H 434 -35.42 -8.72 -25.96
C ILE H 434 -35.50 -9.07 -24.48
N ILE H 435 -35.54 -8.04 -23.63
CA ILE H 435 -35.67 -8.24 -22.20
C ILE H 435 -36.41 -7.05 -21.59
N ASN H 436 -37.30 -7.34 -20.65
CA ASN H 436 -37.92 -6.32 -19.81
C ASN H 436 -37.03 -6.11 -18.59
N MET H 437 -36.32 -4.98 -18.57
CA MET H 437 -35.35 -4.72 -17.51
C MET H 437 -35.94 -4.97 -16.13
N TRP H 438 -35.39 -5.95 -15.41
CA TRP H 438 -35.83 -6.25 -14.06
C TRP H 438 -35.55 -5.12 -13.07
N GLN H 439 -34.72 -4.16 -13.46
CA GLN H 439 -34.37 -3.02 -12.61
C GLN H 439 -35.23 -1.80 -12.90
N GLY H 440 -36.48 -2.01 -13.31
CA GLY H 440 -37.35 -0.93 -13.71
C GLY H 440 -37.88 -1.14 -15.12
N VAL H 441 -39.13 -0.75 -15.35
CA VAL H 441 -39.74 -0.95 -16.66
C VAL H 441 -38.91 -0.25 -17.73
N GLY H 442 -38.50 -1.00 -18.73
CA GLY H 442 -37.71 -0.44 -19.81
C GLY H 442 -37.12 -1.52 -20.68
N LYS H 443 -36.30 -1.08 -21.63
CA LYS H 443 -35.65 -1.96 -22.60
C LYS H 443 -34.14 -1.79 -22.53
N ALA H 444 -33.44 -2.84 -22.95
CA ALA H 444 -31.98 -2.78 -23.04
C ALA H 444 -31.54 -3.82 -24.07
N MET H 445 -31.15 -3.35 -25.25
CA MET H 445 -30.71 -4.22 -26.33
C MET H 445 -29.23 -4.00 -26.60
N TYR H 446 -28.46 -5.07 -26.57
CA TYR H 446 -27.02 -5.03 -26.76
C TYR H 446 -26.67 -5.37 -28.19
N ALA H 447 -25.38 -5.43 -28.47
CA ALA H 447 -24.93 -5.79 -29.81
C ALA H 447 -25.30 -7.25 -30.11
N PRO H 448 -25.60 -7.58 -31.36
CA PRO H 448 -26.05 -8.94 -31.68
C PRO H 448 -25.00 -9.97 -31.32
N PRO H 449 -25.32 -11.26 -31.47
CA PRO H 449 -24.48 -12.31 -30.90
C PRO H 449 -23.21 -12.56 -31.70
N ILE H 450 -22.30 -13.32 -31.08
CA ILE H 450 -21.08 -13.78 -31.71
C ILE H 450 -21.41 -14.93 -32.64
N ARG H 451 -20.44 -15.35 -33.46
CA ARG H 451 -20.72 -16.33 -34.51
C ARG H 451 -21.19 -17.66 -33.93
N GLY H 452 -20.56 -18.14 -32.87
CA GLY H 452 -21.00 -19.40 -32.28
C GLY H 452 -20.02 -19.91 -31.25
N GLN H 453 -20.12 -21.22 -31.01
CA GLN H 453 -19.29 -21.92 -30.02
C GLN H 453 -19.55 -21.39 -28.61
N ILE H 454 -20.80 -21.58 -28.16
CA ILE H 454 -21.25 -21.14 -26.85
C ILE H 454 -21.62 -22.37 -26.02
N ARG H 455 -21.11 -22.44 -24.79
CA ARG H 455 -21.40 -23.51 -23.86
C ARG H 455 -21.83 -22.90 -22.53
N CYS H 456 -22.70 -23.61 -21.81
CA CYS H 456 -23.10 -23.17 -20.47
C CYS H 456 -23.38 -24.42 -19.63
N SER H 457 -22.47 -24.73 -18.70
CA SER H 457 -22.63 -25.86 -17.79
C SER H 457 -22.98 -25.30 -16.42
N SER H 458 -24.18 -25.61 -15.93
CA SER H 458 -24.70 -25.06 -14.70
C SER H 458 -25.14 -26.15 -13.74
N ASN H 459 -25.16 -25.81 -12.46
CA ASN H 459 -25.72 -26.64 -11.40
C ASN H 459 -27.11 -26.14 -11.03
N ILE H 460 -27.84 -26.96 -10.30
CA ILE H 460 -29.15 -26.62 -9.78
C ILE H 460 -29.20 -26.99 -8.30
N THR H 461 -29.45 -25.99 -7.46
CA THR H 461 -29.52 -26.19 -6.02
C THR H 461 -30.72 -25.52 -5.36
N GLY H 462 -31.63 -24.90 -6.13
CA GLY H 462 -32.80 -24.28 -5.56
C GLY H 462 -33.91 -24.18 -6.59
N LEU H 463 -35.10 -23.85 -6.11
CA LEU H 463 -36.24 -23.74 -7.01
C LEU H 463 -37.31 -22.88 -6.36
N LEU H 464 -38.09 -22.20 -7.20
CA LEU H 464 -39.21 -21.37 -6.77
C LEU H 464 -40.48 -21.98 -7.34
N LEU H 465 -41.41 -22.35 -6.45
CA LEU H 465 -42.66 -22.97 -6.86
C LEU H 465 -43.79 -22.40 -6.02
N THR H 466 -44.87 -22.00 -6.68
CA THR H 466 -46.07 -21.54 -6.01
C THR H 466 -47.19 -22.57 -6.19
N ARG H 467 -48.21 -22.46 -5.35
CA ARG H 467 -49.32 -23.40 -5.36
C ARG H 467 -50.59 -22.69 -5.79
N ASP H 468 -51.49 -23.46 -6.40
CA ASP H 468 -52.76 -22.93 -6.90
C ASP H 468 -53.86 -23.29 -5.90
N GLY H 469 -54.61 -22.27 -5.47
CA GLY H 469 -55.71 -22.46 -4.55
C GLY H 469 -57.01 -21.89 -5.11
N GLY H 470 -58.11 -22.34 -4.52
CA GLY H 470 -59.42 -21.89 -4.94
C GLY H 470 -60.51 -22.72 -4.31
N ARG H 471 -61.74 -22.20 -4.43
CA ARG H 471 -62.90 -22.89 -3.86
C ARG H 471 -63.28 -24.14 -4.64
N ASP H 472 -62.84 -24.26 -5.88
CA ASP H 472 -63.16 -25.41 -6.73
C ASP H 472 -62.15 -26.53 -6.62
N GLN H 473 -61.18 -26.43 -5.71
CA GLN H 473 -60.12 -27.42 -5.57
C GLN H 473 -60.74 -28.73 -5.09
N ASN H 474 -60.89 -29.68 -6.02
CA ASN H 474 -61.48 -30.99 -5.72
C ASN H 474 -60.37 -32.02 -5.56
N GLY H 475 -59.77 -32.04 -4.37
CA GLY H 475 -58.73 -33.01 -4.08
C GLY H 475 -57.55 -32.95 -5.01
N THR H 476 -57.21 -31.75 -5.49
CA THR H 476 -56.10 -31.56 -6.41
C THR H 476 -55.23 -30.40 -5.94
N GLU H 477 -53.94 -30.52 -6.20
CA GLU H 477 -52.95 -29.50 -5.84
C GLU H 477 -52.12 -29.22 -7.09
N THR H 478 -52.38 -28.09 -7.73
CA THR H 478 -51.67 -27.72 -8.94
C THR H 478 -50.33 -27.08 -8.59
N PHE H 479 -49.27 -27.55 -9.22
CA PHE H 479 -47.91 -27.05 -8.98
C PHE H 479 -47.33 -26.59 -10.32
N ARG H 480 -47.14 -25.29 -10.45
CA ARG H 480 -46.60 -24.68 -11.66
C ARG H 480 -45.32 -23.91 -11.35
N PRO H 481 -44.50 -23.63 -12.36
CA PRO H 481 -43.24 -22.92 -12.11
C PRO H 481 -43.51 -21.51 -11.61
N GLY H 482 -42.55 -20.99 -10.84
CA GLY H 482 -42.69 -19.67 -10.27
C GLY H 482 -41.53 -18.74 -10.59
N GLY H 483 -41.37 -17.68 -9.81
CA GLY H 483 -40.36 -16.69 -10.05
C GLY H 483 -40.93 -15.45 -10.72
N GLY H 484 -40.05 -14.45 -10.89
CA GLY H 484 -40.44 -13.22 -11.54
C GLY H 484 -39.95 -11.99 -10.81
N ASN H 485 -39.89 -12.08 -9.49
CA ASN H 485 -39.37 -10.99 -8.64
C ASN H 485 -38.02 -11.47 -8.09
N MET H 486 -36.94 -10.92 -8.61
CA MET H 486 -35.61 -11.35 -8.18
C MET H 486 -35.39 -11.01 -6.70
N ARG H 487 -36.22 -10.13 -6.14
CA ARG H 487 -36.18 -9.90 -4.69
C ARG H 487 -36.44 -11.20 -3.93
N ASP H 488 -37.35 -12.02 -4.43
CA ASP H 488 -37.63 -13.30 -3.76
C ASP H 488 -36.41 -14.19 -3.76
N ASN H 489 -35.70 -14.27 -4.89
CA ASN H 489 -34.46 -15.03 -4.93
C ASN H 489 -33.42 -14.45 -3.97
N TRP H 490 -33.32 -13.12 -3.91
CA TRP H 490 -32.37 -12.51 -3.01
C TRP H 490 -32.76 -12.70 -1.54
N ARG H 491 -34.03 -13.02 -1.27
CA ARG H 491 -34.43 -13.41 0.07
C ARG H 491 -34.07 -14.86 0.39
N SER H 492 -33.59 -15.61 -0.60
CA SER H 492 -33.18 -16.99 -0.41
C SER H 492 -31.76 -17.12 0.12
N GLU H 493 -30.99 -16.02 0.14
CA GLU H 493 -29.63 -16.03 0.65
C GLU H 493 -29.41 -15.04 1.77
N LEU H 494 -30.43 -14.26 2.14
CA LEU H 494 -30.30 -13.27 3.20
C LEU H 494 -31.23 -13.54 4.38
N TYR H 495 -32.07 -14.57 4.30
CA TYR H 495 -32.96 -14.90 5.41
C TYR H 495 -32.21 -15.40 6.64
N LYS H 496 -30.94 -15.74 6.50
CA LYS H 496 -30.14 -16.25 7.62
C LYS H 496 -29.37 -15.16 8.35
N TYR H 497 -29.51 -13.89 7.96
CA TYR H 497 -28.71 -12.81 8.52
C TYR H 497 -29.58 -11.64 8.91
N LYS H 498 -29.31 -11.09 10.10
CA LYS H 498 -30.05 -9.94 10.61
C LYS H 498 -29.08 -8.96 11.28
N VAL H 499 -29.30 -7.67 11.06
CA VAL H 499 -28.37 -6.64 11.52
C VAL H 499 -28.73 -6.26 12.96
N VAL H 500 -27.70 -6.15 13.81
CA VAL H 500 -27.88 -5.92 15.24
C VAL H 500 -26.93 -4.85 15.73
N LYS H 501 -27.44 -4.01 16.63
CA LYS H 501 -26.68 -3.03 17.38
C LYS H 501 -26.86 -3.31 18.86
N ILE H 502 -26.00 -2.70 19.69
CA ILE H 502 -25.94 -2.99 21.12
C ILE H 502 -26.10 -1.70 21.90
N GLU H 503 -26.95 -1.73 22.94
CA GLU H 503 -27.12 -0.63 23.88
C GLU H 503 -26.77 -1.13 25.28
N PRO H 504 -25.79 -0.54 25.96
CA PRO H 504 -25.25 -1.17 27.18
C PRO H 504 -25.96 -0.78 28.47
N LEU H 505 -26.67 0.34 28.50
CA LEU H 505 -27.23 0.81 29.75
C LEU H 505 -28.41 -0.04 30.18
N GLY H 506 -28.60 -0.15 31.50
CA GLY H 506 -29.73 -0.90 32.02
C GLY H 506 -30.17 -0.48 33.41
N ILE H 507 -31.44 -0.73 33.74
CA ILE H 507 -31.99 -0.41 35.06
C ILE H 507 -32.46 -1.71 35.70
N ALA H 508 -32.61 -1.70 37.01
CA ALA H 508 -33.07 -2.88 37.72
C ALA H 508 -33.41 -2.50 39.15
N PRO H 509 -34.33 -3.21 39.78
CA PRO H 509 -34.61 -2.98 41.20
C PRO H 509 -33.71 -3.81 42.10
N THR H 510 -33.38 -3.22 43.25
CA THR H 510 -32.52 -3.86 44.22
C THR H 510 -32.75 -3.19 45.56
N ALA H 511 -32.24 -3.81 46.62
CA ALA H 511 -32.39 -3.30 47.98
C ALA H 511 -31.21 -2.44 48.40
N CYS H 512 -30.61 -1.71 47.47
CA CYS H 512 -29.47 -0.87 47.81
C CYS H 512 -29.99 0.52 48.20
N LYS H 513 -29.20 1.23 49.01
CA LYS H 513 -29.59 2.55 49.48
C LYS H 513 -28.33 3.40 49.49
N ARG H 514 -28.16 4.22 48.45
CA ARG H 514 -27.00 5.11 48.39
C ARG H 514 -26.98 6.02 49.60
N ARG H 515 -25.80 6.14 50.21
CA ARG H 515 -25.64 7.00 51.38
C ARG H 515 -25.93 8.44 51.02
N VAL H 516 -26.49 9.17 51.98
CA VAL H 516 -26.86 10.57 51.77
C VAL H 516 -27.28 11.20 53.09
N LYS I 1 -68.97 -0.16 -1.44
CA LYS I 1 -68.29 -1.04 -2.38
C LYS I 1 -68.39 -0.51 -3.81
N LYS I 2 -67.22 -0.27 -4.42
CA LYS I 2 -67.19 0.26 -5.77
C LYS I 2 -67.87 -0.71 -6.74
N VAL I 3 -68.67 -0.18 -7.65
CA VAL I 3 -69.41 -0.97 -8.63
C VAL I 3 -69.22 -0.34 -10.00
N VAL I 4 -69.03 -1.18 -11.01
CA VAL I 4 -68.87 -0.74 -12.38
C VAL I 4 -69.83 -1.52 -13.27
N LEU I 5 -70.22 -0.91 -14.39
CA LEU I 5 -71.15 -1.51 -15.34
C LEU I 5 -70.49 -1.60 -16.70
N GLY I 6 -70.53 -2.79 -17.30
CA GLY I 6 -70.00 -3.03 -18.61
C GLY I 6 -71.09 -3.17 -19.67
N LYS I 7 -70.63 -3.27 -20.92
CA LYS I 7 -71.53 -3.37 -22.07
C LYS I 7 -71.40 -4.72 -22.78
N LYS I 8 -70.80 -5.71 -22.12
CA LYS I 8 -70.69 -7.07 -22.66
C LYS I 8 -69.98 -7.07 -24.02
N GLY I 9 -68.70 -6.69 -23.96
CA GLY I 9 -67.87 -6.68 -25.15
C GLY I 9 -66.87 -5.55 -25.18
N ASP I 10 -67.09 -4.52 -24.37
CA ASP I 10 -66.17 -3.39 -24.30
C ASP I 10 -65.03 -3.72 -23.33
N THR I 11 -64.19 -2.72 -23.07
CA THR I 11 -63.07 -2.87 -22.17
C THR I 11 -63.42 -2.32 -20.78
N VAL I 12 -62.74 -2.85 -19.77
CA VAL I 12 -62.94 -2.44 -18.39
C VAL I 12 -61.58 -2.22 -17.74
N GLU I 13 -61.49 -1.21 -16.89
CA GLU I 13 -60.24 -0.85 -16.22
C GLU I 13 -60.50 -0.83 -14.72
N LEU I 14 -59.91 -1.78 -13.99
CA LEU I 14 -60.06 -1.88 -12.55
C LEU I 14 -58.86 -1.26 -11.87
N THR I 15 -59.07 -0.15 -11.18
CA THR I 15 -58.00 0.64 -10.58
C THR I 15 -58.02 0.52 -9.06
N CYS I 16 -56.83 0.32 -8.49
CA CYS I 16 -56.65 0.35 -7.05
C CYS I 16 -56.12 1.71 -6.64
N THR I 17 -55.75 1.84 -5.37
CA THR I 17 -55.22 3.11 -4.85
C THR I 17 -53.98 2.82 -4.01
N ALA I 18 -53.06 3.79 -4.02
CA ALA I 18 -51.82 3.68 -3.26
C ALA I 18 -51.29 5.07 -2.96
N SER I 19 -50.35 5.14 -2.02
CA SER I 19 -49.79 6.43 -1.62
C SER I 19 -48.27 6.39 -1.61
N GLN I 20 -47.69 5.19 -1.44
CA GLN I 20 -46.24 5.07 -1.33
C GLN I 20 -45.52 5.31 -2.65
N LYS I 21 -46.24 5.31 -3.77
CA LYS I 21 -45.72 5.69 -5.09
C LYS I 21 -44.41 4.98 -5.41
N LYS I 22 -44.44 3.65 -5.33
CA LYS I 22 -43.28 2.85 -5.72
C LYS I 22 -43.65 1.59 -6.48
N SER I 23 -44.93 1.40 -6.82
CA SER I 23 -45.37 0.23 -7.58
C SER I 23 -45.10 -1.05 -6.79
N ILE I 24 -45.64 -1.09 -5.57
CA ILE I 24 -45.49 -2.27 -4.72
C ILE I 24 -46.34 -3.40 -5.27
N GLN I 25 -46.02 -4.63 -4.82
CA GLN I 25 -46.72 -5.81 -5.29
C GLN I 25 -48.23 -5.62 -5.20
N PHE I 26 -48.96 -6.32 -6.06
CA PHE I 26 -50.41 -6.19 -6.11
C PHE I 26 -50.99 -7.47 -6.71
N HIS I 27 -52.28 -7.68 -6.47
CA HIS I 27 -52.95 -8.88 -6.94
C HIS I 27 -54.42 -8.59 -7.17
N TRP I 28 -55.05 -9.44 -7.98
CA TRP I 28 -56.48 -9.40 -8.22
C TRP I 28 -57.04 -10.80 -7.95
N LYS I 29 -58.09 -10.88 -7.13
CA LYS I 29 -58.73 -12.13 -6.79
C LYS I 29 -60.24 -11.96 -6.82
N ASN I 30 -60.93 -12.99 -7.31
CA ASN I 30 -62.38 -12.96 -7.40
C ASN I 30 -62.98 -13.30 -6.03
N SER I 31 -64.31 -13.40 -5.96
CA SER I 31 -64.97 -13.76 -4.72
C SER I 31 -64.70 -15.20 -4.30
N ASN I 32 -64.16 -16.02 -5.20
CA ASN I 32 -63.83 -17.41 -4.91
C ASN I 32 -62.35 -17.61 -4.63
N GLN I 33 -61.60 -16.51 -4.46
CA GLN I 33 -60.16 -16.58 -4.20
C GLN I 33 -59.43 -17.25 -5.37
N ILE I 34 -59.57 -16.64 -6.54
CA ILE I 34 -58.96 -17.12 -7.78
C ILE I 34 -58.10 -16.00 -8.36
N LYS I 35 -56.84 -16.31 -8.66
CA LYS I 35 -55.93 -15.33 -9.24
C LYS I 35 -56.13 -15.25 -10.75
N ILE I 36 -56.12 -14.02 -11.25
CA ILE I 36 -56.28 -13.75 -12.69
C ILE I 36 -55.00 -13.16 -13.27
N LEU I 37 -54.53 -12.04 -12.72
CA LEU I 37 -53.25 -11.47 -13.10
C LEU I 37 -52.26 -11.66 -11.95
N GLY I 38 -51.05 -11.13 -12.10
CA GLY I 38 -50.06 -11.24 -11.06
C GLY I 38 -48.88 -10.32 -11.24
N ASN I 39 -48.22 -9.98 -10.14
CA ASN I 39 -47.03 -9.15 -10.16
C ASN I 39 -45.94 -9.81 -9.32
N GLN I 40 -44.74 -9.90 -9.90
CA GLN I 40 -43.56 -10.42 -9.19
C GLN I 40 -42.44 -9.40 -9.42
N GLY I 41 -42.41 -8.38 -8.58
CA GLY I 41 -41.47 -7.28 -8.76
C GLY I 41 -42.01 -6.21 -9.68
N SER I 42 -41.57 -6.23 -10.94
CA SER I 42 -42.07 -5.30 -11.95
C SER I 42 -42.60 -5.99 -13.19
N PHE I 43 -42.53 -7.32 -13.26
CA PHE I 43 -43.01 -8.06 -14.42
C PHE I 43 -44.54 -8.18 -14.35
N LEU I 44 -45.11 -8.90 -15.30
CA LEU I 44 -46.55 -9.09 -15.39
C LEU I 44 -46.86 -10.50 -15.85
N THR I 45 -47.44 -11.30 -14.96
CA THR I 45 -47.83 -12.66 -15.26
C THR I 45 -49.34 -12.79 -15.25
N LYS I 46 -49.84 -13.85 -15.89
CA LYS I 46 -51.28 -14.10 -15.98
C LYS I 46 -51.55 -15.50 -15.43
N GLY I 47 -52.25 -15.56 -14.30
CA GLY I 47 -52.50 -16.81 -13.63
C GLY I 47 -53.49 -17.70 -14.36
N PRO I 48 -53.52 -18.98 -13.99
CA PRO I 48 -54.43 -19.92 -14.66
C PRO I 48 -55.89 -19.68 -14.31
N SER I 49 -56.43 -18.56 -14.79
CA SER I 49 -57.82 -18.19 -14.55
C SER I 49 -58.54 -18.03 -15.88
N LYS I 50 -59.87 -17.96 -15.81
CA LYS I 50 -60.69 -17.80 -17.01
C LYS I 50 -60.45 -16.48 -17.72
N LEU I 51 -59.85 -15.49 -17.05
CA LEU I 51 -59.55 -14.19 -17.63
C LEU I 51 -58.07 -14.02 -17.93
N ASN I 52 -57.40 -15.11 -18.33
CA ASN I 52 -55.97 -15.04 -18.61
C ASN I 52 -55.68 -14.09 -19.77
N ASP I 53 -56.47 -14.16 -20.84
CA ASP I 53 -56.22 -13.40 -22.05
C ASP I 53 -56.89 -12.03 -22.07
N ARG I 54 -57.70 -11.71 -21.06
CA ARG I 54 -58.43 -10.45 -21.04
C ARG I 54 -57.81 -9.40 -20.12
N ALA I 55 -57.10 -9.82 -19.08
CA ALA I 55 -56.53 -8.87 -18.13
C ALA I 55 -55.45 -8.02 -18.78
N ASP I 56 -55.37 -6.77 -18.34
CA ASP I 56 -54.39 -5.81 -18.87
C ASP I 56 -54.10 -4.79 -17.78
N SER I 57 -52.93 -4.15 -17.90
CA SER I 57 -52.48 -3.18 -16.92
C SER I 57 -51.70 -2.08 -17.61
N ARG I 58 -51.47 -1.00 -16.86
CA ARG I 58 -50.67 0.14 -17.33
C ARG I 58 -49.34 0.12 -16.58
N ARG I 59 -48.39 -0.63 -17.14
CA ARG I 59 -47.11 -0.85 -16.47
C ARG I 59 -46.32 0.44 -16.30
N SER I 60 -46.33 1.31 -17.32
CA SER I 60 -45.54 2.54 -17.24
C SER I 60 -45.96 3.44 -16.09
N LEU I 61 -47.20 3.31 -15.61
CA LEU I 61 -47.69 4.12 -14.50
C LEU I 61 -47.61 3.40 -13.16
N TRP I 62 -46.95 2.24 -13.11
CA TRP I 62 -46.82 1.53 -11.85
C TRP I 62 -46.11 2.38 -10.80
N ASP I 63 -45.03 3.05 -11.20
CA ASP I 63 -44.27 3.87 -10.25
C ASP I 63 -45.01 5.13 -9.85
N GLN I 64 -46.12 5.46 -10.53
CA GLN I 64 -46.88 6.66 -10.21
C GLN I 64 -47.99 6.40 -9.20
N GLY I 65 -48.19 5.15 -8.77
CA GLY I 65 -49.15 4.85 -7.75
C GLY I 65 -50.50 4.38 -8.26
N ASN I 66 -50.49 3.63 -9.38
CA ASN I 66 -51.71 3.10 -9.96
C ASN I 66 -51.47 1.68 -10.45
N PHE I 67 -52.54 0.89 -10.46
CA PHE I 67 -52.51 -0.46 -11.00
C PHE I 67 -53.85 -0.77 -11.67
N PRO I 68 -54.31 0.05 -12.61
CA PRO I 68 -55.60 -0.22 -13.26
C PRO I 68 -55.58 -1.57 -13.97
N LEU I 69 -56.70 -2.28 -13.87
CA LEU I 69 -56.85 -3.60 -14.47
C LEU I 69 -57.67 -3.47 -15.75
N ILE I 70 -57.00 -3.48 -16.89
CA ILE I 70 -57.64 -3.37 -18.19
C ILE I 70 -58.08 -4.77 -18.64
N ILE I 71 -59.34 -4.89 -19.02
CA ILE I 71 -59.88 -6.14 -19.55
C ILE I 71 -60.60 -5.82 -20.85
N LYS I 72 -60.34 -6.61 -21.89
CA LYS I 72 -60.91 -6.40 -23.21
C LYS I 72 -61.97 -7.46 -23.50
N ASN I 73 -62.98 -7.06 -24.26
CA ASN I 73 -64.08 -7.96 -24.64
C ASN I 73 -64.81 -8.48 -23.40
N LEU I 74 -65.39 -7.53 -22.66
CA LEU I 74 -66.12 -7.88 -21.45
C LEU I 74 -67.28 -8.80 -21.78
N LYS I 75 -67.50 -9.78 -20.90
CA LYS I 75 -68.60 -10.73 -21.05
C LYS I 75 -69.31 -10.92 -19.72
N ILE I 76 -70.58 -11.30 -19.79
CA ILE I 76 -71.40 -11.43 -18.60
C ILE I 76 -70.85 -12.49 -17.66
N GLU I 77 -70.14 -13.48 -18.20
CA GLU I 77 -69.64 -14.58 -17.39
C GLU I 77 -68.53 -14.17 -16.44
N ASP I 78 -67.97 -12.97 -16.58
CA ASP I 78 -66.84 -12.53 -15.79
C ASP I 78 -67.23 -11.63 -14.63
N SER I 79 -68.53 -11.48 -14.37
CA SER I 79 -68.99 -10.58 -13.30
C SER I 79 -68.72 -11.23 -11.95
N ASP I 80 -67.72 -10.71 -11.22
CA ASP I 80 -67.39 -11.21 -9.90
C ASP I 80 -66.61 -10.15 -9.15
N THR I 81 -66.63 -10.24 -7.83
CA THR I 81 -65.93 -9.29 -6.99
C THR I 81 -64.42 -9.53 -7.05
N TYR I 82 -63.66 -8.45 -7.20
CA TYR I 82 -62.21 -8.51 -7.25
C TYR I 82 -61.62 -7.66 -6.14
N ILE I 83 -60.45 -8.07 -5.64
CA ILE I 83 -59.86 -7.48 -4.45
C ILE I 83 -58.48 -6.93 -4.79
N CYS I 84 -58.20 -5.71 -4.32
CA CYS I 84 -56.88 -5.10 -4.42
C CYS I 84 -56.06 -5.47 -3.19
N GLU I 85 -54.85 -5.96 -3.42
CA GLU I 85 -53.99 -6.50 -2.36
C GLU I 85 -52.60 -5.91 -2.46
N VAL I 86 -52.51 -4.59 -2.58
CA VAL I 86 -51.23 -3.92 -2.81
C VAL I 86 -50.25 -4.23 -1.69
N GLU I 87 -50.58 -3.83 -0.46
CA GLU I 87 -49.71 -4.08 0.68
C GLU I 87 -50.39 -4.92 1.75
N ASP I 88 -51.43 -4.40 2.37
CA ASP I 88 -52.14 -5.15 3.40
C ASP I 88 -53.65 -5.00 3.33
N GLN I 89 -54.19 -4.30 2.35
CA GLN I 89 -55.62 -4.01 2.26
C GLN I 89 -56.31 -4.99 1.32
N LYS I 90 -57.62 -5.13 1.52
CA LYS I 90 -58.46 -6.02 0.74
C LYS I 90 -59.53 -5.23 -0.01
N GLU I 91 -59.15 -4.11 -0.60
CA GLU I 91 -60.10 -3.28 -1.33
C GLU I 91 -60.83 -4.12 -2.38
N GLU I 92 -62.16 -4.00 -2.39
CA GLU I 92 -63.00 -4.85 -3.21
C GLU I 92 -63.90 -4.01 -4.11
N VAL I 93 -64.04 -4.46 -5.35
CA VAL I 93 -64.91 -3.83 -6.34
C VAL I 93 -65.71 -4.93 -7.04
N GLN I 94 -66.79 -4.50 -7.69
CA GLN I 94 -67.68 -5.42 -8.40
C GLN I 94 -67.95 -4.91 -9.80
N LEU I 95 -68.15 -5.84 -10.72
CA LEU I 95 -68.47 -5.53 -12.11
C LEU I 95 -69.78 -6.21 -12.48
N LEU I 96 -70.63 -5.50 -13.23
CA LEU I 96 -71.91 -6.02 -13.70
C LEU I 96 -71.90 -5.94 -15.22
N VAL I 97 -71.91 -7.10 -15.88
CA VAL I 97 -71.82 -7.19 -17.33
C VAL I 97 -73.13 -7.73 -17.87
N PHE I 98 -73.68 -7.03 -18.86
CA PHE I 98 -74.96 -7.40 -19.44
C PHE I 98 -74.98 -6.95 -20.90
N GLY I 99 -76.02 -7.37 -21.62
CA GLY I 99 -76.15 -6.99 -23.01
C GLY I 99 -77.57 -6.62 -23.41
N LEU I 100 -77.73 -5.46 -24.03
CA LEU I 100 -79.04 -4.97 -24.45
C LEU I 100 -79.05 -4.82 -25.97
N THR I 101 -80.06 -5.38 -26.62
CA THR I 101 -80.15 -5.33 -28.07
C THR I 101 -81.61 -5.53 -28.47
N ALA I 102 -81.85 -5.76 -29.77
CA ALA I 102 -83.17 -5.98 -30.31
C ALA I 102 -83.21 -7.29 -31.06
N ASN I 103 -84.40 -7.88 -31.12
CA ASN I 103 -84.59 -9.18 -31.77
C ASN I 103 -84.63 -9.06 -33.30
N SER I 104 -85.38 -8.09 -33.82
CA SER I 104 -85.49 -7.90 -35.26
C SER I 104 -84.26 -7.15 -35.76
N ASP I 105 -83.36 -7.88 -36.44
CA ASP I 105 -82.12 -7.27 -36.92
C ASP I 105 -82.40 -6.17 -37.93
N THR I 106 -82.99 -6.53 -39.06
CA THR I 106 -83.22 -5.56 -40.14
C THR I 106 -84.65 -5.53 -40.64
N HIS I 107 -85.33 -6.68 -40.68
CA HIS I 107 -86.68 -6.74 -41.21
C HIS I 107 -87.64 -5.99 -40.31
N LEU I 108 -88.09 -4.82 -40.76
CA LEU I 108 -89.03 -4.01 -40.00
C LEU I 108 -89.90 -3.23 -40.99
N LEU I 109 -91.06 -2.80 -40.52
CA LEU I 109 -92.00 -2.07 -41.36
C LEU I 109 -92.62 -0.90 -40.61
N GLN I 110 -93.61 -0.27 -41.22
CA GLN I 110 -94.31 0.88 -40.62
C GLN I 110 -95.59 0.38 -39.95
N GLY I 111 -95.81 0.84 -38.72
CA GLY I 111 -96.96 0.39 -37.96
C GLY I 111 -96.77 -0.90 -37.21
N GLN I 112 -95.55 -1.41 -37.13
CA GLN I 112 -95.25 -2.66 -36.45
C GLN I 112 -94.75 -2.39 -35.03
N SER I 113 -94.62 -3.46 -34.26
CA SER I 113 -94.17 -3.38 -32.88
C SER I 113 -92.68 -3.69 -32.80
N LEU I 114 -92.07 -3.27 -31.68
CA LEU I 114 -90.66 -3.48 -31.42
C LEU I 114 -90.48 -4.06 -30.02
N THR I 115 -89.51 -4.96 -29.89
CA THR I 115 -89.20 -5.59 -28.61
C THR I 115 -87.69 -5.55 -28.38
N LEU I 116 -87.31 -5.49 -27.10
CA LEU I 116 -85.92 -5.43 -26.70
C LEU I 116 -85.55 -6.65 -25.87
N THR I 117 -84.29 -7.06 -25.99
CA THR I 117 -83.75 -8.21 -25.26
C THR I 117 -82.61 -7.74 -24.38
N LEU I 118 -82.69 -8.02 -23.09
CA LEU I 118 -81.68 -7.67 -22.12
C LEU I 118 -81.21 -8.93 -21.39
N GLU I 119 -79.91 -9.16 -21.40
CA GLU I 119 -79.29 -10.30 -20.72
C GLU I 119 -78.38 -9.73 -19.63
N SER I 120 -78.94 -9.62 -18.41
CA SER I 120 -78.24 -9.10 -17.26
C SER I 120 -77.37 -10.19 -16.61
N PRO I 121 -76.31 -9.79 -15.92
CA PRO I 121 -75.47 -10.78 -15.26
C PRO I 121 -76.24 -11.53 -14.20
N PRO I 122 -75.90 -12.80 -13.95
CA PRO I 122 -76.61 -13.57 -12.92
C PRO I 122 -76.54 -12.87 -11.57
N GLY I 123 -77.71 -12.52 -11.05
CA GLY I 123 -77.79 -11.84 -9.78
C GLY I 123 -77.78 -10.33 -9.90
N SER I 124 -78.66 -9.80 -10.76
CA SER I 124 -78.77 -8.37 -10.97
C SER I 124 -80.20 -8.03 -11.37
N SER I 125 -80.57 -6.77 -11.14
CA SER I 125 -81.90 -6.26 -11.48
C SER I 125 -81.77 -4.94 -12.24
N PRO I 126 -81.23 -4.99 -13.45
CA PRO I 126 -81.10 -3.76 -14.24
C PRO I 126 -82.46 -3.21 -14.64
N SER I 127 -82.51 -1.89 -14.79
CA SER I 127 -83.72 -1.18 -15.21
C SER I 127 -83.46 -0.48 -16.53
N VAL I 128 -84.36 -0.66 -17.49
CA VAL I 128 -84.21 -0.09 -18.82
C VAL I 128 -84.93 1.25 -18.86
N GLN I 129 -84.17 2.32 -19.04
CA GLN I 129 -84.70 3.68 -19.17
C GLN I 129 -84.43 4.12 -20.62
N CYS I 130 -85.39 3.85 -21.49
CA CYS I 130 -85.25 4.22 -22.89
C CYS I 130 -85.38 5.73 -23.08
N ARG I 131 -84.61 6.26 -24.02
CA ARG I 131 -84.65 7.67 -24.39
C ARG I 131 -84.62 7.77 -25.91
N SER I 132 -85.55 8.53 -26.48
CA SER I 132 -85.68 8.62 -27.92
C SER I 132 -85.71 10.07 -28.36
N PRO I 133 -85.18 10.37 -29.55
CA PRO I 133 -85.24 11.75 -30.04
C PRO I 133 -86.65 12.25 -30.23
N ARG I 134 -87.61 11.36 -30.49
CA ARG I 134 -89.00 11.75 -30.70
C ARG I 134 -89.77 11.92 -29.40
N GLY I 135 -89.14 11.68 -28.25
CA GLY I 135 -89.79 11.81 -26.97
C GLY I 135 -90.27 10.50 -26.36
N LYS I 136 -89.93 9.36 -26.96
CA LYS I 136 -90.36 8.06 -26.43
C LYS I 136 -89.35 7.61 -25.38
N ASN I 137 -89.37 8.29 -24.23
CA ASN I 137 -88.51 7.96 -23.11
C ASN I 137 -89.16 6.85 -22.28
N ILE I 138 -89.10 5.64 -22.84
CA ILE I 138 -89.74 4.49 -22.21
C ILE I 138 -89.00 4.12 -20.93
N GLN I 139 -89.74 3.86 -19.86
CA GLN I 139 -89.20 3.46 -18.58
C GLN I 139 -89.76 2.10 -18.20
N GLY I 140 -88.88 1.21 -17.76
CA GLY I 140 -89.32 -0.13 -17.40
C GLY I 140 -88.19 -0.93 -16.79
N GLY I 141 -88.44 -2.23 -16.64
CA GLY I 141 -87.49 -3.14 -16.04
C GLY I 141 -86.42 -3.60 -17.02
N LYS I 142 -85.95 -4.83 -16.81
CA LYS I 142 -84.90 -5.37 -17.67
C LYS I 142 -85.38 -5.49 -19.11
N THR I 143 -86.60 -5.95 -19.31
CA THR I 143 -87.17 -6.14 -20.64
C THR I 143 -88.18 -5.04 -20.94
N LEU I 144 -88.01 -4.38 -22.08
CA LEU I 144 -88.94 -3.35 -22.53
C LEU I 144 -89.27 -3.58 -24.00
N SER I 145 -90.51 -3.23 -24.36
CA SER I 145 -90.99 -3.40 -25.72
C SER I 145 -91.71 -2.14 -26.17
N VAL I 146 -91.71 -1.91 -27.48
CA VAL I 146 -92.39 -0.77 -28.10
C VAL I 146 -93.48 -1.30 -28.99
N SER I 147 -94.71 -0.84 -28.77
CA SER I 147 -95.86 -1.31 -29.53
C SER I 147 -95.97 -0.68 -30.91
N GLN I 148 -95.23 0.38 -31.18
CA GLN I 148 -95.28 1.07 -32.47
C GLN I 148 -93.88 1.20 -33.04
N LEU I 149 -93.74 0.95 -34.34
CA LEU I 149 -92.46 1.06 -35.03
C LEU I 149 -92.75 1.50 -36.46
N GLU I 150 -92.59 2.79 -36.72
CA GLU I 150 -92.89 3.38 -38.02
C GLU I 150 -91.66 4.12 -38.54
N LEU I 151 -91.83 4.81 -39.67
CA LEU I 151 -90.74 5.60 -40.24
C LEU I 151 -90.32 6.72 -39.29
N GLN I 152 -91.27 7.35 -38.61
CA GLN I 152 -90.94 8.39 -37.66
C GLN I 152 -90.06 7.87 -36.53
N ASP I 153 -90.07 6.56 -36.29
CA ASP I 153 -89.21 5.94 -35.29
C ASP I 153 -87.78 5.72 -35.78
N SER I 154 -87.40 6.36 -36.88
CA SER I 154 -86.07 6.18 -37.43
C SER I 154 -85.01 6.69 -36.46
N GLY I 155 -83.83 6.10 -36.55
CA GLY I 155 -82.74 6.44 -35.66
C GLY I 155 -82.62 5.48 -34.50
N THR I 156 -81.39 5.28 -34.04
CA THR I 156 -81.14 4.34 -32.95
C THR I 156 -81.63 4.92 -31.63
N TRP I 157 -82.47 4.17 -30.93
CA TRP I 157 -82.99 4.61 -29.64
C TRP I 157 -82.00 4.26 -28.54
N THR I 158 -81.74 5.23 -27.65
CA THR I 158 -80.78 5.04 -26.57
C THR I 158 -81.53 4.60 -25.32
N CYS I 159 -81.68 3.29 -25.17
CA CYS I 159 -82.26 2.71 -23.96
C CYS I 159 -81.13 2.47 -22.95
N THR I 160 -80.98 3.39 -22.00
CA THR I 160 -79.94 3.23 -20.99
C THR I 160 -80.33 2.11 -20.03
N VAL I 161 -79.33 1.55 -19.36
CA VAL I 161 -79.53 0.54 -18.34
C VAL I 161 -78.95 1.07 -17.04
N LEU I 162 -79.79 1.16 -16.02
CA LEU I 162 -79.43 1.77 -14.75
C LEU I 162 -79.72 0.81 -13.61
N GLN I 163 -78.84 0.82 -12.61
CA GLN I 163 -78.99 0.00 -11.41
C GLN I 163 -78.00 0.52 -10.37
N ASN I 164 -78.46 0.60 -9.11
CA ASN I 164 -77.62 1.09 -8.02
C ASN I 164 -77.08 2.49 -8.31
N GLN I 165 -77.89 3.30 -8.99
CA GLN I 165 -77.55 4.68 -9.33
C GLN I 165 -76.42 4.76 -10.36
N LYS I 166 -76.06 3.63 -10.97
CA LYS I 166 -75.05 3.58 -12.03
C LYS I 166 -75.74 3.22 -13.32
N LYS I 167 -75.56 4.03 -14.36
CA LYS I 167 -76.26 3.86 -15.62
C LYS I 167 -75.27 3.90 -16.78
N VAL I 168 -75.54 3.06 -17.78
CA VAL I 168 -74.72 2.98 -18.99
C VAL I 168 -75.63 3.04 -20.20
N GLU I 169 -75.22 3.80 -21.20
CA GLU I 169 -76.02 4.01 -22.40
C GLU I 169 -75.82 2.88 -23.40
N PHE I 170 -76.82 2.71 -24.28
CA PHE I 170 -76.77 1.70 -25.33
C PHE I 170 -77.54 2.23 -26.53
N LYS I 171 -77.47 1.48 -27.64
CA LYS I 171 -78.12 1.86 -28.89
C LYS I 171 -79.03 0.73 -29.34
N ILE I 172 -80.04 1.10 -30.12
CA ILE I 172 -81.02 0.16 -30.67
C ILE I 172 -81.01 0.28 -32.19
N ASP I 173 -80.90 -0.85 -32.87
CA ASP I 173 -80.92 -0.86 -34.32
C ASP I 173 -82.34 -0.70 -34.83
N ILE I 174 -82.52 0.22 -35.79
CA ILE I 174 -83.82 0.49 -36.39
C ILE I 174 -83.61 0.69 -37.89
N VAL I 175 -84.05 -0.28 -38.68
CA VAL I 175 -83.95 -0.22 -40.13
C VAL I 175 -85.33 -0.51 -40.72
N VAL I 176 -85.81 0.40 -41.57
CA VAL I 176 -87.11 0.23 -42.20
C VAL I 176 -87.08 0.79 -43.62
N GLN J 1 23.60 50.00 -24.00
CA GLN J 1 24.85 49.28 -24.24
C GLN J 1 26.03 50.16 -23.85
N VAL J 2 26.89 49.61 -22.98
CA VAL J 2 28.04 50.38 -22.50
C VAL J 2 28.94 50.75 -23.67
N GLN J 3 29.43 51.98 -23.66
CA GLN J 3 30.23 52.51 -24.74
C GLN J 3 31.44 53.25 -24.16
N LEU J 4 32.55 53.25 -24.89
CA LEU J 4 33.78 53.88 -24.46
C LEU J 4 34.31 54.80 -25.56
N LYS J 5 35.08 55.80 -25.15
CA LYS J 5 35.67 56.76 -26.07
C LYS J 5 36.99 57.24 -25.50
N GLN J 6 37.85 57.76 -26.37
CA GLN J 6 39.18 58.20 -25.99
C GLN J 6 39.52 59.51 -26.69
N SER J 7 40.54 60.19 -26.17
CA SER J 7 40.98 61.46 -26.71
C SER J 7 41.74 61.24 -28.01
N GLY J 8 42.25 62.34 -28.58
CA GLY J 8 42.92 62.30 -29.85
C GLY J 8 44.37 61.86 -29.77
N THR J 9 45.00 61.81 -30.94
CA THR J 9 46.40 61.43 -31.04
C THR J 9 47.30 62.53 -30.48
N GLU J 10 48.46 62.13 -29.96
CA GLU J 10 49.36 63.04 -29.28
C GLU J 10 50.79 62.87 -29.78
N LEU J 11 51.50 63.99 -29.90
CA LEU J 11 52.93 64.04 -30.16
C LEU J 11 53.61 64.65 -28.94
N VAL J 12 54.59 63.92 -28.39
CA VAL J 12 55.20 64.31 -27.13
C VAL J 12 56.72 64.17 -27.26
N ARG J 13 57.45 64.92 -26.36
CA ARG J 13 58.90 64.87 -26.28
C ARG J 13 59.35 63.80 -25.29
N PRO J 14 60.53 63.21 -25.50
CA PRO J 14 60.98 62.15 -24.59
C PRO J 14 61.32 62.70 -23.21
N GLY J 15 61.14 61.83 -22.21
CA GLY J 15 61.52 62.14 -20.84
C GLY J 15 60.49 62.88 -20.03
N THR J 16 59.38 63.29 -20.63
CA THR J 16 58.33 64.01 -19.93
C THR J 16 57.27 63.03 -19.43
N SER J 17 56.20 63.57 -18.84
CA SER J 17 55.09 62.76 -18.34
C SER J 17 53.78 63.31 -18.91
N VAL J 18 52.93 62.40 -19.38
CA VAL J 18 51.68 62.77 -20.02
C VAL J 18 50.55 61.91 -19.48
N LYS J 19 49.33 62.45 -19.54
CA LYS J 19 48.14 61.78 -19.02
C LYS J 19 47.06 61.75 -20.10
N MET J 20 46.66 60.54 -20.49
CA MET J 20 45.55 60.31 -21.42
C MET J 20 44.31 59.92 -20.63
N SER J 21 43.15 60.12 -21.26
CA SER J 21 41.86 59.91 -20.61
C SER J 21 40.98 59.00 -21.46
N CYS J 22 40.22 58.15 -20.79
CA CYS J 22 39.21 57.29 -21.41
C CYS J 22 37.88 57.52 -20.72
N LYS J 23 36.85 57.89 -21.50
CA LYS J 23 35.54 58.23 -20.97
C LYS J 23 34.55 57.13 -21.34
N ALA J 24 33.87 56.59 -20.34
CA ALA J 24 32.90 55.52 -20.53
C ALA J 24 31.51 56.05 -20.19
N ALA J 25 30.54 55.72 -21.04
CA ALA J 25 29.16 56.15 -20.83
C ALA J 25 28.20 55.00 -21.12
N TYR J 27 25.49 52.79 -19.92
CA TYR J 27 25.38 52.65 -18.48
C TYR J 27 26.62 53.19 -17.78
N THR J 28 26.42 53.92 -16.69
CA THR J 28 27.54 54.39 -15.90
C THR J 28 28.25 53.21 -15.24
N PHE J 29 29.56 53.35 -15.06
CA PHE J 29 30.38 52.28 -14.50
C PHE J 29 30.62 52.59 -13.02
N THR J 30 30.21 51.67 -12.16
CA THR J 30 30.50 51.74 -10.73
C THR J 30 30.67 50.32 -10.21
N ASP J 31 31.64 50.15 -9.32
CA ASP J 31 32.05 48.81 -8.89
C ASP J 31 32.35 47.93 -10.10
N TYR J 32 33.07 48.51 -11.06
CA TYR J 32 33.61 47.77 -12.20
C TYR J 32 35.13 47.70 -12.06
N TRP J 33 35.78 47.11 -13.05
CA TRP J 33 37.19 46.73 -12.94
C TRP J 33 37.85 46.89 -14.31
N ILE J 34 38.49 48.06 -14.51
CA ILE J 34 39.01 48.48 -15.81
C ILE J 34 40.46 48.07 -15.97
N GLY J 35 40.86 47.86 -17.22
CA GLY J 35 42.24 47.59 -17.55
C GLY J 35 42.70 48.46 -18.71
N TRP J 36 44.01 48.51 -18.89
CA TRP J 36 44.63 49.26 -19.98
C TRP J 36 45.48 48.34 -20.82
N VAL J 37 45.47 48.58 -22.14
CA VAL J 37 46.13 47.72 -23.11
C VAL J 37 46.98 48.58 -24.04
N LYS J 38 48.09 48.03 -24.51
CA LYS J 38 49.00 48.71 -25.42
C LYS J 38 49.19 47.88 -26.68
N GLN J 39 49.25 48.57 -27.83
CA GLN J 39 49.48 47.94 -29.12
C GLN J 39 50.64 48.64 -29.81
N ARG J 40 51.66 47.86 -30.17
CA ARG J 40 52.80 48.34 -30.93
C ARG J 40 53.10 47.36 -32.05
N PRO J 41 53.57 47.83 -33.20
CA PRO J 41 53.79 46.91 -34.32
C PRO J 41 54.74 45.78 -33.95
N GLY J 42 54.41 44.58 -34.40
CA GLY J 42 55.25 43.42 -34.17
C GLY J 42 55.30 42.93 -32.75
N HIS J 43 54.31 43.25 -31.93
CA HIS J 43 54.31 42.82 -30.53
C HIS J 43 52.95 42.36 -30.03
N GLY J 44 51.94 42.28 -30.89
CA GLY J 44 50.63 41.88 -30.42
C GLY J 44 50.11 42.84 -29.37
N LEU J 45 49.63 42.30 -28.25
CA LEU J 45 49.03 43.07 -27.18
C LEU J 45 49.59 42.64 -25.84
N GLU J 46 49.52 43.54 -24.87
CA GLU J 46 49.97 43.24 -23.51
C GLU J 46 49.27 44.20 -22.54
N TRP J 47 48.57 43.64 -21.56
CA TRP J 47 47.83 44.44 -20.61
C TRP J 47 48.79 45.07 -19.60
N ILE J 48 48.54 46.34 -19.26
CA ILE J 48 49.48 47.11 -18.46
C ILE J 48 49.03 47.20 -17.01
N GLY J 49 47.88 47.83 -16.76
CA GLY J 49 47.42 48.04 -15.41
C GLY J 49 45.92 47.84 -15.30
N ASP J 50 45.50 47.38 -14.12
CA ASP J 50 44.10 47.08 -13.85
C ASP J 50 43.70 47.74 -12.55
N PHE J 51 42.76 48.69 -12.60
CA PHE J 51 42.25 49.26 -11.36
C PHE J 51 40.76 49.07 -11.22
N TYR J 52 40.32 49.09 -9.96
CA TYR J 52 38.92 48.97 -9.58
C TYR J 52 38.44 50.29 -9.00
N PRO J 53 37.63 51.07 -9.73
CA PRO J 53 37.20 52.37 -9.17
C PRO J 53 36.44 52.26 -7.87
N GLY J 54 35.65 51.21 -7.69
CA GLY J 54 34.86 51.06 -6.48
C GLY J 54 35.71 50.73 -5.26
N GLY J 55 36.68 51.59 -4.97
CA GLY J 55 37.66 51.31 -3.93
C GLY J 55 39.05 51.64 -4.40
N ASP J 56 39.20 51.89 -5.71
CA ASP J 56 40.49 52.25 -6.30
C ASP J 56 41.53 51.16 -6.03
N TYR J 57 41.14 49.90 -6.22
CA TYR J 57 42.08 48.81 -6.05
C TYR J 57 43.06 48.76 -7.22
N THR J 58 44.27 48.26 -6.94
CA THR J 58 45.40 48.36 -7.85
C THR J 58 45.93 46.98 -8.21
N LEU J 59 46.29 46.80 -9.48
CA LEU J 59 47.04 45.63 -9.91
C LEU J 59 47.93 46.02 -11.09
N TYR J 60 49.23 45.81 -10.93
CA TYR J 60 50.23 46.20 -11.91
C TYR J 60 50.85 44.97 -12.58
N SER J 61 51.32 45.17 -13.80
CA SER J 61 52.19 44.21 -14.45
C SER J 61 53.65 44.54 -14.11
N GLU J 62 54.45 43.50 -13.91
CA GLU J 62 55.81 43.70 -13.41
C GLU J 62 56.64 44.54 -14.37
N ASN J 63 56.51 44.30 -15.67
CA ASN J 63 57.36 44.99 -16.64
C ASN J 63 57.12 46.50 -16.63
N PHE J 64 55.89 46.93 -16.33
CA PHE J 64 55.55 48.35 -16.31
C PHE J 64 55.72 48.99 -14.95
N MET J 65 56.27 48.27 -13.97
CA MET J 65 56.45 48.85 -12.65
C MET J 65 57.27 50.12 -12.73
N GLY J 66 56.77 51.19 -12.11
CA GLY J 66 57.45 52.47 -12.10
C GLY J 66 57.28 53.29 -13.37
N LYS J 67 56.54 52.80 -14.35
CA LYS J 67 56.37 53.49 -15.63
C LYS J 67 54.95 54.00 -15.86
N ALA J 68 53.93 53.30 -15.37
CA ALA J 68 52.55 53.64 -15.63
C ALA J 68 51.80 53.79 -14.30
N SER J 69 51.07 54.89 -14.16
CA SER J 69 50.21 55.12 -13.01
C SER J 69 48.80 55.41 -13.53
N LEU J 70 47.81 54.69 -13.00
CA LEU J 70 46.43 54.87 -13.40
C LEU J 70 45.67 55.59 -12.31
N THR J 71 44.62 56.31 -12.70
CA THR J 71 43.71 56.96 -11.77
C THR J 71 42.31 56.94 -12.37
N ALA J 72 41.32 57.33 -11.58
CA ALA J 72 39.95 57.32 -12.06
C ALA J 72 39.16 58.43 -11.36
N ASP J 73 38.14 58.92 -12.06
CA ASP J 73 37.19 59.88 -11.52
C ASP J 73 35.82 59.44 -12.02
N THR J 74 35.09 58.73 -11.16
CA THR J 74 33.76 58.26 -11.53
C THR J 74 32.73 59.38 -11.54
N SER J 75 33.05 60.53 -10.94
CA SER J 75 32.15 61.68 -11.03
C SER J 75 32.00 62.12 -12.48
N SER J 76 33.11 62.22 -13.21
CA SER J 76 33.10 62.46 -14.64
C SER J 76 33.17 61.17 -15.44
N ASN J 77 33.18 60.02 -14.77
CA ASN J 77 33.24 58.72 -15.43
C ASN J 77 34.38 58.68 -16.44
N THR J 78 35.61 58.84 -15.94
CA THR J 78 36.79 58.89 -16.80
C THR J 78 37.99 58.30 -16.06
N ALA J 79 38.66 57.37 -16.72
CA ALA J 79 39.92 56.83 -16.22
C ALA J 79 41.10 57.54 -16.90
N TYR J 80 42.25 57.52 -16.24
CA TYR J 80 43.42 58.25 -16.69
C TYR J 80 44.68 57.39 -16.62
N MET J 81 45.44 57.41 -17.71
CA MET J 81 46.73 56.77 -17.86
C MET J 81 47.81 57.83 -17.80
N GLN J 82 48.74 57.71 -16.85
CA GLN J 82 49.85 58.64 -16.71
C GLN J 82 51.15 57.88 -16.93
N LEU J 83 51.98 58.37 -17.84
CA LEU J 83 53.25 57.72 -18.12
C LEU J 83 54.35 58.76 -18.24
N SER J 84 55.50 58.47 -17.63
CA SER J 84 56.65 59.34 -17.61
C SER J 84 57.85 58.60 -18.19
N SER J 85 58.98 59.29 -18.28
CA SER J 85 60.20 58.74 -18.84
C SER J 85 59.96 58.26 -20.28
N LEU J 86 59.53 59.20 -21.11
CA LEU J 86 59.15 58.88 -22.48
C LEU J 86 60.37 58.64 -23.35
N THR J 87 60.28 57.63 -24.22
CA THR J 87 61.32 57.32 -25.18
C THR J 87 60.65 56.99 -26.52
N SER J 88 61.47 56.62 -27.51
CA SER J 88 60.93 56.24 -28.81
C SER J 88 60.06 55.00 -28.70
N GLU J 89 60.46 54.03 -27.89
CA GLU J 89 59.70 52.79 -27.76
C GLU J 89 58.31 53.01 -27.18
N ASP J 90 58.06 54.15 -26.55
CA ASP J 90 56.78 54.42 -25.92
C ASP J 90 55.72 54.88 -26.91
N SER J 91 56.06 55.05 -28.19
CA SER J 91 55.09 55.41 -29.20
C SER J 91 54.26 54.17 -29.55
N ALA J 92 52.95 54.26 -29.39
CA ALA J 92 52.07 53.10 -29.57
C ALA J 92 50.62 53.56 -29.45
N ILE J 93 49.70 52.62 -29.64
CA ILE J 93 48.28 52.86 -29.44
C ILE J 93 47.90 52.33 -28.08
N TYR J 94 46.96 52.99 -27.42
CA TYR J 94 46.52 52.63 -26.08
C TYR J 94 45.01 52.48 -26.07
N TYR J 95 44.53 51.43 -25.40
CA TYR J 95 43.12 51.10 -25.31
C TYR J 95 42.71 50.94 -23.85
N CYS J 96 41.44 51.24 -23.58
CA CYS J 96 40.85 51.05 -22.26
C CYS J 96 39.77 49.98 -22.35
N ALA J 97 39.77 49.06 -21.38
CA ALA J 97 38.91 47.88 -21.40
C ALA J 97 38.07 47.85 -20.14
N ARG J 98 36.77 47.61 -20.31
CA ARG J 98 35.84 47.54 -19.19
C ARG J 98 35.49 46.07 -18.89
N GLY J 99 34.55 45.87 -17.97
CA GLY J 99 34.14 44.53 -17.56
C GLY J 99 33.15 44.61 -16.42
N HIS J 100 33.36 43.80 -15.38
CA HIS J 100 32.59 43.97 -14.15
C HIS J 100 33.43 43.49 -12.98
N TYR J 101 32.89 43.65 -11.78
CA TYR J 101 33.67 43.58 -10.56
C TYR J 101 34.00 42.13 -10.20
N TYR J 102 34.53 41.95 -8.99
CA TYR J 102 35.13 40.71 -8.49
C TYR J 102 36.49 40.51 -9.16
N GLY J 103 37.39 39.82 -8.47
CA GLY J 103 38.81 39.87 -8.81
C GLY J 103 39.18 39.36 -10.19
N TYR J 104 39.08 38.06 -10.41
CA TYR J 104 39.56 37.45 -11.65
C TYR J 104 38.38 37.14 -12.59
N SER J 105 37.70 38.20 -13.01
CA SER J 105 36.50 38.02 -13.84
C SER J 105 36.88 37.78 -15.30
N TYR J 106 37.42 38.82 -15.97
CA TYR J 106 37.97 38.70 -17.32
C TYR J 106 37.25 37.65 -18.18
N ALA J 107 35.93 37.75 -18.27
CA ALA J 107 35.18 36.88 -19.15
C ALA J 107 34.04 37.60 -19.87
N TRP J 108 33.89 38.91 -19.70
CA TRP J 108 32.76 39.65 -20.25
C TRP J 108 33.25 40.99 -20.80
N PHE J 109 34.39 40.97 -21.48
CA PHE J 109 34.86 42.16 -22.18
C PHE J 109 34.05 42.35 -23.45
N ALA J 110 32.79 42.79 -23.28
CA ALA J 110 31.85 42.90 -24.39
C ALA J 110 32.04 44.13 -25.25
N TYR J 111 33.16 44.84 -25.11
CA TYR J 111 33.40 46.05 -25.88
C TYR J 111 34.79 46.56 -25.56
N TRP J 112 35.34 47.36 -26.48
CA TRP J 112 36.62 48.03 -26.29
C TRP J 112 36.60 49.37 -26.98
N GLY J 113 37.47 50.27 -26.52
CA GLY J 113 37.54 51.60 -27.08
C GLY J 113 38.27 51.63 -28.41
N GLN J 114 38.18 52.78 -29.08
CA GLN J 114 38.82 52.95 -30.38
C GLN J 114 40.33 53.13 -30.27
N GLY J 115 40.81 53.67 -29.17
CA GLY J 115 42.24 53.76 -28.93
C GLY J 115 42.81 55.12 -29.26
N THR J 116 43.90 55.47 -28.57
CA THR J 116 44.58 56.74 -28.78
C THR J 116 46.03 56.47 -29.16
N LEU J 117 46.51 57.20 -30.17
CA LEU J 117 47.87 57.05 -30.65
C LEU J 117 48.79 58.07 -29.96
N VAL J 118 49.96 57.61 -29.55
CA VAL J 118 50.97 58.47 -28.93
C VAL J 118 52.28 58.26 -29.68
N THR J 119 52.93 59.36 -30.06
CA THR J 119 54.20 59.31 -30.75
C THR J 119 55.20 60.20 -30.02
N VAL J 120 56.35 59.63 -29.66
CA VAL J 120 57.41 60.35 -28.96
C VAL J 120 58.43 60.78 -29.99
N SER J 121 58.45 62.07 -30.32
CA SER J 121 59.39 62.60 -31.29
C SER J 121 59.60 64.08 -31.02
N SER J 122 60.79 64.57 -31.36
CA SER J 122 61.14 65.97 -31.17
C SER J 122 60.84 66.81 -32.40
N ALA J 123 60.36 66.22 -33.48
CA ALA J 123 60.05 66.96 -34.69
C ALA J 123 58.75 67.75 -34.52
N ASP K 1 55.56 32.84 -16.25
CA ASP K 1 54.13 33.01 -16.66
C ASP K 1 53.71 31.90 -17.62
N ILE K 2 52.41 31.79 -17.86
CA ILE K 2 51.87 30.80 -18.79
C ILE K 2 52.09 31.34 -20.20
N VAL K 3 53.10 30.82 -20.89
CA VAL K 3 53.48 31.30 -22.22
C VAL K 3 52.61 30.59 -23.25
N LEU K 4 51.96 31.37 -24.11
CA LEU K 4 51.07 30.84 -25.14
C LEU K 4 51.77 30.85 -26.49
N THR K 5 51.55 29.78 -27.24
CA THR K 5 52.06 29.65 -28.61
C THR K 5 50.89 29.33 -29.53
N GLN K 6 50.70 30.14 -30.55
CA GLN K 6 49.61 29.95 -31.51
C GLN K 6 50.15 29.35 -32.80
N SER K 7 49.23 28.76 -33.57
CA SER K 7 49.59 28.17 -34.85
C SER K 7 48.35 28.13 -35.74
N PRO K 8 48.50 28.21 -37.06
CA PRO K 8 49.77 28.44 -37.76
C PRO K 8 50.16 29.91 -37.80
N ALA K 9 51.43 30.20 -38.10
CA ALA K 9 51.86 31.60 -38.18
C ALA K 9 51.11 32.34 -39.28
N SER K 10 50.96 31.70 -40.45
CA SER K 10 50.18 32.25 -41.54
C SER K 10 49.16 31.20 -41.97
N LEU K 11 47.97 31.67 -42.36
CA LEU K 11 46.86 30.77 -42.64
C LEU K 11 46.07 31.31 -43.83
N ALA K 12 45.77 30.43 -44.78
CA ALA K 12 45.03 30.76 -45.98
C ALA K 12 43.92 29.74 -46.20
N VAL K 13 42.74 30.23 -46.54
CA VAL K 13 41.56 29.39 -46.71
C VAL K 13 40.76 29.88 -47.91
N SER K 14 40.24 28.93 -48.69
CA SER K 14 39.33 29.26 -49.77
C SER K 14 37.93 29.51 -49.22
N LEU K 15 37.20 30.42 -49.88
CA LEU K 15 35.89 30.80 -49.39
C LEU K 15 34.97 29.59 -49.27
N GLY K 16 34.23 29.53 -48.16
CA GLY K 16 33.31 28.43 -47.92
C GLY K 16 33.92 27.19 -47.31
N GLN K 17 35.17 27.26 -46.87
CA GLN K 17 35.88 26.10 -46.34
C GLN K 17 36.09 26.24 -44.83
N ARG K 18 36.34 25.11 -44.18
CA ARG K 18 36.60 25.08 -42.75
C ARG K 18 37.87 25.86 -42.42
N ALA K 19 37.89 26.49 -41.26
CA ALA K 19 39.09 27.17 -40.76
C ALA K 19 39.31 26.78 -39.31
N THR K 20 40.59 26.63 -38.93
CA THR K 20 40.94 26.22 -37.58
C THR K 20 42.23 26.91 -37.16
N ILE K 21 42.30 27.31 -35.89
CA ILE K 21 43.49 27.91 -35.31
C ILE K 21 43.73 27.26 -33.96
N SER K 22 45.00 26.96 -33.65
CA SER K 22 45.36 26.25 -32.43
C SER K 22 46.17 27.14 -31.50
N CYS K 23 45.96 26.96 -30.20
CA CYS K 23 46.66 27.70 -29.17
C CYS K 23 47.09 26.72 -28.09
N LYS K 24 48.35 26.81 -27.66
CA LYS K 24 48.94 25.90 -26.69
C LYS K 24 49.56 26.69 -25.54
N ALA K 25 49.55 26.10 -24.35
CA ALA K 25 50.02 26.75 -23.14
C ALA K 25 51.08 25.89 -22.46
N SER K 26 51.99 26.56 -21.76
CA SER K 26 53.06 25.86 -21.05
C SER K 26 52.56 25.22 -19.75
N GLN K 27 51.59 25.84 -19.08
CA GLN K 27 51.08 25.33 -17.82
C GLN K 27 49.56 25.25 -17.88
N SER K 28 49.01 24.26 -17.17
CA SER K 28 47.56 24.05 -17.16
C SER K 28 46.85 25.23 -16.51
N VAL K 29 45.62 25.47 -16.95
CA VAL K 29 44.80 26.56 -16.45
C VAL K 29 43.44 26.08 -15.94
N ASP K 30 43.16 24.78 -15.97
CA ASP K 30 41.87 24.30 -15.52
C ASP K 30 41.67 24.63 -14.05
N TYR K 31 40.52 25.21 -13.73
CA TYR K 31 40.20 25.57 -12.35
C TYR K 31 38.70 25.37 -12.17
N ASP K 32 38.32 24.21 -11.63
CA ASP K 32 36.92 23.85 -11.44
C ASP K 32 36.23 23.55 -12.77
N GLY K 33 37.02 23.24 -13.81
CA GLY K 33 36.49 22.73 -15.05
C GLY K 33 36.27 23.74 -16.16
N ASP K 34 36.19 25.03 -15.84
CA ASP K 34 35.92 26.05 -16.84
C ASP K 34 37.22 26.45 -17.51
N SER K 35 37.22 26.44 -18.85
CA SER K 35 38.40 26.80 -19.63
C SER K 35 38.45 28.31 -19.78
N TYR K 36 39.53 28.92 -19.31
CA TYR K 36 39.67 30.38 -19.26
C TYR K 36 40.51 30.84 -20.46
N MET K 37 39.90 30.76 -21.65
CA MET K 37 40.51 31.26 -22.88
C MET K 37 39.57 32.19 -23.60
N ASN K 38 40.13 33.25 -24.18
CA ASN K 38 39.40 34.23 -24.96
C ASN K 38 40.03 34.37 -26.35
N TRP K 39 39.20 34.33 -27.38
CA TRP K 39 39.65 34.51 -28.75
C TRP K 39 39.14 35.85 -29.26
N TYR K 40 40.07 36.73 -29.61
CA TYR K 40 39.77 38.07 -30.11
C TYR K 40 40.18 38.21 -31.57
N GLN K 41 39.53 39.14 -32.26
CA GLN K 41 39.82 39.43 -33.66
C GLN K 41 40.19 40.91 -33.80
N GLN K 42 41.12 41.19 -34.73
CA GLN K 42 41.62 42.53 -34.96
C GLN K 42 41.65 42.79 -36.46
N LYS K 43 41.07 43.92 -36.87
CA LYS K 43 41.07 44.37 -38.24
C LYS K 43 41.76 45.73 -38.34
N PRO K 44 42.48 46.01 -39.42
CA PRO K 44 43.14 47.33 -39.53
C PRO K 44 42.11 48.45 -39.49
N GLY K 45 42.47 49.53 -38.80
CA GLY K 45 41.63 50.70 -38.71
C GLY K 45 40.52 50.63 -37.68
N GLN K 46 40.38 49.52 -36.98
CA GLN K 46 39.35 49.37 -35.94
C GLN K 46 39.92 48.58 -34.78
N PRO K 47 39.40 48.78 -33.58
CA PRO K 47 39.94 48.07 -32.41
C PRO K 47 39.46 46.63 -32.38
N PRO K 48 40.15 45.75 -31.67
CA PRO K 48 39.71 44.36 -31.59
C PRO K 48 38.41 44.23 -30.82
N LYS K 49 37.69 43.15 -31.11
CA LYS K 49 36.45 42.80 -30.43
C LYS K 49 36.61 41.46 -29.72
N LEU K 50 35.79 41.23 -28.70
CA LEU K 50 35.72 39.92 -28.08
C LEU K 50 34.84 39.03 -28.95
N LEU K 51 35.43 37.97 -29.51
CA LEU K 51 34.71 37.10 -30.43
C LEU K 51 34.24 35.82 -29.75
N ILE K 52 35.11 35.16 -28.98
CA ILE K 52 34.74 33.97 -28.24
C ILE K 52 35.34 34.05 -26.85
N TYR K 53 34.62 33.53 -25.85
CA TYR K 53 35.09 33.55 -24.47
C TYR K 53 34.86 32.19 -23.83
N ALA K 54 35.82 31.79 -22.99
CA ALA K 54 35.76 30.61 -22.13
C ALA K 54 35.84 29.30 -22.92
N ALA K 55 35.91 29.34 -24.26
CA ALA K 55 36.04 28.18 -25.12
C ALA K 55 34.79 27.31 -25.16
N SER K 56 33.72 27.68 -24.44
CA SER K 56 32.51 26.86 -24.41
C SER K 56 31.22 27.66 -24.49
N ASN K 57 31.28 28.99 -24.57
CA ASN K 57 30.07 29.82 -24.56
C ASN K 57 30.29 31.02 -25.48
N LEU K 58 29.31 31.26 -26.34
CA LEU K 58 29.46 32.22 -27.43
C LEU K 58 29.12 33.64 -26.98
N GLU K 59 29.80 34.61 -27.57
CA GLU K 59 29.48 36.01 -27.35
C GLU K 59 28.29 36.42 -28.21
N SER K 60 27.39 37.22 -27.62
CA SER K 60 26.21 37.67 -28.35
C SER K 60 26.63 38.58 -29.49
N GLY K 61 25.74 38.69 -30.48
CA GLY K 61 25.97 39.50 -31.66
C GLY K 61 26.90 38.91 -32.69
N ILE K 62 27.76 37.98 -32.29
CA ILE K 62 28.68 37.34 -33.24
C ILE K 62 27.96 36.14 -33.87
N PRO K 63 27.94 36.05 -35.21
CA PRO K 63 27.28 34.89 -35.84
C PRO K 63 27.75 33.57 -35.25
N ALA K 64 26.94 32.54 -35.47
CA ALA K 64 27.19 31.23 -34.87
C ALA K 64 28.33 30.47 -35.55
N ARG K 65 28.95 31.04 -36.59
CA ARG K 65 29.98 30.30 -37.31
C ARG K 65 31.12 29.87 -36.41
N PHE K 66 31.43 30.67 -35.38
CA PHE K 66 32.56 30.38 -34.51
C PHE K 66 32.22 29.29 -33.51
N SER K 67 33.24 28.53 -33.11
CA SER K 67 33.11 27.55 -32.05
C SER K 67 34.49 27.27 -31.48
N GLY K 68 34.53 26.57 -30.35
CA GLY K 68 35.78 26.26 -29.69
C GLY K 68 35.77 24.85 -29.13
N SER K 69 36.98 24.35 -28.89
CA SER K 69 37.14 23.02 -28.30
C SER K 69 38.56 22.87 -27.81
N GLY K 70 38.83 21.73 -27.18
CA GLY K 70 40.16 21.40 -26.71
C GLY K 70 40.17 21.11 -25.22
N SER K 71 41.37 21.08 -24.66
CA SER K 71 41.55 20.78 -23.24
C SER K 71 43.02 20.97 -22.89
N GLY K 72 43.28 21.01 -21.58
CA GLY K 72 44.64 21.04 -21.08
C GLY K 72 45.45 22.21 -21.60
N THR K 73 46.42 21.91 -22.47
CA THR K 73 47.28 22.93 -23.06
C THR K 73 47.12 23.02 -24.58
N ASP K 74 46.12 22.38 -25.15
CA ASP K 74 45.85 22.43 -26.59
C ASP K 74 44.40 22.77 -26.80
N PHE K 75 44.14 23.92 -27.43
CA PHE K 75 42.78 24.38 -27.68
C PHE K 75 42.68 24.86 -29.12
N THR K 76 41.47 24.79 -29.67
CA THR K 76 41.23 25.06 -31.07
C THR K 76 40.00 25.93 -31.23
N LEU K 77 40.15 27.01 -31.99
CA LEU K 77 39.04 27.84 -32.43
C LEU K 77 38.72 27.50 -33.88
N ASN K 78 37.46 27.19 -34.13
CA ASN K 78 36.99 26.73 -35.43
C ASN K 78 36.00 27.72 -36.01
N ILE K 79 36.12 27.96 -37.31
CA ILE K 79 35.26 28.87 -38.05
C ILE K 79 34.68 28.14 -39.24
N HIS K 80 33.36 28.24 -39.42
CA HIS K 80 32.67 27.60 -40.53
C HIS K 80 31.27 28.21 -40.69
N PRO K 81 30.88 28.66 -41.89
CA PRO K 81 31.69 28.81 -43.11
C PRO K 81 32.49 30.11 -43.12
N VAL K 82 33.66 30.08 -43.73
CA VAL K 82 34.47 31.30 -43.82
C VAL K 82 33.86 32.22 -44.86
N GLY K 83 34.12 33.52 -44.71
CA GLY K 83 33.61 34.53 -45.62
C GLY K 83 34.67 35.56 -45.96
N GLU K 84 34.29 36.45 -46.88
CA GLU K 84 35.20 37.52 -47.29
C GLU K 84 35.52 38.47 -46.15
N GLU K 85 34.63 38.60 -45.17
CA GLU K 85 34.78 39.57 -44.10
C GLU K 85 35.75 39.10 -43.01
N ASP K 86 36.14 37.84 -42.99
CA ASP K 86 36.85 37.26 -41.86
C ASP K 86 38.37 37.40 -41.95
N ALA K 87 38.90 38.00 -43.01
CA ALA K 87 40.35 38.18 -43.13
C ALA K 87 40.81 39.18 -42.09
N ALA K 88 41.60 38.73 -41.12
CA ALA K 88 41.96 39.56 -39.97
C ALA K 88 42.98 38.81 -39.12
N THR K 89 43.43 39.44 -38.05
CA THR K 89 44.42 38.86 -37.15
C THR K 89 43.73 38.39 -35.87
N TYR K 90 43.86 37.11 -35.56
CA TYR K 90 43.19 36.50 -34.43
C TYR K 90 44.19 36.21 -33.32
N TYR K 91 43.80 36.54 -32.08
CA TYR K 91 44.64 36.36 -30.90
C TYR K 91 43.96 35.42 -29.91
N CYS K 92 44.75 34.52 -29.33
CA CYS K 92 44.30 33.64 -28.25
C CYS K 92 44.91 34.11 -26.94
N GLN K 93 44.07 34.26 -25.92
CA GLN K 93 44.47 34.75 -24.61
C GLN K 93 44.02 33.78 -23.53
N GLN K 94 44.83 33.69 -22.47
CA GLN K 94 44.49 32.95 -21.28
C GLN K 94 43.98 33.92 -20.22
N SER K 95 42.89 33.54 -19.55
CA SER K 95 42.28 34.34 -18.50
C SER K 95 42.28 33.63 -17.16
N HIS K 96 43.34 32.86 -16.88
CA HIS K 96 43.41 32.08 -15.65
C HIS K 96 43.90 32.92 -14.47
N GLU K 97 45.14 33.40 -14.54
CA GLU K 97 45.77 34.08 -13.42
C GLU K 97 46.59 35.26 -13.92
N ASP K 98 46.64 36.31 -13.10
CA ASP K 98 47.51 37.44 -13.40
C ASP K 98 48.95 37.13 -12.98
N PRO K 99 49.95 37.66 -13.71
CA PRO K 99 49.82 38.50 -14.91
C PRO K 99 49.40 37.70 -16.15
N TRP K 100 48.89 38.41 -17.15
CA TRP K 100 48.32 37.78 -18.33
C TRP K 100 49.27 37.90 -19.51
N THR K 101 49.12 36.99 -20.47
CA THR K 101 50.09 36.86 -21.56
C THR K 101 49.37 36.56 -22.87
N PHE K 102 49.49 37.46 -23.83
CA PHE K 102 48.93 37.24 -25.16
C PHE K 102 49.77 36.22 -25.94
N GLY K 103 49.21 35.76 -27.06
CA GLY K 103 49.91 34.87 -27.96
C GLY K 103 50.61 35.63 -29.07
N GLY K 104 51.02 34.87 -30.09
CA GLY K 104 51.70 35.44 -31.23
C GLY K 104 50.81 36.00 -32.32
N GLY K 105 49.51 35.72 -32.28
CA GLY K 105 48.60 36.18 -33.30
C GLY K 105 48.72 35.38 -34.58
N THR K 106 47.61 35.16 -35.27
CA THR K 106 47.61 34.44 -36.54
C THR K 106 46.80 35.22 -37.56
N MET K 107 47.31 35.28 -38.78
CA MET K 107 46.70 36.08 -39.85
C MET K 107 45.86 35.17 -40.74
N LEU K 108 44.59 35.54 -40.93
CA LEU K 108 43.68 34.81 -41.81
C LEU K 108 43.42 35.68 -43.03
N GLU K 109 43.63 35.12 -44.22
CA GLU K 109 43.42 35.81 -45.47
C GLU K 109 42.44 34.99 -46.32
N ILE K 110 41.47 35.66 -46.91
CA ILE K 110 40.48 34.99 -47.76
C ILE K 110 41.12 34.70 -49.11
N LYS K 111 41.03 33.45 -49.54
CA LYS K 111 41.61 33.01 -50.81
C LYS K 111 40.50 32.95 -51.85
N ARG K 112 40.69 33.64 -52.97
CA ARG K 112 39.70 33.75 -54.03
C ARG K 112 40.38 33.56 -55.38
N THR K 113 39.58 33.57 -56.43
CA THR K 113 40.09 33.39 -57.78
C THR K 113 40.99 34.55 -58.18
N GLN L 1 36.87 -42.94 -2.58
CA GLN L 1 35.97 -43.55 -3.54
C GLN L 1 35.84 -45.05 -3.24
N VAL L 2 34.60 -45.55 -3.27
CA VAL L 2 34.35 -46.94 -2.94
C VAL L 2 35.03 -47.84 -3.96
N GLN L 3 35.78 -48.83 -3.46
CA GLN L 3 36.40 -49.84 -4.31
C GLN L 3 36.16 -51.20 -3.67
N LEU L 4 35.91 -52.20 -4.51
CA LEU L 4 35.63 -53.56 -4.05
C LEU L 4 36.71 -54.50 -4.54
N LYS L 5 37.19 -55.35 -3.62
CA LYS L 5 38.22 -56.32 -3.91
C LYS L 5 37.74 -57.72 -3.54
N GLN L 6 38.11 -58.70 -4.35
CA GLN L 6 37.70 -60.08 -4.16
C GLN L 6 38.92 -60.98 -4.16
N SER L 7 38.81 -62.11 -3.46
CA SER L 7 39.94 -63.01 -3.28
C SER L 7 40.29 -63.69 -4.61
N GLY L 8 41.31 -64.55 -4.56
CA GLY L 8 41.82 -65.19 -5.75
C GLY L 8 40.89 -66.28 -6.27
N THR L 9 41.29 -66.84 -7.40
CA THR L 9 40.50 -67.87 -8.05
C THR L 9 40.42 -69.13 -7.18
N GLU L 10 39.28 -69.81 -7.26
CA GLU L 10 39.02 -71.00 -6.45
C GLU L 10 38.70 -72.18 -7.35
N LEU L 11 39.24 -73.34 -6.98
CA LEU L 11 38.92 -74.61 -7.63
C LEU L 11 38.54 -75.60 -6.53
N VAL L 12 37.29 -76.06 -6.53
CA VAL L 12 36.73 -76.83 -5.44
C VAL L 12 36.02 -78.06 -5.98
N ARG L 13 35.92 -79.07 -5.14
CA ARG L 13 35.22 -80.30 -5.47
C ARG L 13 33.72 -80.10 -5.42
N PRO L 14 32.94 -81.00 -6.04
CA PRO L 14 31.49 -80.84 -6.06
C PRO L 14 30.81 -81.39 -4.82
N GLY L 15 29.71 -80.75 -4.44
CA GLY L 15 28.91 -81.17 -3.32
C GLY L 15 29.35 -80.62 -1.97
N THR L 16 30.53 -80.00 -1.90
CA THR L 16 31.03 -79.46 -0.64
C THR L 16 30.48 -78.05 -0.44
N SER L 17 31.03 -77.35 0.56
CA SER L 17 30.68 -75.96 0.84
C SER L 17 31.87 -75.08 0.54
N VAL L 18 31.64 -73.98 -0.17
CA VAL L 18 32.71 -73.10 -0.65
C VAL L 18 32.58 -71.76 0.07
N LYS L 19 33.73 -71.21 0.47
CA LYS L 19 33.81 -69.95 1.19
C LYS L 19 34.39 -68.88 0.26
N MET L 20 33.73 -67.74 0.19
CA MET L 20 34.18 -66.61 -0.63
C MET L 20 34.24 -65.35 0.23
N SER L 21 35.16 -64.46 -0.12
CA SER L 21 35.38 -63.22 0.61
C SER L 21 35.44 -62.05 -0.36
N CYS L 22 34.73 -60.98 -0.02
CA CYS L 22 34.75 -59.74 -0.80
C CYS L 22 35.01 -58.59 0.16
N LYS L 23 36.27 -58.14 0.21
CA LYS L 23 36.70 -57.13 1.16
C LYS L 23 36.30 -55.74 0.67
N ALA L 24 35.84 -54.90 1.60
CA ALA L 24 35.41 -53.55 1.27
C ALA L 24 36.63 -52.64 1.19
N ALA L 25 36.38 -51.34 1.04
CA ALA L 25 37.44 -50.33 0.98
C ALA L 25 37.09 -49.25 2.00
N GLY L 26 37.78 -48.12 1.92
CA GLY L 26 37.63 -47.07 2.91
C GLY L 26 36.30 -46.36 2.82
N TYR L 27 35.22 -47.09 3.14
CA TYR L 27 33.89 -46.53 3.21
C TYR L 27 33.14 -47.21 4.35
N THR L 28 32.07 -46.55 4.80
CA THR L 28 31.41 -46.97 6.04
C THR L 28 30.95 -48.42 5.97
N PHE L 29 30.25 -48.78 4.89
CA PHE L 29 29.75 -50.13 4.65
C PHE L 29 28.61 -50.52 5.57
N THR L 30 28.22 -49.64 6.49
CA THR L 30 27.24 -50.00 7.52
C THR L 30 25.82 -49.66 7.13
N ASP L 31 25.61 -48.73 6.20
CA ASP L 31 24.28 -48.36 5.74
C ASP L 31 24.03 -48.76 4.29
N TYR L 32 24.69 -49.81 3.81
CA TYR L 32 24.61 -50.22 2.42
C TYR L 32 24.38 -51.72 2.33
N TRP L 33 23.42 -52.13 1.50
CA TRP L 33 23.26 -53.53 1.18
C TRP L 33 24.47 -54.02 0.39
N ILE L 34 24.51 -55.32 0.13
CA ILE L 34 25.54 -55.95 -0.68
C ILE L 34 24.87 -57.06 -1.48
N GLY L 35 24.77 -56.89 -2.79
CA GLY L 35 24.25 -57.94 -3.64
C GLY L 35 25.37 -58.85 -4.12
N TRP L 36 25.07 -60.15 -4.20
CA TRP L 36 26.01 -61.13 -4.73
C TRP L 36 25.52 -61.66 -6.06
N VAL L 37 26.45 -61.80 -7.01
CA VAL L 37 26.11 -61.98 -8.42
C VAL L 37 26.85 -63.19 -8.95
N LYS L 38 26.17 -64.00 -9.75
CA LYS L 38 26.77 -65.14 -10.44
C LYS L 38 26.62 -64.94 -11.94
N GLN L 39 27.70 -65.21 -12.68
CA GLN L 39 27.72 -65.06 -14.12
C GLN L 39 28.23 -66.35 -14.76
N ARG L 40 27.48 -66.85 -15.74
CA ARG L 40 27.83 -68.07 -16.45
C ARG L 40 27.70 -67.82 -17.95
N PRO L 41 28.58 -68.37 -18.78
CA PRO L 41 28.53 -68.07 -20.22
C PRO L 41 27.19 -68.45 -20.82
N GLY L 42 26.74 -67.63 -21.78
CA GLY L 42 25.47 -67.87 -22.43
C GLY L 42 24.27 -67.69 -21.53
N HIS L 43 24.40 -66.91 -20.46
CA HIS L 43 23.32 -66.72 -19.50
C HIS L 43 23.13 -65.27 -19.10
N GLY L 44 24.00 -64.36 -19.50
CA GLY L 44 23.98 -63.00 -18.97
C GLY L 44 24.67 -62.93 -17.60
N LEU L 45 23.89 -62.66 -16.57
CA LEU L 45 24.38 -62.67 -15.19
C LEU L 45 23.21 -62.53 -14.23
N GLU L 46 23.22 -63.36 -13.18
CA GLU L 46 22.09 -63.53 -12.28
C GLU L 46 22.51 -63.21 -10.85
N TRP L 47 21.56 -62.75 -10.04
CA TRP L 47 21.82 -62.41 -8.65
C TRP L 47 21.37 -63.56 -7.75
N ILE L 48 22.07 -63.73 -6.63
CA ILE L 48 21.81 -64.84 -5.72
C ILE L 48 21.01 -64.31 -4.55
N GLY L 49 21.63 -63.41 -3.78
CA GLY L 49 21.02 -62.86 -2.60
C GLY L 49 21.67 -61.54 -2.24
N ASP L 50 20.94 -60.75 -1.46
CA ASP L 50 21.36 -59.42 -1.08
C ASP L 50 21.34 -59.32 0.44
N PHE L 51 22.44 -58.85 1.02
CA PHE L 51 22.70 -58.97 2.44
C PHE L 51 23.04 -57.60 3.02
N TYR L 52 22.39 -57.25 4.13
CA TYR L 52 22.58 -55.93 4.74
C TYR L 52 23.41 -56.08 6.01
N PRO L 53 24.56 -55.40 6.13
CA PRO L 53 25.36 -55.53 7.35
C PRO L 53 24.75 -54.80 8.54
N GLY L 54 24.04 -53.71 8.28
CA GLY L 54 23.46 -52.93 9.35
C GLY L 54 22.24 -53.58 9.97
N GLY L 55 22.36 -54.84 10.35
CA GLY L 55 21.24 -55.62 10.83
C GLY L 55 21.27 -57.05 10.32
N ASP L 56 22.24 -57.35 9.45
CA ASP L 56 22.43 -58.70 8.92
C ASP L 56 21.16 -59.20 8.23
N TYR L 57 20.50 -58.31 7.50
CA TYR L 57 19.26 -58.68 6.82
C TYR L 57 19.56 -59.49 5.57
N THR L 58 18.59 -60.31 5.16
CA THR L 58 18.74 -61.18 4.00
C THR L 58 17.55 -61.00 3.06
N LEU L 59 17.85 -60.98 1.76
CA LEU L 59 16.84 -60.98 0.71
C LEU L 59 17.23 -62.01 -0.33
N TYR L 60 16.37 -62.99 -0.57
CA TYR L 60 16.65 -64.12 -1.43
C TYR L 60 15.79 -64.06 -2.69
N SER L 61 16.25 -64.74 -3.73
CA SER L 61 15.47 -64.98 -4.93
C SER L 61 14.83 -66.36 -4.86
N GLU L 62 13.83 -66.58 -5.72
CA GLU L 62 13.09 -67.83 -5.73
C GLU L 62 13.83 -68.94 -6.47
N ASN L 63 15.12 -68.79 -6.73
CA ASN L 63 15.89 -69.79 -7.46
C ASN L 63 17.07 -70.35 -6.66
N PHE L 64 17.27 -69.88 -5.43
CA PHE L 64 18.46 -70.25 -4.66
C PHE L 64 18.09 -70.67 -3.23
N MET L 65 17.00 -71.40 -3.07
CA MET L 65 16.60 -71.87 -1.75
C MET L 65 17.41 -73.11 -1.36
N GLY L 66 17.99 -73.08 -0.17
CA GLY L 66 18.77 -74.19 0.33
C GLY L 66 20.16 -74.31 -0.24
N LYS L 67 20.53 -73.46 -1.20
CA LYS L 67 21.85 -73.49 -1.83
C LYS L 67 22.73 -72.33 -1.38
N ALA L 68 22.19 -71.11 -1.38
CA ALA L 68 22.96 -69.94 -1.04
C ALA L 68 22.73 -69.52 0.41
N SER L 69 23.78 -68.95 1.01
CA SER L 69 23.72 -68.41 2.35
C SER L 69 24.70 -67.26 2.45
N LEU L 70 24.30 -66.19 3.13
CA LEU L 70 25.06 -64.94 3.16
C LEU L 70 25.30 -64.51 4.60
N THR L 71 26.44 -63.87 4.82
CA THR L 71 26.86 -63.45 6.15
C THR L 71 27.57 -62.11 6.07
N ALA L 72 27.80 -61.51 7.23
CA ALA L 72 28.55 -60.26 7.32
C ALA L 72 29.89 -60.49 7.99
N ASN L 77 34.65 -54.54 7.82
CA ASN L 77 33.89 -54.51 6.58
C ASN L 77 34.39 -55.59 5.63
N THR L 78 33.96 -56.83 5.86
CA THR L 78 34.37 -57.98 5.06
C THR L 78 33.20 -58.97 4.99
N ALA L 79 32.43 -58.87 3.91
CA ALA L 79 31.32 -59.79 3.70
C ALA L 79 31.83 -61.12 3.14
N TYR L 80 30.96 -62.13 3.17
CA TYR L 80 31.34 -63.47 2.74
C TYR L 80 30.13 -64.16 2.10
N MET L 81 30.41 -65.23 1.38
CA MET L 81 29.38 -66.11 0.82
C MET L 81 29.42 -67.49 1.46
N GLN L 82 28.31 -68.20 1.33
CA GLN L 82 28.19 -69.58 1.80
C GLN L 82 27.30 -70.34 0.83
N LEU L 83 27.91 -71.15 -0.03
CA LEU L 83 27.21 -71.98 -0.99
C LEU L 83 27.34 -73.44 -0.56
N SER L 84 26.21 -74.14 -0.51
CA SER L 84 26.15 -75.53 -0.08
C SER L 84 25.63 -76.41 -1.21
N SER L 85 26.04 -77.68 -1.20
CA SER L 85 25.64 -78.65 -2.21
C SER L 85 26.07 -78.17 -3.60
N LEU L 86 27.38 -78.03 -3.77
CA LEU L 86 27.94 -77.50 -5.01
C LEU L 86 27.86 -78.54 -6.12
N THR L 87 27.67 -78.06 -7.35
CA THR L 87 27.60 -78.92 -8.52
C THR L 87 28.37 -78.27 -9.66
N SER L 88 28.53 -79.02 -10.76
CA SER L 88 29.26 -78.50 -11.90
C SER L 88 28.57 -77.29 -12.50
N GLU L 89 27.25 -77.19 -12.36
CA GLU L 89 26.52 -76.06 -12.91
C GLU L 89 26.98 -74.73 -12.31
N ASP L 90 27.60 -74.75 -11.14
CA ASP L 90 28.00 -73.52 -10.45
C ASP L 90 29.39 -73.03 -10.82
N SER L 91 30.14 -73.78 -11.63
CA SER L 91 31.43 -73.28 -12.11
C SER L 91 31.20 -72.02 -12.92
N ALA L 92 31.61 -70.87 -12.40
CA ALA L 92 31.19 -69.60 -12.98
C ALA L 92 31.96 -68.48 -12.29
N ILE L 93 31.65 -67.25 -12.69
CA ILE L 93 32.28 -66.06 -12.11
C ILE L 93 31.33 -65.51 -11.06
N TYR L 94 31.90 -64.88 -10.04
CA TYR L 94 31.13 -64.33 -8.92
C TYR L 94 31.57 -62.90 -8.65
N TYR L 95 30.60 -62.03 -8.35
CA TYR L 95 30.84 -60.62 -8.10
C TYR L 95 30.09 -60.18 -6.86
N CYS L 96 30.56 -59.07 -6.28
CA CYS L 96 29.90 -58.43 -5.16
C CYS L 96 29.70 -56.96 -5.49
N ALA L 97 28.48 -56.46 -5.31
CA ALA L 97 28.16 -55.06 -5.56
C ALA L 97 28.00 -54.33 -4.23
N ARG L 98 27.89 -52.99 -4.32
CA ARG L 98 27.55 -52.17 -3.17
C ARG L 98 26.11 -51.69 -3.33
N GLY L 99 25.67 -50.83 -2.41
CA GLY L 99 24.30 -50.35 -2.46
C GLY L 99 23.99 -49.32 -1.39
N HIS L 100 22.82 -49.47 -0.76
CA HIS L 100 22.32 -48.49 0.20
C HIS L 100 21.37 -49.22 1.15
N TYR L 101 20.59 -48.45 1.91
CA TYR L 101 19.51 -49.00 2.72
C TYR L 101 18.41 -47.95 2.77
N TYR L 102 17.47 -48.12 3.69
CA TYR L 102 16.36 -47.18 3.88
C TYR L 102 15.45 -47.15 2.66
N GLY L 103 15.34 -48.27 1.96
CA GLY L 103 14.64 -48.35 0.70
C GLY L 103 15.56 -47.96 -0.45
N TYR L 104 15.17 -48.42 -1.63
CA TYR L 104 15.92 -48.14 -2.86
C TYR L 104 17.39 -48.52 -2.68
N SER L 105 17.61 -49.69 -2.10
CA SER L 105 18.96 -50.16 -1.83
C SER L 105 19.77 -50.25 -3.12
N TYR L 106 19.23 -50.95 -4.12
CA TYR L 106 19.87 -51.09 -5.42
C TYR L 106 19.07 -50.41 -6.52
N ALA L 107 18.12 -49.56 -6.13
CA ALA L 107 17.34 -48.83 -7.13
C ALA L 107 18.25 -47.92 -7.95
N TRP L 108 19.16 -47.21 -7.28
CA TRP L 108 20.07 -46.33 -8.01
C TRP L 108 21.50 -46.40 -7.46
N PHE L 109 22.00 -47.58 -7.10
CA PHE L 109 23.37 -47.71 -6.62
C PHE L 109 24.34 -47.65 -7.79
N ALA L 110 25.62 -47.89 -7.56
CA ALA L 110 26.63 -47.85 -8.60
C ALA L 110 27.90 -48.52 -8.10
N TYR L 111 29.01 -48.30 -8.82
CA TYR L 111 30.34 -48.65 -8.32
C TYR L 111 30.51 -50.13 -8.06
N TRP L 112 30.50 -50.91 -9.14
CA TRP L 112 30.60 -52.37 -9.12
C TRP L 112 31.95 -52.87 -8.61
N GLY L 113 32.11 -54.20 -8.51
CA GLY L 113 33.36 -54.81 -8.12
C GLY L 113 34.01 -55.58 -9.26
N GLN L 114 35.13 -56.23 -8.92
CA GLN L 114 35.96 -56.86 -9.96
C GLN L 114 35.44 -58.25 -10.32
N GLY L 115 35.50 -59.19 -9.38
CA GLY L 115 35.03 -60.55 -9.63
C GLY L 115 36.06 -61.63 -9.29
N THR L 116 35.60 -62.89 -9.30
CA THR L 116 36.46 -64.03 -9.06
C THR L 116 35.88 -65.24 -9.80
N LEU L 117 36.72 -66.25 -10.01
CA LEU L 117 36.35 -67.44 -10.77
C LEU L 117 36.28 -68.64 -9.83
N VAL L 118 35.24 -69.46 -10.00
CA VAL L 118 35.06 -70.68 -9.23
C VAL L 118 34.92 -71.84 -10.22
N THR L 119 35.76 -72.86 -10.05
CA THR L 119 35.79 -74.03 -10.92
C THR L 119 35.39 -75.26 -10.10
N VAL L 120 34.29 -75.88 -10.47
CA VAL L 120 33.84 -77.13 -9.86
C VAL L 120 34.32 -78.26 -10.76
N SER L 121 35.41 -78.90 -10.37
CA SER L 121 36.00 -79.97 -11.16
C SER L 121 36.69 -80.96 -10.23
N SER L 122 36.74 -82.21 -10.66
CA SER L 122 37.40 -83.28 -9.92
C SER L 122 38.84 -83.52 -10.35
N ALA L 123 39.35 -82.74 -11.30
CA ALA L 123 40.71 -82.91 -11.79
C ALA L 123 41.65 -81.91 -11.11
N ASP M 1 7.13 -63.09 -11.99
CA ASP M 1 8.42 -62.40 -12.33
C ASP M 1 8.34 -61.74 -13.69
N ILE M 2 8.68 -60.44 -13.74
CA ILE M 2 8.67 -59.73 -15.01
C ILE M 2 9.68 -60.36 -15.95
N VAL M 3 9.40 -60.31 -17.24
CA VAL M 3 10.29 -60.81 -18.28
C VAL M 3 10.70 -59.63 -19.16
N LEU M 4 12.00 -59.38 -19.24
CA LEU M 4 12.55 -58.28 -20.02
C LEU M 4 13.19 -58.83 -21.28
N THR M 5 12.91 -58.21 -22.42
CA THR M 5 13.46 -58.61 -23.70
C THR M 5 14.18 -57.43 -24.34
N GLN M 6 15.45 -57.61 -24.65
CA GLN M 6 16.26 -56.57 -25.25
C GLN M 6 16.40 -56.83 -26.74
N SER M 7 16.29 -55.78 -27.54
CA SER M 7 16.35 -55.88 -28.99
C SER M 7 17.25 -54.79 -29.56
N PRO M 8 17.89 -55.05 -30.71
CA PRO M 8 17.91 -56.35 -31.39
C PRO M 8 18.93 -57.30 -30.76
N ALA M 9 18.85 -58.59 -31.08
CA ALA M 9 19.82 -59.54 -30.56
C ALA M 9 21.23 -59.20 -31.05
N SER M 10 21.35 -58.81 -32.32
CA SER M 10 22.60 -58.36 -32.90
C SER M 10 22.36 -57.08 -33.67
N LEU M 11 23.42 -56.27 -33.79
CA LEU M 11 23.32 -54.98 -34.46
C LEU M 11 24.68 -54.58 -34.98
N ALA M 12 24.68 -53.79 -36.05
CA ALA M 12 25.89 -53.28 -36.67
C ALA M 12 25.81 -51.77 -36.75
N VAL M 13 26.88 -51.10 -36.31
CA VAL M 13 26.94 -49.64 -36.24
C VAL M 13 28.16 -49.16 -36.99
N SER M 14 27.97 -48.16 -37.85
CA SER M 14 29.09 -47.47 -38.48
C SER M 14 29.60 -46.36 -37.57
N LEU M 15 30.88 -46.04 -37.71
CA LEU M 15 31.48 -45.03 -36.84
C LEU M 15 30.78 -43.68 -37.02
N GLY M 16 30.62 -42.96 -35.91
CA GLY M 16 29.99 -41.66 -35.94
C GLY M 16 28.49 -41.68 -36.14
N GLN M 17 27.83 -42.79 -35.82
CA GLN M 17 26.40 -42.95 -36.07
C GLN M 17 25.65 -43.13 -34.75
N ARG M 18 24.46 -42.53 -34.68
CA ARG M 18 23.59 -42.72 -33.53
C ARG M 18 23.29 -44.21 -33.36
N ALA M 19 23.35 -44.69 -32.11
CA ALA M 19 23.06 -46.09 -31.81
C ALA M 19 21.92 -46.16 -30.82
N THR M 20 20.93 -47.01 -31.08
CA THR M 20 19.76 -47.14 -30.22
C THR M 20 19.48 -48.61 -29.94
N ILE M 21 19.24 -48.93 -28.67
CA ILE M 21 18.93 -50.28 -28.24
C ILE M 21 17.62 -50.23 -27.44
N SER M 22 16.69 -51.13 -27.74
CA SER M 22 15.36 -51.10 -27.15
C SER M 22 15.21 -52.21 -26.12
N CYS M 23 14.35 -51.96 -25.13
CA CYS M 23 14.07 -52.91 -24.07
C CYS M 23 12.57 -52.92 -23.81
N LYS M 24 11.99 -54.12 -23.81
CA LYS M 24 10.57 -54.33 -23.61
C LYS M 24 10.35 -55.04 -22.29
N ALA M 25 9.28 -54.68 -21.59
CA ALA M 25 8.95 -55.24 -20.28
C ALA M 25 7.55 -55.83 -20.30
N SER M 26 7.40 -56.97 -19.61
CA SER M 26 6.10 -57.62 -19.55
C SER M 26 5.14 -56.89 -18.63
N GLN M 27 5.62 -56.42 -17.48
CA GLN M 27 4.79 -55.78 -16.48
C GLN M 27 5.28 -54.38 -16.21
N SER M 28 4.34 -53.45 -16.04
CA SER M 28 4.69 -52.05 -15.78
C SER M 28 5.53 -51.95 -14.51
N VAL M 29 6.62 -51.18 -14.61
CA VAL M 29 7.50 -50.94 -13.48
C VAL M 29 7.33 -49.55 -12.90
N ASP M 30 6.36 -48.78 -13.37
CA ASP M 30 6.20 -47.40 -12.95
C ASP M 30 5.80 -47.31 -11.48
N TYR M 31 6.24 -46.22 -10.84
CA TYR M 31 5.79 -45.89 -9.49
C TYR M 31 5.99 -44.41 -9.28
N ASP M 32 4.88 -43.67 -9.18
CA ASP M 32 4.93 -42.23 -8.91
C ASP M 32 5.65 -41.47 -10.02
N GLY M 33 5.44 -41.91 -11.26
CA GLY M 33 5.95 -41.21 -12.42
C GLY M 33 7.39 -41.51 -12.79
N ASP M 34 8.03 -42.47 -12.13
CA ASP M 34 9.44 -42.77 -12.33
C ASP M 34 9.63 -43.98 -13.23
N SER M 35 10.75 -44.00 -13.93
CA SER M 35 11.15 -45.12 -14.78
C SER M 35 12.32 -45.83 -14.11
N TYR M 36 12.11 -47.07 -13.70
CA TYR M 36 13.06 -47.78 -12.85
C TYR M 36 13.96 -48.68 -13.69
N MET M 37 14.61 -48.08 -14.69
CA MET M 37 15.50 -48.78 -15.60
C MET M 37 16.96 -48.46 -15.28
N ASN M 38 17.79 -49.49 -15.31
CA ASN M 38 19.23 -49.36 -15.18
C ASN M 38 19.91 -49.99 -16.39
N TRP M 39 20.88 -49.28 -16.97
CA TRP M 39 21.58 -49.74 -18.15
C TRP M 39 23.03 -50.00 -17.79
N TYR M 40 23.54 -51.17 -18.16
CA TYR M 40 24.91 -51.57 -17.88
C TYR M 40 25.64 -51.95 -19.15
N GLN M 41 26.95 -51.73 -19.15
CA GLN M 41 27.83 -52.08 -20.24
C GLN M 41 28.80 -53.17 -19.78
N GLN M 42 29.13 -54.10 -20.67
CA GLN M 42 29.97 -55.24 -20.35
C GLN M 42 30.96 -55.47 -21.48
N LYS M 43 32.26 -55.47 -21.15
CA LYS M 43 33.33 -55.73 -22.09
C LYS M 43 34.07 -57.02 -21.69
N PRO M 44 34.52 -57.82 -22.65
CA PRO M 44 35.23 -59.06 -22.29
C PRO M 44 36.46 -58.77 -21.45
N GLY M 45 36.69 -59.63 -20.46
CA GLY M 45 37.85 -59.52 -19.60
C GLY M 45 37.73 -58.52 -18.47
N GLN M 46 36.61 -57.83 -18.36
CA GLN M 46 36.39 -56.83 -17.32
C GLN M 46 34.97 -56.93 -16.83
N PRO M 47 34.68 -56.45 -15.62
CA PRO M 47 33.35 -56.61 -15.05
C PRO M 47 32.40 -55.56 -15.59
N PRO M 48 31.09 -55.74 -15.41
CA PRO M 48 30.14 -54.71 -15.86
C PRO M 48 30.32 -53.41 -15.09
N LYS M 49 30.08 -52.30 -15.78
CA LYS M 49 30.06 -50.98 -15.17
C LYS M 49 28.66 -50.41 -15.29
N LEU M 50 28.17 -49.78 -14.24
CA LEU M 50 26.87 -49.12 -14.31
C LEU M 50 26.97 -47.98 -15.31
N LEU M 51 26.13 -48.03 -16.35
CA LEU M 51 26.22 -47.06 -17.43
C LEU M 51 25.24 -45.90 -17.21
N ILE M 52 23.95 -46.20 -17.10
CA ILE M 52 22.92 -45.20 -16.88
C ILE M 52 21.95 -45.71 -15.82
N TYR M 53 21.27 -44.78 -15.15
CA TYR M 53 20.28 -45.14 -14.14
C TYR M 53 19.04 -44.26 -14.29
N ALA M 54 17.88 -44.83 -13.97
CA ALA M 54 16.62 -44.10 -13.92
C ALA M 54 16.08 -43.78 -15.31
N ALA M 55 16.88 -44.00 -16.35
CA ALA M 55 16.50 -43.65 -17.71
C ALA M 55 16.31 -42.15 -17.87
N SER M 56 16.53 -41.37 -16.80
CA SER M 56 16.33 -39.94 -16.84
C SER M 56 17.36 -39.17 -16.03
N ASN M 57 18.38 -39.83 -15.49
CA ASN M 57 19.36 -39.19 -14.64
C ASN M 57 20.70 -39.90 -14.80
N LEU M 58 21.74 -39.14 -15.15
CA LEU M 58 22.98 -39.67 -15.66
C LEU M 58 23.99 -39.92 -14.54
N GLU M 59 24.98 -40.75 -14.84
CA GLU M 59 26.08 -41.04 -13.92
C GLU M 59 27.22 -40.05 -14.09
N SER M 60 28.19 -40.14 -13.18
CA SER M 60 29.41 -39.37 -13.27
C SER M 60 30.51 -40.19 -13.94
N GLY M 61 31.57 -39.50 -14.36
CA GLY M 61 32.68 -40.15 -15.02
C GLY M 61 32.36 -40.52 -16.46
N ILE M 62 31.23 -41.18 -16.66
CA ILE M 62 30.79 -41.52 -18.02
C ILE M 62 30.50 -40.24 -18.78
N PRO M 63 30.94 -40.10 -20.03
CA PRO M 63 30.70 -38.85 -20.77
C PRO M 63 29.22 -38.58 -20.98
N ALA M 64 28.95 -37.43 -21.58
CA ALA M 64 27.59 -37.03 -21.95
C ALA M 64 27.15 -37.61 -23.29
N ARG M 65 27.84 -38.64 -23.79
CA ARG M 65 27.50 -39.24 -25.07
C ARG M 65 26.23 -40.09 -25.02
N PHE M 66 25.51 -40.08 -23.90
CA PHE M 66 24.55 -41.14 -23.60
C PHE M 66 23.20 -40.53 -23.21
N SER M 67 22.15 -41.32 -23.40
CA SER M 67 20.82 -40.88 -22.97
C SER M 67 19.89 -42.09 -22.91
N GLY M 68 18.78 -41.92 -22.21
CA GLY M 68 17.75 -42.94 -22.17
C GLY M 68 16.38 -42.29 -22.18
N SER M 69 15.43 -42.96 -22.82
CA SER M 69 14.08 -42.43 -22.96
C SER M 69 13.09 -43.57 -23.07
N GLY M 70 11.81 -43.23 -23.15
CA GLY M 70 10.75 -44.22 -23.28
C GLY M 70 9.65 -44.04 -22.24
N SER M 71 8.89 -45.09 -22.02
CA SER M 71 7.81 -45.08 -21.03
C SER M 71 7.29 -46.49 -20.84
N GLY M 72 6.85 -46.77 -19.61
CA GLY M 72 6.17 -48.01 -19.30
C GLY M 72 6.96 -49.25 -19.64
N THR M 73 6.51 -49.97 -20.67
CA THR M 73 7.11 -51.24 -21.08
C THR M 73 8.01 -51.10 -22.29
N ASP M 74 8.35 -49.87 -22.70
CA ASP M 74 9.14 -49.63 -23.90
C ASP M 74 10.19 -48.57 -23.59
N PHE M 75 11.46 -48.98 -23.52
CA PHE M 75 12.55 -48.07 -23.22
C PHE M 75 13.60 -48.16 -24.32
N THR M 76 14.41 -47.10 -24.43
CA THR M 76 15.45 -47.02 -25.44
C THR M 76 16.67 -46.31 -24.87
N LEU M 77 17.82 -46.97 -24.96
CA LEU M 77 19.10 -46.38 -24.60
C LEU M 77 19.80 -45.95 -25.88
N ASN M 78 20.30 -44.70 -25.90
CA ASN M 78 20.80 -44.09 -27.11
C ASN M 78 22.19 -43.54 -26.87
N ILE M 79 23.05 -43.70 -27.87
CA ILE M 79 24.48 -43.44 -27.77
C ILE M 79 24.92 -42.60 -28.96
N HIS M 80 25.69 -41.54 -28.68
CA HIS M 80 26.27 -40.69 -29.72
C HIS M 80 27.36 -39.84 -29.10
N PRO M 81 28.53 -39.69 -29.76
CA PRO M 81 28.95 -40.34 -31.00
C PRO M 81 29.55 -41.72 -30.76
N VAL M 82 29.10 -42.72 -31.49
CA VAL M 82 29.63 -44.07 -31.32
C VAL M 82 31.11 -44.07 -31.66
N GLY M 83 31.92 -44.62 -30.76
CA GLY M 83 33.37 -44.64 -30.95
C GLY M 83 33.92 -46.05 -31.05
N GLU M 84 35.25 -46.16 -31.03
CA GLU M 84 35.88 -47.46 -31.22
C GLU M 84 35.79 -48.31 -29.94
N GLU M 85 35.88 -47.67 -28.78
CA GLU M 85 35.94 -48.40 -27.51
C GLU M 85 34.58 -48.94 -27.07
N ASP M 86 33.50 -48.61 -27.78
CA ASP M 86 32.17 -48.98 -27.34
C ASP M 86 31.73 -50.37 -27.78
N ALA M 87 32.57 -51.11 -28.49
CA ALA M 87 32.22 -52.47 -28.87
C ALA M 87 32.07 -53.32 -27.62
N ALA M 88 30.84 -53.74 -27.32
CA ALA M 88 30.56 -54.39 -26.03
C ALA M 88 29.12 -54.89 -26.04
N THR M 89 28.73 -55.50 -24.92
CA THR M 89 27.35 -55.93 -24.72
C THR M 89 26.66 -54.98 -23.74
N TYR M 90 25.35 -54.81 -23.90
CA TYR M 90 24.58 -53.86 -23.11
C TYR M 90 23.37 -54.57 -22.52
N TYR M 91 23.06 -54.25 -21.27
CA TYR M 91 21.98 -54.88 -20.53
C TYR M 91 21.02 -53.83 -19.99
N CYS M 92 19.73 -54.12 -20.08
CA CYS M 92 18.66 -53.33 -19.48
C CYS M 92 18.09 -54.07 -18.29
N GLN M 93 17.83 -53.34 -17.20
CA GLN M 93 17.49 -53.90 -15.92
C GLN M 93 16.31 -53.16 -15.31
N GLN M 94 15.44 -53.90 -14.63
CA GLN M 94 14.31 -53.35 -13.90
C GLN M 94 14.64 -53.37 -12.41
N SER M 95 14.33 -52.26 -11.73
CA SER M 95 14.58 -52.12 -10.30
C SER M 95 13.31 -51.91 -9.49
N HIS M 96 12.15 -51.92 -10.15
CA HIS M 96 10.89 -51.61 -9.47
C HIS M 96 10.55 -52.68 -8.42
N GLU M 97 10.35 -53.92 -8.85
CA GLU M 97 9.83 -54.96 -7.99
C GLU M 97 10.72 -56.20 -8.04
N ASP M 98 10.98 -56.79 -6.87
CA ASP M 98 11.70 -58.04 -6.77
C ASP M 98 10.83 -59.19 -7.28
N PRO M 99 11.44 -60.31 -7.71
CA PRO M 99 12.88 -60.57 -7.75
C PRO M 99 13.61 -59.83 -8.87
N TRP M 100 14.90 -59.63 -8.68
CA TRP M 100 15.71 -58.90 -9.65
C TRP M 100 15.93 -59.78 -10.88
N THR M 101 15.22 -59.48 -11.96
CA THR M 101 15.25 -60.26 -13.19
C THR M 101 16.27 -59.70 -14.16
N PHE M 102 16.39 -60.34 -15.32
CA PHE M 102 17.43 -59.98 -16.27
C PHE M 102 16.92 -60.16 -17.69
N GLY M 103 17.64 -59.55 -18.64
CA GLY M 103 17.40 -59.72 -20.04
C GLY M 103 18.49 -60.57 -20.70
N GLY M 104 18.34 -60.72 -22.01
CA GLY M 104 19.25 -61.55 -22.80
C GLY M 104 20.53 -60.88 -23.26
N GLY M 105 20.67 -59.57 -23.07
CA GLY M 105 21.88 -58.87 -23.47
C GLY M 105 21.91 -58.56 -24.95
N THR M 106 22.37 -57.36 -25.31
CA THR M 106 22.41 -56.90 -26.69
C THR M 106 23.86 -56.64 -27.09
N MET M 107 24.30 -57.28 -28.17
CA MET M 107 25.66 -57.10 -28.66
C MET M 107 25.76 -55.84 -29.50
N LEU M 108 26.94 -55.22 -29.52
CA LEU M 108 27.21 -54.07 -30.37
C LEU M 108 28.67 -54.08 -30.78
N GLU M 109 28.91 -54.18 -32.09
CA GLU M 109 30.25 -54.21 -32.67
C GLU M 109 30.39 -53.06 -33.66
N ILE M 110 31.46 -52.30 -33.52
CA ILE M 110 31.71 -51.15 -34.40
C ILE M 110 31.94 -51.67 -35.82
N LYS M 111 31.37 -50.97 -36.79
CA LYS M 111 31.63 -51.24 -38.20
C LYS M 111 32.49 -50.11 -38.75
N ARG M 112 33.61 -50.48 -39.36
CA ARG M 112 34.58 -49.52 -39.91
C ARG M 112 34.81 -49.82 -41.39
N THR M 113 35.78 -49.12 -41.96
CA THR M 113 36.12 -49.30 -43.38
C THR M 113 36.44 -50.75 -43.69
N GLN N 1 -41.10 -21.80 -32.10
CA GLN N 1 -40.90 -21.21 -33.41
C GLN N 1 -41.84 -20.04 -33.63
N VAL N 2 -41.29 -18.86 -33.92
CA VAL N 2 -42.09 -17.68 -34.16
C VAL N 2 -42.81 -17.85 -35.49
N GLN N 3 -44.15 -17.79 -35.46
CA GLN N 3 -44.96 -18.02 -36.63
C GLN N 3 -46.12 -17.03 -36.66
N LEU N 4 -46.38 -16.48 -37.84
CA LEU N 4 -47.49 -15.57 -38.07
C LEU N 4 -48.25 -16.01 -39.32
N LYS N 5 -49.58 -15.92 -39.27
CA LYS N 5 -50.43 -16.35 -40.36
C LYS N 5 -51.49 -15.29 -40.62
N GLN N 6 -51.63 -14.90 -41.88
CA GLN N 6 -52.61 -13.90 -42.29
C GLN N 6 -53.79 -14.58 -43.00
N SER N 7 -54.86 -13.80 -43.18
CA SER N 7 -56.06 -14.32 -43.82
C SER N 7 -55.81 -14.52 -45.32
N GLY N 8 -56.84 -15.01 -46.00
CA GLY N 8 -56.73 -15.31 -47.42
C GLY N 8 -56.88 -14.09 -48.30
N THR N 9 -56.94 -14.35 -49.61
CA THR N 9 -57.07 -13.28 -50.58
C THR N 9 -58.39 -12.54 -50.39
N GLU N 10 -58.36 -11.23 -50.62
CA GLU N 10 -59.51 -10.37 -50.42
C GLU N 10 -59.78 -9.56 -51.69
N LEU N 11 -61.05 -9.35 -51.99
CA LEU N 11 -61.48 -8.51 -53.12
C LEU N 11 -62.61 -7.62 -52.60
N VAL N 12 -62.37 -6.31 -52.56
CA VAL N 12 -63.31 -5.36 -51.99
C VAL N 12 -63.52 -4.20 -52.94
N ARG N 13 -64.62 -3.46 -52.70
CA ARG N 13 -65.01 -2.32 -53.52
C ARG N 13 -64.44 -1.03 -52.96
N PRO N 14 -64.20 -0.02 -53.81
CA PRO N 14 -63.66 1.24 -53.32
C PRO N 14 -64.67 2.00 -52.47
N GLY N 15 -64.13 2.81 -51.56
CA GLY N 15 -64.95 3.64 -50.69
C GLY N 15 -65.40 2.97 -49.41
N THR N 16 -65.27 1.65 -49.30
CA THR N 16 -65.65 0.92 -48.11
C THR N 16 -64.42 0.67 -47.24
N SER N 17 -64.59 -0.13 -46.20
CA SER N 17 -63.51 -0.52 -45.31
C SER N 17 -63.38 -2.04 -45.31
N VAL N 18 -62.15 -2.53 -45.41
CA VAL N 18 -61.85 -3.95 -45.45
C VAL N 18 -60.92 -4.27 -44.29
N LYS N 19 -61.25 -5.33 -43.56
CA LYS N 19 -60.51 -5.72 -42.35
C LYS N 19 -59.83 -7.05 -42.58
N MET N 20 -58.52 -7.09 -42.37
CA MET N 20 -57.73 -8.31 -42.43
C MET N 20 -57.25 -8.69 -41.02
N SER N 21 -56.84 -9.95 -40.89
CA SER N 21 -56.41 -10.51 -39.62
C SER N 21 -55.10 -11.26 -39.80
N CYS N 22 -54.28 -11.22 -38.74
CA CYS N 22 -53.03 -11.99 -38.71
C CYS N 22 -52.97 -12.73 -37.38
N LYS N 23 -52.78 -14.05 -37.46
CA LYS N 23 -52.67 -14.90 -36.29
C LYS N 23 -51.20 -15.10 -35.92
N ALA N 24 -50.96 -15.56 -34.70
CA ALA N 24 -49.63 -15.73 -34.16
C ALA N 24 -49.52 -17.05 -33.40
N ALA N 25 -48.30 -17.51 -33.20
CA ALA N 25 -48.04 -18.71 -32.41
C ALA N 25 -46.56 -18.76 -32.06
N GLY N 26 -46.26 -19.53 -31.01
CA GLY N 26 -44.89 -19.78 -30.62
C GLY N 26 -44.24 -18.70 -29.77
N TYR N 27 -45.01 -17.72 -29.32
CA TYR N 27 -44.47 -16.64 -28.48
C TYR N 27 -45.65 -15.87 -27.90
N THR N 28 -45.35 -14.79 -27.17
CA THR N 28 -46.37 -14.00 -26.48
C THR N 28 -47.04 -13.07 -27.48
N PHE N 29 -48.37 -13.14 -27.56
CA PHE N 29 -49.10 -12.27 -28.47
C PHE N 29 -48.92 -10.80 -28.08
N THR N 30 -49.00 -10.51 -26.78
CA THR N 30 -48.87 -9.14 -26.29
C THR N 30 -47.40 -8.74 -26.21
N GLY N 35 -46.66 -4.89 -36.50
CA GLY N 35 -46.22 -4.13 -37.65
C GLY N 35 -46.99 -4.50 -38.91
N TRP N 36 -47.33 -3.49 -39.70
CA TRP N 36 -48.07 -3.66 -40.94
C TRP N 36 -47.31 -3.00 -42.08
N VAL N 37 -47.34 -3.63 -43.25
CA VAL N 37 -46.52 -3.22 -44.39
C VAL N 37 -47.33 -3.38 -45.66
N LYS N 38 -47.09 -2.49 -46.63
CA LYS N 38 -47.76 -2.53 -47.93
C LYS N 38 -46.72 -2.58 -49.03
N GLN N 39 -46.90 -3.51 -49.97
CA GLN N 39 -46.03 -3.64 -51.14
C GLN N 39 -46.87 -3.49 -52.40
N ARG N 40 -46.48 -2.55 -53.26
CA ARG N 40 -47.17 -2.31 -54.51
C ARG N 40 -46.10 -2.28 -55.61
N PRO N 41 -46.39 -2.82 -56.81
CA PRO N 41 -45.38 -2.80 -57.87
C PRO N 41 -44.94 -1.38 -58.17
N GLY N 42 -43.62 -1.22 -58.37
CA GLY N 42 -43.05 0.08 -58.60
C GLY N 42 -42.91 0.94 -57.36
N HIS N 43 -43.22 0.40 -56.18
CA HIS N 43 -43.19 1.15 -54.94
C HIS N 43 -42.29 0.54 -53.87
N GLY N 44 -42.04 -0.76 -53.92
CA GLY N 44 -41.21 -1.39 -52.92
C GLY N 44 -42.05 -1.73 -51.70
N LEU N 45 -41.54 -1.42 -50.51
CA LEU N 45 -42.19 -1.75 -49.26
C LEU N 45 -42.44 -0.47 -48.47
N GLU N 46 -43.64 -0.36 -47.89
CA GLU N 46 -44.04 0.79 -47.09
C GLU N 46 -44.57 0.26 -45.76
N TRP N 47 -43.89 0.62 -44.68
CA TRP N 47 -44.30 0.18 -43.35
C TRP N 47 -45.48 1.02 -42.89
N ILE N 48 -46.62 0.37 -42.69
CA ILE N 48 -47.88 1.09 -42.46
C ILE N 48 -47.91 1.68 -41.05
N GLY N 49 -47.84 0.82 -40.03
CA GLY N 49 -47.93 1.29 -38.67
C GLY N 49 -47.58 0.18 -37.69
N ASP N 50 -47.65 0.54 -36.41
CA ASP N 50 -47.32 -0.40 -35.33
C ASP N 50 -48.38 -0.31 -34.25
N PHE N 51 -48.68 -1.45 -33.64
CA PHE N 51 -49.66 -1.53 -32.57
C PHE N 51 -49.20 -2.55 -31.55
N TYR N 52 -49.76 -2.44 -30.34
CA TYR N 52 -49.38 -3.28 -29.22
C TYR N 52 -50.62 -3.83 -28.52
N PRO N 53 -50.90 -5.13 -28.61
CA PRO N 53 -52.00 -5.69 -27.82
C PRO N 53 -51.75 -5.55 -26.33
N GLY N 54 -52.77 -5.89 -25.55
CA GLY N 54 -52.66 -5.75 -24.11
C GLY N 54 -52.43 -4.32 -23.70
N GLY N 55 -53.25 -3.40 -24.23
CA GLY N 55 -53.07 -1.98 -24.01
C GLY N 55 -53.41 -1.18 -25.25
N ASP N 56 -53.28 -1.82 -26.42
CA ASP N 56 -53.72 -1.25 -27.69
C ASP N 56 -53.12 0.15 -27.91
N TYR N 57 -51.81 0.18 -28.02
CA TYR N 57 -51.10 1.41 -28.33
C TYR N 57 -51.04 1.60 -29.85
N THR N 58 -51.06 2.86 -30.27
CA THR N 58 -51.15 3.21 -31.68
C THR N 58 -49.93 4.02 -32.10
N LEU N 59 -49.54 3.84 -33.35
CA LEU N 59 -48.44 4.59 -33.95
C LEU N 59 -48.56 4.49 -35.46
N TYR N 60 -48.40 5.62 -36.14
CA TYR N 60 -48.62 5.71 -37.58
C TYR N 60 -47.54 6.56 -38.22
N SER N 61 -47.34 6.34 -39.52
CA SER N 61 -46.54 7.24 -40.33
C SER N 61 -47.39 8.43 -40.76
N GLU N 62 -46.72 9.47 -41.25
CA GLU N 62 -47.41 10.71 -41.59
C GLU N 62 -48.49 10.51 -42.64
N ASN N 63 -48.34 9.53 -43.53
CA ASN N 63 -49.29 9.29 -44.62
C ASN N 63 -50.26 8.15 -44.31
N PHE N 64 -50.58 7.93 -43.03
CA PHE N 64 -51.54 6.91 -42.66
C PHE N 64 -52.53 7.37 -41.60
N MET N 65 -52.53 8.65 -41.23
CA MET N 65 -53.49 9.14 -40.25
C MET N 65 -54.90 9.08 -40.81
N GLY N 66 -55.81 8.48 -40.06
CA GLY N 66 -57.20 8.38 -40.46
C GLY N 66 -57.48 7.39 -41.57
N LYS N 67 -56.47 6.67 -42.05
CA LYS N 67 -56.61 5.71 -43.13
C LYS N 67 -56.72 4.27 -42.65
N ALA N 68 -56.12 3.96 -41.51
CA ALA N 68 -56.10 2.60 -40.98
C ALA N 68 -56.54 2.60 -39.52
N SER N 69 -57.30 1.57 -39.14
CA SER N 69 -57.72 1.35 -37.76
C SER N 69 -57.36 -0.08 -37.39
N LEU N 70 -56.27 -0.23 -36.64
CA LEU N 70 -55.75 -1.56 -36.32
C LEU N 70 -56.15 -1.97 -34.90
N THR N 78 -55.05 -12.41 -31.21
CA THR N 78 -55.01 -12.18 -32.64
C THR N 78 -55.24 -10.70 -32.96
N ALA N 79 -54.31 -10.11 -33.71
CA ALA N 79 -54.42 -8.72 -34.11
C ALA N 79 -55.21 -8.61 -35.42
N TYR N 80 -55.65 -7.39 -35.72
CA TYR N 80 -56.43 -7.13 -36.92
C TYR N 80 -56.10 -5.75 -37.45
N MET N 81 -56.29 -5.58 -38.75
CA MET N 81 -56.13 -4.29 -39.42
C MET N 81 -57.39 -3.97 -40.19
N GLN N 82 -57.73 -2.68 -40.24
CA GLN N 82 -58.90 -2.21 -40.99
C GLN N 82 -58.51 -0.95 -41.75
N LEU N 83 -58.57 -1.02 -43.08
CA LEU N 83 -58.23 0.10 -43.94
C LEU N 83 -59.53 0.74 -44.45
N SER N 84 -59.68 2.04 -44.23
CA SER N 84 -60.86 2.78 -44.64
C SER N 84 -60.53 3.65 -45.84
N SER N 85 -61.59 4.22 -46.44
CA SER N 85 -61.45 5.08 -47.61
C SER N 85 -60.64 4.39 -48.70
N LEU N 86 -61.00 3.13 -48.96
CA LEU N 86 -60.25 2.32 -49.92
C LEU N 86 -60.34 2.93 -51.31
N THR N 87 -59.21 2.87 -52.03
CA THR N 87 -59.13 3.37 -53.40
C THR N 87 -58.30 2.37 -54.21
N SER N 88 -58.15 2.66 -55.51
CA SER N 88 -57.37 1.79 -56.37
C SER N 88 -55.91 1.73 -55.94
N GLU N 89 -55.42 2.77 -55.26
CA GLU N 89 -54.04 2.76 -54.79
C GLU N 89 -53.82 1.68 -53.75
N ASP N 90 -54.83 1.41 -52.91
CA ASP N 90 -54.70 0.41 -51.86
C ASP N 90 -54.64 -1.02 -52.40
N SER N 91 -54.89 -1.22 -53.70
CA SER N 91 -54.77 -2.55 -54.28
C SER N 91 -53.30 -2.98 -54.23
N ALA N 92 -52.99 -3.90 -53.34
CA ALA N 92 -51.60 -4.29 -53.08
C ALA N 92 -51.61 -5.48 -52.13
N ILE N 93 -50.41 -5.95 -51.78
CA ILE N 93 -50.23 -7.04 -50.84
C ILE N 93 -49.78 -6.44 -49.51
N TYR N 94 -50.30 -6.99 -48.41
CA TYR N 94 -50.05 -6.47 -47.07
C TYR N 94 -49.48 -7.56 -46.19
N TYR N 95 -48.54 -7.18 -45.33
CA TYR N 95 -47.80 -8.11 -44.48
C TYR N 95 -48.00 -7.72 -43.01
N CYS N 96 -48.23 -8.73 -42.16
CA CYS N 96 -48.26 -8.54 -40.72
C CYS N 96 -46.90 -8.90 -40.15
N ALA N 97 -46.44 -8.10 -39.18
CA ALA N 97 -45.12 -8.32 -38.60
C ALA N 97 -45.17 -7.86 -37.14
N ARG N 98 -45.11 -8.82 -36.23
CA ARG N 98 -45.07 -8.51 -34.81
C ARG N 98 -43.86 -7.64 -34.48
N GLY N 99 -44.12 -6.47 -33.91
CA GLY N 99 -43.05 -5.57 -33.52
C GLY N 99 -42.45 -5.94 -32.17
N HIS N 100 -41.32 -5.30 -31.88
CA HIS N 100 -40.64 -5.49 -30.62
C HIS N 100 -40.93 -4.34 -29.66
N PHE N 109 -38.76 -6.10 -36.33
CA PHE N 109 -39.74 -7.05 -36.86
C PHE N 109 -39.08 -8.39 -37.14
N ALA N 110 -39.19 -9.31 -36.17
CA ALA N 110 -38.49 -10.59 -36.29
C ALA N 110 -39.05 -11.41 -37.44
N TYR N 111 -40.37 -11.42 -37.61
CA TYR N 111 -41.00 -12.26 -38.62
C TYR N 111 -42.19 -11.53 -39.22
N TRP N 112 -42.43 -11.77 -40.50
CA TRP N 112 -43.53 -11.18 -41.24
C TRP N 112 -44.50 -12.26 -41.69
N GLY N 113 -45.75 -11.86 -41.93
CA GLY N 113 -46.74 -12.78 -42.44
C GLY N 113 -46.49 -13.16 -43.87
N GLN N 114 -47.15 -14.24 -44.32
CA GLN N 114 -46.93 -14.73 -45.67
C GLN N 114 -47.38 -13.70 -46.70
N GLY N 115 -48.51 -13.04 -46.45
CA GLY N 115 -48.97 -12.00 -47.35
C GLY N 115 -50.41 -12.17 -47.80
N THR N 116 -51.19 -11.10 -47.73
CA THR N 116 -52.57 -11.08 -48.18
C THR N 116 -52.69 -10.11 -49.33
N LEU N 117 -53.21 -10.58 -50.46
CA LEU N 117 -53.39 -9.74 -51.64
C LEU N 117 -54.76 -9.08 -51.58
N VAL N 118 -54.78 -7.76 -51.55
CA VAL N 118 -56.01 -6.98 -51.50
C VAL N 118 -56.19 -6.27 -52.83
N THR N 119 -57.35 -6.45 -53.46
CA THR N 119 -57.67 -5.83 -54.73
C THR N 119 -58.87 -4.92 -54.53
N VAL N 120 -58.70 -3.63 -54.77
CA VAL N 120 -59.76 -2.64 -54.61
C VAL N 120 -60.39 -2.43 -55.98
N SER N 121 -61.54 -3.04 -56.20
CA SER N 121 -62.26 -2.91 -57.46
C SER N 121 -63.70 -3.36 -57.25
N SER N 122 -64.60 -2.78 -58.04
CA SER N 122 -66.02 -3.11 -57.99
C SER N 122 -66.38 -4.33 -58.83
N ALA N 123 -65.41 -4.89 -59.56
CA ALA N 123 -65.67 -6.07 -60.39
C ALA N 123 -65.68 -7.34 -59.53
N ASP O 1 -38.21 13.44 -42.10
CA ASP O 1 -37.96 11.97 -42.17
C ASP O 1 -36.54 11.69 -42.68
N ILE O 2 -36.09 10.45 -42.48
CA ILE O 2 -34.76 10.03 -42.92
C ILE O 2 -34.91 9.43 -44.32
N VAL O 3 -34.22 10.01 -45.29
CA VAL O 3 -34.33 9.59 -46.68
C VAL O 3 -33.16 8.64 -46.99
N LEU O 4 -33.50 7.47 -47.52
CA LEU O 4 -32.51 6.47 -47.89
C LEU O 4 -32.40 6.40 -49.42
N THR O 5 -31.17 6.45 -49.92
CA THR O 5 -30.88 6.36 -51.34
C THR O 5 -29.98 5.16 -51.58
N GLN O 6 -30.42 4.25 -52.45
CA GLN O 6 -29.67 3.05 -52.77
C GLN O 6 -28.94 3.21 -54.10
N SER O 7 -27.89 2.42 -54.27
CA SER O 7 -27.12 2.45 -55.51
C SER O 7 -26.39 1.12 -55.67
N PRO O 8 -26.32 0.56 -56.89
CA PRO O 8 -26.96 1.04 -58.12
C PRO O 8 -28.42 0.61 -58.19
N ALA O 9 -29.19 1.23 -59.09
CA ALA O 9 -30.58 0.82 -59.27
C ALA O 9 -30.69 -0.63 -59.72
N SER O 10 -29.84 -1.03 -60.66
CA SER O 10 -29.78 -2.40 -61.14
C SER O 10 -28.33 -2.85 -61.17
N LEU O 11 -28.09 -4.08 -60.71
CA LEU O 11 -26.74 -4.63 -60.63
C LEU O 11 -26.71 -6.02 -61.26
N ALA O 12 -25.66 -6.28 -62.03
CA ALA O 12 -25.43 -7.58 -62.65
C ALA O 12 -24.04 -8.07 -62.24
N VAL O 13 -23.99 -9.24 -61.64
CA VAL O 13 -22.75 -9.80 -61.12
C VAL O 13 -22.62 -11.25 -61.60
N SER O 14 -21.43 -11.62 -62.07
CA SER O 14 -21.18 -12.99 -62.49
C SER O 14 -21.23 -13.93 -61.29
N LEU O 15 -21.58 -15.18 -61.57
CA LEU O 15 -21.71 -16.18 -60.51
C LEU O 15 -20.39 -16.31 -59.75
N GLY O 16 -20.46 -16.16 -58.42
CA GLY O 16 -19.30 -16.29 -57.58
C GLY O 16 -18.55 -15.01 -57.30
N GLN O 17 -18.90 -13.91 -57.97
CA GLN O 17 -18.21 -12.65 -57.78
C GLN O 17 -18.81 -11.88 -56.59
N ARG O 18 -18.24 -10.71 -56.31
CA ARG O 18 -18.66 -9.88 -55.19
C ARG O 18 -19.69 -8.87 -55.66
N ALA O 19 -20.82 -8.79 -54.95
CA ALA O 19 -21.88 -7.84 -55.23
C ALA O 19 -21.96 -6.86 -54.06
N THR O 20 -21.81 -5.57 -54.36
CA THR O 20 -21.83 -4.52 -53.34
C THR O 20 -22.93 -3.52 -53.67
N ILE O 21 -23.73 -3.18 -52.66
CA ILE O 21 -24.81 -2.21 -52.82
C ILE O 21 -24.66 -1.16 -51.72
N SER O 22 -24.65 0.11 -52.10
CA SER O 22 -24.47 1.21 -51.16
C SER O 22 -25.81 1.84 -50.82
N CYS O 23 -25.96 2.25 -49.56
CA CYS O 23 -27.15 2.93 -49.06
C CYS O 23 -26.70 4.17 -48.28
N LYS O 24 -27.27 5.32 -48.62
CA LYS O 24 -26.93 6.59 -48.00
C LYS O 24 -28.16 7.15 -47.29
N ALA O 25 -27.92 7.76 -46.14
CA ALA O 25 -28.98 8.35 -45.32
C ALA O 25 -28.83 9.87 -45.32
N SER O 26 -29.98 10.56 -45.27
CA SER O 26 -29.96 12.02 -45.25
C SER O 26 -29.47 12.57 -43.92
N GLN O 27 -29.49 11.77 -42.86
CA GLN O 27 -29.07 12.22 -41.54
C GLN O 27 -28.20 11.15 -40.90
N SER O 28 -27.34 11.59 -39.98
CA SER O 28 -26.47 10.66 -39.28
C SER O 28 -27.30 9.65 -38.48
N VAL O 29 -26.89 8.39 -38.54
CA VAL O 29 -27.65 7.31 -37.92
C VAL O 29 -26.92 6.67 -36.75
N ASP O 30 -25.61 6.84 -36.64
CA ASP O 30 -24.87 6.20 -35.55
C ASP O 30 -25.28 6.81 -34.21
N TYR O 31 -25.43 5.95 -33.20
CA TYR O 31 -25.79 6.36 -31.84
C TYR O 31 -24.75 5.76 -30.90
N ASP O 32 -23.62 6.45 -30.77
CA ASP O 32 -22.53 6.04 -29.87
C ASP O 32 -22.09 4.60 -30.15
N GLY O 33 -21.58 4.38 -31.36
CA GLY O 33 -20.93 3.13 -31.72
C GLY O 33 -21.80 2.13 -32.44
N ASP O 34 -23.11 2.32 -32.49
CA ASP O 34 -24.01 1.38 -33.13
C ASP O 34 -24.75 2.06 -34.27
N SER O 35 -25.08 1.26 -35.29
CA SER O 35 -25.84 1.72 -36.45
C SER O 35 -27.09 0.84 -36.56
N TYR O 36 -28.26 1.47 -36.51
CA TYR O 36 -29.53 0.75 -36.53
C TYR O 36 -30.09 0.66 -37.94
N MET O 37 -29.28 0.12 -38.84
CA MET O 37 -29.67 -0.14 -40.22
C MET O 37 -30.08 -1.60 -40.38
N ASN O 38 -30.97 -1.84 -41.33
CA ASN O 38 -31.44 -3.18 -41.65
C ASN O 38 -31.35 -3.38 -43.17
N TRP O 39 -31.03 -4.60 -43.57
CA TRP O 39 -30.99 -4.98 -44.98
C TRP O 39 -31.80 -6.25 -45.16
N TYR O 40 -32.75 -6.20 -46.08
CA TYR O 40 -33.70 -7.28 -46.33
C TYR O 40 -33.58 -7.76 -47.78
N GLN O 41 -33.86 -9.04 -47.98
CA GLN O 41 -33.88 -9.65 -49.31
C GLN O 41 -35.28 -10.16 -49.61
N GLN O 42 -35.74 -9.92 -50.83
CA GLN O 42 -37.08 -10.33 -51.25
C GLN O 42 -37.02 -10.99 -52.61
N LYS O 43 -37.81 -12.05 -52.77
CA LYS O 43 -37.96 -12.78 -54.02
C LYS O 43 -39.44 -12.88 -54.34
N PRO O 44 -39.79 -13.09 -55.62
CA PRO O 44 -41.21 -13.17 -55.97
C PRO O 44 -41.91 -14.29 -55.20
N GLY O 45 -43.13 -13.99 -54.75
CA GLY O 45 -43.92 -14.96 -54.03
C GLY O 45 -43.48 -15.20 -52.60
N GLN O 46 -42.60 -14.36 -52.05
CA GLN O 46 -42.11 -14.52 -50.70
C GLN O 46 -42.08 -13.16 -50.01
N PRO O 47 -42.19 -13.12 -48.69
CA PRO O 47 -42.07 -11.86 -47.97
C PRO O 47 -40.60 -11.52 -47.74
N PRO O 48 -40.30 -10.25 -47.44
CA PRO O 48 -38.90 -9.89 -47.18
C PRO O 48 -38.32 -10.69 -46.03
N LYS O 49 -37.05 -11.08 -46.17
CA LYS O 49 -36.34 -11.86 -45.18
C LYS O 49 -35.21 -11.01 -44.60
N LEU O 50 -35.16 -10.91 -43.27
CA LEU O 50 -34.12 -10.13 -42.62
C LEU O 50 -32.76 -10.74 -42.91
N LEU O 51 -31.94 -10.02 -43.67
CA LEU O 51 -30.57 -10.46 -43.92
C LEU O 51 -29.60 -9.90 -42.88
N ILE O 52 -29.59 -8.57 -42.70
CA ILE O 52 -28.63 -7.92 -41.82
C ILE O 52 -29.39 -7.00 -40.87
N TYR O 53 -29.06 -7.07 -39.59
CA TYR O 53 -29.55 -6.12 -38.59
C TYR O 53 -28.38 -5.69 -37.71
N ALA O 54 -28.48 -4.48 -37.17
CA ALA O 54 -27.46 -3.85 -36.35
C ALA O 54 -26.25 -3.38 -37.16
N ALA O 55 -26.27 -3.58 -38.48
CA ALA O 55 -25.31 -3.08 -39.45
C ALA O 55 -23.99 -3.83 -39.44
N SER O 56 -23.76 -4.76 -38.50
CA SER O 56 -22.50 -5.48 -38.46
C SER O 56 -22.65 -6.95 -38.07
N ASN O 57 -23.86 -7.48 -37.97
CA ASN O 57 -24.10 -8.81 -37.44
C ASN O 57 -24.94 -9.63 -38.39
N LEU O 58 -24.82 -10.96 -38.28
CA LEU O 58 -25.47 -11.90 -39.17
C LEU O 58 -26.74 -12.45 -38.54
N GLU O 59 -27.86 -12.31 -39.24
CA GLU O 59 -29.12 -12.85 -38.77
C GLU O 59 -29.09 -14.37 -38.79
N SER O 60 -29.79 -14.97 -37.84
CA SER O 60 -29.84 -16.43 -37.74
C SER O 60 -30.41 -17.03 -39.03
N GLY O 61 -29.77 -18.08 -39.51
CA GLY O 61 -30.18 -18.74 -40.73
C GLY O 61 -29.71 -18.09 -42.00
N ILE O 62 -29.02 -16.96 -41.91
CA ILE O 62 -28.51 -16.25 -43.07
C ILE O 62 -27.06 -16.68 -43.30
N PRO O 63 -26.68 -17.09 -44.51
CA PRO O 63 -25.28 -17.49 -44.75
C PRO O 63 -24.32 -16.35 -44.45
N ALA O 64 -23.13 -16.72 -43.96
CA ALA O 64 -22.12 -15.72 -43.62
C ALA O 64 -21.65 -14.96 -44.86
N ARG O 65 -21.95 -15.44 -46.05
CA ARG O 65 -21.57 -14.74 -47.27
C ARG O 65 -22.05 -13.28 -47.23
N PHE O 66 -23.28 -13.07 -46.77
CA PHE O 66 -23.78 -11.72 -46.62
C PHE O 66 -23.04 -11.00 -45.50
N SER O 67 -22.72 -9.73 -45.73
CA SER O 67 -22.03 -8.94 -44.73
C SER O 67 -22.33 -7.47 -44.94
N GLY O 68 -22.02 -6.66 -43.93
CA GLY O 68 -22.26 -5.24 -44.00
C GLY O 68 -21.07 -4.46 -43.45
N SER O 69 -20.86 -3.28 -44.02
CA SER O 69 -19.76 -2.42 -43.61
C SER O 69 -20.16 -0.97 -43.83
N GLY O 70 -19.30 -0.07 -43.37
CA GLY O 70 -19.54 1.35 -43.49
C GLY O 70 -20.09 1.94 -42.21
N SER O 71 -20.39 3.23 -42.27
CA SER O 71 -20.84 3.99 -41.11
C SER O 71 -21.37 5.33 -41.59
N GLY O 72 -21.69 6.21 -40.65
CA GLY O 72 -22.18 7.53 -41.00
C GLY O 72 -23.43 7.42 -41.85
N THR O 73 -23.44 8.15 -42.97
CA THR O 73 -24.54 8.10 -43.93
C THR O 73 -24.18 7.25 -45.15
N ASP O 74 -23.20 6.38 -45.03
CA ASP O 74 -22.77 5.52 -46.14
C ASP O 74 -22.56 4.12 -45.61
N PHE O 75 -23.40 3.18 -46.05
CA PHE O 75 -23.30 1.79 -45.67
C PHE O 75 -23.25 0.94 -46.93
N THR O 76 -22.67 -0.25 -46.80
CA THR O 76 -22.51 -1.16 -47.93
C THR O 76 -22.90 -2.57 -47.51
N LEU O 77 -23.77 -3.19 -48.32
CA LEU O 77 -24.08 -4.60 -48.21
C LEU O 77 -23.26 -5.35 -49.24
N ASN O 78 -22.54 -6.39 -48.79
CA ASN O 78 -21.61 -7.13 -49.62
C ASN O 78 -21.96 -8.60 -49.60
N ILE O 79 -22.00 -9.20 -50.79
CA ILE O 79 -22.26 -10.63 -50.97
C ILE O 79 -21.08 -11.22 -51.71
N HIS O 80 -20.41 -12.19 -51.09
CA HIS O 80 -19.20 -12.77 -51.67
C HIS O 80 -18.91 -14.14 -51.08
N PRO O 81 -18.82 -15.20 -51.92
CA PRO O 81 -19.11 -15.24 -53.36
C PRO O 81 -20.61 -15.23 -53.65
N VAL O 82 -21.00 -14.69 -54.80
CA VAL O 82 -22.40 -14.63 -55.18
C VAL O 82 -22.80 -15.95 -55.83
N GLY O 83 -24.03 -16.40 -55.53
CA GLY O 83 -24.54 -17.64 -56.06
C GLY O 83 -25.82 -17.43 -56.84
N GLU O 84 -26.30 -18.51 -57.45
CA GLU O 84 -27.53 -18.44 -58.24
C GLU O 84 -28.72 -18.08 -57.36
N GLU O 85 -28.81 -18.67 -56.17
CA GLU O 85 -29.92 -18.40 -55.27
C GLU O 85 -29.96 -16.95 -54.80
N ASP O 86 -28.85 -16.23 -54.92
CA ASP O 86 -28.80 -14.85 -54.44
C ASP O 86 -29.64 -13.89 -55.26
N ALA O 87 -30.16 -14.31 -56.42
CA ALA O 87 -31.00 -13.45 -57.23
C ALA O 87 -32.21 -12.98 -56.44
N ALA O 88 -32.28 -11.68 -56.17
CA ALA O 88 -33.34 -11.12 -55.35
C ALA O 88 -33.20 -9.61 -55.33
N THR O 89 -34.17 -8.94 -54.72
CA THR O 89 -34.14 -7.51 -54.53
C THR O 89 -33.75 -7.21 -53.09
N TYR O 90 -32.72 -6.39 -52.90
CA TYR O 90 -32.21 -6.04 -51.60
C TYR O 90 -32.62 -4.62 -51.26
N TYR O 91 -33.15 -4.44 -50.05
CA TYR O 91 -33.65 -3.15 -49.59
C TYR O 91 -32.92 -2.76 -48.30
N CYS O 92 -32.58 -1.48 -48.20
CA CYS O 92 -31.97 -0.91 -47.00
C CYS O 92 -32.98 -0.04 -46.28
N GLN O 93 -33.13 -0.27 -44.97
CA GLN O 93 -34.08 0.46 -44.15
C GLN O 93 -33.38 0.99 -42.92
N GLN O 94 -33.92 2.06 -42.36
CA GLN O 94 -33.33 2.73 -41.21
C GLN O 94 -34.21 2.54 -39.98
N SER O 95 -33.59 2.10 -38.88
CA SER O 95 -34.24 2.04 -37.58
C SER O 95 -33.65 3.08 -36.62
N HIS O 96 -33.01 4.12 -37.16
CA HIS O 96 -32.38 5.12 -36.31
C HIS O 96 -33.42 5.92 -35.53
N GLU O 97 -34.59 6.15 -36.12
CA GLU O 97 -35.65 6.90 -35.46
C GLU O 97 -36.89 6.84 -36.32
N ASP O 98 -38.04 7.18 -35.72
CA ASP O 98 -39.28 7.23 -36.46
C ASP O 98 -39.40 8.55 -37.22
N PRO O 99 -40.10 8.55 -38.37
CA PRO O 99 -40.74 7.39 -39.00
C PRO O 99 -39.74 6.43 -39.61
N TRP O 100 -40.05 5.14 -39.60
CA TRP O 100 -39.13 4.11 -40.06
C TRP O 100 -39.24 4.01 -41.58
N THR O 101 -38.23 4.51 -42.28
CA THR O 101 -38.24 4.58 -43.74
C THR O 101 -37.55 3.37 -44.34
N PHE O 102 -37.58 3.31 -45.67
CA PHE O 102 -37.04 2.18 -46.42
C PHE O 102 -36.24 2.69 -47.61
N GLY O 103 -35.35 1.84 -48.11
CA GLY O 103 -34.53 2.18 -49.25
C GLY O 103 -35.27 2.04 -50.56
N GLY O 104 -34.61 2.47 -51.64
CA GLY O 104 -35.18 2.41 -52.96
C GLY O 104 -35.11 1.06 -53.64
N GLY O 105 -34.41 0.11 -53.05
CA GLY O 105 -34.30 -1.23 -53.64
C GLY O 105 -33.12 -1.36 -54.57
N THR O 106 -32.68 -2.60 -54.77
CA THR O 106 -31.57 -2.89 -55.67
C THR O 106 -31.68 -4.35 -56.10
N MET O 107 -31.94 -4.58 -57.39
CA MET O 107 -32.05 -5.93 -57.89
C MET O 107 -30.68 -6.52 -58.16
N LEU O 108 -30.51 -7.80 -57.85
CA LEU O 108 -29.27 -8.52 -58.09
C LEU O 108 -29.51 -9.58 -59.17
N GLU O 109 -28.78 -9.48 -60.28
CA GLU O 109 -28.89 -10.41 -61.39
C GLU O 109 -27.63 -11.26 -61.45
N ILE O 110 -27.80 -12.58 -61.43
CA ILE O 110 -26.67 -13.51 -61.48
C ILE O 110 -26.29 -13.67 -62.95
N LYS O 111 -25.37 -12.84 -63.41
CA LYS O 111 -24.89 -12.94 -64.78
C LYS O 111 -24.25 -14.31 -65.00
N ARG O 112 -24.64 -14.99 -66.07
CA ARG O 112 -24.15 -16.33 -66.37
C ARG O 112 -23.85 -16.43 -67.86
N THR O 113 -23.42 -17.63 -68.27
CA THR O 113 -23.08 -17.88 -69.67
C THR O 113 -24.32 -17.81 -70.55
#